data_3TBF
#
_entry.id   3TBF
#
_cell.length_a   71.370
_cell.length_b   262.911
_cell.length_c   83.797
_cell.angle_alpha   90.000
_cell.angle_beta   91.320
_cell.angle_gamma   90.000
#
_symmetry.space_group_name_H-M   'P 1 21 1'
#
loop_
_entity.id
_entity.type
_entity.pdbx_description
1 polymer 'Glucosamine--fructose-6-phosphate aminotransferase [isomerizing]'
2 water water
#
_entity_poly.entity_id   1
_entity_poly.type   'polypeptide(L)'
_entity_poly.pdbx_seq_one_letter_code
;SSSSASKDGYKHY(MSE)LKEIYEQPEAVSNTILASLADGEISLDSFDKRAKELFEKTKHICIVACGTSYNAG(MSE)TA
KYWIEKYAKVPCSVEIASEIRYRDNVVVDGSLFVSISQSGETADTLESLRKSKKQNYVGS(MSE)CICNVPNSSLVRESD
IAF(MSE)TKAGVEIGVASTKAFTTQLVALAIFTLVIAKLKNSLTDQQIAKYTEELKNIRALV(MSE)GALKLDTEIDQI
SEYFSDKEHTIFLGRGLYYPIAIEGALKLKEISYIHAEAYPSGELKHGPLALVDKN(MSE)PIVAVVPNDELLDKTLSNL
QEVHARGGKLILFVDKAVKERVNFDNSIVLELDAGHDFSAPVVFTIPLQLLSYHVAIIKGTDVDQPRNLAKSVTVE
;
_entity_poly.pdbx_strand_id   A,B,C,D,E,F,G,H
#
# COMPACT_ATOMS: atom_id res chain seq x y z
N SER A 6 18.68 49.94 -45.24
CA SER A 6 19.53 48.90 -45.87
C SER A 6 19.83 47.75 -44.92
N LYS A 7 19.74 46.52 -45.44
CA LYS A 7 20.16 45.32 -44.69
C LYS A 7 21.66 45.01 -44.81
N ASP A 8 22.37 45.70 -45.69
CA ASP A 8 23.82 45.56 -45.86
C ASP A 8 24.22 44.19 -46.36
N GLY A 9 23.29 43.53 -47.06
CA GLY A 9 23.54 42.22 -47.62
C GLY A 9 23.05 41.10 -46.78
N TYR A 10 22.64 41.38 -45.53
CA TYR A 10 22.15 40.33 -44.66
C TYR A 10 20.75 39.99 -45.05
N LYS A 11 20.33 38.78 -44.73
CA LYS A 11 19.01 38.25 -45.08
C LYS A 11 17.85 38.97 -44.40
N HIS A 12 18.08 39.45 -43.18
CA HIS A 12 17.09 40.10 -42.33
C HIS A 12 17.79 41.18 -41.54
N TYR A 13 17.08 42.21 -41.16
CA TYR A 13 17.69 43.24 -40.33
C TYR A 13 18.18 42.70 -39.01
N LEU A 15 19.54 39.97 -38.35
CA LEU A 15 20.82 39.31 -38.50
C LEU A 15 21.91 40.34 -38.75
N LYS A 16 21.60 41.37 -39.47
CA LYS A 16 22.57 42.48 -39.61
C LYS A 16 22.95 43.07 -38.25
N GLU A 17 21.97 43.19 -37.36
CA GLU A 17 22.18 43.86 -36.11
C GLU A 17 22.98 43.00 -35.19
N ILE A 18 22.79 41.71 -35.26
CA ILE A 18 23.60 40.82 -34.46
C ILE A 18 25.03 40.96 -34.93
N TYR A 19 25.22 41.08 -36.25
CA TYR A 19 26.56 41.22 -36.81
C TYR A 19 27.15 42.60 -36.72
N GLU A 20 26.38 43.61 -36.30
CA GLU A 20 26.96 44.93 -36.04
C GLU A 20 27.54 45.04 -34.64
N GLN A 21 27.39 44.01 -33.82
CA GLN A 21 27.70 44.17 -32.41
C GLN A 21 29.16 44.43 -32.13
N PRO A 22 30.05 43.81 -32.87
CA PRO A 22 31.46 44.16 -32.65
C PRO A 22 31.78 45.63 -32.88
N GLU A 23 31.25 46.21 -33.94
CA GLU A 23 31.37 47.66 -34.19
C GLU A 23 30.65 48.44 -33.07
N ALA A 24 29.44 48.06 -32.78
CA ALA A 24 28.64 48.78 -31.78
C ALA A 24 29.27 48.77 -30.40
N VAL A 25 29.71 47.60 -30.00
CA VAL A 25 30.41 47.47 -28.75
C VAL A 25 31.61 48.35 -28.70
N SER A 26 32.44 48.28 -29.73
CA SER A 26 33.64 49.12 -29.78
C SER A 26 33.38 50.65 -29.91
N ASN A 27 32.35 51.07 -30.64
CA ASN A 27 31.95 52.45 -30.65
C ASN A 27 31.49 52.95 -29.27
N THR A 28 30.76 52.15 -28.53
CA THR A 28 30.35 52.56 -27.21
C THR A 28 31.54 52.79 -26.28
N ILE A 29 32.51 51.91 -26.30
CA ILE A 29 33.68 52.07 -25.44
C ILE A 29 34.50 53.33 -25.83
N LEU A 30 34.73 53.43 -27.12
CA LEU A 30 35.52 54.52 -27.68
C LEU A 30 35.01 55.87 -27.18
N ALA A 31 33.71 56.06 -27.09
CA ALA A 31 33.17 57.38 -26.74
C ALA A 31 33.46 57.79 -25.30
N SER A 32 33.92 56.87 -24.46
CA SER A 32 34.21 57.21 -23.08
C SER A 32 35.70 57.26 -22.77
N LEU A 33 36.52 57.01 -23.78
CA LEU A 33 37.96 56.97 -23.62
C LEU A 33 38.61 58.34 -23.85
N ALA A 34 39.80 58.50 -23.30
CA ALA A 34 40.69 59.61 -23.58
C ALA A 34 42.08 59.05 -23.44
N ASP A 35 42.77 58.91 -24.56
CA ASP A 35 44.11 58.30 -24.63
C ASP A 35 44.05 56.81 -24.23
N GLY A 36 42.94 56.15 -24.59
CA GLY A 36 42.72 54.74 -24.26
C GLY A 36 42.42 54.42 -22.80
N GLU A 37 42.17 55.43 -21.98
CA GLU A 37 41.80 55.25 -20.57
C GLU A 37 40.38 55.72 -20.35
N ILE A 38 39.66 55.02 -19.49
CA ILE A 38 38.33 55.47 -19.15
C ILE A 38 38.46 56.78 -18.43
N SER A 39 37.67 57.75 -18.91
CA SER A 39 37.81 59.12 -18.46
C SER A 39 36.51 59.72 -17.95
N LEU A 40 36.62 60.35 -16.80
CA LEU A 40 35.50 61.08 -16.20
C LEU A 40 35.18 62.34 -17.03
N ASP A 41 36.21 62.93 -17.66
CA ASP A 41 36.06 64.11 -18.55
C ASP A 41 35.19 63.89 -19.77
N SER A 42 34.96 62.64 -20.17
CA SER A 42 34.06 62.35 -21.27
C SER A 42 32.58 62.45 -20.87
N PHE A 43 32.30 62.44 -19.56
CA PHE A 43 30.95 62.56 -19.05
C PHE A 43 30.56 64.03 -18.94
N ASP A 44 29.29 64.27 -18.71
CA ASP A 44 28.82 65.62 -18.43
C ASP A 44 29.59 66.09 -17.18
N LYS A 45 29.74 67.39 -16.94
CA LYS A 45 30.63 67.81 -15.83
C LYS A 45 29.99 67.73 -14.44
N ARG A 46 28.66 67.62 -14.39
CA ARG A 46 27.90 67.45 -13.15
C ARG A 46 28.04 66.04 -12.63
N ALA A 47 28.31 65.13 -13.55
CA ALA A 47 28.46 63.71 -13.27
C ALA A 47 29.32 63.40 -12.06
N LYS A 48 30.45 64.08 -11.90
CA LYS A 48 31.40 63.76 -10.85
C LYS A 48 30.85 64.10 -9.47
N GLU A 49 30.25 65.28 -9.33
CA GLU A 49 29.71 65.69 -8.05
C GLU A 49 28.59 64.72 -7.68
N LEU A 50 27.80 64.35 -8.66
CA LEU A 50 26.67 63.47 -8.48
C LEU A 50 27.12 62.05 -8.07
N PHE A 51 28.24 61.60 -8.60
CA PHE A 51 28.76 60.31 -8.26
C PHE A 51 29.45 60.31 -6.88
N GLU A 52 29.99 61.46 -6.47
CA GLU A 52 30.62 61.57 -5.16
C GLU A 52 29.57 61.47 -4.09
N LYS A 53 28.37 61.96 -4.37
CA LYS A 53 27.24 61.86 -3.44
C LYS A 53 26.50 60.51 -3.45
N THR A 54 26.74 59.67 -4.43
CA THR A 54 26.00 58.44 -4.62
C THR A 54 26.44 57.43 -3.64
N LYS A 55 25.47 56.86 -2.91
CA LYS A 55 25.74 55.79 -1.94
C LYS A 55 24.95 54.52 -2.25
N HIS A 56 24.01 54.66 -3.14
CA HIS A 56 23.21 53.57 -3.52
C HIS A 56 22.77 53.83 -4.93
N ILE A 57 22.71 52.78 -5.71
CA ILE A 57 22.31 52.89 -7.09
C ILE A 57 21.04 52.12 -7.31
N CYS A 58 20.03 52.80 -7.88
CA CYS A 58 18.69 52.27 -8.09
C CYS A 58 18.43 52.18 -9.57
N ILE A 59 18.45 50.97 -10.12
CA ILE A 59 18.31 50.80 -11.58
C ILE A 59 16.84 50.44 -11.84
N VAL A 60 16.21 51.22 -12.72
CA VAL A 60 14.85 51.01 -13.14
C VAL A 60 14.76 50.84 -14.65
N ALA A 61 14.06 49.81 -15.09
CA ALA A 61 13.96 49.53 -16.52
C ALA A 61 12.89 48.46 -16.83
N CYS A 62 12.66 48.20 -18.10
CA CYS A 62 11.80 47.10 -18.44
C CYS A 62 12.37 46.24 -19.56
N GLY A 63 11.95 44.97 -19.58
CA GLY A 63 12.30 44.04 -20.61
C GLY A 63 13.78 43.77 -20.65
N THR A 64 14.33 43.83 -21.83
CA THR A 64 15.71 43.56 -22.07
C THR A 64 16.63 44.50 -21.31
N SER A 65 16.24 45.77 -21.19
CA SER A 65 17.00 46.74 -20.43
C SER A 65 17.02 46.39 -18.93
N TYR A 66 15.97 45.77 -18.43
CA TYR A 66 15.97 45.32 -17.08
C TYR A 66 16.93 44.15 -16.91
N ASN A 67 16.95 43.23 -17.88
CA ASN A 67 17.94 42.17 -17.85
C ASN A 67 19.38 42.70 -17.86
N ALA A 68 19.63 43.80 -18.57
CA ALA A 68 20.97 44.35 -18.53
C ALA A 68 21.29 44.87 -17.14
N GLY A 69 20.34 45.56 -16.53
CA GLY A 69 20.51 46.10 -15.20
C GLY A 69 20.80 45.05 -14.16
N THR A 71 22.26 42.30 -14.75
CA THR A 71 23.60 41.80 -14.96
C THR A 71 24.53 42.77 -14.24
N ALA A 72 24.30 44.04 -14.45
CA ALA A 72 25.20 45.09 -13.96
C ALA A 72 25.30 45.15 -12.45
N LYS A 73 24.25 44.73 -11.77
CA LYS A 73 24.25 44.80 -10.33
C LYS A 73 25.41 43.94 -9.79
N TYR A 74 25.68 42.81 -10.43
CA TYR A 74 26.73 41.93 -9.94
C TYR A 74 28.04 42.71 -10.01
N TRP A 75 28.24 43.43 -11.12
CA TRP A 75 29.51 44.16 -11.39
C TRP A 75 29.63 45.33 -10.41
N ILE A 76 28.54 46.06 -10.24
CA ILE A 76 28.56 47.25 -9.41
C ILE A 76 28.87 46.96 -7.96
N GLU A 77 28.22 45.96 -7.40
CA GLU A 77 28.48 45.55 -6.05
C GLU A 77 29.87 44.98 -5.87
N LYS A 78 30.31 44.14 -6.80
CA LYS A 78 31.58 43.47 -6.67
C LYS A 78 32.78 44.38 -6.90
N TYR A 79 32.74 45.20 -7.97
CA TYR A 79 33.86 46.03 -8.37
C TYR A 79 33.80 47.45 -7.85
N ALA A 80 32.69 48.13 -7.98
CA ALA A 80 32.55 49.49 -7.40
C ALA A 80 32.22 49.50 -5.91
N LYS A 81 31.74 48.38 -5.39
CA LYS A 81 31.30 48.27 -4.00
C LYS A 81 30.25 49.29 -3.59
N VAL A 82 29.34 49.62 -4.50
CA VAL A 82 28.21 50.43 -4.16
C VAL A 82 26.98 49.54 -4.16
N PRO A 83 26.15 49.61 -3.10
CA PRO A 83 24.98 48.76 -3.13
C PRO A 83 24.05 49.13 -4.31
N CYS A 84 23.39 48.12 -4.89
CA CYS A 84 22.61 48.32 -6.10
C CYS A 84 21.30 47.55 -6.04
N SER A 85 20.18 48.19 -6.39
CA SER A 85 18.96 47.44 -6.53
C SER A 85 18.40 47.57 -7.95
N VAL A 86 17.70 46.55 -8.41
CA VAL A 86 17.23 46.63 -9.73
C VAL A 86 15.77 46.33 -9.74
N GLU A 87 14.96 47.21 -10.33
CA GLU A 87 13.53 47.00 -10.30
C GLU A 87 12.80 47.22 -11.61
N ILE A 88 11.81 46.39 -11.87
CA ILE A 88 10.95 46.59 -13.00
C ILE A 88 10.11 47.88 -12.92
N ALA A 89 10.18 48.64 -14.01
CA ALA A 89 9.54 49.94 -14.04
C ALA A 89 8.02 49.92 -13.81
N SER A 90 7.30 48.95 -14.35
CA SER A 90 5.87 48.95 -14.17
C SER A 90 5.45 48.61 -12.78
N GLU A 91 6.38 48.11 -11.95
CA GLU A 91 6.07 47.87 -10.54
C GLU A 91 6.50 49.02 -9.66
N ILE A 92 7.72 49.55 -9.82
CA ILE A 92 8.18 50.60 -8.93
C ILE A 92 7.36 51.85 -9.13
N ARG A 93 6.84 52.03 -10.34
CA ARG A 93 6.07 53.24 -10.68
C ARG A 93 4.86 53.46 -9.76
N TYR A 94 4.16 52.37 -9.47
CA TYR A 94 2.95 52.41 -8.67
C TYR A 94 3.14 51.93 -7.25
N ARG A 95 4.35 51.61 -6.84
CA ARG A 95 4.58 51.04 -5.53
C ARG A 95 5.00 52.12 -4.57
N ASP A 96 4.65 51.93 -3.32
CA ASP A 96 4.92 52.89 -2.29
C ASP A 96 6.32 52.58 -1.69
N ASN A 97 7.38 53.04 -2.35
CA ASN A 97 8.74 52.67 -1.99
C ASN A 97 9.49 53.71 -1.17
N VAL A 98 10.58 53.24 -0.57
CA VAL A 98 11.46 54.02 0.27
C VAL A 98 12.78 54.17 -0.46
N VAL A 99 13.33 55.36 -0.39
CA VAL A 99 14.52 55.70 -1.13
C VAL A 99 15.66 55.94 -0.16
N VAL A 100 16.63 55.05 -0.17
CA VAL A 100 17.86 55.22 0.65
C VAL A 100 18.49 56.64 0.46
N ASP A 101 19.02 57.23 1.52
CA ASP A 101 19.79 58.49 1.32
C ASP A 101 20.95 58.23 0.34
N GLY A 102 21.21 59.22 -0.51
CA GLY A 102 22.32 59.14 -1.44
C GLY A 102 22.10 58.18 -2.61
N SER A 103 20.83 57.97 -2.95
CA SER A 103 20.44 57.07 -3.99
C SER A 103 20.50 57.73 -5.36
N LEU A 104 21.12 57.08 -6.32
CA LEU A 104 21.15 57.55 -7.69
C LEU A 104 20.13 56.76 -8.46
N PHE A 105 19.25 57.45 -9.17
CA PHE A 105 18.25 56.85 -10.00
C PHE A 105 18.85 56.65 -11.41
N VAL A 106 18.99 55.40 -11.81
CA VAL A 106 19.55 55.05 -13.10
C VAL A 106 18.46 54.38 -13.91
N SER A 107 18.11 54.96 -15.05
CA SER A 107 17.21 54.30 -15.97
C SER A 107 17.95 53.77 -17.21
N ILE A 108 17.44 52.69 -17.78
CA ILE A 108 18.05 52.15 -18.96
C ILE A 108 16.98 52.05 -20.02
N SER A 109 17.23 52.61 -21.19
CA SER A 109 16.26 52.56 -22.27
C SER A 109 16.88 52.77 -23.62
N GLN A 110 16.52 51.94 -24.58
CA GLN A 110 16.99 52.13 -25.95
C GLN A 110 16.40 53.42 -26.52
N SER A 111 15.07 53.51 -26.54
CA SER A 111 14.37 54.61 -27.18
C SER A 111 14.39 55.88 -26.40
N GLY A 112 14.54 55.79 -25.10
CA GLY A 112 14.34 56.94 -24.20
C GLY A 112 12.90 57.44 -24.00
N GLU A 113 11.92 56.68 -24.47
CA GLU A 113 10.51 57.06 -24.37
C GLU A 113 9.64 56.02 -23.62
N THR A 114 10.24 54.95 -23.13
CA THR A 114 9.52 53.84 -22.54
C THR A 114 8.67 54.39 -21.39
N ALA A 115 7.36 54.24 -21.50
CA ALA A 115 6.41 54.91 -20.61
C ALA A 115 6.70 54.73 -19.13
N ASP A 116 6.70 53.50 -18.68
CA ASP A 116 6.87 53.21 -17.26
C ASP A 116 8.23 53.67 -16.68
N THR A 117 9.29 53.41 -17.42
CA THR A 117 10.59 53.95 -17.08
C THR A 117 10.59 55.47 -16.98
N LEU A 118 10.08 56.12 -18.02
CA LEU A 118 9.99 57.57 -18.03
C LEU A 118 9.14 58.08 -16.88
N GLU A 119 8.01 57.45 -16.61
CA GLU A 119 7.21 57.92 -15.49
C GLU A 119 7.85 57.60 -14.12
N SER A 120 8.67 56.54 -14.01
CA SER A 120 9.45 56.30 -12.80
C SER A 120 10.47 57.41 -12.63
N LEU A 121 11.05 57.90 -13.72
CA LEU A 121 11.96 58.99 -13.54
C LEU A 121 11.19 60.21 -12.99
N ARG A 122 10.03 60.51 -13.55
CA ARG A 122 9.29 61.69 -13.13
C ARG A 122 8.90 61.62 -11.67
N LYS A 123 8.52 60.43 -11.23
CA LYS A 123 8.18 60.24 -9.84
C LYS A 123 9.40 60.44 -8.94
N SER A 124 10.55 59.95 -9.40
CA SER A 124 11.78 60.02 -8.60
C SER A 124 12.16 61.46 -8.23
N LYS A 125 11.71 62.41 -9.04
CA LYS A 125 12.07 63.82 -8.82
C LYS A 125 11.39 64.46 -7.61
N LYS A 126 10.31 63.84 -7.16
CA LYS A 126 9.70 64.17 -5.89
C LYS A 126 10.23 63.34 -4.73
N GLN A 127 11.28 62.52 -4.92
CA GLN A 127 11.73 61.64 -3.85
C GLN A 127 13.14 62.00 -3.46
N ASN A 128 13.64 61.30 -2.48
CA ASN A 128 14.94 61.58 -1.92
C ASN A 128 16.17 61.16 -2.77
N TYR A 129 16.12 61.19 -4.09
CA TYR A 129 17.32 60.76 -4.82
C TYR A 129 18.27 61.94 -4.96
N VAL A 130 19.57 61.66 -5.06
CA VAL A 130 20.56 62.71 -5.26
C VAL A 130 20.54 63.21 -6.71
N GLY A 131 20.06 62.36 -7.60
CA GLY A 131 19.99 62.71 -9.02
C GLY A 131 19.64 61.54 -9.92
N SER A 132 19.70 61.74 -11.22
CA SER A 132 19.33 60.71 -12.20
C SER A 132 20.34 60.60 -13.35
N CYS A 134 20.61 58.49 -17.23
CA CYS A 134 20.02 57.64 -18.21
C CYS A 134 21.07 56.91 -19.01
N ILE A 135 20.91 55.60 -19.18
CA ILE A 135 21.69 54.87 -20.18
C ILE A 135 20.80 54.70 -21.40
N CYS A 136 21.02 55.53 -22.43
CA CYS A 136 20.04 55.60 -23.54
C CYS A 136 20.75 55.59 -24.86
N ASN A 137 20.02 55.23 -25.91
CA ASN A 137 20.54 55.16 -27.28
C ASN A 137 20.14 56.33 -28.22
N VAL A 138 19.08 57.04 -27.86
CA VAL A 138 18.54 58.12 -28.69
C VAL A 138 18.74 59.43 -27.97
N PRO A 139 19.72 60.23 -28.42
CA PRO A 139 19.90 61.53 -27.78
C PRO A 139 18.73 62.41 -28.13
N ASN A 140 18.37 63.29 -27.22
CA ASN A 140 17.17 64.07 -27.45
C ASN A 140 15.90 63.19 -27.35
N SER A 141 15.79 62.48 -26.24
CA SER A 141 14.64 61.69 -25.93
C SER A 141 14.20 62.19 -24.57
N SER A 142 12.99 61.91 -24.18
CA SER A 142 12.47 62.41 -22.91
C SER A 142 13.37 61.99 -21.76
N LEU A 143 13.79 60.72 -21.77
CA LEU A 143 14.66 60.23 -20.72
C LEU A 143 16.01 60.96 -20.63
N VAL A 144 16.63 61.22 -21.77
CA VAL A 144 17.85 62.01 -21.80
C VAL A 144 17.61 63.45 -21.36
N ARG A 145 16.57 64.08 -21.86
CA ARG A 145 16.30 65.47 -21.46
C ARG A 145 15.98 65.61 -19.97
N GLU A 146 15.25 64.66 -19.44
CA GLU A 146 14.78 64.80 -18.10
C GLU A 146 15.73 64.26 -17.07
N SER A 147 16.81 63.60 -17.48
CA SER A 147 17.78 63.10 -16.52
C SER A 147 18.88 64.14 -16.28
N ASP A 148 19.58 64.03 -15.15
CA ASP A 148 20.71 64.91 -14.92
C ASP A 148 21.86 64.60 -15.83
N ILE A 149 22.10 63.33 -16.10
CA ILE A 149 23.19 62.93 -16.96
C ILE A 149 22.80 61.75 -17.83
N ALA A 150 23.40 61.65 -18.99
CA ALA A 150 23.08 60.64 -19.95
C ALA A 150 24.38 60.00 -20.44
N PHE A 151 24.52 58.71 -20.25
CA PHE A 151 25.53 57.94 -20.91
C PHE A 151 24.89 57.31 -22.16
N THR A 153 24.74 54.96 -25.39
CA THR A 153 25.23 53.82 -26.13
C THR A 153 25.34 54.24 -27.59
N LYS A 154 26.09 53.49 -28.38
CA LYS A 154 26.18 53.76 -29.80
C LYS A 154 25.71 52.53 -30.51
N ALA A 155 24.47 52.16 -30.29
CA ALA A 155 23.93 51.02 -30.95
C ALA A 155 23.45 51.33 -32.39
N GLY A 156 23.19 52.59 -32.73
CA GLY A 156 22.49 52.91 -33.99
C GLY A 156 21.05 52.46 -33.86
N VAL A 157 20.36 52.27 -34.97
CA VAL A 157 18.93 52.00 -34.96
C VAL A 157 18.67 50.51 -35.06
N GLU A 158 17.58 50.04 -34.42
CA GLU A 158 17.14 48.63 -34.50
C GLU A 158 15.79 48.41 -35.21
N ILE A 159 15.76 47.53 -36.21
CA ILE A 159 14.53 47.13 -36.89
C ILE A 159 14.16 45.68 -36.52
N GLY A 160 15.06 44.91 -35.91
CA GLY A 160 14.75 43.56 -35.46
C GLY A 160 13.63 43.60 -34.43
N VAL A 161 12.76 42.61 -34.46
CA VAL A 161 11.71 42.52 -33.46
C VAL A 161 12.41 42.48 -32.07
N ALA A 162 13.39 41.59 -31.91
CA ALA A 162 14.11 41.53 -30.64
C ALA A 162 15.26 42.52 -30.71
N SER A 163 15.59 43.08 -29.56
CA SER A 163 16.75 43.93 -29.51
C SER A 163 18.01 43.04 -29.27
N THR A 164 19.07 43.39 -29.98
CA THR A 164 20.32 42.66 -29.90
C THR A 164 21.42 43.63 -29.53
N LYS A 165 21.82 44.46 -30.46
CA LYS A 165 22.92 45.35 -30.18
C LYS A 165 22.61 46.38 -29.10
N ALA A 166 21.34 46.68 -28.87
CA ALA A 166 20.96 47.57 -27.77
C ALA A 166 21.26 46.92 -26.41
N PHE A 167 21.13 45.61 -26.31
CA PHE A 167 21.40 44.94 -25.08
C PHE A 167 22.88 44.85 -24.77
N THR A 168 23.69 44.44 -25.75
CA THR A 168 25.11 44.32 -25.52
C THR A 168 25.77 45.66 -25.28
N THR A 169 25.36 46.71 -26.01
CA THR A 169 25.87 48.04 -25.74
C THR A 169 25.40 48.62 -24.43
N GLN A 170 24.20 48.23 -23.96
CA GLN A 170 23.81 48.63 -22.60
C GLN A 170 24.68 47.97 -21.56
N LEU A 171 24.97 46.70 -21.74
CA LEU A 171 25.93 46.02 -20.88
C LEU A 171 27.29 46.72 -20.89
N VAL A 172 27.82 47.01 -22.05
CA VAL A 172 29.10 47.65 -22.09
C VAL A 172 29.06 49.02 -21.38
N ALA A 173 28.03 49.83 -21.64
CA ALA A 173 27.94 51.12 -20.96
C ALA A 173 27.95 50.92 -19.44
N LEU A 174 27.23 49.92 -18.97
CA LEU A 174 27.13 49.69 -17.52
C LEU A 174 28.46 49.25 -16.94
N ALA A 175 29.25 48.48 -17.70
CA ALA A 175 30.61 48.10 -17.31
C ALA A 175 31.52 49.30 -17.18
N ILE A 176 31.41 50.22 -18.13
CA ILE A 176 32.21 51.43 -18.10
C ILE A 176 31.84 52.30 -16.90
N PHE A 177 30.55 52.55 -16.70
CA PHE A 177 30.02 53.17 -15.50
C PHE A 177 30.54 52.50 -14.20
N THR A 178 30.53 51.18 -14.14
CA THR A 178 31.08 50.50 -12.97
C THR A 178 32.50 50.97 -12.73
N LEU A 179 33.33 51.02 -13.77
CA LEU A 179 34.75 51.39 -13.55
C LEU A 179 34.93 52.88 -13.22
N VAL A 180 34.16 53.75 -13.83
CA VAL A 180 34.15 55.14 -13.44
C VAL A 180 33.82 55.37 -11.97
N ILE A 181 32.79 54.68 -11.48
CA ILE A 181 32.39 54.77 -10.09
C ILE A 181 33.45 54.15 -9.20
N ALA A 182 33.96 53.02 -9.63
CA ALA A 182 34.96 52.33 -8.85
C ALA A 182 36.14 53.22 -8.59
N LYS A 183 36.56 53.93 -9.61
CA LYS A 183 37.75 54.77 -9.51
C LYS A 183 37.52 55.97 -8.63
N LEU A 184 36.37 56.60 -8.81
CA LEU A 184 36.02 57.78 -8.04
C LEU A 184 35.89 57.48 -6.53
N LYS A 185 35.50 56.25 -6.20
CA LYS A 185 35.27 55.89 -4.82
C LYS A 185 36.41 55.05 -4.33
N ASN A 186 37.49 54.99 -5.09
CA ASN A 186 38.68 54.26 -4.66
C ASN A 186 38.44 52.79 -4.37
N SER A 187 37.43 52.20 -5.00
CA SER A 187 37.13 50.78 -4.78
C SER A 187 38.14 49.89 -5.50
N LEU A 188 38.85 50.45 -6.49
CA LEU A 188 39.84 49.70 -7.27
C LEU A 188 41.17 50.48 -7.46
N THR A 189 42.29 49.76 -7.55
CA THR A 189 43.57 50.44 -7.82
C THR A 189 43.67 50.84 -9.29
N ASP A 190 44.52 51.81 -9.60
CA ASP A 190 44.58 52.33 -10.96
C ASP A 190 44.99 51.16 -11.88
N GLN A 191 45.73 50.22 -11.35
CA GLN A 191 46.18 49.08 -12.12
C GLN A 191 45.08 48.05 -12.39
N GLN A 192 44.19 47.85 -11.43
CA GLN A 192 42.99 47.08 -11.69
C GLN A 192 42.07 47.77 -12.74
N ILE A 193 41.83 49.05 -12.55
CA ILE A 193 41.04 49.80 -13.51
C ILE A 193 41.61 49.54 -14.90
N ALA A 194 42.92 49.64 -15.04
CA ALA A 194 43.57 49.47 -16.33
C ALA A 194 43.40 48.04 -16.88
N LYS A 195 43.45 47.04 -16.03
CA LYS A 195 43.32 45.65 -16.44
C LYS A 195 41.88 45.36 -16.92
N TYR A 196 40.91 45.87 -16.18
CA TYR A 196 39.52 45.69 -16.57
C TYR A 196 39.12 46.56 -17.79
N THR A 197 39.72 47.73 -17.94
CA THR A 197 39.53 48.50 -19.14
C THR A 197 40.03 47.71 -20.37
N GLU A 198 41.18 47.05 -20.25
CA GLU A 198 41.69 46.23 -21.36
C GLU A 198 40.78 45.07 -21.65
N GLU A 199 40.17 44.50 -20.63
CA GLU A 199 39.23 43.45 -20.85
C GLU A 199 38.00 43.95 -21.66
N LEU A 200 37.52 45.15 -21.39
CA LEU A 200 36.41 45.71 -22.16
C LEU A 200 36.86 45.89 -23.61
N LYS A 201 38.07 46.40 -23.83
CA LYS A 201 38.55 46.54 -25.21
C LYS A 201 38.64 45.21 -26.01
N ASN A 202 38.81 44.10 -25.29
CA ASN A 202 39.03 42.83 -25.92
C ASN A 202 37.71 42.22 -26.30
N ILE A 203 36.60 42.81 -25.89
CA ILE A 203 35.32 42.25 -26.22
C ILE A 203 35.06 42.10 -27.72
N ARG A 204 35.51 43.05 -28.50
CA ARG A 204 35.26 43.03 -29.94
C ARG A 204 35.72 41.73 -30.61
N ALA A 205 36.95 41.35 -30.36
CA ALA A 205 37.48 40.10 -30.91
C ALA A 205 36.68 38.89 -30.41
N LEU A 206 36.30 38.93 -29.16
CA LEU A 206 35.62 37.76 -28.57
C LEU A 206 34.19 37.65 -29.16
N VAL A 207 33.59 38.80 -29.43
CA VAL A 207 32.26 38.80 -29.99
C VAL A 207 32.31 38.26 -31.40
N GLY A 209 34.49 36.12 -32.59
CA GLY A 209 34.62 34.66 -32.40
C GLY A 209 33.28 34.00 -32.14
N ALA A 210 32.46 34.68 -31.36
CA ALA A 210 31.16 34.14 -30.94
C ALA A 210 30.31 34.00 -32.21
N LEU A 211 30.37 35.01 -33.07
CA LEU A 211 29.63 35.03 -34.33
C LEU A 211 30.05 33.89 -35.30
N LYS A 212 31.22 33.33 -35.08
CA LYS A 212 31.59 32.16 -35.85
C LYS A 212 30.73 30.96 -35.61
N LEU A 213 30.00 30.93 -34.48
CA LEU A 213 29.18 29.76 -34.18
C LEU A 213 27.88 29.74 -34.96
N ASP A 214 27.68 30.77 -35.77
CA ASP A 214 26.44 30.95 -36.54
C ASP A 214 25.99 29.67 -37.25
N THR A 215 26.86 29.13 -38.10
CA THR A 215 26.57 27.94 -38.90
C THR A 215 26.22 26.74 -38.03
N GLU A 216 27.01 26.45 -37.00
CA GLU A 216 26.66 25.35 -36.08
C GLU A 216 25.32 25.58 -35.36
N ILE A 217 25.04 26.84 -35.00
CA ILE A 217 23.76 27.13 -34.33
C ILE A 217 22.60 26.94 -35.29
N ASP A 218 22.81 27.26 -36.55
CA ASP A 218 21.82 26.96 -37.57
C ASP A 218 21.49 25.48 -37.61
N GLN A 219 22.50 24.62 -37.71
CA GLN A 219 22.30 23.17 -37.68
C GLN A 219 21.54 22.68 -36.45
N ILE A 220 21.94 23.11 -35.26
CA ILE A 220 21.29 22.79 -33.99
C ILE A 220 19.80 23.20 -33.92
N SER A 221 19.50 24.37 -34.42
CA SER A 221 18.18 24.91 -34.33
C SER A 221 17.06 24.02 -34.93
N GLU A 222 17.39 23.08 -35.82
CA GLU A 222 16.38 22.14 -36.36
C GLU A 222 15.72 21.34 -35.23
N TYR A 223 16.51 21.00 -34.20
CA TYR A 223 16.01 20.35 -33.00
C TYR A 223 14.77 21.06 -32.40
N PHE A 224 14.57 22.36 -32.65
CA PHE A 224 13.53 23.10 -31.96
C PHE A 224 12.23 23.17 -32.76
N SER A 225 12.21 22.57 -33.95
CA SER A 225 11.04 22.79 -34.85
C SER A 225 9.72 22.28 -34.28
N ASP A 226 9.76 21.19 -33.53
CA ASP A 226 8.55 20.64 -32.92
C ASP A 226 8.42 20.91 -31.41
N LYS A 227 9.24 21.82 -30.89
CA LYS A 227 9.31 22.06 -29.45
C LYS A 227 8.50 23.27 -29.05
N GLU A 228 7.80 23.14 -27.92
CA GLU A 228 6.99 24.27 -27.41
CA GLU A 228 6.92 24.20 -27.36
C GLU A 228 7.48 24.80 -26.05
N HIS A 229 8.53 24.18 -25.50
CA HIS A 229 9.14 24.66 -24.28
C HIS A 229 10.62 24.65 -24.47
N THR A 230 11.28 25.49 -23.69
CA THR A 230 12.68 25.42 -23.46
C THR A 230 13.00 26.02 -22.11
N ILE A 231 14.00 25.43 -21.47
CA ILE A 231 14.56 25.98 -20.28
C ILE A 231 15.98 26.52 -20.46
N PHE A 232 16.20 27.73 -19.94
CA PHE A 232 17.49 28.38 -19.98
C PHE A 232 18.03 28.38 -18.54
N LEU A 233 19.34 28.17 -18.42
CA LEU A 233 20.01 28.06 -17.14
C LEU A 233 21.28 28.91 -17.06
N GLY A 234 21.49 29.55 -15.91
CA GLY A 234 22.73 30.28 -15.66
C GLY A 234 22.78 30.61 -14.18
N ARG A 235 23.97 30.92 -13.70
CA ARG A 235 24.22 31.25 -12.32
C ARG A 235 24.96 32.54 -12.26
N GLY A 236 24.74 33.32 -11.22
CA GLY A 236 25.53 34.55 -11.04
C GLY A 236 25.21 35.57 -12.12
N LEU A 237 26.24 36.25 -12.61
CA LEU A 237 26.14 37.12 -13.75
C LEU A 237 25.35 36.50 -14.92
N TYR A 238 25.38 35.18 -15.10
CA TYR A 238 24.88 34.54 -16.33
C TYR A 238 23.42 34.16 -16.19
N TYR A 239 22.88 34.33 -14.99
CA TYR A 239 21.48 34.12 -14.78
C TYR A 239 20.70 35.13 -15.62
N PRO A 240 20.97 36.45 -15.42
CA PRO A 240 20.29 37.42 -16.26
C PRO A 240 20.58 37.23 -17.75
N ILE A 241 21.77 36.71 -18.09
CA ILE A 241 22.06 36.45 -19.49
C ILE A 241 21.14 35.32 -19.99
N ALA A 242 20.91 34.31 -19.16
CA ALA A 242 19.94 33.25 -19.49
C ALA A 242 18.52 33.78 -19.65
N ILE A 243 18.12 34.66 -18.76
CA ILE A 243 16.82 35.31 -18.83
C ILE A 243 16.69 36.07 -20.13
N GLU A 244 17.76 36.74 -20.56
CA GLU A 244 17.70 37.47 -21.82
C GLU A 244 17.62 36.53 -22.99
N GLY A 245 18.42 35.46 -22.98
CA GLY A 245 18.26 34.41 -23.99
C GLY A 245 16.83 33.88 -24.10
N ALA A 246 16.18 33.63 -22.96
CA ALA A 246 14.82 33.07 -22.96
C ALA A 246 13.87 34.09 -23.50
N LEU A 247 14.08 35.34 -23.15
CA LEU A 247 13.23 36.40 -23.66
C LEU A 247 13.32 36.46 -25.17
N LYS A 248 14.53 36.37 -25.75
CA LYS A 248 14.61 36.41 -27.23
C LYS A 248 13.86 35.23 -27.86
N LEU A 249 14.08 34.03 -27.34
CA LEU A 249 13.47 32.86 -27.95
C LEU A 249 11.97 32.97 -27.93
N LYS A 250 11.44 33.39 -26.80
CA LYS A 250 10.02 33.51 -26.60
C LYS A 250 9.44 34.59 -27.53
N GLU A 251 10.12 35.73 -27.56
CA GLU A 251 9.68 36.93 -28.25
C GLU A 251 9.57 36.75 -29.74
N ILE A 252 10.43 35.93 -30.35
CA ILE A 252 10.38 35.76 -31.80
C ILE A 252 10.10 34.36 -32.35
N SER A 253 10.31 33.32 -31.55
CA SER A 253 9.87 31.96 -31.96
C SER A 253 8.55 31.54 -31.34
N TYR A 254 8.12 32.28 -30.33
CA TYR A 254 6.95 31.95 -29.57
C TYR A 254 6.99 30.63 -28.82
N ILE A 255 8.14 29.99 -28.74
CA ILE A 255 8.36 28.92 -27.79
C ILE A 255 8.25 29.44 -26.35
N HIS A 256 7.66 28.62 -25.48
CA HIS A 256 7.57 28.97 -24.07
C HIS A 256 8.93 28.76 -23.41
N ALA A 257 9.79 29.77 -23.50
CA ALA A 257 11.12 29.66 -23.00
C ALA A 257 11.10 30.31 -21.66
N GLU A 258 11.74 29.70 -20.68
CA GLU A 258 11.87 30.27 -19.37
C GLU A 258 13.25 30.00 -18.77
N ALA A 259 13.74 31.02 -18.06
CA ALA A 259 15.05 30.97 -17.40
C ALA A 259 14.95 30.74 -15.91
N TYR A 260 15.86 29.93 -15.41
CA TYR A 260 15.97 29.65 -13.96
C TYR A 260 17.42 29.82 -13.53
N PRO A 261 17.66 30.40 -12.35
CA PRO A 261 19.02 30.36 -11.80
C PRO A 261 19.32 28.91 -11.54
N SER A 262 20.47 28.43 -11.97
CA SER A 262 20.74 26.99 -11.91
C SER A 262 20.64 26.36 -10.51
N GLY A 263 20.90 27.15 -9.47
CA GLY A 263 20.75 26.69 -8.10
C GLY A 263 19.33 26.44 -7.60
N GLU A 264 18.31 26.80 -8.38
CA GLU A 264 16.93 26.77 -7.91
C GLU A 264 16.03 25.74 -8.60
N LEU A 265 16.66 24.87 -9.37
CA LEU A 265 15.96 23.79 -10.05
C LEU A 265 15.29 22.84 -9.08
N LYS A 266 15.94 22.72 -7.92
CA LYS A 266 15.55 21.79 -6.84
C LYS A 266 14.08 21.84 -6.53
N HIS A 267 13.56 23.07 -6.39
CA HIS A 267 12.16 23.27 -6.03
CA HIS A 267 12.16 23.30 -6.01
C HIS A 267 11.22 23.18 -7.22
N GLY A 268 11.40 24.07 -8.20
CA GLY A 268 10.44 24.18 -9.29
C GLY A 268 10.69 23.24 -10.45
N PRO A 269 11.53 23.70 -11.39
CA PRO A 269 11.72 23.24 -12.77
C PRO A 269 12.20 21.82 -13.05
N LEU A 270 12.76 21.12 -12.07
CA LEU A 270 13.06 19.71 -12.31
C LEU A 270 11.78 18.99 -12.76
N ALA A 271 10.66 19.33 -12.13
CA ALA A 271 9.38 18.72 -12.50
C ALA A 271 9.07 18.78 -14.01
N LEU A 272 9.37 19.92 -14.63
CA LEU A 272 9.05 20.16 -16.05
C LEU A 272 9.93 19.39 -17.05
N VAL A 273 11.12 18.99 -16.60
CA VAL A 273 12.09 18.38 -17.48
C VAL A 273 11.74 16.95 -17.77
N ASP A 274 11.58 16.63 -19.04
CA ASP A 274 11.56 15.23 -19.48
C ASP A 274 12.45 15.11 -20.74
N LYS A 275 12.32 14.00 -21.46
CA LYS A 275 13.16 13.73 -22.65
C LYS A 275 12.85 14.65 -23.82
N ASN A 276 11.65 15.22 -23.87
CA ASN A 276 11.31 16.18 -24.95
C ASN A 276 11.69 17.66 -24.69
N PRO A 278 14.28 20.79 -24.25
CA PRO A 278 15.57 21.43 -24.46
C PRO A 278 16.01 22.27 -23.30
N ILE A 279 17.25 22.09 -22.86
CA ILE A 279 17.85 22.86 -21.80
C ILE A 279 19.05 23.62 -22.39
N VAL A 280 18.96 24.93 -22.43
CA VAL A 280 20.05 25.74 -22.97
C VAL A 280 20.79 26.39 -21.80
N ALA A 281 22.08 26.17 -21.71
CA ALA A 281 22.80 26.69 -20.58
C ALA A 281 24.12 27.30 -21.02
N VAL A 282 24.58 28.23 -20.21
CA VAL A 282 25.79 28.97 -20.41
C VAL A 282 26.70 28.53 -19.27
N VAL A 283 27.87 27.98 -19.62
CA VAL A 283 28.82 27.43 -18.65
C VAL A 283 30.16 28.16 -18.74
N PRO A 284 30.33 29.20 -17.94
CA PRO A 284 31.51 30.03 -18.00
C PRO A 284 32.72 29.53 -17.19
N ASN A 285 33.84 30.22 -17.38
CA ASN A 285 35.08 29.93 -16.68
C ASN A 285 35.21 30.75 -15.40
N ASP A 286 34.55 30.27 -14.36
CA ASP A 286 34.47 31.03 -13.09
C ASP A 286 34.45 30.10 -11.90
N GLU A 287 34.29 30.71 -10.72
CA GLU A 287 34.36 30.00 -9.45
C GLU A 287 33.29 28.91 -9.28
N LEU A 288 32.21 28.95 -10.05
CA LEU A 288 31.01 28.14 -9.76
C LEU A 288 30.78 26.98 -10.70
N LEU A 289 31.85 26.56 -11.37
CA LEU A 289 31.78 25.57 -12.40
C LEU A 289 31.25 24.30 -11.82
N ASP A 290 31.88 23.87 -10.72
CA ASP A 290 31.51 22.60 -10.11
C ASP A 290 30.05 22.60 -9.64
N LYS A 291 29.57 23.72 -9.11
CA LYS A 291 28.14 23.79 -8.75
C LYS A 291 27.26 23.62 -9.99
N THR A 292 27.67 24.28 -11.08
CA THR A 292 26.87 24.32 -12.29
C THR A 292 26.82 22.93 -12.95
N LEU A 293 27.96 22.29 -13.03
CA LEU A 293 28.03 20.91 -13.54
C LEU A 293 27.18 19.96 -12.70
N SER A 294 27.17 20.20 -11.40
CA SER A 294 26.33 19.46 -10.48
C SER A 294 24.84 19.73 -10.76
N ASN A 295 24.47 21.00 -11.01
CA ASN A 295 23.08 21.32 -11.34
C ASN A 295 22.69 20.73 -12.69
N LEU A 296 23.65 20.76 -13.60
CA LEU A 296 23.42 20.22 -14.91
C LEU A 296 23.24 18.71 -14.87
N GLN A 297 23.94 18.07 -13.94
CA GLN A 297 23.80 16.63 -13.74
C GLN A 297 22.37 16.32 -13.31
N GLU A 298 21.86 17.07 -12.33
CA GLU A 298 20.48 16.87 -11.86
C GLU A 298 19.59 16.87 -13.10
N VAL A 299 19.75 17.90 -13.95
CA VAL A 299 18.88 18.06 -15.13
C VAL A 299 19.09 16.92 -16.11
N HIS A 300 20.34 16.55 -16.34
CA HIS A 300 20.65 15.43 -17.22
C HIS A 300 20.02 14.15 -16.72
N ALA A 301 20.08 13.97 -15.42
CA ALA A 301 19.41 12.84 -14.79
C ALA A 301 17.93 12.69 -15.17
N ARG A 302 17.24 13.77 -15.61
CA ARG A 302 15.81 13.62 -15.98
C ARG A 302 15.55 13.47 -17.48
N GLY A 303 16.60 13.28 -18.27
CA GLY A 303 16.45 13.18 -19.72
C GLY A 303 16.36 14.49 -20.50
N GLY A 304 16.72 15.60 -19.84
CA GLY A 304 16.79 16.89 -20.55
C GLY A 304 17.80 16.84 -21.67
N LYS A 305 17.48 17.48 -22.78
CA LYS A 305 18.42 17.60 -23.88
C LYS A 305 19.29 18.88 -23.70
N LEU A 306 20.53 18.65 -23.27
CA LEU A 306 21.45 19.71 -22.88
C LEU A 306 22.11 20.26 -24.13
N ILE A 307 21.97 21.59 -24.28
CA ILE A 307 22.61 22.39 -25.34
C ILE A 307 23.41 23.45 -24.63
N LEU A 308 24.73 23.29 -24.69
CA LEU A 308 25.61 24.05 -23.81
C LEU A 308 26.56 24.92 -24.56
N PHE A 309 26.63 26.17 -24.14
CA PHE A 309 27.59 27.10 -24.60
C PHE A 309 28.57 27.34 -23.49
N VAL A 310 29.80 27.02 -23.77
CA VAL A 310 30.78 26.71 -22.77
C VAL A 310 32.04 27.46 -23.12
N ASP A 311 32.77 27.96 -22.14
CA ASP A 311 34.06 28.62 -22.39
C ASP A 311 35.08 27.51 -22.66
N LYS A 312 35.98 27.74 -23.61
CA LYS A 312 36.96 26.72 -24.04
C LYS A 312 37.77 26.17 -22.86
N ALA A 313 38.10 27.05 -21.91
CA ALA A 313 38.87 26.68 -20.71
C ALA A 313 38.15 25.73 -19.73
N VAL A 314 36.90 25.35 -19.98
CA VAL A 314 36.22 24.42 -19.10
C VAL A 314 35.68 23.25 -19.87
N LYS A 315 35.89 23.21 -21.19
CA LYS A 315 35.23 22.20 -22.02
C LYS A 315 35.61 20.76 -21.73
N GLU A 316 36.84 20.56 -21.29
CA GLU A 316 37.33 19.24 -20.91
C GLU A 316 36.58 18.70 -19.71
N ARG A 317 36.21 19.59 -18.79
CA ARG A 317 35.40 19.25 -17.63
C ARG A 317 33.90 19.06 -17.92
N VAL A 318 33.48 19.31 -19.14
CA VAL A 318 32.08 19.22 -19.50
C VAL A 318 31.79 17.96 -20.29
N ASN A 319 31.26 16.96 -19.61
CA ASN A 319 30.94 15.68 -20.21
C ASN A 319 29.51 15.20 -19.90
N PHE A 320 28.60 15.32 -20.88
CA PHE A 320 27.25 14.74 -20.78
C PHE A 320 26.89 13.94 -22.02
N ASP A 321 26.60 12.65 -21.81
CA ASP A 321 26.22 11.74 -22.89
C ASP A 321 25.11 12.43 -23.68
N ASN A 322 25.22 12.42 -25.01
CA ASN A 322 24.14 12.87 -25.88
C ASN A 322 23.72 14.38 -25.79
N SER A 323 24.54 15.23 -25.15
CA SER A 323 24.37 16.68 -25.22
C SER A 323 25.03 17.27 -26.47
N ILE A 324 24.74 18.54 -26.74
CA ILE A 324 25.40 19.34 -27.79
C ILE A 324 26.23 20.42 -27.13
N VAL A 325 27.49 20.52 -27.49
CA VAL A 325 28.38 21.44 -26.81
C VAL A 325 29.17 22.29 -27.79
N LEU A 326 28.93 23.59 -27.74
CA LEU A 326 29.63 24.57 -28.56
C LEU A 326 30.51 25.34 -27.60
N GLU A 327 31.74 25.60 -28.00
CA GLU A 327 32.71 26.19 -27.12
C GLU A 327 33.20 27.50 -27.68
N LEU A 328 33.61 28.40 -26.81
CA LEU A 328 34.08 29.66 -27.25
C LEU A 328 34.94 30.30 -26.19
N ASP A 329 35.78 31.24 -26.58
CA ASP A 329 36.53 32.05 -25.62
CA ASP A 329 36.54 32.05 -25.63
C ASP A 329 35.64 33.21 -25.22
N ALA A 330 35.31 33.29 -23.94
CA ALA A 330 34.41 34.35 -23.42
C ALA A 330 35.09 35.39 -22.49
N GLY A 331 36.28 35.11 -22.02
CA GLY A 331 37.02 36.07 -21.25
C GLY A 331 36.56 35.98 -19.82
N HIS A 332 36.46 37.11 -19.14
CA HIS A 332 36.21 37.11 -17.69
C HIS A 332 34.89 37.83 -17.32
N ASP A 333 34.84 38.48 -16.17
CA ASP A 333 33.54 38.95 -15.65
C ASP A 333 32.90 39.99 -16.50
N PHE A 334 33.72 40.80 -17.15
CA PHE A 334 33.15 41.91 -17.87
C PHE A 334 32.79 41.48 -19.29
N SER A 335 33.66 40.68 -19.91
CA SER A 335 33.44 40.29 -21.27
C SER A 335 32.46 39.16 -21.43
N ALA A 336 32.50 38.19 -20.54
CA ALA A 336 31.79 36.94 -20.79
C ALA A 336 30.31 37.11 -20.85
N PRO A 337 29.72 37.97 -20.01
CA PRO A 337 28.28 38.15 -20.16
C PRO A 337 27.81 38.63 -21.53
N VAL A 338 28.58 39.56 -22.11
CA VAL A 338 28.33 40.02 -23.46
C VAL A 338 28.59 38.90 -24.49
N VAL A 339 29.74 38.23 -24.39
CA VAL A 339 30.09 37.21 -25.38
C VAL A 339 29.06 36.06 -25.42
N PHE A 340 28.61 35.64 -24.26
CA PHE A 340 27.74 34.50 -24.22
C PHE A 340 26.36 34.87 -24.71
N THR A 341 26.02 36.17 -24.73
CA THR A 341 24.75 36.63 -25.28
C THR A 341 24.59 36.33 -26.76
N ILE A 342 25.69 36.41 -27.50
CA ILE A 342 25.63 36.31 -28.93
C ILE A 342 25.04 34.97 -29.45
N PRO A 343 25.52 33.84 -28.94
CA PRO A 343 25.00 32.57 -29.35
C PRO A 343 23.53 32.47 -29.08
N LEU A 344 23.07 33.07 -27.98
CA LEU A 344 21.71 32.98 -27.60
C LEU A 344 20.89 33.82 -28.58
N GLN A 345 21.47 34.92 -29.07
CA GLN A 345 20.71 35.73 -30.04
C GLN A 345 20.62 34.95 -31.32
N LEU A 346 21.72 34.30 -31.71
CA LEU A 346 21.73 33.54 -32.96
C LEU A 346 20.77 32.35 -32.89
N LEU A 347 20.68 31.76 -31.73
CA LEU A 347 19.79 30.66 -31.53
C LEU A 347 18.40 31.10 -31.78
N SER A 348 18.06 32.26 -31.23
CA SER A 348 16.69 32.68 -31.32
C SER A 348 16.38 33.09 -32.74
N TYR A 349 17.36 33.65 -33.44
CA TYR A 349 17.17 33.97 -34.84
C TYR A 349 16.89 32.74 -35.67
N HIS A 350 17.76 31.75 -35.60
CA HIS A 350 17.53 30.57 -36.40
C HIS A 350 16.28 29.75 -36.05
N VAL A 351 15.90 29.69 -34.77
CA VAL A 351 14.74 28.92 -34.39
C VAL A 351 13.52 29.64 -34.91
N ALA A 352 13.59 30.97 -34.98
CA ALA A 352 12.51 31.77 -35.54
C ALA A 352 12.33 31.46 -37.01
N ILE A 353 13.43 31.34 -37.72
CA ILE A 353 13.33 30.98 -39.14
C ILE A 353 12.71 29.58 -39.33
N ILE A 354 13.23 28.60 -38.60
CA ILE A 354 12.63 27.26 -38.56
C ILE A 354 11.12 27.29 -38.29
N LYS A 355 10.66 28.08 -37.35
CA LYS A 355 9.22 28.19 -37.06
C LYS A 355 8.50 29.08 -38.06
N GLY A 356 9.23 29.80 -38.92
CA GLY A 356 8.59 30.67 -39.91
C GLY A 356 8.02 31.95 -39.34
N THR A 357 8.50 32.35 -38.18
CA THR A 357 8.00 33.56 -37.51
C THR A 357 8.82 34.76 -37.96
N ASP A 358 8.34 35.95 -37.61
CA ASP A 358 8.86 37.19 -38.17
C ASP A 358 10.08 37.55 -37.35
N VAL A 359 11.16 37.92 -38.00
CA VAL A 359 12.29 38.37 -37.20
C VAL A 359 12.37 39.88 -37.25
N ASP A 360 11.90 40.49 -38.31
CA ASP A 360 12.01 41.93 -38.43
C ASP A 360 10.66 42.59 -38.06
N GLN A 361 10.72 43.86 -37.68
CA GLN A 361 9.51 44.65 -37.45
C GLN A 361 8.99 45.13 -38.82
N PRO A 362 7.74 45.56 -38.86
CA PRO A 362 7.20 46.32 -39.99
C PRO A 362 7.88 47.67 -40.24
N ALA B 5 1.19 11.19 11.59
CA ALA B 5 0.86 10.44 10.33
C ALA B 5 -0.65 10.45 9.94
N SER B 6 -1.49 11.17 10.67
CA SER B 6 -2.93 11.12 10.37
C SER B 6 -3.31 12.09 9.26
N LYS B 7 -4.01 11.55 8.27
CA LYS B 7 -4.76 12.32 7.30
C LYS B 7 -6.00 13.07 7.89
N ASP B 8 -6.38 12.77 9.14
CA ASP B 8 -7.47 13.50 9.83
C ASP B 8 -8.79 13.40 9.06
N GLY B 9 -8.96 12.33 8.27
CA GLY B 9 -10.16 12.16 7.49
C GLY B 9 -10.12 12.72 6.09
N TYR B 10 -9.11 13.55 5.78
CA TYR B 10 -8.99 14.12 4.42
C TYR B 10 -8.46 13.05 3.49
N LYS B 11 -8.77 13.18 2.22
CA LYS B 11 -8.31 12.23 1.21
C LYS B 11 -6.78 12.20 0.97
N HIS B 12 -6.10 13.33 1.17
CA HIS B 12 -4.65 13.43 1.08
C HIS B 12 -4.07 14.38 2.09
N TYR B 13 -2.83 14.15 2.47
CA TYR B 13 -2.16 15.06 3.37
C TYR B 13 -2.21 16.48 2.86
N LEU B 15 -4.48 18.01 1.07
CA LEU B 15 -5.79 18.63 1.20
C LEU B 15 -5.99 19.02 2.63
N LYS B 16 -5.61 18.11 3.51
CA LYS B 16 -5.61 18.35 4.93
C LYS B 16 -4.85 19.62 5.32
N GLU B 17 -3.64 19.74 4.78
CA GLU B 17 -2.79 20.86 5.10
C GLU B 17 -3.36 22.16 4.59
N ILE B 18 -4.01 22.12 3.44
CA ILE B 18 -4.71 23.29 2.95
C ILE B 18 -5.77 23.69 3.95
N TYR B 19 -6.41 22.71 4.57
CA TYR B 19 -7.57 22.97 5.41
C TYR B 19 -7.15 23.29 6.83
N GLU B 20 -5.88 23.08 7.16
CA GLU B 20 -5.35 23.47 8.48
C GLU B 20 -5.01 24.93 8.46
N GLN B 21 -5.18 25.58 7.34
CA GLN B 21 -4.61 26.92 7.24
C GLN B 21 -5.25 27.96 8.17
N PRO B 22 -6.58 27.88 8.37
CA PRO B 22 -7.18 28.77 9.34
C PRO B 22 -6.54 28.61 10.72
N GLU B 23 -6.33 27.37 11.19
CA GLU B 23 -5.72 27.12 12.50
C GLU B 23 -4.26 27.67 12.54
N ALA B 24 -3.48 27.27 11.56
CA ALA B 24 -2.10 27.66 11.52
C ALA B 24 -1.94 29.19 11.51
N VAL B 25 -2.71 29.87 10.69
CA VAL B 25 -2.62 31.30 10.70
C VAL B 25 -2.85 31.89 12.08
N SER B 26 -3.96 31.51 12.67
CA SER B 26 -4.35 32.04 13.96
C SER B 26 -3.38 31.64 15.08
N ASN B 27 -2.80 30.47 14.99
CA ASN B 27 -1.80 30.05 15.99
C ASN B 27 -0.53 30.92 15.81
N THR B 28 -0.18 31.24 14.56
CA THR B 28 1.01 32.05 14.31
C THR B 28 0.81 33.47 14.85
N ILE B 29 -0.37 34.05 14.67
CA ILE B 29 -0.62 35.38 15.20
C ILE B 29 -0.56 35.38 16.72
N LEU B 30 -1.21 34.38 17.31
CA LEU B 30 -1.35 34.19 18.75
C LEU B 30 -0.01 34.27 19.45
N ALA B 31 0.92 33.45 18.98
CA ALA B 31 2.23 33.37 19.56
C ALA B 31 2.98 34.69 19.52
N SER B 32 2.51 35.68 18.74
CA SER B 32 3.14 37.01 18.70
C SER B 32 2.30 38.15 19.30
N LEU B 33 1.14 37.82 19.87
CA LEU B 33 0.26 38.76 20.51
C LEU B 33 0.46 38.79 22.01
N ALA B 34 0.10 39.90 22.63
CA ALA B 34 0.08 39.98 24.09
C ALA B 34 -1.18 40.72 24.48
N ASP B 35 -2.24 39.95 24.72
CA ASP B 35 -3.58 40.48 24.99
C ASP B 35 -4.19 40.98 23.69
N GLY B 36 -4.01 40.20 22.63
CA GLY B 36 -4.57 40.56 21.33
C GLY B 36 -3.92 41.76 20.65
N GLU B 37 -2.73 42.13 21.10
CA GLU B 37 -2.11 43.36 20.67
C GLU B 37 -0.68 43.10 20.30
N ILE B 38 -0.20 43.86 19.35
CA ILE B 38 1.19 43.86 18.97
C ILE B 38 1.97 44.61 20.03
N SER B 39 2.76 43.85 20.80
CA SER B 39 3.74 44.43 21.75
C SER B 39 5.12 43.83 21.50
N LEU B 40 6.13 44.50 22.05
CA LEU B 40 7.52 44.13 21.73
C LEU B 40 8.11 43.11 22.73
N ASP B 41 7.39 42.94 23.82
CA ASP B 41 7.84 42.11 24.91
C ASP B 41 7.61 40.65 24.50
N SER B 42 7.04 40.45 23.32
CA SER B 42 6.54 39.16 22.85
C SER B 42 7.43 38.56 21.76
N ALA B 47 16.79 42.37 21.08
CA ALA B 47 15.79 42.31 19.99
C ALA B 47 15.16 43.64 19.63
N LYS B 48 14.34 44.23 20.50
CA LYS B 48 13.98 45.67 20.29
C LYS B 48 15.26 46.49 20.05
N GLU B 49 16.37 45.97 20.55
CA GLU B 49 17.67 46.58 20.36
C GLU B 49 18.13 46.58 18.88
N LEU B 50 18.13 45.41 18.22
CA LEU B 50 18.39 45.34 16.78
C LEU B 50 17.44 46.19 15.95
N PHE B 51 16.15 46.02 16.15
CA PHE B 51 15.19 46.70 15.29
C PHE B 51 15.44 48.20 15.37
N GLU B 52 15.79 48.70 16.54
CA GLU B 52 16.17 50.12 16.66
C GLU B 52 17.34 50.50 15.70
N LYS B 53 18.34 49.62 15.61
CA LYS B 53 19.53 49.80 14.76
C LYS B 53 19.31 49.44 13.29
N THR B 54 18.19 48.80 12.96
CA THR B 54 17.93 48.33 11.60
C THR B 54 17.58 49.50 10.69
N LYS B 55 18.36 49.71 9.62
CA LYS B 55 18.05 50.77 8.61
C LYS B 55 17.68 50.22 7.26
N HIS B 56 17.86 48.93 7.07
CA HIS B 56 17.57 48.31 5.81
C HIS B 56 17.37 46.86 6.15
N ILE B 57 16.52 46.19 5.39
CA ILE B 57 16.20 44.79 5.66
C ILE B 57 16.56 43.96 4.43
N CYS B 58 17.32 42.90 4.64
CA CYS B 58 17.80 42.04 3.57
C CYS B 58 17.21 40.67 3.73
N ILE B 59 16.23 40.32 2.91
CA ILE B 59 15.58 39.03 3.07
C ILE B 59 16.18 38.04 2.13
N VAL B 60 16.62 36.90 2.65
CA VAL B 60 17.27 35.82 1.91
C VAL B 60 16.56 34.51 2.12
N ALA B 61 16.20 33.86 1.02
CA ALA B 61 15.43 32.62 1.11
C ALA B 61 15.38 31.88 -0.23
N CYS B 62 14.82 30.67 -0.25
CA CYS B 62 14.47 30.13 -1.57
C CYS B 62 13.13 29.49 -1.79
N GLY B 63 12.81 29.23 -3.05
CA GLY B 63 11.48 28.75 -3.49
C GLY B 63 10.33 29.55 -2.89
N THR B 64 9.43 28.85 -2.25
CA THR B 64 8.24 29.42 -1.63
C THR B 64 8.55 30.46 -0.60
N SER B 65 9.54 30.22 0.25
CA SER B 65 9.91 31.21 1.24
C SER B 65 10.39 32.49 0.59
N TYR B 66 11.10 32.37 -0.54
CA TYR B 66 11.51 33.54 -1.32
C TYR B 66 10.29 34.32 -1.87
N ASN B 67 9.25 33.62 -2.30
CA ASN B 67 8.04 34.30 -2.77
C ASN B 67 7.33 34.98 -1.59
N ALA B 68 7.43 34.42 -0.39
CA ALA B 68 6.90 35.11 0.76
C ALA B 68 7.67 36.40 1.07
N GLY B 69 8.97 36.29 0.94
CA GLY B 69 9.82 37.48 1.10
C GLY B 69 9.49 38.60 0.14
N THR B 71 6.66 39.23 -1.25
CA THR B 71 5.41 39.86 -0.88
C THR B 71 5.65 40.81 0.28
N ALA B 72 6.37 40.35 1.28
CA ALA B 72 6.64 41.14 2.49
C ALA B 72 7.32 42.45 2.18
N LYS B 73 8.13 42.46 1.14
CA LYS B 73 8.84 43.68 0.78
C LYS B 73 7.90 44.85 0.54
N TYR B 74 6.78 44.60 -0.15
CA TYR B 74 5.79 45.63 -0.40
C TYR B 74 5.29 46.21 0.91
N TRP B 75 4.98 45.32 1.86
CA TRP B 75 4.51 45.69 3.19
C TRP B 75 5.54 46.51 3.97
N ILE B 76 6.75 45.99 4.01
CA ILE B 76 7.77 46.62 4.83
C ILE B 76 8.07 48.05 4.37
N GLU B 77 8.19 48.24 3.07
CA GLU B 77 8.49 49.55 2.57
C GLU B 77 7.33 50.50 2.70
N LYS B 78 6.11 50.04 2.49
CA LYS B 78 4.96 50.88 2.50
C LYS B 78 4.53 51.24 3.90
N TYR B 79 4.47 50.23 4.77
CA TYR B 79 3.95 50.41 6.11
C TYR B 79 5.05 50.72 7.14
N ALA B 80 6.12 49.95 7.17
CA ALA B 80 7.21 50.23 8.11
C ALA B 80 8.12 51.36 7.61
N LYS B 81 8.03 51.61 6.32
CA LYS B 81 8.95 52.56 5.64
C LYS B 81 10.42 52.29 5.89
N VAL B 82 10.80 51.03 5.76
CA VAL B 82 12.20 50.66 5.84
C VAL B 82 12.55 50.00 4.52
N PRO B 83 13.68 50.40 3.94
CA PRO B 83 14.05 49.82 2.67
C PRO B 83 14.41 48.37 2.86
N CYS B 84 14.06 47.60 1.85
CA CYS B 84 14.05 46.16 1.95
C CYS B 84 14.50 45.62 0.62
N SER B 85 15.38 44.63 0.62
CA SER B 85 15.68 43.86 -0.60
C SER B 85 15.50 42.37 -0.34
N VAL B 86 15.12 41.63 -1.36
CA VAL B 86 14.95 40.21 -1.26
C VAL B 86 15.85 39.50 -2.23
N GLU B 87 16.57 38.49 -1.80
CA GLU B 87 17.44 37.81 -2.74
C GLU B 87 17.39 36.31 -2.60
N ILE B 88 17.50 35.62 -3.72
CA ILE B 88 17.51 34.17 -3.72
C ILE B 88 18.81 33.66 -3.09
N ALA B 89 18.69 32.79 -2.12
CA ALA B 89 19.85 32.31 -1.31
C ALA B 89 20.96 31.68 -2.11
N SER B 90 20.68 30.90 -3.14
CA SER B 90 21.76 30.26 -3.91
C SER B 90 22.56 31.25 -4.74
N GLU B 91 22.02 32.44 -4.99
CA GLU B 91 22.75 33.50 -5.70
C GLU B 91 23.51 34.36 -4.72
N ILE B 92 22.86 34.83 -3.64
CA ILE B 92 23.53 35.75 -2.73
C ILE B 92 24.64 35.03 -2.03
N ARG B 93 24.53 33.72 -1.93
CA ARG B 93 25.54 32.97 -1.22
C ARG B 93 26.94 33.11 -1.87
N TYR B 94 26.97 33.05 -3.20
CA TYR B 94 28.23 33.03 -3.92
C TYR B 94 28.57 34.36 -4.57
N ARG B 95 27.77 35.40 -4.31
CA ARG B 95 27.96 36.68 -4.94
C ARG B 95 28.81 37.56 -4.05
N ASP B 96 29.64 38.39 -4.65
CA ASP B 96 30.41 39.39 -3.93
C ASP B 96 29.56 40.64 -3.64
N ASN B 97 28.73 40.60 -2.59
CA ASN B 97 27.68 41.60 -2.36
C ASN B 97 28.16 42.66 -1.43
N VAL B 98 27.46 43.79 -1.39
CA VAL B 98 27.78 44.87 -0.47
C VAL B 98 26.64 45.02 0.50
N VAL B 99 26.94 45.15 1.77
CA VAL B 99 25.89 45.25 2.80
C VAL B 99 25.75 46.70 3.25
N VAL B 100 24.59 47.31 2.98
CA VAL B 100 24.25 48.66 3.50
C VAL B 100 24.49 48.71 5.04
N ASP B 101 24.74 49.91 5.57
CA ASP B 101 24.90 50.08 7.03
C ASP B 101 23.54 49.85 7.69
N GLY B 102 23.53 49.16 8.83
CA GLY B 102 22.31 48.88 9.56
C GLY B 102 21.40 47.77 9.03
N SER B 103 21.96 46.92 8.18
CA SER B 103 21.16 45.90 7.53
C SER B 103 20.91 44.78 8.47
N LEU B 104 19.64 44.38 8.50
CA LEU B 104 19.24 43.20 9.19
C LEU B 104 19.12 42.04 8.19
N PHE B 105 19.85 40.96 8.46
CA PHE B 105 19.76 39.77 7.67
C PHE B 105 18.56 38.96 8.13
N VAL B 106 17.56 38.78 7.26
CA VAL B 106 16.41 38.01 7.59
C VAL B 106 16.33 36.82 6.70
N SER B 107 16.38 35.63 7.27
CA SER B 107 16.12 34.41 6.55
C SER B 107 14.74 33.87 6.81
N ILE B 108 14.29 33.11 5.83
CA ILE B 108 12.99 32.50 5.89
C ILE B 108 13.16 31.07 5.47
N SER B 109 12.63 30.16 6.28
CA SER B 109 12.79 28.76 6.01
C SER B 109 11.88 27.95 6.91
N GLN B 110 11.22 26.94 6.35
CA GLN B 110 10.32 26.10 7.14
C GLN B 110 11.18 25.19 8.05
N SER B 111 12.08 24.42 7.45
CA SER B 111 12.89 23.49 8.20
C SER B 111 13.93 24.13 9.09
N GLY B 112 14.43 25.29 8.73
CA GLY B 112 15.63 25.83 9.39
C GLY B 112 16.93 25.10 9.04
N GLU B 113 16.90 24.28 8.01
CA GLU B 113 18.11 23.57 7.58
C GLU B 113 18.47 23.82 6.10
N THR B 114 17.69 24.62 5.38
CA THR B 114 17.91 24.84 3.94
C THR B 114 19.38 25.25 3.70
N ALA B 115 20.18 24.40 3.08
CA ALA B 115 21.62 24.67 2.91
C ALA B 115 21.89 26.10 2.41
N ASP B 116 21.34 26.50 1.28
CA ASP B 116 21.76 27.81 0.75
C ASP B 116 21.46 28.94 1.72
N THR B 117 20.30 28.85 2.34
CA THR B 117 19.88 29.87 3.26
C THR B 117 20.73 29.83 4.53
N LEU B 118 20.95 28.63 5.03
CA LEU B 118 21.81 28.48 6.20
C LEU B 118 23.21 29.04 5.97
N GLU B 119 23.82 28.70 4.83
CA GLU B 119 25.15 29.20 4.52
C GLU B 119 25.17 30.69 4.28
N SER B 120 24.10 31.23 3.71
CA SER B 120 24.01 32.69 3.58
C SER B 120 24.05 33.35 4.95
N LEU B 121 23.34 32.79 5.92
CA LEU B 121 23.41 33.32 7.30
C LEU B 121 24.83 33.24 7.86
N ARG B 122 25.48 32.11 7.71
CA ARG B 122 26.87 31.99 8.19
C ARG B 122 27.80 32.98 7.47
N LYS B 123 27.65 33.10 6.17
CA LYS B 123 28.43 34.10 5.46
C LYS B 123 28.19 35.50 6.03
N SER B 124 26.94 35.78 6.37
CA SER B 124 26.58 37.11 6.82
C SER B 124 27.23 37.55 8.12
N LYS B 125 27.64 36.59 8.95
CA LYS B 125 28.30 36.89 10.23
C LYS B 125 29.65 37.62 10.04
N LYS B 126 30.29 37.35 8.92
CA LYS B 126 31.54 38.03 8.56
C LYS B 126 31.28 39.34 7.80
N GLN B 127 30.07 39.89 7.85
CA GLN B 127 29.75 41.08 7.06
C GLN B 127 29.06 42.08 7.92
N ASN B 128 28.72 43.21 7.33
CA ASN B 128 28.35 44.40 8.05
C ASN B 128 26.88 44.48 8.50
N TYR B 129 26.23 43.34 8.71
CA TYR B 129 24.85 43.31 9.20
C TYR B 129 24.82 43.61 10.71
N VAL B 130 23.81 44.38 11.16
CA VAL B 130 23.57 44.58 12.62
C VAL B 130 23.22 43.31 13.36
N GLY B 131 22.65 42.34 12.66
CA GLY B 131 22.38 41.03 13.25
C GLY B 131 21.42 40.28 12.35
N SER B 132 20.96 39.12 12.83
CA SER B 132 20.09 38.29 12.03
C SER B 132 18.72 38.04 12.66
N CYS B 134 15.52 34.93 11.97
CA CYS B 134 14.91 33.85 11.25
C CYS B 134 13.40 33.96 11.24
N ILE B 135 12.76 33.47 10.19
CA ILE B 135 11.34 33.23 10.22
C ILE B 135 11.20 31.76 9.97
N CYS B 136 11.08 30.95 11.00
CA CYS B 136 11.27 29.50 10.86
C CYS B 136 10.19 28.70 11.58
N ASN B 137 10.08 27.44 11.23
CA ASN B 137 9.00 26.61 11.71
C ASN B 137 9.43 25.49 12.64
N VAL B 138 10.72 25.20 12.67
CA VAL B 138 11.28 24.13 13.48
C VAL B 138 12.18 24.75 14.55
N PRO B 139 11.69 24.84 15.80
CA PRO B 139 12.60 25.31 16.83
C PRO B 139 13.74 24.32 16.98
N ASN B 140 14.88 24.77 17.47
CA ASN B 140 16.04 23.87 17.48
C ASN B 140 16.47 23.44 16.05
N SER B 141 16.51 24.42 15.16
CA SER B 141 17.08 24.24 13.84
C SER B 141 18.34 25.08 13.80
N SER B 142 19.23 24.74 12.90
CA SER B 142 20.46 25.52 12.75
C SER B 142 20.11 27.01 12.57
N LEU B 143 19.08 27.31 11.79
CA LEU B 143 18.81 28.74 11.51
C LEU B 143 18.32 29.45 12.75
N VAL B 144 17.47 28.77 13.54
CA VAL B 144 17.04 29.33 14.83
C VAL B 144 18.24 29.46 15.76
N ARG B 145 18.98 28.37 15.89
CA ARG B 145 20.11 28.40 16.77
C ARG B 145 21.03 29.54 16.36
N GLU B 146 21.37 29.67 15.08
CA GLU B 146 22.41 30.62 14.69
C GLU B 146 21.95 32.09 14.50
N SER B 147 20.63 32.34 14.46
CA SER B 147 20.14 33.73 14.34
C SER B 147 20.03 34.40 15.70
N ASP B 148 20.08 35.73 15.71
CA ASP B 148 19.90 36.49 16.95
C ASP B 148 18.46 36.44 17.47
N ILE B 149 17.47 36.67 16.59
CA ILE B 149 16.05 36.57 16.94
C ILE B 149 15.35 35.57 16.06
N ALA B 150 14.36 34.89 16.61
CA ALA B 150 13.57 33.97 15.82
C ALA B 150 12.14 34.35 16.01
N PHE B 151 11.42 34.23 14.91
CA PHE B 151 10.03 34.54 14.82
C PHE B 151 9.46 33.25 14.30
N THR B 153 6.84 30.57 12.99
CA THR B 153 5.57 30.20 12.41
C THR B 153 5.07 28.96 13.15
N LYS B 154 3.77 28.70 13.07
CA LYS B 154 3.14 27.57 13.77
C LYS B 154 2.43 26.76 12.72
N ALA B 155 3.21 26.22 11.82
CA ALA B 155 2.70 25.57 10.65
C ALA B 155 2.59 24.07 10.89
N GLY B 156 3.16 23.58 11.98
CA GLY B 156 3.24 22.15 12.18
C GLY B 156 4.05 21.47 11.09
N VAL B 157 3.62 20.30 10.67
CA VAL B 157 4.42 19.47 9.82
C VAL B 157 3.70 19.30 8.49
N GLU B 158 4.47 19.33 7.40
CA GLU B 158 3.97 19.17 6.05
C GLU B 158 4.51 17.88 5.43
N ILE B 159 3.62 17.17 4.75
CA ILE B 159 3.90 15.92 4.02
C ILE B 159 3.40 16.00 2.56
N GLY B 160 2.55 16.97 2.25
CA GLY B 160 2.26 17.30 0.86
C GLY B 160 3.51 17.69 0.08
N VAL B 161 3.45 17.46 -1.23
CA VAL B 161 4.56 17.75 -2.10
C VAL B 161 4.78 19.23 -2.13
N ALA B 162 3.68 19.98 -2.25
CA ALA B 162 3.76 21.42 -2.34
C ALA B 162 3.57 22.00 -0.95
N SER B 163 4.30 23.05 -0.65
CA SER B 163 4.13 23.72 0.60
C SER B 163 2.85 24.58 0.53
N THR B 164 2.00 24.45 1.56
CA THR B 164 0.79 25.21 1.66
C THR B 164 0.83 26.04 2.94
N LYS B 165 0.75 25.40 4.10
CA LYS B 165 0.67 26.19 5.30
C LYS B 165 1.99 26.82 5.71
N ALA B 166 3.11 26.34 5.19
CA ALA B 166 4.39 27.00 5.44
C ALA B 166 4.35 28.41 4.84
N PHE B 167 3.73 28.53 3.67
CA PHE B 167 3.75 29.77 2.93
C PHE B 167 2.82 30.80 3.57
N THR B 168 1.59 30.40 3.89
CA THR B 168 0.66 31.35 4.47
C THR B 168 1.11 31.81 5.84
N THR B 169 1.64 30.91 6.67
CA THR B 169 2.09 31.30 7.99
C THR B 169 3.33 32.18 7.92
N GLN B 170 4.16 31.97 6.91
CA GLN B 170 5.32 32.84 6.70
C GLN B 170 4.88 34.25 6.34
N LEU B 171 3.94 34.38 5.42
CA LEU B 171 3.33 35.68 5.19
C LEU B 171 2.80 36.35 6.45
N VAL B 172 2.09 35.61 7.27
CA VAL B 172 1.49 36.20 8.47
C VAL B 172 2.57 36.64 9.45
N ALA B 173 3.60 35.80 9.66
CA ALA B 173 4.72 36.21 10.50
C ALA B 173 5.41 37.49 9.98
N LEU B 174 5.55 37.61 8.67
CA LEU B 174 6.14 38.80 8.05
C LEU B 174 5.25 40.06 8.17
N ALA B 175 3.93 39.87 8.15
CA ALA B 175 3.00 40.97 8.43
C ALA B 175 3.18 41.46 9.86
N ILE B 176 3.29 40.51 10.79
CA ILE B 176 3.47 40.83 12.19
C ILE B 176 4.79 41.55 12.38
N PHE B 177 5.84 41.00 11.83
CA PHE B 177 7.11 41.67 11.83
C PHE B 177 7.05 43.11 11.32
N THR B 178 6.30 43.32 10.25
CA THR B 178 6.22 44.64 9.64
C THR B 178 5.65 45.59 10.66
N LEU B 179 4.58 45.17 11.37
CA LEU B 179 3.90 46.04 12.31
C LEU B 179 4.72 46.30 13.55
N VAL B 180 5.45 45.29 14.02
CA VAL B 180 6.36 45.48 15.12
C VAL B 180 7.41 46.52 14.74
N ILE B 181 8.02 46.36 13.59
CA ILE B 181 9.05 47.29 13.21
C ILE B 181 8.45 48.70 13.00
N ALA B 182 7.23 48.75 12.47
CA ALA B 182 6.53 49.99 12.25
C ALA B 182 6.21 50.80 13.51
N LYS B 183 5.74 50.09 14.53
CA LYS B 183 5.53 50.68 15.82
C LYS B 183 6.76 51.19 16.45
N LEU B 184 7.79 50.38 16.44
CA LEU B 184 9.02 50.70 17.08
C LEU B 184 9.66 51.92 16.42
N LYS B 185 9.57 52.00 15.08
CA LYS B 185 10.09 53.13 14.31
C LYS B 185 9.11 54.28 14.20
N ASN B 186 7.91 54.10 14.73
CA ASN B 186 6.92 55.17 14.66
C ASN B 186 6.45 55.52 13.23
N SER B 187 6.50 54.54 12.34
CA SER B 187 6.05 54.68 10.96
C SER B 187 4.52 54.71 10.85
N LEU B 188 3.84 54.13 11.80
CA LEU B 188 2.38 54.20 11.81
C LEU B 188 1.89 54.65 13.14
N THR B 189 0.70 55.24 13.20
CA THR B 189 0.08 55.60 14.50
C THR B 189 -0.44 54.37 15.21
N ASP B 190 -0.67 54.51 16.52
CA ASP B 190 -1.10 53.40 17.37
C ASP B 190 -2.44 52.93 16.81
N GLN B 191 -3.23 53.87 16.33
CA GLN B 191 -4.51 53.54 15.74
C GLN B 191 -4.36 52.80 14.41
N GLN B 192 -3.38 53.17 13.60
CA GLN B 192 -3.13 52.36 12.43
C GLN B 192 -2.59 50.97 12.79
N ILE B 193 -1.70 50.83 13.79
CA ILE B 193 -1.25 49.52 14.21
C ILE B 193 -2.46 48.69 14.64
N ALA B 194 -3.38 49.29 15.42
CA ALA B 194 -4.58 48.58 15.90
C ALA B 194 -5.39 48.10 14.72
N LYS B 195 -5.58 48.97 13.74
CA LYS B 195 -6.40 48.58 12.58
C LYS B 195 -5.80 47.48 11.72
N TYR B 196 -4.49 47.52 11.52
CA TYR B 196 -3.88 46.44 10.72
C TYR B 196 -3.77 45.17 11.54
N THR B 197 -3.65 45.29 12.86
CA THR B 197 -3.65 44.12 13.69
C THR B 197 -5.00 43.38 13.53
N GLU B 198 -6.10 44.15 13.56
CA GLU B 198 -7.42 43.56 13.41
C GLU B 198 -7.53 42.92 12.08
N GLU B 199 -6.89 43.51 11.08
CA GLU B 199 -6.92 42.95 9.75
C GLU B 199 -6.31 41.55 9.70
N LEU B 200 -5.21 41.35 10.41
CA LEU B 200 -4.54 40.05 10.40
C LEU B 200 -5.44 39.06 11.11
N LYS B 201 -6.07 39.50 12.19
CA LYS B 201 -6.91 38.59 12.94
C LYS B 201 -8.10 38.15 12.12
N ASN B 202 -8.56 38.99 11.22
CA ASN B 202 -9.68 38.67 10.39
C ASN B 202 -9.36 37.62 9.34
N ILE B 203 -8.09 37.38 9.11
CA ILE B 203 -7.69 36.45 8.06
C ILE B 203 -8.35 35.06 8.23
N ARG B 204 -8.48 34.62 9.47
CA ARG B 204 -8.94 33.26 9.68
C ARG B 204 -10.29 32.97 9.00
N ALA B 205 -11.24 33.88 9.21
CA ALA B 205 -12.55 33.73 8.60
C ALA B 205 -12.49 33.94 7.12
N LEU B 206 -11.61 34.81 6.63
CA LEU B 206 -11.58 35.04 5.21
C LEU B 206 -11.03 33.79 4.51
N VAL B 207 -10.07 33.15 5.16
CA VAL B 207 -9.47 31.96 4.62
C VAL B 207 -10.49 30.82 4.64
N GLY B 209 -13.77 31.28 4.30
CA GLY B 209 -14.63 31.63 3.15
C GLY B 209 -14.05 31.16 1.83
N ALA B 210 -12.72 31.29 1.71
CA ALA B 210 -12.03 30.84 0.51
C ALA B 210 -12.07 29.32 0.38
N LEU B 211 -11.85 28.61 1.45
CA LEU B 211 -11.94 27.14 1.37
C LEU B 211 -13.30 26.65 0.84
N LYS B 212 -14.34 27.47 0.95
CA LYS B 212 -15.66 27.06 0.42
C LYS B 212 -15.69 26.92 -1.09
N LEU B 213 -14.72 27.51 -1.78
CA LEU B 213 -14.69 27.43 -3.23
C LEU B 213 -14.16 26.09 -3.68
N ASP B 214 -13.71 25.25 -2.76
CA ASP B 214 -13.11 23.95 -3.13
C ASP B 214 -13.88 23.24 -4.26
N THR B 215 -15.18 23.07 -4.09
CA THR B 215 -15.98 22.36 -5.11
C THR B 215 -16.03 23.02 -6.47
N GLU B 216 -16.21 24.33 -6.49
CA GLU B 216 -16.20 25.10 -7.74
C GLU B 216 -14.87 24.99 -8.50
N ILE B 217 -13.78 24.98 -7.74
CA ILE B 217 -12.46 24.93 -8.30
C ILE B 217 -12.21 23.56 -8.88
N ASP B 218 -12.81 22.56 -8.26
CA ASP B 218 -12.79 21.21 -8.79
C ASP B 218 -13.44 21.16 -10.17
N GLN B 219 -14.57 21.84 -10.34
CA GLN B 219 -15.21 21.88 -11.65
C GLN B 219 -14.31 22.57 -12.67
N ILE B 220 -13.76 23.72 -12.29
CA ILE B 220 -12.86 24.47 -13.15
C ILE B 220 -11.58 23.73 -13.59
N SER B 221 -11.03 22.92 -12.71
CA SER B 221 -9.74 22.33 -12.95
C SER B 221 -9.83 21.38 -14.14
N GLU B 222 -11.06 21.09 -14.53
CA GLU B 222 -11.40 20.17 -15.62
C GLU B 222 -10.77 20.70 -16.89
N TYR B 223 -10.79 22.01 -17.03
CA TYR B 223 -10.18 22.71 -18.13
C TYR B 223 -8.69 22.37 -18.36
N PHE B 224 -7.94 22.16 -17.29
CA PHE B 224 -6.50 21.95 -17.41
C PHE B 224 -6.05 20.55 -17.84
N SER B 225 -6.98 19.64 -18.11
CA SER B 225 -6.60 18.22 -18.31
C SER B 225 -5.67 17.99 -19.50
N ASP B 226 -5.90 18.71 -20.59
CA ASP B 226 -5.07 18.57 -21.77
C ASP B 226 -4.08 19.73 -21.95
N LYS B 227 -3.92 20.59 -20.95
CA LYS B 227 -3.00 21.75 -21.04
C LYS B 227 -1.61 21.51 -20.50
N GLU B 228 -0.63 21.99 -21.25
CA GLU B 228 0.79 21.90 -20.91
C GLU B 228 1.38 23.25 -20.51
N HIS B 229 0.60 24.31 -20.66
CA HIS B 229 1.03 25.64 -20.29
C HIS B 229 -0.05 26.31 -19.44
N THR B 230 0.36 27.22 -18.54
CA THR B 230 -0.55 28.20 -17.99
C THR B 230 0.20 29.46 -17.61
N ILE B 231 -0.43 30.63 -17.79
CA ILE B 231 0.13 31.89 -17.34
C ILE B 231 -0.57 32.43 -16.14
N PHE B 232 0.19 32.84 -15.12
CA PHE B 232 -0.38 33.47 -13.94
C PHE B 232 -0.08 34.98 -13.96
N LEU B 233 -1.05 35.80 -13.55
CA LEU B 233 -0.87 37.26 -13.58
C LEU B 233 -1.23 37.87 -12.26
N GLY B 234 -0.42 38.85 -11.85
CA GLY B 234 -0.69 39.66 -10.67
C GLY B 234 0.13 40.92 -10.75
N ARG B 235 -0.23 41.92 -9.98
CA ARG B 235 0.47 43.18 -9.93
C ARG B 235 0.69 43.50 -8.48
N GLY B 236 1.75 44.26 -8.21
CA GLY B 236 2.07 44.73 -6.87
C GLY B 236 2.26 43.55 -5.96
N LEU B 237 1.76 43.66 -4.75
CA LEU B 237 1.68 42.56 -3.82
C LEU B 237 1.33 41.24 -4.48
N TYR B 238 0.49 41.27 -5.53
CA TYR B 238 -0.14 40.03 -5.99
C TYR B 238 0.66 39.37 -7.06
N TYR B 239 1.71 40.05 -7.47
CA TYR B 239 2.64 39.42 -8.38
C TYR B 239 3.37 38.20 -7.74
N PRO B 240 4.00 38.37 -6.56
CA PRO B 240 4.60 37.24 -5.94
C PRO B 240 3.56 36.16 -5.56
N ILE B 241 2.33 36.54 -5.23
CA ILE B 241 1.27 35.56 -5.02
C ILE B 241 1.02 34.79 -6.34
N ALA B 242 1.07 35.49 -7.48
CA ALA B 242 0.92 34.77 -8.77
C ALA B 242 2.08 33.83 -8.98
N ILE B 243 3.27 34.24 -8.56
CA ILE B 243 4.44 33.40 -8.73
C ILE B 243 4.30 32.15 -7.89
N GLU B 244 3.79 32.31 -6.69
CA GLU B 244 3.54 31.17 -5.82
C GLU B 244 2.54 30.20 -6.38
N GLY B 245 1.47 30.73 -6.94
CA GLY B 245 0.48 29.90 -7.60
C GLY B 245 1.10 29.07 -8.70
N ALA B 246 1.87 29.74 -9.55
CA ALA B 246 2.57 29.09 -10.65
C ALA B 246 3.49 27.97 -10.13
N LEU B 247 4.18 28.26 -9.02
CA LEU B 247 5.13 27.30 -8.45
C LEU B 247 4.40 26.04 -8.02
N LYS B 248 3.24 26.18 -7.37
CA LYS B 248 2.48 25.02 -6.95
C LYS B 248 1.99 24.22 -8.16
N LEU B 249 1.41 24.88 -9.15
CA LEU B 249 0.84 24.17 -10.26
C LEU B 249 1.93 23.37 -10.99
N LYS B 250 3.05 24.01 -11.22
CA LYS B 250 4.19 23.36 -11.84
C LYS B 250 4.71 22.15 -11.02
N GLU B 251 4.84 22.35 -9.72
CA GLU B 251 5.50 21.39 -8.87
C GLU B 251 4.70 20.09 -8.74
N ILE B 252 3.38 20.17 -8.81
CA ILE B 252 2.57 18.94 -8.58
C ILE B 252 1.81 18.46 -9.79
N SER B 253 1.42 19.35 -10.70
CA SER B 253 0.73 18.92 -11.92
C SER B 253 1.69 18.78 -13.09
N TYR B 254 2.89 19.31 -12.92
CA TYR B 254 3.90 19.35 -13.99
C TYR B 254 3.47 20.16 -15.23
N ILE B 255 2.42 20.98 -15.15
CA ILE B 255 2.14 21.98 -16.19
C ILE B 255 3.22 23.06 -16.22
N HIS B 256 3.53 23.57 -17.40
CA HIS B 256 4.49 24.64 -17.50
C HIS B 256 3.79 25.95 -17.19
N ALA B 257 3.70 26.24 -15.90
CA ALA B 257 3.02 27.41 -15.39
C ALA B 257 4.05 28.49 -15.16
N GLU B 258 3.74 29.71 -15.57
CA GLU B 258 4.66 30.80 -15.34
C GLU B 258 3.91 32.03 -14.96
N ALA B 259 4.45 32.80 -14.02
CA ALA B 259 3.85 34.04 -13.60
C ALA B 259 4.56 35.25 -14.22
N TYR B 260 3.78 36.27 -14.56
CA TYR B 260 4.27 37.52 -15.05
C TYR B 260 3.61 38.67 -14.32
N PRO B 261 4.33 39.78 -14.15
CA PRO B 261 3.76 40.97 -13.62
C PRO B 261 2.85 41.52 -14.70
N SER B 262 1.60 41.79 -14.38
CA SER B 262 0.63 42.16 -15.43
C SER B 262 1.05 43.31 -16.29
N GLY B 263 1.81 44.27 -15.73
CA GLY B 263 2.39 45.38 -16.49
C GLY B 263 3.42 45.03 -17.57
N GLU B 264 3.86 43.79 -17.64
CA GLU B 264 4.97 43.44 -18.51
C GLU B 264 4.61 42.34 -19.50
N LEU B 265 3.34 42.19 -19.79
CA LEU B 265 2.92 41.38 -20.91
C LEU B 265 3.50 41.94 -22.19
N LYS B 266 3.69 43.28 -22.21
CA LYS B 266 4.02 44.07 -23.40
C LYS B 266 5.42 43.76 -23.90
N HIS B 267 5.77 42.48 -23.86
CA HIS B 267 7.02 41.92 -24.35
C HIS B 267 6.61 40.58 -24.98
N GLY B 268 7.35 39.52 -24.66
CA GLY B 268 7.05 38.20 -25.17
C GLY B 268 5.81 37.57 -24.57
N PRO B 269 5.63 37.68 -23.25
CA PRO B 269 4.51 36.94 -22.65
C PRO B 269 3.17 37.02 -23.42
N LEU B 270 2.91 38.14 -24.10
CA LEU B 270 1.71 38.26 -24.96
C LEU B 270 1.76 37.35 -26.17
N ALA B 271 2.95 37.17 -26.72
CA ALA B 271 3.14 36.29 -27.87
C ALA B 271 2.81 34.84 -27.61
N LEU B 272 2.81 34.43 -26.35
CA LEU B 272 2.58 33.02 -26.00
C LEU B 272 1.13 32.70 -25.83
N VAL B 273 0.31 33.74 -25.70
CA VAL B 273 -1.12 33.58 -25.49
C VAL B 273 -1.79 33.16 -26.78
N ASP B 274 -2.45 32.01 -26.80
CA ASP B 274 -3.44 31.73 -27.85
C ASP B 274 -4.72 31.24 -27.21
N LYS B 275 -5.65 30.70 -28.00
CA LYS B 275 -6.94 30.31 -27.47
C LYS B 275 -6.94 29.02 -26.60
N ASN B 276 -5.85 28.27 -26.57
CA ASN B 276 -5.75 27.05 -25.74
C ASN B 276 -4.86 27.24 -24.49
N PRO B 278 -4.76 28.75 -20.70
CA PRO B 278 -5.34 29.28 -19.46
C PRO B 278 -4.57 30.48 -18.90
N ILE B 279 -5.30 31.48 -18.47
CA ILE B 279 -4.72 32.62 -17.79
C ILE B 279 -5.40 32.72 -16.43
N VAL B 280 -4.64 32.44 -15.39
CA VAL B 280 -5.10 32.53 -14.04
C VAL B 280 -4.67 33.88 -13.48
N ALA B 281 -5.62 34.67 -13.01
CA ALA B 281 -5.29 35.99 -12.50
C ALA B 281 -5.97 36.27 -11.18
N VAL B 282 -5.24 36.98 -10.34
CA VAL B 282 -5.79 37.44 -9.09
C VAL B 282 -6.21 38.86 -9.28
N VAL B 283 -7.46 39.22 -8.92
CA VAL B 283 -7.92 40.61 -9.07
C VAL B 283 -8.39 41.22 -7.74
N PRO B 284 -7.51 41.94 -7.07
CA PRO B 284 -7.81 42.48 -5.73
C PRO B 284 -8.57 43.80 -5.74
N ASN B 285 -9.06 44.19 -4.58
CA ASN B 285 -9.73 45.48 -4.43
C ASN B 285 -8.65 46.47 -4.02
N ASP B 286 -7.94 47.00 -5.03
CA ASP B 286 -6.96 48.06 -4.81
C ASP B 286 -6.94 49.10 -5.94
N GLU B 287 -6.00 50.04 -5.89
CA GLU B 287 -5.98 51.17 -6.87
C GLU B 287 -5.61 50.77 -8.27
N LEU B 288 -5.01 49.60 -8.39
CA LEU B 288 -4.47 49.12 -9.66
C LEU B 288 -5.49 48.36 -10.50
N LEU B 289 -6.74 48.39 -10.06
CA LEU B 289 -7.77 47.65 -10.72
C LEU B 289 -7.91 48.10 -12.16
N ASP B 290 -7.86 49.42 -12.39
CA ASP B 290 -8.05 49.90 -13.73
C ASP B 290 -6.95 49.37 -14.63
N LYS B 291 -5.69 49.52 -14.25
CA LYS B 291 -4.68 48.95 -15.13
C LYS B 291 -4.69 47.40 -15.24
N THR B 292 -4.97 46.68 -14.17
CA THR B 292 -5.10 45.21 -14.25
C THR B 292 -6.19 44.85 -15.25
N LEU B 293 -7.31 45.57 -15.21
CA LEU B 293 -8.40 45.30 -16.14
C LEU B 293 -7.95 45.54 -17.59
N SER B 294 -7.16 46.58 -17.84
CA SER B 294 -6.62 46.81 -19.20
C SER B 294 -5.73 45.67 -19.56
N ASN B 295 -4.79 45.34 -18.68
CA ASN B 295 -3.90 44.19 -18.96
C ASN B 295 -4.67 42.91 -19.35
N LEU B 296 -5.70 42.59 -18.59
CA LEU B 296 -6.53 41.43 -18.87
C LEU B 296 -7.25 41.52 -20.21
N GLN B 297 -7.65 42.73 -20.59
CA GLN B 297 -8.28 42.97 -21.87
C GLN B 297 -7.40 42.52 -23.02
N GLU B 298 -6.17 42.96 -23.03
CA GLU B 298 -5.22 42.60 -24.07
C GLU B 298 -5.00 41.09 -24.10
N VAL B 299 -4.90 40.45 -22.95
CA VAL B 299 -4.74 39.03 -22.93
C VAL B 299 -6.00 38.38 -23.49
N HIS B 300 -7.16 38.99 -23.20
CA HIS B 300 -8.44 38.46 -23.63
C HIS B 300 -8.63 38.53 -25.14
N ALA B 301 -8.25 39.66 -25.71
CA ALA B 301 -8.34 39.88 -27.15
C ALA B 301 -7.56 38.83 -27.95
N ARG B 302 -6.45 38.33 -27.42
CA ARG B 302 -5.69 37.30 -28.11
C ARG B 302 -6.15 35.86 -27.86
N GLY B 303 -7.33 35.70 -27.25
CA GLY B 303 -8.01 34.39 -27.17
C GLY B 303 -7.76 33.62 -25.90
N GLY B 304 -7.11 34.27 -24.94
CA GLY B 304 -6.80 33.61 -23.68
C GLY B 304 -8.06 33.23 -22.93
N LYS B 305 -8.02 32.09 -22.27
CA LYS B 305 -9.12 31.70 -21.41
C LYS B 305 -8.89 32.30 -20.04
N LEU B 306 -9.57 33.39 -19.73
CA LEU B 306 -9.40 34.03 -18.42
C LEU B 306 -10.07 33.23 -17.31
N ILE B 307 -9.32 32.98 -16.23
CA ILE B 307 -9.77 32.35 -14.99
C ILE B 307 -9.39 33.25 -13.82
N LEU B 308 -10.37 33.88 -13.21
CA LEU B 308 -10.13 35.05 -12.42
C LEU B 308 -10.65 34.84 -11.02
N PHE B 309 -9.77 35.01 -10.03
CA PHE B 309 -10.16 35.07 -8.67
C PHE B 309 -10.17 36.52 -8.29
N VAL B 310 -11.32 36.95 -7.80
CA VAL B 310 -11.75 38.34 -7.83
C VAL B 310 -12.35 38.69 -6.49
N ASP B 311 -11.93 39.78 -5.90
CA ASP B 311 -12.56 40.26 -4.68
C ASP B 311 -13.99 40.72 -4.99
N LYS B 312 -14.90 40.41 -4.07
CA LYS B 312 -16.32 40.69 -4.25
C LYS B 312 -16.63 42.17 -4.53
N ALA B 313 -15.86 43.06 -3.92
CA ALA B 313 -16.08 44.49 -4.03
C ALA B 313 -15.73 45.02 -5.39
N VAL B 314 -15.15 44.18 -6.26
CA VAL B 314 -14.86 44.63 -7.59
C VAL B 314 -15.44 43.72 -8.64
N LYS B 315 -16.11 42.66 -8.24
CA LYS B 315 -16.68 41.70 -9.20
C LYS B 315 -17.60 42.36 -10.25
N GLU B 316 -18.26 43.45 -9.89
CA GLU B 316 -19.15 44.11 -10.83
C GLU B 316 -18.41 44.72 -12.02
N ARG B 317 -17.14 45.11 -11.83
CA ARG B 317 -16.32 45.71 -12.90
C ARG B 317 -15.55 44.70 -13.73
N VAL B 318 -15.72 43.42 -13.44
CA VAL B 318 -15.02 42.37 -14.15
C VAL B 318 -16.02 41.73 -15.05
N ASN B 319 -15.88 41.98 -16.37
CA ASN B 319 -16.80 41.44 -17.40
C ASN B 319 -16.05 41.00 -18.65
N PHE B 320 -15.83 39.71 -18.81
CA PHE B 320 -15.12 39.17 -19.97
C PHE B 320 -15.91 37.99 -20.51
N ASP B 321 -16.25 38.02 -21.79
CA ASP B 321 -17.03 36.91 -22.37
C ASP B 321 -16.23 35.65 -22.25
N ASN B 322 -16.86 34.58 -21.80
CA ASN B 322 -16.21 33.25 -21.79
C ASN B 322 -15.07 33.08 -20.81
N SER B 323 -15.12 33.82 -19.73
CA SER B 323 -14.16 33.71 -18.67
C SER B 323 -14.84 33.01 -17.51
N ILE B 324 -14.05 32.60 -16.55
CA ILE B 324 -14.51 31.92 -15.39
C ILE B 324 -14.14 32.80 -14.22
N VAL B 325 -15.14 33.14 -13.42
CA VAL B 325 -14.91 34.06 -12.33
C VAL B 325 -15.36 33.45 -10.99
N LEU B 326 -14.44 33.38 -10.05
CA LEU B 326 -14.76 33.08 -8.68
C LEU B 326 -14.52 34.31 -7.85
N GLU B 327 -15.51 34.69 -7.07
CA GLU B 327 -15.39 35.85 -6.22
C GLU B 327 -15.21 35.43 -4.77
N LEU B 328 -14.50 36.26 -4.02
CA LEU B 328 -14.37 36.07 -2.58
C LEU B 328 -14.07 37.38 -1.88
N ASP B 329 -14.35 37.44 -0.57
CA ASP B 329 -13.98 38.62 0.22
CA ASP B 329 -14.00 38.60 0.24
C ASP B 329 -12.55 38.37 0.66
N ALA B 330 -11.64 39.23 0.24
CA ALA B 330 -10.23 39.00 0.58
C ALA B 330 -9.66 40.03 1.53
N GLY B 331 -10.36 41.12 1.76
CA GLY B 331 -9.87 42.12 2.71
C GLY B 331 -8.89 43.02 1.97
N HIS B 332 -7.91 43.52 2.70
CA HIS B 332 -7.06 44.54 2.19
C HIS B 332 -5.59 44.07 2.07
N ASP B 333 -4.64 44.99 2.21
CA ASP B 333 -3.24 44.69 1.87
C ASP B 333 -2.65 43.55 2.67
N PHE B 334 -2.94 43.46 3.96
CA PHE B 334 -2.34 42.41 4.74
C PHE B 334 -3.08 41.08 4.55
N SER B 335 -4.38 41.08 4.50
CA SER B 335 -5.08 39.80 4.44
C SER B 335 -5.20 39.24 3.02
N ALA B 336 -5.36 40.09 2.01
CA ALA B 336 -5.72 39.57 0.67
C ALA B 336 -4.63 38.72 0.05
N PRO B 337 -3.36 39.03 0.32
CA PRO B 337 -2.37 38.19 -0.27
C PRO B 337 -2.46 36.78 0.23
N VAL B 338 -2.84 36.64 1.49
CA VAL B 338 -2.93 35.31 2.09
C VAL B 338 -4.23 34.64 1.63
N VAL B 339 -5.32 35.41 1.60
CA VAL B 339 -6.61 34.86 1.16
C VAL B 339 -6.61 34.37 -0.27
N PHE B 340 -6.01 35.12 -1.20
CA PHE B 340 -5.98 34.75 -2.60
C PHE B 340 -5.08 33.54 -2.88
N THR B 341 -4.17 33.21 -1.99
CA THR B 341 -3.26 32.07 -2.18
C THR B 341 -4.06 30.77 -2.07
N ILE B 342 -5.11 30.79 -1.24
CA ILE B 342 -5.91 29.56 -0.96
C ILE B 342 -6.51 28.93 -2.22
N PRO B 343 -7.24 29.67 -3.04
CA PRO B 343 -7.74 29.09 -4.25
C PRO B 343 -6.67 28.62 -5.20
N LEU B 344 -5.52 29.29 -5.26
CA LEU B 344 -4.48 28.85 -6.17
C LEU B 344 -3.92 27.50 -5.68
N GLN B 345 -3.86 27.33 -4.36
CA GLN B 345 -3.46 26.06 -3.76
C GLN B 345 -4.48 25.00 -4.10
N LEU B 346 -5.74 25.33 -3.92
CA LEU B 346 -6.79 24.38 -4.26
C LEU B 346 -6.78 24.00 -5.75
N LEU B 347 -6.57 24.96 -6.63
CA LEU B 347 -6.48 24.72 -8.05
C LEU B 347 -5.40 23.71 -8.39
N SER B 348 -4.21 23.93 -7.85
CA SER B 348 -3.11 23.06 -8.15
C SER B 348 -3.37 21.64 -7.65
N TYR B 349 -4.03 21.53 -6.50
CA TYR B 349 -4.36 20.21 -5.96
C TYR B 349 -5.27 19.42 -6.88
N HIS B 350 -6.39 20.03 -7.23
CA HIS B 350 -7.33 19.39 -8.11
C HIS B 350 -6.75 19.11 -9.46
N VAL B 351 -5.96 20.04 -10.01
CA VAL B 351 -5.37 19.82 -11.34
C VAL B 351 -4.42 18.62 -11.26
N ALA B 352 -3.63 18.56 -10.20
CA ALA B 352 -2.76 17.43 -9.97
C ALA B 352 -3.58 16.15 -9.97
N ILE B 353 -4.68 16.15 -9.25
CA ILE B 353 -5.50 14.94 -9.21
C ILE B 353 -6.05 14.55 -10.58
N ILE B 354 -6.42 15.57 -11.35
CA ILE B 354 -6.85 15.39 -12.72
C ILE B 354 -5.72 14.85 -13.62
N LYS B 355 -4.47 15.16 -13.31
CA LYS B 355 -3.34 14.70 -14.14
C LYS B 355 -2.83 13.35 -13.69
N GLY B 356 -3.50 12.77 -12.69
CA GLY B 356 -3.04 11.54 -12.09
C GLY B 356 -1.68 11.66 -11.43
N THR B 357 -1.29 12.87 -11.04
CA THR B 357 0.03 13.06 -10.39
C THR B 357 -0.09 13.00 -8.87
N ASP B 358 1.05 13.03 -8.19
CA ASP B 358 1.09 12.79 -6.76
C ASP B 358 1.02 14.10 -6.03
N VAL B 359 0.22 14.13 -4.97
CA VAL B 359 0.10 15.31 -4.15
C VAL B 359 0.86 15.14 -2.86
N ASP B 360 1.17 13.90 -2.51
CA ASP B 360 1.72 13.61 -1.21
C ASP B 360 3.09 13.00 -1.39
N GLN B 361 3.98 13.31 -0.45
CA GLN B 361 5.29 12.69 -0.36
C GLN B 361 5.12 11.24 0.10
N PRO B 362 5.99 10.34 -0.38
CA PRO B 362 6.12 8.97 0.18
C PRO B 362 6.72 8.98 1.59
N ALA C 5 -71.30 -0.33 29.63
CA ALA C 5 -70.31 0.72 30.10
C ALA C 5 -71.07 2.03 30.34
N SER C 6 -70.99 2.54 31.56
CA SER C 6 -71.85 3.66 31.92
C SER C 6 -70.98 4.83 32.28
N LYS C 7 -71.46 6.03 31.97
CA LYS C 7 -70.81 7.19 32.55
C LYS C 7 -71.14 7.39 34.04
N ASP C 8 -72.08 6.59 34.57
CA ASP C 8 -72.45 6.70 35.95
C ASP C 8 -72.87 8.15 36.32
N GLY C 9 -73.43 8.89 35.35
CA GLY C 9 -73.94 10.22 35.58
C GLY C 9 -72.98 11.35 35.28
N TYR C 10 -71.73 11.02 34.98
CA TYR C 10 -70.77 12.06 34.69
C TYR C 10 -70.92 12.50 33.25
N LYS C 11 -70.59 13.76 32.98
CA LYS C 11 -70.68 14.27 31.61
C LYS C 11 -69.78 13.52 30.59
N HIS C 12 -68.59 13.08 30.98
CA HIS C 12 -67.70 12.26 30.11
C HIS C 12 -67.08 11.13 30.84
N TYR C 13 -66.63 10.15 30.08
CA TYR C 13 -66.02 9.01 30.68
C TYR C 13 -64.73 9.43 31.42
N LEU C 15 -64.10 12.17 33.01
CA LEU C 15 -64.41 12.78 34.28
C LEU C 15 -64.87 11.72 35.24
N LYS C 16 -65.63 10.74 34.80
CA LYS C 16 -65.97 9.63 35.68
C LYS C 16 -64.71 8.96 36.18
N GLU C 17 -63.74 8.75 35.29
CA GLU C 17 -62.59 7.96 35.65
C GLU C 17 -61.69 8.69 36.61
N ILE C 18 -61.58 10.01 36.47
CA ILE C 18 -60.91 10.83 37.47
C ILE C 18 -61.58 10.67 38.83
N TYR C 19 -62.92 10.69 38.87
CA TYR C 19 -63.64 10.52 40.13
C TYR C 19 -63.71 9.08 40.66
N GLU C 20 -63.36 8.05 39.86
CA GLU C 20 -63.21 6.70 40.45
C GLU C 20 -61.89 6.53 41.23
N GLN C 21 -61.03 7.52 41.26
CA GLN C 21 -59.67 7.28 41.76
C GLN C 21 -59.56 6.90 43.27
N PRO C 22 -60.36 7.56 44.14
CA PRO C 22 -60.41 7.12 45.54
C PRO C 22 -60.69 5.62 45.70
N GLU C 23 -61.68 5.16 44.99
CA GLU C 23 -62.04 3.76 44.99
C GLU C 23 -60.89 2.90 44.44
N ALA C 24 -60.36 3.31 43.28
CA ALA C 24 -59.39 2.48 42.56
C ALA C 24 -58.11 2.33 43.32
N VAL C 25 -57.63 3.44 43.84
CA VAL C 25 -56.46 3.45 44.71
C VAL C 25 -56.66 2.48 45.89
N SER C 26 -57.74 2.70 46.61
CA SER C 26 -58.06 1.91 47.74
C SER C 26 -58.22 0.42 47.40
N ASN C 27 -58.83 0.12 46.27
CA ASN C 27 -58.97 -1.27 45.88
C ASN C 27 -57.60 -1.92 45.57
N THR C 28 -56.67 -1.15 45.01
CA THR C 28 -55.36 -1.67 44.67
C THR C 28 -54.59 -1.99 45.93
N ILE C 29 -54.71 -1.10 46.93
CA ILE C 29 -54.03 -1.31 48.18
C ILE C 29 -54.62 -2.53 48.88
N LEU C 30 -55.95 -2.65 48.84
CA LEU C 30 -56.68 -3.64 49.60
C LEU C 30 -56.30 -5.02 49.10
N ALA C 31 -56.15 -5.15 47.79
CA ALA C 31 -55.85 -6.46 47.25
C ALA C 31 -54.43 -6.98 47.62
N SER C 32 -53.58 -6.15 48.25
CA SER C 32 -52.25 -6.57 48.68
CA SER C 32 -52.25 -6.57 48.67
C SER C 32 -52.11 -6.68 50.20
N LEU C 33 -53.20 -6.52 50.93
CA LEU C 33 -53.11 -6.59 52.37
C LEU C 33 -53.54 -7.95 52.93
N ALA C 34 -52.90 -8.32 54.04
CA ALA C 34 -53.31 -9.43 54.92
C ALA C 34 -53.53 -8.83 56.30
N ASP C 35 -54.78 -8.85 56.75
CA ASP C 35 -55.11 -8.38 58.11
C ASP C 35 -54.51 -6.98 58.32
N GLY C 36 -54.78 -6.08 57.36
CA GLY C 36 -54.37 -4.67 57.47
C GLY C 36 -52.89 -4.34 57.23
N GLU C 37 -52.11 -5.35 56.84
CA GLU C 37 -50.67 -5.21 56.64
C GLU C 37 -50.27 -5.60 55.22
N ILE C 38 -49.20 -5.00 54.71
CA ILE C 38 -48.72 -5.43 53.42
C ILE C 38 -48.07 -6.79 53.56
N SER C 39 -48.49 -7.70 52.69
CA SER C 39 -48.12 -9.09 52.79
C SER C 39 -47.57 -9.65 51.48
N LEU C 40 -46.41 -10.26 51.61
CA LEU C 40 -45.79 -11.01 50.55
C LEU C 40 -46.62 -12.25 50.12
N ASP C 41 -47.48 -12.74 51.02
CA ASP C 41 -48.35 -13.86 50.69
C ASP C 41 -49.45 -13.51 49.67
N SER C 42 -49.71 -12.23 49.46
CA SER C 42 -50.70 -11.82 48.47
C SER C 42 -50.12 -11.91 47.08
N PHE C 43 -48.81 -12.10 46.97
CA PHE C 43 -48.15 -12.24 45.66
C PHE C 43 -48.12 -13.69 45.29
N ASP C 44 -47.69 -13.99 44.08
CA ASP C 44 -47.38 -15.37 43.70
C ASP C 44 -46.21 -15.92 44.54
N LYS C 45 -46.26 -17.21 44.84
CA LYS C 45 -45.14 -17.94 45.50
C LYS C 45 -43.73 -17.64 44.96
N ARG C 46 -43.61 -17.52 43.63
CA ARG C 46 -42.32 -17.19 42.97
C ARG C 46 -41.71 -15.89 43.50
N ALA C 47 -42.57 -14.93 43.83
CA ALA C 47 -42.17 -13.58 44.13
C ALA C 47 -41.10 -13.49 45.17
N LYS C 48 -41.18 -14.31 46.20
CA LYS C 48 -40.27 -14.14 47.31
C LYS C 48 -38.81 -14.46 46.93
N GLU C 49 -38.62 -15.51 46.16
CA GLU C 49 -37.26 -15.91 45.80
CA GLU C 49 -37.27 -15.90 45.80
C GLU C 49 -36.70 -14.87 44.81
N LEU C 50 -37.51 -14.46 43.84
CA LEU C 50 -37.15 -13.42 42.91
C LEU C 50 -36.66 -12.17 43.61
N PHE C 51 -37.43 -11.71 44.58
CA PHE C 51 -37.06 -10.51 45.32
C PHE C 51 -35.81 -10.70 46.18
N GLU C 52 -35.59 -11.89 46.73
CA GLU C 52 -34.36 -12.13 47.50
C GLU C 52 -33.15 -12.03 46.60
N LYS C 53 -33.31 -12.46 45.35
CA LYS C 53 -32.23 -12.39 44.37
C LYS C 53 -32.02 -11.02 43.74
N THR C 54 -32.94 -10.10 43.99
CA THR C 54 -32.91 -8.81 43.33
C THR C 54 -31.90 -7.88 43.95
N LYS C 55 -30.98 -7.38 43.13
CA LYS C 55 -29.92 -6.42 43.53
C LYS C 55 -30.05 -5.07 42.83
N HIS C 56 -30.79 -5.02 41.73
CA HIS C 56 -31.01 -3.83 40.99
C HIS C 56 -32.35 -4.01 40.32
N ILE C 57 -33.10 -2.93 40.19
CA ILE C 57 -34.43 -2.93 39.58
C ILE C 57 -34.36 -2.11 38.31
N CYS C 58 -34.86 -2.70 37.24
CA CYS C 58 -34.81 -2.11 35.93
C CYS C 58 -36.24 -1.93 35.45
N ILE C 59 -36.77 -0.71 35.50
CA ILE C 59 -38.17 -0.45 35.12
C ILE C 59 -38.23 -0.01 33.64
N VAL C 60 -39.15 -0.60 32.89
CA VAL C 60 -39.23 -0.34 31.44
C VAL C 60 -40.66 -0.07 31.11
N ALA C 61 -40.93 1.05 30.45
CA ALA C 61 -42.28 1.45 30.17
C ALA C 61 -42.32 2.49 29.09
N CYS C 62 -43.52 2.88 28.67
CA CYS C 62 -43.63 4.02 27.81
C CYS C 62 -44.72 4.98 28.25
N GLY C 63 -44.63 6.23 27.82
CA GLY C 63 -45.66 7.21 28.12
C GLY C 63 -45.98 7.42 29.61
N THR C 64 -47.28 7.48 29.90
CA THR C 64 -47.77 7.68 31.27
C THR C 64 -47.19 6.62 32.26
N SER C 65 -47.02 5.39 31.79
CA SER C 65 -46.42 4.33 32.61
C SER C 65 -44.96 4.59 32.95
N TYR C 66 -44.24 5.24 32.06
CA TYR C 66 -42.82 5.56 32.29
C TYR C 66 -42.69 6.71 33.28
N ASN C 67 -43.61 7.65 33.23
CA ASN C 67 -43.70 8.68 34.27
C ASN C 67 -43.93 8.07 35.64
N ALA C 68 -44.83 7.13 35.73
CA ALA C 68 -44.99 6.43 36.98
C ALA C 68 -43.69 5.73 37.46
N GLY C 69 -42.96 5.08 36.55
CA GLY C 69 -41.68 4.48 36.89
C GLY C 69 -40.72 5.53 37.39
N THR C 71 -41.24 8.34 38.90
CA THR C 71 -41.60 8.68 40.28
C THR C 71 -41.16 7.62 41.24
N ALA C 72 -41.45 6.36 40.89
CA ALA C 72 -41.24 5.23 41.78
C ALA C 72 -39.75 5.08 42.12
N LYS C 73 -38.93 5.45 41.16
CA LYS C 73 -37.50 5.32 41.36
C LYS C 73 -37.02 6.14 42.58
N TYR C 74 -37.56 7.33 42.82
CA TYR C 74 -37.21 8.06 44.02
C TYR C 74 -37.58 7.21 45.23
N TRP C 75 -38.75 6.62 45.24
CA TRP C 75 -39.17 5.80 46.38
C TRP C 75 -38.24 4.61 46.55
N ILE C 76 -37.93 3.92 45.46
CA ILE C 76 -37.20 2.67 45.58
C ILE C 76 -35.79 2.86 46.12
N GLU C 77 -35.07 3.84 45.64
CA GLU C 77 -33.78 4.13 46.26
C GLU C 77 -33.89 4.75 47.65
N LYS C 78 -34.84 5.61 47.91
CA LYS C 78 -34.86 6.23 49.21
C LYS C 78 -35.29 5.25 50.31
N TYR C 79 -36.28 4.42 50.06
CA TYR C 79 -36.87 3.62 51.07
C TYR C 79 -36.39 2.17 51.08
N ALA C 80 -36.45 1.50 49.94
CA ALA C 80 -35.96 0.14 49.80
C ALA C 80 -34.45 0.08 49.71
N LYS C 81 -33.84 1.17 49.22
CA LYS C 81 -32.38 1.26 49.12
C LYS C 81 -31.79 0.21 48.18
N VAL C 82 -32.54 -0.05 47.12
CA VAL C 82 -32.13 -0.85 46.01
C VAL C 82 -31.93 0.09 44.80
N PRO C 83 -30.81 -0.03 44.07
CA PRO C 83 -30.56 0.82 42.93
C PRO C 83 -31.57 0.52 41.84
N CYS C 84 -32.05 1.56 41.17
CA CYS C 84 -33.15 1.44 40.25
C CYS C 84 -32.81 2.26 38.99
N SER C 85 -33.13 1.76 37.81
CA SER C 85 -33.04 2.60 36.63
C SER C 85 -34.36 2.49 35.87
N VAL C 86 -34.71 3.57 35.16
CA VAL C 86 -35.97 3.62 34.43
C VAL C 86 -35.66 3.98 32.98
N GLU C 87 -36.21 3.24 32.03
CA GLU C 87 -35.91 3.48 30.64
C GLU C 87 -37.12 3.32 29.79
N ILE C 88 -37.20 4.14 28.75
CA ILE C 88 -38.26 4.12 27.77
C ILE C 88 -38.14 2.88 26.92
N ALA C 89 -39.24 2.18 26.73
CA ALA C 89 -39.21 0.86 26.13
C ALA C 89 -38.66 0.91 24.69
N SER C 90 -39.07 1.89 23.92
CA SER C 90 -38.65 1.98 22.49
C SER C 90 -37.18 2.25 22.33
N GLU C 91 -36.53 2.75 23.37
CA GLU C 91 -35.08 2.89 23.31
C GLU C 91 -34.36 1.69 23.86
N ILE C 92 -34.78 1.17 24.99
CA ILE C 92 -34.06 0.05 25.53
C ILE C 92 -34.18 -1.23 24.67
N ARG C 93 -35.30 -1.36 23.99
CA ARG C 93 -35.53 -2.44 23.10
C ARG C 93 -34.40 -2.70 22.11
N TYR C 94 -33.92 -1.64 21.49
CA TYR C 94 -33.00 -1.73 20.38
C TYR C 94 -31.60 -1.40 20.81
N ARG C 95 -31.41 -1.10 22.09
CA ARG C 95 -30.14 -0.63 22.58
C ARG C 95 -29.26 -1.78 23.07
N ASP C 96 -27.95 -1.64 22.89
CA ASP C 96 -27.00 -2.67 23.28
C ASP C 96 -26.65 -2.39 24.71
N ASN C 97 -27.51 -2.83 25.64
CA ASN C 97 -27.39 -2.49 27.07
C ASN C 97 -26.72 -3.55 27.93
N VAL C 98 -26.19 -3.09 29.06
CA VAL C 98 -25.54 -3.92 30.06
C VAL C 98 -26.54 -4.29 31.17
N VAL C 99 -26.65 -5.57 31.52
CA VAL C 99 -27.52 -5.98 32.61
C VAL C 99 -26.68 -6.46 33.76
N VAL C 100 -26.72 -5.71 34.84
CA VAL C 100 -25.94 -5.94 36.03
C VAL C 100 -26.49 -7.19 36.76
N ASP C 101 -25.64 -7.87 37.51
CA ASP C 101 -26.02 -9.14 38.12
C ASP C 101 -27.09 -8.83 39.14
N GLY C 102 -28.14 -9.66 39.18
CA GLY C 102 -29.21 -9.52 40.14
C GLY C 102 -30.27 -8.50 39.75
N SER C 103 -30.52 -8.37 38.45
CA SER C 103 -31.43 -7.42 37.95
C SER C 103 -32.80 -7.99 37.78
N LEU C 104 -33.80 -7.23 38.21
CA LEU C 104 -35.16 -7.58 38.03
C LEU C 104 -35.74 -6.69 36.93
N PHE C 105 -36.33 -7.30 35.92
CA PHE C 105 -37.00 -6.59 34.86
C PHE C 105 -38.39 -6.28 35.35
N VAL C 106 -38.73 -5.00 35.41
CA VAL C 106 -40.07 -4.60 35.81
C VAL C 106 -40.68 -3.79 34.67
N SER C 107 -41.82 -4.25 34.18
CA SER C 107 -42.53 -3.53 33.19
C SER C 107 -43.78 -2.94 33.83
N ILE C 108 -44.24 -1.84 33.25
CA ILE C 108 -45.47 -1.19 33.65
C ILE C 108 -46.34 -0.97 32.45
N SER C 109 -47.60 -1.37 32.52
CA SER C 109 -48.50 -1.27 31.39
C SER C 109 -49.95 -1.47 31.84
N GLN C 110 -50.84 -0.57 31.43
CA GLN C 110 -52.26 -0.68 31.67
C GLN C 110 -52.79 -1.89 30.87
N SER C 111 -52.67 -1.84 29.55
CA SER C 111 -53.22 -2.91 28.69
C SER C 111 -52.50 -4.25 28.69
N GLY C 112 -51.20 -4.25 28.99
CA GLY C 112 -50.39 -5.47 28.99
C GLY C 112 -50.01 -5.94 27.60
N GLU C 113 -50.33 -5.14 26.58
CA GLU C 113 -50.04 -5.46 25.19
C GLU C 113 -49.14 -4.40 24.49
N THR C 114 -48.78 -3.32 25.19
CA THR C 114 -47.91 -2.26 24.65
C THR C 114 -46.67 -2.84 23.98
N ALA C 115 -46.56 -2.69 22.67
CA ALA C 115 -45.61 -3.45 21.86
C ALA C 115 -44.12 -3.36 22.27
N ASP C 116 -43.63 -2.15 22.48
CA ASP C 116 -42.21 -1.99 22.81
C ASP C 116 -41.95 -2.54 24.18
N THR C 117 -42.87 -2.28 25.13
CA THR C 117 -42.73 -2.90 26.45
C THR C 117 -42.69 -4.43 26.34
N LEU C 118 -43.68 -4.99 25.65
CA LEU C 118 -43.77 -6.45 25.50
C LEU C 118 -42.49 -6.97 24.87
N GLU C 119 -42.07 -6.34 23.79
CA GLU C 119 -40.82 -6.77 23.15
C GLU C 119 -39.59 -6.53 24.02
N SER C 120 -39.61 -5.52 24.89
CA SER C 120 -38.50 -5.43 25.86
C SER C 120 -38.49 -6.60 26.82
N LEU C 121 -39.68 -7.07 27.21
CA LEU C 121 -39.78 -8.25 28.06
C LEU C 121 -39.16 -9.51 27.42
N ARG C 122 -39.52 -9.78 26.17
CA ARG C 122 -39.01 -10.94 25.44
C ARG C 122 -37.53 -10.86 25.18
N LYS C 123 -37.06 -9.65 24.90
CA LYS C 123 -35.64 -9.45 24.83
C LYS C 123 -34.97 -9.78 26.16
N SER C 124 -35.54 -9.34 27.28
CA SER C 124 -34.89 -9.55 28.60
C SER C 124 -34.71 -11.04 28.97
N LYS C 125 -35.50 -11.89 28.32
CA LYS C 125 -35.40 -13.32 28.59
C LYS C 125 -34.08 -13.97 28.18
N LYS C 126 -33.38 -13.33 27.25
CA LYS C 126 -32.07 -13.79 26.82
C LYS C 126 -30.95 -12.99 27.47
N GLN C 127 -31.22 -12.29 28.57
CA GLN C 127 -30.18 -11.48 29.19
C GLN C 127 -30.08 -11.82 30.63
N ASN C 128 -29.11 -11.18 31.27
CA ASN C 128 -28.72 -11.48 32.66
C ASN C 128 -29.76 -11.09 33.79
N TYR C 129 -31.05 -11.15 33.51
CA TYR C 129 -32.05 -10.81 34.55
C TYR C 129 -32.43 -12.02 35.46
N VAL C 130 -32.61 -11.81 36.75
CA VAL C 130 -33.10 -12.91 37.66
C VAL C 130 -34.57 -13.30 37.35
N GLY C 131 -35.33 -12.36 36.82
CA GLY C 131 -36.66 -12.60 36.24
C GLY C 131 -37.42 -11.29 36.01
N SER C 132 -38.74 -11.39 35.84
CA SER C 132 -39.57 -10.25 35.52
C SER C 132 -40.85 -10.12 36.35
N CYS C 134 -44.66 -7.69 36.09
CA CYS C 134 -45.41 -6.62 35.47
CA CYS C 134 -45.47 -6.64 35.45
C CYS C 134 -46.36 -5.93 36.47
N ILE C 135 -46.48 -4.61 36.36
CA ILE C 135 -47.50 -3.89 37.06
C ILE C 135 -48.44 -3.70 35.91
N CYS C 136 -49.47 -4.52 35.86
CA CYS C 136 -50.45 -4.49 34.79
CA CYS C 136 -50.44 -4.57 34.78
C CYS C 136 -51.87 -4.42 35.32
N ASN C 137 -52.77 -4.02 34.45
CA ASN C 137 -54.15 -3.87 34.78
C ASN C 137 -55.06 -4.95 34.19
N VAL C 138 -54.62 -5.61 33.14
CA VAL C 138 -55.47 -6.53 32.45
C VAL C 138 -54.95 -7.94 32.64
N PRO C 139 -55.62 -8.74 33.50
CA PRO C 139 -55.12 -10.12 33.70
C PRO C 139 -55.36 -10.90 32.42
N ASN C 140 -54.52 -11.90 32.15
CA ASN C 140 -54.52 -12.56 30.84
C ASN C 140 -54.27 -11.58 29.67
N SER C 141 -53.18 -10.84 29.82
CA SER C 141 -52.61 -10.03 28.76
C SER C 141 -51.23 -10.64 28.53
N SER C 142 -50.55 -10.21 27.46
CA SER C 142 -49.29 -10.84 27.09
C SER C 142 -48.23 -10.55 28.14
N LEU C 143 -48.19 -9.32 28.66
CA LEU C 143 -47.17 -8.97 29.64
C LEU C 143 -47.36 -9.79 30.90
N VAL C 144 -48.62 -10.05 31.28
CA VAL C 144 -48.91 -10.86 32.45
C VAL C 144 -48.49 -12.32 32.24
N ARG C 145 -48.94 -12.90 31.13
CA ARG C 145 -48.58 -14.27 30.73
C ARG C 145 -47.08 -14.49 30.69
N GLU C 146 -46.33 -13.54 30.15
CA GLU C 146 -44.90 -13.76 29.96
C GLU C 146 -44.01 -13.31 31.10
N SER C 147 -44.56 -12.59 32.09
CA SER C 147 -43.75 -12.17 33.24
C SER C 147 -43.77 -13.28 34.29
N ASP C 148 -42.78 -13.32 35.16
CA ASP C 148 -42.72 -14.34 36.19
C ASP C 148 -43.75 -14.07 37.30
N ILE C 149 -43.97 -12.80 37.61
CA ILE C 149 -44.95 -12.38 38.57
C ILE C 149 -45.70 -11.18 38.04
N ALA C 150 -46.96 -11.09 38.38
CA ALA C 150 -47.77 -9.99 37.96
C ALA C 150 -48.29 -9.37 39.23
N PHE C 151 -48.21 -8.06 39.27
CA PHE C 151 -48.84 -7.28 40.30
C PHE C 151 -49.98 -6.56 39.59
N THR C 153 -52.89 -3.90 39.15
CA THR C 153 -53.66 -2.76 39.60
C THR C 153 -55.16 -3.05 39.42
N LYS C 154 -55.97 -2.23 40.06
CA LYS C 154 -57.41 -2.43 40.09
C LYS C 154 -58.02 -1.14 39.58
N ALA C 155 -57.79 -0.86 38.32
CA ALA C 155 -58.21 0.37 37.73
C ALA C 155 -59.43 0.20 36.84
N GLY C 156 -59.90 -1.03 36.62
CA GLY C 156 -61.01 -1.27 35.70
C GLY C 156 -60.71 -0.69 34.34
N VAL C 157 -61.72 -0.51 33.50
CA VAL C 157 -61.48 -0.12 32.10
C VAL C 157 -61.47 1.39 31.94
N GLU C 158 -60.64 1.91 31.03
CA GLU C 158 -60.58 3.35 30.73
C GLU C 158 -61.05 3.63 29.33
N ILE C 159 -61.90 4.64 29.22
CA ILE C 159 -62.41 5.12 27.94
C ILE C 159 -61.97 6.57 27.67
N GLY C 160 -61.61 7.31 28.70
CA GLY C 160 -60.95 8.59 28.47
C GLY C 160 -59.76 8.49 27.52
N VAL C 161 -59.50 9.55 26.75
CA VAL C 161 -58.32 9.60 25.86
C VAL C 161 -57.03 9.49 26.69
N ALA C 162 -56.91 10.35 27.68
CA ALA C 162 -55.79 10.38 28.60
C ALA C 162 -56.02 9.39 29.72
N SER C 163 -54.97 8.65 30.07
CA SER C 163 -55.08 7.74 31.19
C SER C 163 -55.10 8.56 32.49
N THR C 164 -55.92 8.15 33.46
CA THR C 164 -56.03 8.86 34.73
C THR C 164 -55.85 7.88 35.84
N LYS C 165 -56.91 7.13 36.16
CA LYS C 165 -56.82 6.11 37.20
C LYS C 165 -55.75 5.02 36.94
N ALA C 166 -55.43 4.71 35.70
CA ALA C 166 -54.32 3.80 35.44
C ALA C 166 -53.00 4.30 36.02
N PHE C 167 -52.72 5.61 35.91
CA PHE C 167 -51.46 6.20 36.43
C PHE C 167 -51.42 6.16 37.95
N THR C 168 -52.50 6.59 38.60
CA THR C 168 -52.49 6.66 40.05
C THR C 168 -52.50 5.28 40.67
N THR C 169 -53.23 4.33 40.08
CA THR C 169 -53.16 2.99 40.59
C THR C 169 -51.77 2.36 40.35
N GLN C 170 -51.10 2.77 39.26
CA GLN C 170 -49.71 2.34 39.01
C GLN C 170 -48.79 2.88 40.06
N LEU C 171 -48.90 4.19 40.41
CA LEU C 171 -48.09 4.73 41.49
C LEU C 171 -48.29 3.96 42.80
N VAL C 172 -49.55 3.66 43.15
CA VAL C 172 -49.86 3.00 44.39
C VAL C 172 -49.31 1.60 44.38
N ALA C 173 -49.44 0.86 43.26
CA ALA C 173 -48.82 -0.46 43.19
C ALA C 173 -47.29 -0.36 43.43
N LEU C 174 -46.63 0.61 42.83
CA LEU C 174 -45.17 0.78 42.98
C LEU C 174 -44.73 1.20 44.38
N ALA C 175 -45.59 1.92 45.08
CA ALA C 175 -45.34 2.24 46.49
C ALA C 175 -45.48 0.97 47.36
N ILE C 176 -46.49 0.16 47.10
CA ILE C 176 -46.66 -1.11 47.82
C ILE C 176 -45.44 -2.00 47.60
N PHE C 177 -45.05 -2.15 46.37
CA PHE C 177 -43.89 -2.94 45.97
C PHE C 177 -42.61 -2.45 46.64
N THR C 178 -42.45 -1.14 46.73
CA THR C 178 -41.33 -0.55 47.44
C THR C 178 -41.29 -1.01 48.86
N LEU C 179 -42.44 -0.99 49.53
CA LEU C 179 -42.49 -1.46 50.92
C LEU C 179 -42.27 -2.96 51.08
N VAL C 180 -42.69 -3.75 50.13
CA VAL C 180 -42.44 -5.19 50.21
C VAL C 180 -40.96 -5.47 50.06
N ILE C 181 -40.33 -4.84 49.05
CA ILE C 181 -38.91 -4.99 48.87
C ILE C 181 -38.18 -4.47 50.12
N ALA C 182 -38.60 -3.31 50.61
CA ALA C 182 -37.95 -2.72 51.78
C ALA C 182 -37.92 -3.67 52.96
N LYS C 183 -39.03 -4.33 53.20
CA LYS C 183 -39.19 -5.19 54.33
C LYS C 183 -38.37 -6.44 54.14
N LEU C 184 -38.42 -6.99 52.95
CA LEU C 184 -37.64 -8.14 52.60
C LEU C 184 -36.13 -7.91 52.73
N LYS C 185 -35.63 -6.71 52.41
CA LYS C 185 -34.18 -6.43 52.46
C LYS C 185 -33.74 -5.78 53.79
N ASN C 186 -34.69 -5.64 54.69
CA ASN C 186 -34.47 -4.97 55.94
C ASN C 186 -33.95 -3.58 55.80
N SER C 187 -34.48 -2.87 54.82
CA SER C 187 -34.17 -1.47 54.62
C SER C 187 -34.96 -0.60 55.56
N LEU C 188 -36.12 -1.09 56.02
CA LEU C 188 -36.95 -0.41 57.03
C LEU C 188 -37.34 -1.39 58.11
N THR C 189 -37.53 -0.92 59.34
CA THR C 189 -38.03 -1.77 60.40
C THR C 189 -39.50 -2.02 60.18
N ASP C 190 -40.01 -3.09 60.76
CA ASP C 190 -41.46 -3.42 60.71
C ASP C 190 -42.35 -2.26 61.14
N GLN C 191 -41.91 -1.54 62.15
CA GLN C 191 -42.59 -0.35 62.61
C GLN C 191 -42.58 0.78 61.59
N GLN C 192 -41.47 0.93 60.87
CA GLN C 192 -41.39 1.97 59.88
C GLN C 192 -42.27 1.56 58.72
N ILE C 193 -42.25 0.30 58.36
CA ILE C 193 -43.14 -0.17 57.32
C ILE C 193 -44.59 0.17 57.71
N ALA C 194 -44.95 -0.09 58.97
CA ALA C 194 -46.35 0.14 59.44
C ALA C 194 -46.71 1.59 59.27
N LYS C 195 -45.77 2.48 59.58
CA LYS C 195 -46.04 3.91 59.40
C LYS C 195 -46.26 4.26 57.95
N TYR C 196 -45.41 3.75 57.06
CA TYR C 196 -45.66 4.06 55.67
C TYR C 196 -46.86 3.38 55.09
N THR C 197 -47.18 2.21 55.59
CA THR C 197 -48.43 1.59 55.23
C THR C 197 -49.65 2.45 55.59
N GLU C 198 -49.65 3.04 56.77
CA GLU C 198 -50.76 3.91 57.15
C GLU C 198 -50.86 5.13 56.24
N GLU C 199 -49.73 5.74 55.92
CA GLU C 199 -49.71 6.78 54.92
C GLU C 199 -50.40 6.33 53.63
N LEU C 200 -50.14 5.11 53.12
CA LEU C 200 -50.80 4.71 51.86
C LEU C 200 -52.34 4.64 52.02
N LYS C 201 -52.82 4.05 53.11
CA LYS C 201 -54.25 4.03 53.40
C LYS C 201 -54.91 5.39 53.40
N ASN C 202 -54.21 6.40 53.91
CA ASN C 202 -54.75 7.74 54.00
C ASN C 202 -54.93 8.43 52.68
N ILE C 203 -54.43 7.82 51.60
CA ILE C 203 -54.49 8.47 50.30
C ILE C 203 -55.92 8.68 49.82
N ARG C 204 -56.84 7.80 50.16
CA ARG C 204 -58.23 7.94 49.69
C ARG C 204 -58.91 9.28 50.09
N ALA C 205 -58.94 9.60 51.37
CA ALA C 205 -59.47 10.88 51.77
C ALA C 205 -58.70 12.06 51.13
N LEU C 206 -57.39 11.94 50.88
CA LEU C 206 -56.64 13.08 50.34
C LEU C 206 -56.92 13.31 48.88
N VAL C 207 -57.09 12.24 48.13
CA VAL C 207 -57.56 12.31 46.74
C VAL C 207 -58.94 12.89 46.67
N GLY C 209 -60.13 15.03 48.87
CA GLY C 209 -59.91 16.47 49.10
C GLY C 209 -59.53 17.21 47.83
N ALA C 210 -58.66 16.62 47.03
CA ALA C 210 -58.20 17.24 45.80
C ALA C 210 -59.30 17.32 44.70
N LEU C 211 -60.15 16.30 44.61
CA LEU C 211 -61.33 16.40 43.76
C LEU C 211 -62.19 17.64 44.05
N LYS C 212 -62.13 18.16 45.27
CA LYS C 212 -62.97 19.35 45.60
C LYS C 212 -62.48 20.58 44.91
N LEU C 213 -61.28 20.55 44.34
CA LEU C 213 -60.78 21.66 43.57
C LEU C 213 -61.39 21.77 42.17
N ASP C 214 -62.21 20.79 41.80
CA ASP C 214 -62.71 20.70 40.45
C ASP C 214 -63.31 22.06 39.98
N THR C 215 -64.22 22.58 40.77
CA THR C 215 -64.85 23.86 40.53
C THR C 215 -63.86 25.03 40.37
N GLU C 216 -62.93 25.23 41.28
CA GLU C 216 -61.96 26.33 41.07
C GLU C 216 -61.10 26.12 39.82
N ILE C 217 -60.79 24.87 39.52
CA ILE C 217 -59.96 24.60 38.35
C ILE C 217 -60.69 24.95 37.08
N ASP C 218 -61.98 24.68 37.05
CA ASP C 218 -62.87 25.03 35.91
C ASP C 218 -62.82 26.51 35.68
N GLN C 219 -62.90 27.27 36.77
CA GLN C 219 -62.79 28.72 36.70
C GLN C 219 -61.48 29.15 36.05
N ILE C 220 -60.40 28.66 36.58
CA ILE C 220 -59.06 28.94 36.08
C ILE C 220 -58.90 28.61 34.61
N SER C 221 -59.56 27.56 34.16
CA SER C 221 -59.24 27.00 32.84
C SER C 221 -59.54 27.94 31.64
N GLU C 222 -60.47 28.90 31.79
CA GLU C 222 -60.75 29.95 30.77
C GLU C 222 -59.47 30.65 30.31
N TYR C 223 -58.56 30.88 31.24
CA TYR C 223 -57.31 31.52 30.95
C TYR C 223 -56.46 30.76 29.90
N PHE C 224 -56.69 29.48 29.73
CA PHE C 224 -55.90 28.71 28.76
C PHE C 224 -56.47 28.71 27.35
N SER C 225 -57.58 29.40 27.15
CA SER C 225 -58.32 29.21 25.88
C SER C 225 -57.59 29.71 24.66
N ASP C 226 -56.81 30.79 24.81
CA ASP C 226 -56.06 31.33 23.68
C ASP C 226 -54.57 30.96 23.76
N LYS C 227 -54.21 30.00 24.60
CA LYS C 227 -52.82 29.68 24.83
C LYS C 227 -52.39 28.43 24.12
N GLU C 228 -51.16 28.45 23.63
CA GLU C 228 -50.58 27.34 22.86
C GLU C 228 -49.32 26.76 23.49
N HIS C 229 -48.86 27.37 24.56
CA HIS C 229 -47.78 26.85 25.33
C HIS C 229 -48.21 26.83 26.80
N THR C 230 -47.64 25.92 27.57
CA THR C 230 -47.54 26.12 28.99
C THR C 230 -46.35 25.25 29.51
N ILE C 231 -45.73 25.75 30.57
CA ILE C 231 -44.62 25.08 31.21
C ILE C 231 -45.06 24.54 32.54
N PHE C 232 -44.76 23.25 32.79
CA PHE C 232 -44.94 22.66 34.09
C PHE C 232 -43.62 22.55 34.81
N LEU C 233 -43.66 22.80 36.12
CA LEU C 233 -42.46 22.70 36.95
C LEU C 233 -42.70 21.79 38.13
N GLY C 234 -41.68 21.06 38.51
CA GLY C 234 -41.66 20.25 39.70
C GLY C 234 -40.21 19.84 39.99
N ARG C 235 -40.00 19.25 41.17
CA ARG C 235 -38.71 18.85 41.69
C ARG C 235 -38.82 17.54 42.42
N GLY C 236 -37.75 16.76 42.33
CA GLY C 236 -37.62 15.53 43.05
C GLY C 236 -38.67 14.60 42.55
N LEU C 237 -39.39 13.98 43.47
CA LEU C 237 -40.58 13.20 43.18
C LEU C 237 -41.58 13.85 42.26
N TYR C 238 -41.67 15.15 42.35
CA TYR C 238 -42.73 15.92 41.68
C TYR C 238 -42.35 16.34 40.25
N TYR C 239 -41.11 16.12 39.87
CA TYR C 239 -40.74 16.36 38.49
C TYR C 239 -41.51 15.43 37.54
N PRO C 240 -41.43 14.11 37.75
CA PRO C 240 -42.24 13.22 36.95
C PRO C 240 -43.74 13.50 37.06
N ILE C 241 -44.21 13.93 38.21
CA ILE C 241 -45.61 14.32 38.30
C ILE C 241 -45.87 15.51 37.35
N ALA C 242 -44.93 16.47 37.30
CA ALA C 242 -45.06 17.64 36.39
C ALA C 242 -45.09 17.16 34.91
N ILE C 243 -44.28 16.16 34.61
CA ILE C 243 -44.24 15.60 33.28
C ILE C 243 -45.59 14.99 32.93
N GLU C 244 -46.12 14.22 33.86
CA GLU C 244 -47.42 13.56 33.63
C GLU C 244 -48.49 14.59 33.35
N GLY C 245 -48.49 15.69 34.09
CA GLY C 245 -49.47 16.76 33.88
C GLY C 245 -49.27 17.45 32.55
N ALA C 246 -48.02 17.66 32.18
CA ALA C 246 -47.74 18.17 30.86
C ALA C 246 -48.28 17.21 29.80
N LEU C 247 -48.05 15.93 29.98
CA LEU C 247 -48.50 14.95 29.03
C LEU C 247 -50.02 14.98 28.87
N LYS C 248 -50.76 15.07 29.96
CA LYS C 248 -52.24 15.11 29.82
C LYS C 248 -52.72 16.34 29.07
N LEU C 249 -52.14 17.50 29.37
CA LEU C 249 -52.54 18.77 28.73
C LEU C 249 -52.29 18.71 27.25
N LYS C 250 -51.12 18.19 26.87
CA LYS C 250 -50.75 18.05 25.46
C LYS C 250 -51.65 17.06 24.74
N GLU C 251 -51.85 15.93 25.38
CA GLU C 251 -52.57 14.81 24.80
C GLU C 251 -54.01 15.12 24.47
N ILE C 252 -54.67 15.97 25.26
CA ILE C 252 -56.09 16.18 25.06
C ILE C 252 -56.46 17.61 24.72
N SER C 253 -55.61 18.58 25.07
CA SER C 253 -55.87 19.99 24.73
C SER C 253 -55.06 20.49 23.59
N TYR C 254 -54.07 19.70 23.20
CA TYR C 254 -53.12 20.07 22.16
C TYR C 254 -52.33 21.36 22.40
N ILE C 255 -52.33 21.89 23.62
CA ILE C 255 -51.37 22.90 24.02
C ILE C 255 -49.97 22.29 24.07
N HIS C 256 -48.97 23.06 23.64
CA HIS C 256 -47.62 22.58 23.69
C HIS C 256 -47.12 22.79 25.11
N ALA C 257 -47.34 21.78 25.94
CA ALA C 257 -46.93 21.79 27.35
C ALA C 257 -45.70 20.97 27.52
N GLU C 258 -44.82 21.47 28.36
CA GLU C 258 -43.57 20.81 28.63
C GLU C 258 -43.26 21.02 30.08
N ALA C 259 -42.77 19.95 30.71
CA ALA C 259 -42.39 19.94 32.08
C ALA C 259 -40.91 20.17 32.15
N TYR C 260 -40.48 20.89 33.16
CA TYR C 260 -39.06 21.06 33.40
C TYR C 260 -38.81 20.77 34.88
N PRO C 261 -37.69 20.11 35.20
CA PRO C 261 -37.29 20.04 36.61
C PRO C 261 -36.96 21.46 37.02
N SER C 262 -37.49 21.95 38.15
CA SER C 262 -37.34 23.36 38.51
C SER C 262 -35.91 23.86 38.62
N GLY C 263 -34.94 23.02 38.92
CA GLY C 263 -33.56 23.48 39.04
C GLY C 263 -32.89 23.75 37.71
N GLU C 264 -33.60 23.47 36.62
CA GLU C 264 -33.00 23.53 35.29
C GLU C 264 -33.68 24.56 34.39
N LEU C 265 -34.06 25.69 34.98
CA LEU C 265 -34.67 26.79 34.23
C LEU C 265 -33.59 27.71 33.68
N LYS C 266 -32.56 27.93 34.49
CA LYS C 266 -31.56 28.96 34.24
C LYS C 266 -30.41 28.43 33.39
N HIS C 267 -30.76 27.52 32.48
CA HIS C 267 -29.85 27.02 31.48
C HIS C 267 -30.39 27.26 30.06
N GLY C 268 -31.67 27.68 29.95
CA GLY C 268 -32.38 27.78 28.64
C GLY C 268 -33.84 28.22 28.75
N PRO C 269 -34.79 27.26 29.07
CA PRO C 269 -36.24 27.49 29.20
C PRO C 269 -36.72 28.81 29.82
N LEU C 270 -35.94 29.47 30.67
CA LEU C 270 -36.26 30.85 31.07
C LEU C 270 -36.42 31.70 29.84
N ALA C 271 -35.72 31.35 28.76
CA ALA C 271 -35.86 32.07 27.51
C ALA C 271 -37.32 32.11 27.03
N LEU C 272 -38.06 31.00 27.24
CA LEU C 272 -39.46 30.90 26.77
C LEU C 272 -40.51 31.74 27.55
N VAL C 273 -40.16 32.18 28.76
CA VAL C 273 -41.14 32.76 29.64
C VAL C 273 -41.41 34.22 29.33
N ASP C 274 -42.68 34.54 29.12
CA ASP C 274 -43.12 35.93 29.01
C ASP C 274 -44.51 36.10 29.64
N LYS C 275 -45.08 37.28 29.51
CA LYS C 275 -46.36 37.57 30.17
C LYS C 275 -47.58 36.79 29.63
N ASN C 276 -47.39 36.03 28.56
CA ASN C 276 -48.45 35.18 28.05
C ASN C 276 -48.17 33.70 28.30
N PRO C 278 -48.26 30.51 30.69
CA PRO C 278 -48.79 29.83 31.85
C PRO C 278 -47.74 28.91 32.42
N ILE C 279 -47.52 28.99 33.72
CA ILE C 279 -46.60 28.18 34.44
C ILE C 279 -47.39 27.46 35.52
N VAL C 280 -47.52 26.15 35.38
CA VAL C 280 -48.20 25.32 36.38
C VAL C 280 -47.16 24.62 37.22
N ALA C 281 -47.09 24.86 38.52
CA ALA C 281 -46.14 24.19 39.39
C ALA C 281 -46.87 23.48 40.54
N VAL C 282 -46.27 22.39 41.00
CA VAL C 282 -46.66 21.68 42.18
C VAL C 282 -45.69 22.11 43.29
N VAL C 283 -46.21 22.41 44.48
CA VAL C 283 -45.38 22.93 45.57
C VAL C 283 -45.64 22.17 46.84
N PRO C 284 -44.93 21.06 47.01
CA PRO C 284 -45.15 20.22 48.13
C PRO C 284 -44.51 20.77 49.39
N ASN C 285 -44.88 20.14 50.50
CA ASN C 285 -44.30 20.40 51.78
C ASN C 285 -43.16 19.44 51.99
N ASP C 286 -42.02 19.82 51.46
CA ASP C 286 -40.80 19.08 51.64
C ASP C 286 -39.65 20.03 51.93
N GLU C 287 -38.45 19.49 51.92
CA GLU C 287 -37.23 20.17 52.33
C GLU C 287 -36.72 21.14 51.25
N LEU C 288 -37.24 21.01 50.04
CA LEU C 288 -36.80 21.74 48.89
C LEU C 288 -37.59 23.00 48.66
N LEU C 289 -38.50 23.31 49.58
CA LEU C 289 -39.41 24.41 49.36
C LEU C 289 -38.67 25.71 49.07
N ASP C 290 -37.58 26.01 49.76
CA ASP C 290 -36.90 27.29 49.54
C ASP C 290 -36.27 27.37 48.15
N LYS C 291 -35.69 26.26 47.70
CA LYS C 291 -35.20 26.22 46.35
C LYS C 291 -36.32 26.52 45.36
N THR C 292 -37.43 25.77 45.48
CA THR C 292 -38.54 25.90 44.57
C THR C 292 -39.06 27.34 44.59
N LEU C 293 -39.16 27.95 45.76
CA LEU C 293 -39.67 29.33 45.78
C LEU C 293 -38.71 30.24 45.02
N SER C 294 -37.42 30.03 45.20
CA SER C 294 -36.45 30.80 44.45
C SER C 294 -36.63 30.59 42.91
N ASN C 295 -36.77 29.35 42.45
CA ASN C 295 -37.01 29.09 41.04
C ASN C 295 -38.25 29.80 40.53
N LEU C 296 -39.29 29.78 41.34
CA LEU C 296 -40.54 30.35 40.94
C LEU C 296 -40.42 31.86 40.86
N GLN C 297 -39.61 32.42 41.75
CA GLN C 297 -39.32 33.85 41.74
C GLN C 297 -38.68 34.23 40.40
N GLU C 298 -37.74 33.43 39.94
CA GLU C 298 -37.04 33.72 38.67
C GLU C 298 -38.05 33.78 37.51
N VAL C 299 -38.99 32.83 37.47
CA VAL C 299 -39.99 32.78 36.38
C VAL C 299 -40.92 33.96 36.48
N HIS C 300 -41.24 34.34 37.70
CA HIS C 300 -42.17 35.43 37.92
C HIS C 300 -41.57 36.77 37.52
N ALA C 301 -40.32 37.02 37.91
CA ALA C 301 -39.59 38.17 37.42
C ALA C 301 -39.73 38.39 35.93
N ARG C 302 -39.90 37.33 35.13
CA ARG C 302 -40.01 37.47 33.67
C ARG C 302 -41.43 37.53 33.13
N GLY C 303 -42.38 37.78 34.02
CA GLY C 303 -43.76 37.92 33.64
C GLY C 303 -44.58 36.67 33.53
N GLY C 304 -44.02 35.53 33.91
CA GLY C 304 -44.80 34.28 33.87
C GLY C 304 -46.05 34.34 34.73
N LYS C 305 -47.11 33.66 34.32
CA LYS C 305 -48.34 33.63 35.10
C LYS C 305 -48.36 32.33 35.92
N LEU C 306 -48.11 32.49 37.21
CA LEU C 306 -47.93 31.34 38.08
C LEU C 306 -49.26 30.77 38.53
N ILE C 307 -49.48 29.52 38.19
CA ILE C 307 -50.59 28.70 38.61
C ILE C 307 -50.04 27.60 39.48
N LEU C 308 -50.36 27.64 40.75
CA LEU C 308 -49.60 26.92 41.75
C LEU C 308 -50.51 26.02 42.55
N PHE C 309 -50.21 24.74 42.59
CA PHE C 309 -50.87 23.81 43.45
C PHE C 309 -49.92 23.55 44.58
N VAL C 310 -50.34 23.88 45.79
CA VAL C 310 -49.45 23.89 46.94
C VAL C 310 -50.09 23.14 48.11
N ASP C 311 -49.25 22.53 48.90
CA ASP C 311 -49.70 21.91 50.10
C ASP C 311 -50.11 22.98 51.08
N LYS C 312 -51.10 22.69 51.91
CA LYS C 312 -51.64 23.70 52.86
C LYS C 312 -50.63 24.15 53.91
N ALA C 313 -49.81 23.23 54.37
CA ALA C 313 -48.79 23.57 55.33
C ALA C 313 -47.79 24.61 54.80
N VAL C 314 -47.84 24.88 53.49
CA VAL C 314 -46.83 25.71 52.84
C VAL C 314 -47.42 27.01 52.29
N LYS C 315 -48.72 27.14 52.36
CA LYS C 315 -49.41 28.19 51.62
C LYS C 315 -49.06 29.57 52.09
N GLU C 316 -48.79 29.72 53.38
CA GLU C 316 -48.52 31.02 53.93
C GLU C 316 -47.19 31.57 53.45
N ARG C 317 -46.32 30.71 52.97
CA ARG C 317 -45.03 31.15 52.44
C ARG C 317 -45.05 31.38 50.94
N VAL C 318 -46.21 31.23 50.30
CA VAL C 318 -46.26 31.34 48.87
C VAL C 318 -46.96 32.62 48.47
N ASN C 319 -46.20 33.70 48.32
CA ASN C 319 -46.84 34.96 47.94
C ASN C 319 -46.16 35.50 46.71
N PHE C 320 -46.88 35.44 45.61
CA PHE C 320 -46.43 35.99 44.36
C PHE C 320 -47.51 36.91 43.84
N ASP C 321 -47.14 38.13 43.49
CA ASP C 321 -48.16 39.05 43.02
C ASP C 321 -48.86 38.46 41.81
N ASN C 322 -50.19 38.49 41.84
CA ASN C 322 -50.96 38.20 40.64
C ASN C 322 -50.84 36.74 40.23
N SER C 323 -50.75 35.83 41.21
CA SER C 323 -50.61 34.41 40.92
C SER C 323 -51.90 33.73 41.32
N ILE C 324 -52.03 32.47 40.95
CA ILE C 324 -53.21 31.71 41.22
C ILE C 324 -52.75 30.56 42.06
N VAL C 325 -53.21 30.53 43.30
CA VAL C 325 -52.81 29.52 44.27
C VAL C 325 -53.99 28.69 44.76
N LEU C 326 -53.98 27.39 44.45
CA LEU C 326 -54.91 26.42 44.98
C LEU C 326 -54.15 25.56 45.94
N GLU C 327 -54.79 25.19 47.04
CA GLU C 327 -54.10 24.60 48.17
C GLU C 327 -54.81 23.34 48.58
N LEU C 328 -54.04 22.34 48.96
CA LEU C 328 -54.60 21.09 49.29
C LEU C 328 -53.74 20.37 50.28
N ASP C 329 -54.32 19.36 50.92
CA ASP C 329 -53.58 18.52 51.85
C ASP C 329 -53.10 17.32 51.09
N ALA C 330 -51.80 17.15 51.03
CA ALA C 330 -51.24 16.15 50.13
C ALA C 330 -50.47 15.06 50.85
N GLY C 331 -50.18 15.25 52.11
CA GLY C 331 -49.45 14.27 52.94
C GLY C 331 -47.94 14.27 52.65
N HIS C 332 -47.34 13.08 52.66
CA HIS C 332 -45.88 12.95 52.51
C HIS C 332 -45.39 12.27 51.21
N ASP C 333 -44.24 11.60 51.27
CA ASP C 333 -43.58 11.17 50.04
C ASP C 333 -44.46 10.29 49.24
N PHE C 334 -45.18 9.37 49.87
CA PHE C 334 -45.93 8.43 49.10
C PHE C 334 -47.25 9.03 48.59
N SER C 335 -48.00 9.72 49.41
CA SER C 335 -49.31 10.16 49.00
C SER C 335 -49.23 11.37 48.12
N ALA C 336 -48.27 12.25 48.38
CA ALA C 336 -48.33 13.53 47.73
C ALA C 336 -48.21 13.42 46.20
N PRO C 337 -47.37 12.52 45.72
CA PRO C 337 -47.29 12.45 44.26
C PRO C 337 -48.60 12.02 43.65
N VAL C 338 -49.32 11.13 44.32
CA VAL C 338 -50.64 10.73 43.85
C VAL C 338 -51.63 11.88 43.99
N VAL C 339 -51.70 12.52 45.16
CA VAL C 339 -52.67 13.61 45.40
C VAL C 339 -52.49 14.78 44.43
N PHE C 340 -51.26 15.21 44.22
CA PHE C 340 -50.98 16.28 43.28
C PHE C 340 -51.25 15.92 41.82
N THR C 341 -51.41 14.64 41.49
CA THR C 341 -51.74 14.32 40.08
C THR C 341 -53.17 14.71 39.75
N ILE C 342 -54.06 14.63 40.73
CA ILE C 342 -55.47 14.86 40.50
C ILE C 342 -55.78 16.28 39.92
N PRO C 343 -55.31 17.36 40.54
CA PRO C 343 -55.64 18.67 39.94
C PRO C 343 -55.12 18.83 38.53
N LEU C 344 -53.97 18.20 38.21
CA LEU C 344 -53.40 18.29 36.89
C LEU C 344 -54.24 17.54 35.93
N GLN C 345 -54.85 16.44 36.37
CA GLN C 345 -55.81 15.75 35.54
C GLN C 345 -57.03 16.63 35.28
N LEU C 346 -57.61 17.21 36.32
CA LEU C 346 -58.79 18.08 36.17
C LEU C 346 -58.50 19.28 35.28
N LEU C 347 -57.28 19.80 35.38
CA LEU C 347 -56.93 20.98 34.61
C LEU C 347 -56.99 20.65 33.16
N SER C 348 -56.53 19.44 32.82
CA SER C 348 -56.46 19.05 31.43
C SER C 348 -57.81 18.80 30.86
N TYR C 349 -58.67 18.29 31.68
CA TYR C 349 -60.01 17.99 31.28
C TYR C 349 -60.76 19.27 30.96
N HIS C 350 -60.77 20.21 31.88
CA HIS C 350 -61.46 21.48 31.66
C HIS C 350 -60.84 22.31 30.56
N VAL C 351 -59.53 22.28 30.38
CA VAL C 351 -58.94 23.03 29.25
C VAL C 351 -59.35 22.40 27.91
N ALA C 352 -59.38 21.08 27.86
CA ALA C 352 -59.83 20.36 26.66
C ALA C 352 -61.28 20.67 26.31
N ILE C 353 -62.12 20.87 27.32
CA ILE C 353 -63.46 21.26 27.07
C ILE C 353 -63.49 22.68 26.51
N ILE C 354 -62.79 23.59 27.18
CA ILE C 354 -62.64 24.94 26.68
C ILE C 354 -62.15 25.02 25.23
N LYS C 355 -61.26 24.12 24.82
CA LYS C 355 -60.72 24.08 23.46
C LYS C 355 -61.59 23.30 22.49
N GLY C 356 -62.68 22.73 22.95
CA GLY C 356 -63.52 21.96 22.05
C GLY C 356 -62.93 20.65 21.62
N THR C 357 -61.84 20.23 22.21
CA THR C 357 -61.26 18.97 21.79
C THR C 357 -61.94 17.80 22.51
N ASP C 358 -61.64 16.60 22.04
CA ASP C 358 -62.40 15.42 22.42
C ASP C 358 -61.74 14.78 23.64
N VAL C 359 -62.46 14.65 24.76
CA VAL C 359 -61.85 14.05 25.95
C VAL C 359 -62.11 12.56 26.11
N ASP C 360 -63.06 12.02 25.34
CA ASP C 360 -63.30 10.59 25.37
C ASP C 360 -62.98 9.96 24.01
N GLN C 361 -62.60 8.68 24.04
CA GLN C 361 -62.51 7.84 22.86
C GLN C 361 -63.89 7.65 22.20
N PRO C 362 -63.90 7.42 20.89
CA PRO C 362 -65.06 6.84 20.17
C PRO C 362 -65.80 5.71 20.90
N ALA D 5 -9.92 38.39 23.02
CA ALA D 5 -11.36 38.22 22.63
C ALA D 5 -11.61 38.70 21.19
N SER D 6 -11.19 37.94 20.18
CA SER D 6 -11.45 38.38 18.80
C SER D 6 -12.48 37.51 18.15
N LYS D 7 -13.19 38.08 17.18
CA LYS D 7 -14.13 37.29 16.37
C LYS D 7 -13.43 36.55 15.23
N ASP D 8 -12.13 36.86 15.02
CA ASP D 8 -11.30 36.30 13.95
C ASP D 8 -11.96 36.50 12.57
N GLY D 9 -12.68 37.60 12.38
CA GLY D 9 -13.37 37.84 11.13
C GLY D 9 -14.77 37.31 10.99
N TYR D 10 -15.19 36.44 11.91
CA TYR D 10 -16.56 35.99 11.88
C TYR D 10 -17.46 37.10 12.45
N LYS D 11 -18.70 37.05 12.05
CA LYS D 11 -19.72 38.07 12.32
C LYS D 11 -20.17 38.08 13.79
N HIS D 12 -20.25 36.90 14.39
CA HIS D 12 -20.47 36.72 15.82
C HIS D 12 -19.58 35.68 16.43
N TYR D 13 -19.32 35.80 17.73
CA TYR D 13 -18.48 34.85 18.46
C TYR D 13 -19.03 33.44 18.32
N LEU D 15 -20.68 32.07 15.95
CA LEU D 15 -20.29 31.59 14.64
C LEU D 15 -18.80 31.21 14.55
N LYS D 16 -17.94 31.99 15.17
CA LYS D 16 -16.52 31.68 15.21
C LYS D 16 -16.28 30.39 15.95
N GLU D 17 -17.00 30.23 17.03
CA GLU D 17 -16.86 29.06 17.87
C GLU D 17 -17.32 27.78 17.19
N ILE D 18 -18.36 27.89 16.36
CA ILE D 18 -18.85 26.76 15.62
C ILE D 18 -17.74 26.36 14.71
N TYR D 19 -17.13 27.35 14.08
CA TYR D 19 -16.15 27.08 13.05
C TYR D 19 -14.86 26.64 13.64
N GLU D 20 -14.61 26.93 14.91
CA GLU D 20 -13.43 26.36 15.57
C GLU D 20 -13.54 24.87 15.94
N GLN D 21 -14.66 24.20 15.68
CA GLN D 21 -14.82 22.83 16.19
C GLN D 21 -13.85 21.79 15.58
N PRO D 22 -13.54 21.89 14.26
CA PRO D 22 -12.56 21.01 13.65
C PRO D 22 -11.24 21.01 14.40
N GLU D 23 -10.75 22.19 14.70
CA GLU D 23 -9.51 22.29 15.45
C GLU D 23 -9.74 21.84 16.91
N ALA D 24 -10.85 22.27 17.55
CA ALA D 24 -11.07 21.95 18.97
C ALA D 24 -11.21 20.44 19.19
N VAL D 25 -11.96 19.78 18.32
CA VAL D 25 -12.05 18.34 18.31
C VAL D 25 -10.70 17.66 18.14
N SER D 26 -9.92 18.14 17.19
CA SER D 26 -8.61 17.56 16.94
C SER D 26 -7.69 17.80 18.14
N ASN D 27 -7.74 18.97 18.74
CA ASN D 27 -6.86 19.20 19.88
C ASN D 27 -7.22 18.34 21.12
N THR D 28 -8.49 17.94 21.24
CA THR D 28 -8.90 17.12 22.37
C THR D 28 -8.41 15.69 22.24
N ILE D 29 -8.57 15.12 21.06
CA ILE D 29 -7.96 13.83 20.75
C ILE D 29 -6.46 13.86 20.96
N LEU D 30 -5.82 14.88 20.38
CA LEU D 30 -4.37 14.95 20.31
C LEU D 30 -3.76 14.81 21.71
N ALA D 31 -4.38 15.47 22.69
CA ALA D 31 -3.83 15.52 24.04
C ALA D 31 -3.92 14.19 24.83
N SER D 32 -4.58 13.18 24.25
CA SER D 32 -4.64 11.88 24.90
C SER D 32 -3.94 10.75 24.13
N LEU D 33 -3.20 11.11 23.08
CA LEU D 33 -2.49 10.11 22.27
C LEU D 33 -1.00 10.03 22.63
N ALA D 34 -0.46 8.82 22.49
CA ALA D 34 0.99 8.60 22.47
C ALA D 34 1.22 7.83 21.20
N ASP D 35 1.97 8.43 20.26
CA ASP D 35 2.29 7.83 18.96
C ASP D 35 1.03 7.37 18.20
N GLY D 36 0.09 8.28 18.01
CA GLY D 36 -1.14 7.97 17.27
C GLY D 36 -2.11 6.97 17.92
N GLU D 37 -1.84 6.60 19.17
CA GLU D 37 -2.71 5.68 19.88
C GLU D 37 -3.21 6.31 21.14
N ILE D 38 -4.42 5.97 21.54
CA ILE D 38 -4.94 6.45 22.78
C ILE D 38 -4.22 5.75 23.90
N SER D 39 -3.57 6.54 24.74
CA SER D 39 -2.72 6.05 25.78
C SER D 39 -3.17 6.47 27.19
N LEU D 40 -3.24 5.48 28.06
CA LEU D 40 -3.59 5.64 29.47
C LEU D 40 -2.46 6.40 30.22
N ASP D 41 -1.27 6.50 29.62
CA ASP D 41 -0.20 7.26 30.23
C ASP D 41 -0.37 8.80 30.08
N SER D 42 -1.30 9.28 29.28
CA SER D 42 -1.63 10.73 29.28
C SER D 42 -2.50 11.19 30.48
N PHE D 43 -3.07 10.24 31.23
CA PHE D 43 -3.91 10.52 32.42
C PHE D 43 -3.09 10.66 33.70
N ASP D 44 -3.60 11.50 34.62
CA ASP D 44 -3.05 11.73 35.99
C ASP D 44 -2.70 10.37 36.62
N LYS D 45 -1.55 10.27 37.29
CA LYS D 45 -1.02 8.94 37.69
C LYS D 45 -2.13 7.98 38.16
N ARG D 46 -2.92 8.50 39.10
CA ARG D 46 -4.08 7.85 39.75
C ARG D 46 -5.16 7.19 38.87
N ALA D 47 -5.31 7.67 37.64
CA ALA D 47 -6.41 7.23 36.77
C ALA D 47 -6.56 5.72 36.73
N LYS D 48 -5.44 5.03 36.62
CA LYS D 48 -5.45 3.63 36.29
C LYS D 48 -5.98 2.78 37.43
N GLU D 49 -5.61 3.12 38.65
CA GLU D 49 -6.10 2.34 39.77
C GLU D 49 -7.60 2.53 39.86
N LEU D 50 -7.99 3.80 39.89
CA LEU D 50 -9.38 4.23 39.85
C LEU D 50 -10.23 3.53 38.79
N PHE D 51 -9.69 3.34 37.61
CA PHE D 51 -10.50 2.75 36.54
C PHE D 51 -10.59 1.25 36.73
N GLU D 52 -9.52 0.68 37.29
CA GLU D 52 -9.51 -0.73 37.66
C GLU D 52 -10.63 -1.07 38.65
N LYS D 53 -10.87 -0.18 39.60
CA LYS D 53 -11.91 -0.35 40.63
C LYS D 53 -13.33 -0.02 40.17
N THR D 54 -13.44 0.52 38.97
CA THR D 54 -14.70 1.04 38.48
C THR D 54 -15.54 -0.08 37.91
N LYS D 55 -16.71 -0.23 38.49
CA LYS D 55 -17.67 -1.24 38.08
CA LYS D 55 -17.66 -1.24 38.06
C LYS D 55 -18.96 -0.59 37.59
N HIS D 56 -19.08 0.73 37.80
CA HIS D 56 -20.27 1.47 37.40
C HIS D 56 -19.92 2.95 37.28
N ILE D 57 -20.51 3.59 36.28
CA ILE D 57 -20.17 4.95 35.93
C ILE D 57 -21.39 5.76 36.11
N CYS D 58 -21.28 6.73 37.01
CA CYS D 58 -22.35 7.67 37.29
C CYS D 58 -22.00 9.06 36.77
N ILE D 59 -22.73 9.51 35.75
CA ILE D 59 -22.48 10.79 35.14
C ILE D 59 -23.49 11.82 35.66
N VAL D 60 -23.00 12.99 36.05
CA VAL D 60 -23.80 14.05 36.63
C VAL D 60 -23.39 15.30 35.94
N ALA D 61 -24.38 16.04 35.48
CA ALA D 61 -24.17 17.27 34.78
C ALA D 61 -25.49 18.03 34.64
N CYS D 62 -25.42 19.26 34.20
CA CYS D 62 -26.63 19.93 33.80
C CYS D 62 -26.59 20.45 32.39
N GLY D 63 -27.76 20.80 31.86
CA GLY D 63 -27.88 21.34 30.51
C GLY D 63 -27.11 20.62 29.43
N THR D 64 -26.36 21.40 28.64
CA THR D 64 -25.61 20.83 27.53
C THR D 64 -24.73 19.69 27.95
N SER D 65 -24.05 19.82 29.06
CA SER D 65 -23.15 18.76 29.43
C SER D 65 -23.93 17.53 29.78
N TYR D 66 -25.18 17.66 30.22
CA TYR D 66 -25.99 16.44 30.57
C TYR D 66 -26.38 15.69 29.30
N ASN D 67 -26.66 16.43 28.24
CA ASN D 67 -26.98 15.82 26.96
C ASN D 67 -25.78 15.08 26.43
N ALA D 68 -24.57 15.62 26.67
CA ALA D 68 -23.37 14.87 26.28
C ALA D 68 -23.28 13.57 27.08
N GLY D 69 -23.61 13.64 28.35
CA GLY D 69 -23.60 12.44 29.19
C GLY D 69 -24.57 11.39 28.65
N THR D 71 -25.56 10.87 25.62
CA THR D 71 -25.02 10.22 24.41
C THR D 71 -23.95 9.21 24.78
N ALA D 72 -23.08 9.61 25.69
CA ALA D 72 -21.96 8.80 26.15
C ALA D 72 -22.37 7.48 26.79
N LYS D 73 -23.53 7.47 27.40
CA LYS D 73 -24.05 6.24 27.96
C LYS D 73 -24.27 5.14 26.93
N TYR D 74 -24.77 5.47 25.75
CA TYR D 74 -24.95 4.47 24.73
C TYR D 74 -23.60 3.88 24.42
N TRP D 75 -22.56 4.74 24.36
CA TRP D 75 -21.19 4.31 24.02
C TRP D 75 -20.59 3.44 25.10
N ILE D 76 -20.63 3.95 26.32
CA ILE D 76 -20.01 3.24 27.44
C ILE D 76 -20.64 1.83 27.57
N GLU D 77 -21.95 1.73 27.51
CA GLU D 77 -22.57 0.41 27.69
C GLU D 77 -22.29 -0.57 26.53
N LYS D 78 -22.26 -0.05 25.33
CA LYS D 78 -22.19 -0.89 24.17
C LYS D 78 -20.76 -1.34 23.91
N TYR D 79 -19.81 -0.42 24.08
CA TYR D 79 -18.43 -0.62 23.71
C TYR D 79 -17.57 -1.02 24.89
N ALA D 80 -17.67 -0.31 26.04
CA ALA D 80 -16.85 -0.65 27.21
C ALA D 80 -17.58 -1.69 28.09
N LYS D 81 -18.86 -1.88 27.81
CA LYS D 81 -19.71 -2.80 28.56
C LYS D 81 -19.61 -2.62 30.08
N VAL D 82 -19.55 -1.37 30.52
CA VAL D 82 -19.67 -1.03 31.93
C VAL D 82 -21.02 -0.34 32.08
N PRO D 83 -21.83 -0.73 33.11
CA PRO D 83 -23.09 -0.04 33.29
C PRO D 83 -22.90 1.41 33.59
N CYS D 84 -23.82 2.23 33.06
CA CYS D 84 -23.75 3.68 33.18
C CYS D 84 -25.11 4.34 33.49
N SER D 85 -25.14 5.29 34.41
CA SER D 85 -26.33 6.08 34.62
C SER D 85 -25.99 7.53 34.44
N VAL D 86 -26.98 8.31 34.00
CA VAL D 86 -26.80 9.74 33.82
C VAL D 86 -27.86 10.49 34.57
N GLU D 87 -27.48 11.46 35.39
CA GLU D 87 -28.50 12.20 36.11
C GLU D 87 -28.27 13.68 36.12
N ILE D 88 -29.36 14.45 36.11
CA ILE D 88 -29.29 15.92 36.20
C ILE D 88 -28.81 16.34 37.58
N ALA D 89 -27.93 17.34 37.62
CA ALA D 89 -27.21 17.69 38.83
C ALA D 89 -28.13 18.24 39.92
N SER D 90 -29.05 19.14 39.55
CA SER D 90 -29.98 19.76 40.52
C SER D 90 -30.94 18.73 41.13
N GLU D 91 -31.04 17.55 40.57
CA GLU D 91 -31.93 16.53 41.08
C GLU D 91 -31.15 15.57 41.93
N ILE D 92 -30.02 15.09 41.46
CA ILE D 92 -29.27 14.13 42.25
C ILE D 92 -28.63 14.71 43.53
N ARG D 93 -28.32 15.99 43.50
CA ARG D 93 -27.82 16.71 44.65
C ARG D 93 -28.72 16.60 45.89
N TYR D 94 -30.02 16.57 45.67
CA TYR D 94 -30.96 16.67 46.76
C TYR D 94 -31.68 15.38 47.01
N ARG D 95 -31.35 14.34 46.28
CA ARG D 95 -32.10 13.11 46.30
C ARG D 95 -31.38 12.10 47.13
N ASP D 96 -32.14 11.22 47.76
CA ASP D 96 -31.61 10.17 48.61
C ASP D 96 -31.32 8.94 47.74
N ASN D 97 -30.11 8.92 47.17
CA ASN D 97 -29.75 7.94 46.12
C ASN D 97 -28.90 6.82 46.64
N VAL D 98 -28.88 5.72 45.92
CA VAL D 98 -28.10 4.55 46.31
C VAL D 98 -26.87 4.56 45.46
N VAL D 99 -25.68 4.42 46.06
CA VAL D 99 -24.47 4.38 45.27
C VAL D 99 -23.90 2.96 45.28
N VAL D 100 -23.95 2.24 44.15
CA VAL D 100 -23.46 0.85 44.18
C VAL D 100 -21.93 0.82 44.29
N ASP D 101 -21.43 -0.31 44.82
CA ASP D 101 -19.97 -0.52 44.95
C ASP D 101 -19.26 -0.39 43.60
N GLY D 102 -18.12 0.28 43.63
CA GLY D 102 -17.30 0.48 42.44
C GLY D 102 -17.82 1.56 41.50
N SER D 103 -18.65 2.49 42.01
CA SER D 103 -19.17 3.57 41.23
C SER D 103 -18.12 4.64 41.13
N LEU D 104 -17.89 5.09 39.90
CA LEU D 104 -17.07 6.25 39.60
C LEU D 104 -18.00 7.40 39.36
N PHE D 105 -17.82 8.48 40.10
CA PHE D 105 -18.59 9.71 39.90
C PHE D 105 -17.94 10.54 38.81
N VAL D 106 -18.66 10.79 37.72
CA VAL D 106 -18.06 11.54 36.62
C VAL D 106 -18.89 12.78 36.45
N SER D 107 -18.27 13.95 36.59
CA SER D 107 -18.94 15.19 36.26
C SER D 107 -18.47 15.75 34.93
N ILE D 108 -19.29 16.62 34.36
CA ILE D 108 -19.01 17.15 33.05
C ILE D 108 -19.36 18.64 33.11
N SER D 109 -18.40 19.51 32.88
CA SER D 109 -18.64 20.94 33.00
C SER D 109 -17.63 21.75 32.20
N GLN D 110 -18.14 22.68 31.41
CA GLN D 110 -17.26 23.58 30.67
C GLN D 110 -16.49 24.43 31.69
N SER D 111 -17.21 25.14 32.56
CA SER D 111 -16.61 26.07 33.52
C SER D 111 -15.98 25.40 34.75
N GLY D 112 -16.46 24.23 35.14
CA GLY D 112 -15.96 23.60 36.35
C GLY D 112 -16.33 24.38 37.62
N GLU D 113 -17.27 25.31 37.49
CA GLU D 113 -17.84 26.06 38.62
C GLU D 113 -19.38 25.91 38.75
N THR D 114 -19.98 25.03 37.97
CA THR D 114 -21.41 24.89 37.95
C THR D 114 -21.87 24.39 39.35
N ALA D 115 -22.61 25.24 40.05
CA ALA D 115 -22.90 25.02 41.48
C ALA D 115 -23.54 23.65 41.80
N ASP D 116 -24.60 23.28 41.08
CA ASP D 116 -25.25 21.97 41.35
C ASP D 116 -24.29 20.83 41.07
N THR D 117 -23.52 20.92 39.98
CA THR D 117 -22.63 19.82 39.61
C THR D 117 -21.51 19.70 40.63
N LEU D 118 -20.96 20.84 41.01
CA LEU D 118 -19.92 20.93 42.03
C LEU D 118 -20.43 20.45 43.41
N GLU D 119 -21.60 20.91 43.82
CA GLU D 119 -22.18 20.43 45.07
C GLU D 119 -22.56 18.95 45.02
N SER D 120 -22.87 18.40 43.84
CA SER D 120 -22.99 16.93 43.71
C SER D 120 -21.67 16.20 43.91
N LEU D 121 -20.57 16.81 43.52
CA LEU D 121 -19.28 16.12 43.70
C LEU D 121 -18.90 16.11 45.17
N ARG D 122 -19.11 17.24 45.82
CA ARG D 122 -18.89 17.35 47.26
C ARG D 122 -19.78 16.39 48.06
N LYS D 123 -21.04 16.26 47.68
CA LYS D 123 -21.85 15.24 48.31
C LYS D 123 -21.30 13.82 47.99
N SER D 124 -20.77 13.62 46.79
CA SER D 124 -20.35 12.30 46.36
C SER D 124 -19.24 11.73 47.24
N LYS D 125 -18.49 12.65 47.85
CA LYS D 125 -17.37 12.28 48.71
C LYS D 125 -17.76 11.71 50.05
N LYS D 126 -19.02 11.85 50.45
CA LYS D 126 -19.52 11.22 51.67
C LYS D 126 -20.32 9.96 51.35
N GLN D 127 -20.18 9.44 50.12
CA GLN D 127 -20.90 8.27 49.68
C GLN D 127 -19.92 7.23 49.13
N ASN D 128 -20.48 6.10 48.73
CA ASN D 128 -19.76 4.88 48.37
C ASN D 128 -19.07 4.84 47.00
N TYR D 129 -18.63 5.98 46.51
CA TYR D 129 -17.92 6.02 45.23
C TYR D 129 -16.46 5.58 45.41
N VAL D 130 -15.91 4.90 44.42
CA VAL D 130 -14.46 4.64 44.38
C VAL D 130 -13.65 5.92 44.13
N GLY D 131 -14.26 6.89 43.47
CA GLY D 131 -13.66 8.21 43.33
C GLY D 131 -14.29 9.02 42.24
N SER D 132 -13.58 10.04 41.76
CA SER D 132 -14.21 10.98 40.86
C SER D 132 -13.32 11.40 39.69
N CYS D 134 -13.53 14.44 36.37
CA CYS D 134 -14.22 15.57 35.77
CA CYS D 134 -14.25 15.53 35.76
C CYS D 134 -13.82 15.71 34.31
N ILE D 135 -14.79 15.87 33.43
CA ILE D 135 -14.52 16.21 32.05
C ILE D 135 -14.72 17.71 32.01
N CYS D 136 -13.63 18.47 32.12
CA CYS D 136 -13.72 19.94 32.21
CA CYS D 136 -13.69 19.92 32.25
C CYS D 136 -12.81 20.63 31.23
N ASN D 137 -13.05 21.93 31.10
CA ASN D 137 -12.28 22.78 30.20
C ASN D 137 -11.39 23.79 30.86
N VAL D 138 -11.78 24.30 32.02
CA VAL D 138 -11.09 25.42 32.62
C VAL D 138 -10.19 24.83 33.66
N PRO D 139 -8.86 24.91 33.45
CA PRO D 139 -7.95 24.32 34.43
C PRO D 139 -7.97 25.10 35.74
N ASN D 140 -7.60 24.44 36.82
CA ASN D 140 -7.71 25.06 38.13
C ASN D 140 -9.11 25.65 38.41
N SER D 141 -10.15 24.87 38.11
CA SER D 141 -11.50 25.25 38.47
C SER D 141 -11.85 24.38 39.68
N SER D 142 -12.91 24.74 40.36
CA SER D 142 -13.34 23.96 41.50
C SER D 142 -13.46 22.48 41.19
N LEU D 143 -14.23 22.15 40.16
CA LEU D 143 -14.39 20.77 39.74
C LEU D 143 -13.08 20.07 39.59
N VAL D 144 -12.13 20.67 38.88
CA VAL D 144 -10.83 20.04 38.55
C VAL D 144 -10.05 19.81 39.83
N ARG D 145 -10.02 20.82 40.69
CA ARG D 145 -9.33 20.66 41.96
C ARG D 145 -9.91 19.56 42.86
N GLU D 146 -11.23 19.47 42.97
CA GLU D 146 -11.81 18.51 43.94
C GLU D 146 -12.08 17.13 43.34
N SER D 147 -11.75 16.93 42.06
CA SER D 147 -11.85 15.60 41.47
C SER D 147 -10.53 14.88 41.56
N ASP D 148 -10.59 13.54 41.51
CA ASP D 148 -9.39 12.74 41.66
C ASP D 148 -8.61 12.81 40.37
N ILE D 149 -9.31 12.74 39.25
CA ILE D 149 -8.71 12.91 37.95
C ILE D 149 -9.51 13.85 37.07
N ALA D 150 -8.83 14.60 36.23
CA ALA D 150 -9.48 15.58 35.38
C ALA D 150 -9.10 15.27 33.95
N PHE D 151 -10.09 15.07 33.11
CA PHE D 151 -9.84 14.97 31.67
C PHE D 151 -10.17 16.33 31.06
N THR D 153 -10.95 19.04 28.25
CA THR D 153 -11.27 19.34 26.89
C THR D 153 -10.35 20.48 26.45
N LYS D 154 -10.22 20.62 25.13
CA LYS D 154 -9.38 21.65 24.52
C LYS D 154 -10.26 22.53 23.66
N ALA D 155 -11.22 23.17 24.31
CA ALA D 155 -12.22 23.94 23.66
C ALA D 155 -11.93 25.43 23.70
N GLY D 156 -11.10 25.89 24.64
CA GLY D 156 -10.85 27.33 24.80
C GLY D 156 -12.05 28.07 25.38
N VAL D 157 -12.00 29.40 25.32
CA VAL D 157 -13.06 30.24 25.87
C VAL D 157 -14.27 30.34 24.91
N GLU D 158 -15.47 30.43 25.50
CA GLU D 158 -16.74 30.57 24.78
C GLU D 158 -17.41 31.87 25.15
N ILE D 159 -17.76 32.67 24.15
CA ILE D 159 -18.49 33.93 24.32
C ILE D 159 -19.94 33.84 23.80
N GLY D 160 -20.20 32.85 22.95
CA GLY D 160 -21.54 32.58 22.49
C GLY D 160 -22.49 32.21 23.62
N VAL D 161 -23.75 32.62 23.44
CA VAL D 161 -24.76 32.47 24.43
C VAL D 161 -24.93 31.00 24.66
N ALA D 162 -25.01 30.27 23.55
CA ALA D 162 -25.11 28.85 23.55
C ALA D 162 -23.72 28.25 23.44
N SER D 163 -23.64 27.04 23.94
CA SER D 163 -22.41 26.29 23.96
C SER D 163 -22.35 25.49 22.65
N THR D 164 -21.21 25.55 21.99
CA THR D 164 -21.02 24.81 20.74
C THR D 164 -19.83 23.87 20.88
N LYS D 165 -18.64 24.42 20.83
CA LYS D 165 -17.46 23.60 20.93
C LYS D 165 -17.28 22.94 22.28
N ALA D 166 -17.86 23.49 23.32
CA ALA D 166 -17.88 22.79 24.63
C ALA D 166 -18.57 21.44 24.51
N PHE D 167 -19.68 21.40 23.78
CA PHE D 167 -20.46 20.16 23.68
C PHE D 167 -19.69 19.10 22.88
N THR D 168 -19.18 19.47 21.70
CA THR D 168 -18.59 18.48 20.83
C THR D 168 -17.27 17.97 21.40
N THR D 169 -16.49 18.83 22.04
CA THR D 169 -15.28 18.34 22.68
C THR D 169 -15.57 17.43 23.86
N GLN D 170 -16.65 17.72 24.58
CA GLN D 170 -17.10 16.87 25.65
C GLN D 170 -17.44 15.50 25.08
N LEU D 171 -18.07 15.44 23.92
CA LEU D 171 -18.47 14.16 23.34
C LEU D 171 -17.23 13.39 23.00
N VAL D 172 -16.24 14.12 22.48
CA VAL D 172 -15.04 13.54 21.98
C VAL D 172 -14.25 13.04 23.15
N ALA D 173 -14.19 13.82 24.23
CA ALA D 173 -13.49 13.34 25.43
C ALA D 173 -14.21 12.11 26.01
N LEU D 174 -15.54 12.14 26.00
CA LEU D 174 -16.32 11.00 26.48
C LEU D 174 -16.08 9.75 25.63
N ALA D 175 -15.90 9.95 24.32
CA ALA D 175 -15.54 8.81 23.44
C ALA D 175 -14.16 8.27 23.69
N ILE D 176 -13.22 9.15 23.97
CA ILE D 176 -11.87 8.68 24.28
C ILE D 176 -11.94 7.88 25.58
N PHE D 177 -12.63 8.41 26.56
CA PHE D 177 -12.81 7.73 27.85
C PHE D 177 -13.38 6.33 27.68
N THR D 178 -14.35 6.21 26.82
CA THR D 178 -14.99 4.97 26.52
C THR D 178 -13.97 3.96 26.08
N LEU D 179 -13.09 4.38 25.15
CA LEU D 179 -12.06 3.50 24.61
C LEU D 179 -10.95 3.14 25.59
N VAL D 180 -10.63 4.05 26.51
CA VAL D 180 -9.62 3.79 27.54
C VAL D 180 -10.10 2.72 28.53
N ILE D 181 -11.36 2.85 28.97
CA ILE D 181 -11.99 1.87 29.82
C ILE D 181 -12.21 0.54 29.09
N ALA D 182 -12.70 0.56 27.86
CA ALA D 182 -12.86 -0.68 27.09
C ALA D 182 -11.53 -1.48 27.03
N LYS D 183 -10.45 -0.76 26.84
CA LYS D 183 -9.17 -1.39 26.72
C LYS D 183 -8.84 -2.02 28.03
N LEU D 184 -8.92 -1.21 29.06
CA LEU D 184 -8.59 -1.66 30.41
C LEU D 184 -9.38 -2.92 30.84
N LYS D 185 -10.67 -2.94 30.55
CA LYS D 185 -11.56 -4.05 30.91
C LYS D 185 -11.60 -5.15 29.87
N ASN D 186 -10.86 -5.01 28.79
CA ASN D 186 -10.78 -6.07 27.80
C ASN D 186 -12.08 -6.29 27.05
N SER D 187 -12.82 -5.21 26.85
CA SER D 187 -14.12 -5.30 26.20
C SER D 187 -13.95 -5.30 24.70
N LEU D 188 -12.86 -4.74 24.26
CA LEU D 188 -12.57 -4.66 22.86
C LEU D 188 -11.12 -5.13 22.59
N THR D 189 -10.90 -5.82 21.47
CA THR D 189 -9.55 -6.22 21.04
C THR D 189 -8.77 -4.94 20.74
N ASP D 190 -7.45 -5.01 20.73
CA ASP D 190 -6.61 -3.85 20.43
C ASP D 190 -6.86 -3.38 18.99
N GLN D 191 -7.20 -4.32 18.13
CA GLN D 191 -7.59 -4.04 16.76
C GLN D 191 -8.84 -3.18 16.69
N GLN D 192 -9.84 -3.57 17.49
CA GLN D 192 -11.08 -2.84 17.60
C GLN D 192 -10.78 -1.44 18.07
N ILE D 193 -10.01 -1.31 19.15
CA ILE D 193 -9.61 -0.01 19.67
C ILE D 193 -8.97 0.83 18.55
N ALA D 194 -8.05 0.26 17.80
CA ALA D 194 -7.38 1.02 16.75
C ALA D 194 -8.40 1.50 15.71
N LYS D 195 -9.38 0.67 15.39
CA LYS D 195 -10.30 1.05 14.30
C LYS D 195 -11.19 2.21 14.77
N TYR D 196 -11.60 2.16 16.04
CA TYR D 196 -12.45 3.18 16.59
C TYR D 196 -11.67 4.45 16.85
N THR D 197 -10.42 4.26 17.27
CA THR D 197 -9.50 5.34 17.37
C THR D 197 -9.40 6.06 16.01
N GLU D 198 -9.31 5.35 14.88
CA GLU D 198 -9.18 6.06 13.60
CA GLU D 198 -9.20 6.02 13.57
C GLU D 198 -10.47 6.80 13.31
N GLU D 199 -11.61 6.15 13.55
CA GLU D 199 -12.91 6.82 13.36
C GLU D 199 -12.92 8.16 14.11
N LEU D 200 -12.37 8.23 15.31
CA LEU D 200 -12.31 9.51 16.01
C LEU D 200 -11.42 10.54 15.28
N LYS D 201 -10.29 10.10 14.74
CA LYS D 201 -9.38 11.04 14.03
C LYS D 201 -9.94 11.56 12.73
N ASN D 202 -10.87 10.81 12.17
CA ASN D 202 -11.60 11.24 10.96
C ASN D 202 -12.66 12.26 11.26
N ILE D 203 -12.95 12.50 12.52
CA ILE D 203 -14.01 13.46 12.84
C ILE D 203 -13.71 14.81 12.18
N ARG D 204 -12.45 15.24 12.21
CA ARG D 204 -12.07 16.59 11.75
C ARG D 204 -12.56 16.93 10.36
N ALA D 205 -12.26 16.08 9.39
CA ALA D 205 -12.73 16.26 8.01
C ALA D 205 -14.24 16.31 7.91
N LEU D 206 -14.91 15.37 8.61
CA LEU D 206 -16.34 15.22 8.48
C LEU D 206 -17.05 16.40 9.07
N VAL D 207 -16.50 16.96 10.14
CA VAL D 207 -17.04 18.19 10.71
C VAL D 207 -16.93 19.32 9.75
N GLY D 209 -16.89 19.05 6.46
CA GLY D 209 -17.90 18.80 5.45
C GLY D 209 -19.27 19.31 5.90
N ALA D 210 -19.59 19.16 7.19
CA ALA D 210 -20.87 19.61 7.70
C ALA D 210 -20.90 21.13 7.73
N LEU D 211 -19.79 21.77 8.08
CA LEU D 211 -19.69 23.24 8.00
C LEU D 211 -20.05 23.81 6.62
N LYS D 212 -19.85 23.03 5.56
CA LYS D 212 -20.20 23.52 4.23
C LYS D 212 -21.69 23.67 3.92
N LEU D 213 -22.52 23.08 4.77
CA LEU D 213 -23.97 23.22 4.65
C LEU D 213 -24.40 24.58 5.18
N ASP D 214 -23.47 25.36 5.72
CA ASP D 214 -23.80 26.65 6.31
C ASP D 214 -24.78 27.45 5.46
N THR D 215 -24.42 27.69 4.20
CA THR D 215 -25.21 28.51 3.26
C THR D 215 -26.56 27.92 2.97
N GLU D 216 -26.64 26.61 2.82
CA GLU D 216 -27.91 25.98 2.57
C GLU D 216 -28.82 26.07 3.79
N ILE D 217 -28.22 26.06 4.99
CA ILE D 217 -28.98 26.13 6.21
C ILE D 217 -29.51 27.56 6.38
N ASP D 218 -28.73 28.55 5.97
CA ASP D 218 -29.19 29.95 6.00
C ASP D 218 -30.46 30.08 5.16
N GLN D 219 -30.46 29.49 3.98
CA GLN D 219 -31.62 29.54 3.12
C GLN D 219 -32.78 28.92 3.89
N ILE D 220 -32.62 27.69 4.37
CA ILE D 220 -33.69 27.01 5.13
C ILE D 220 -34.25 27.78 6.33
N SER D 221 -33.38 28.52 6.99
CA SER D 221 -33.72 29.11 8.26
C SER D 221 -34.83 30.14 8.14
N GLU D 222 -35.10 30.65 6.94
CA GLU D 222 -36.18 31.63 6.72
C GLU D 222 -37.56 31.07 7.04
N TYR D 223 -37.71 29.75 6.86
CA TYR D 223 -38.95 29.05 7.15
C TYR D 223 -39.38 29.22 8.63
N PHE D 224 -38.39 29.45 9.50
CA PHE D 224 -38.65 29.58 10.91
C PHE D 224 -39.01 30.97 11.36
N SER D 225 -39.10 31.97 10.47
CA SER D 225 -39.33 33.35 10.93
C SER D 225 -40.62 33.58 11.72
N ASP D 226 -41.69 32.95 11.28
CA ASP D 226 -42.99 33.14 11.92
C ASP D 226 -43.38 31.96 12.80
N LYS D 227 -42.45 31.06 13.12
CA LYS D 227 -42.77 29.83 13.88
C LYS D 227 -42.43 29.93 15.35
N GLU D 228 -43.30 29.38 16.21
CA GLU D 228 -43.12 29.42 17.65
C GLU D 228 -42.89 28.03 18.26
N HIS D 229 -42.99 27.00 17.43
CA HIS D 229 -42.80 25.65 17.84
C HIS D 229 -41.86 24.97 16.89
N THR D 230 -41.14 23.97 17.37
CA THR D 230 -40.45 23.08 16.51
C THR D 230 -40.28 21.83 17.28
N ILE D 231 -40.42 20.67 16.65
CA ILE D 231 -40.12 19.38 17.26
C ILE D 231 -38.84 18.78 16.65
N PHE D 232 -37.95 18.31 17.51
CA PHE D 232 -36.78 17.56 17.09
C PHE D 232 -36.97 16.07 17.37
N LEU D 233 -36.38 15.22 16.54
CA LEU D 233 -36.57 13.80 16.62
C LEU D 233 -35.29 13.09 16.42
N GLY D 234 -35.09 12.02 17.16
CA GLY D 234 -33.88 11.24 17.10
C GLY D 234 -34.13 9.95 17.86
N ARG D 235 -33.35 8.92 17.52
CA ARG D 235 -33.41 7.63 18.19
C ARG D 235 -32.03 7.27 18.64
N GLY D 236 -31.96 6.44 19.68
CA GLY D 236 -30.73 5.89 20.11
C GLY D 236 -29.78 7.01 20.49
N LEU D 237 -28.52 6.85 20.09
CA LEU D 237 -27.48 7.85 20.25
C LEU D 237 -27.94 9.23 19.88
N TYR D 238 -28.82 9.28 18.91
CA TYR D 238 -29.14 10.51 18.27
C TYR D 238 -30.31 11.17 18.93
N TYR D 239 -30.96 10.48 19.86
CA TYR D 239 -31.99 11.15 20.65
C TYR D 239 -31.43 12.31 21.49
N PRO D 240 -30.36 12.06 22.25
CA PRO D 240 -29.76 13.20 22.93
C PRO D 240 -29.17 14.25 21.99
N ILE D 241 -28.75 13.88 20.77
CA ILE D 241 -28.31 14.92 19.83
C ILE D 241 -29.51 15.83 19.46
N ALA D 242 -30.68 15.25 19.27
CA ALA D 242 -31.93 16.03 19.06
C ALA D 242 -32.29 16.94 20.28
N ILE D 243 -32.08 16.45 21.49
CA ILE D 243 -32.29 17.26 22.67
C ILE D 243 -31.38 18.51 22.62
N GLU D 244 -30.09 18.30 22.35
CA GLU D 244 -29.12 19.38 22.24
C GLU D 244 -29.48 20.37 21.13
N GLY D 245 -29.84 19.87 19.98
CA GLY D 245 -30.42 20.75 18.96
C GLY D 245 -31.60 21.60 19.40
N ALA D 246 -32.58 20.96 20.02
CA ALA D 246 -33.73 21.70 20.54
C ALA D 246 -33.27 22.75 21.56
N LEU D 247 -32.29 22.38 22.39
CA LEU D 247 -31.80 23.28 23.40
C LEU D 247 -31.23 24.50 22.76
N LYS D 248 -30.46 24.33 21.69
CA LYS D 248 -29.84 25.50 21.04
C LYS D 248 -30.90 26.41 20.53
N LEU D 249 -31.90 25.82 19.89
CA LEU D 249 -32.82 26.63 19.09
C LEU D 249 -33.60 27.47 20.05
N LYS D 250 -33.85 26.86 21.18
CA LYS D 250 -34.66 27.43 22.20
C LYS D 250 -33.92 28.53 22.95
N GLU D 251 -32.71 28.23 23.40
CA GLU D 251 -31.87 29.15 24.15
C GLU D 251 -31.63 30.42 23.41
N ILE D 252 -31.48 30.36 22.08
CA ILE D 252 -31.07 31.55 21.33
C ILE D 252 -32.09 32.13 20.39
N SER D 253 -33.06 31.35 19.91
CA SER D 253 -34.14 31.93 19.11
C SER D 253 -35.47 32.10 19.89
N TYR D 254 -35.58 31.43 21.02
CA TYR D 254 -36.78 31.50 21.85
C TYR D 254 -38.00 30.85 21.17
N ILE D 255 -37.75 30.03 20.15
CA ILE D 255 -38.80 29.14 19.66
C ILE D 255 -39.00 28.06 20.71
N HIS D 256 -40.25 27.63 20.93
CA HIS D 256 -40.47 26.47 21.78
C HIS D 256 -40.16 25.17 21.02
N ALA D 257 -38.91 24.71 21.15
CA ALA D 257 -38.45 23.54 20.43
C ALA D 257 -38.38 22.44 21.44
N GLU D 258 -38.79 21.25 21.05
CA GLU D 258 -38.71 20.14 21.95
C GLU D 258 -38.30 18.88 21.25
N ALA D 259 -37.43 18.11 21.90
CA ALA D 259 -37.01 16.83 21.33
C ALA D 259 -37.80 15.67 21.92
N TYR D 260 -37.99 14.65 21.10
CA TYR D 260 -38.67 13.44 21.46
C TYR D 260 -37.93 12.24 20.86
N PRO D 261 -37.84 11.14 21.61
CA PRO D 261 -37.36 9.95 20.95
C PRO D 261 -38.39 9.54 19.93
N SER D 262 -37.91 9.09 18.77
CA SER D 262 -38.79 8.92 17.62
C SER D 262 -39.86 7.87 17.78
N GLY D 263 -39.56 6.84 18.56
CA GLY D 263 -40.55 5.85 18.88
C GLY D 263 -41.62 6.25 19.90
N GLU D 264 -41.39 7.34 20.62
CA GLU D 264 -42.35 7.78 21.65
C GLU D 264 -43.27 8.87 21.10
N LEU D 265 -43.64 8.79 19.83
CA LEU D 265 -44.54 9.75 19.19
C LEU D 265 -45.98 9.44 19.46
N LYS D 266 -46.31 8.17 19.16
CA LYS D 266 -47.68 7.66 19.03
C LYS D 266 -48.50 7.80 20.30
N HIS D 267 -47.86 8.37 21.32
CA HIS D 267 -48.47 8.66 22.58
C HIS D 267 -48.96 10.12 22.57
N GLY D 268 -48.11 11.06 23.00
CA GLY D 268 -48.52 12.47 23.11
C GLY D 268 -48.26 13.33 21.88
N PRO D 269 -46.99 13.61 21.58
CA PRO D 269 -46.49 14.60 20.58
C PRO D 269 -47.19 14.67 19.21
N LEU D 270 -47.69 13.55 18.67
CA LEU D 270 -48.39 13.59 17.38
C LEU D 270 -49.57 14.58 17.38
N ALA D 271 -50.24 14.71 18.53
CA ALA D 271 -51.25 15.72 18.70
C ALA D 271 -50.77 17.16 18.36
N LEU D 272 -49.50 17.47 18.62
CA LEU D 272 -48.99 18.81 18.33
C LEU D 272 -48.75 19.09 16.84
N VAL D 273 -48.62 18.02 16.07
CA VAL D 273 -48.21 18.12 14.68
C VAL D 273 -49.32 18.60 13.77
N ASP D 274 -49.09 19.73 13.10
CA ASP D 274 -49.95 20.20 12.00
C ASP D 274 -49.11 20.76 10.84
N LYS D 275 -49.76 21.40 9.88
CA LYS D 275 -49.10 21.91 8.70
C LYS D 275 -48.15 23.08 8.97
N ASN D 276 -48.39 23.84 10.02
CA ASN D 276 -47.46 24.94 10.38
C ASN D 276 -46.35 24.53 11.40
N PRO D 278 -42.68 22.75 12.06
CA PRO D 278 -41.38 22.24 11.62
C PRO D 278 -41.00 21.00 12.40
N ILE D 279 -40.54 19.99 11.70
CA ILE D 279 -39.95 18.86 12.33
C ILE D 279 -38.51 18.70 11.84
N VAL D 280 -37.56 18.79 12.78
CA VAL D 280 -36.15 18.63 12.48
C VAL D 280 -35.72 17.28 12.96
N ALA D 281 -35.19 16.47 12.06
CA ALA D 281 -34.85 15.08 12.39
C ALA D 281 -33.49 14.76 11.87
N VAL D 282 -32.76 14.01 12.67
CA VAL D 282 -31.44 13.47 12.31
C VAL D 282 -31.64 12.03 11.86
N VAL D 283 -31.20 11.68 10.65
CA VAL D 283 -31.40 10.33 10.10
C VAL D 283 -30.09 9.68 9.76
N PRO D 284 -29.49 8.93 10.72
CA PRO D 284 -28.17 8.39 10.50
C PRO D 284 -28.19 7.04 9.83
N ASN D 285 -26.99 6.59 9.48
CA ASN D 285 -26.79 5.31 8.85
C ASN D 285 -26.56 4.27 9.92
N ASP D 286 -27.67 3.69 10.36
CA ASP D 286 -27.64 2.62 11.32
C ASP D 286 -28.83 1.70 11.11
N GLU D 287 -28.88 0.67 11.94
CA GLU D 287 -29.93 -0.37 11.93
C GLU D 287 -31.36 0.11 12.26
N LEU D 288 -31.49 1.32 12.81
CA LEU D 288 -32.79 1.85 13.23
C LEU D 288 -33.47 2.62 12.09
N LEU D 289 -32.80 2.69 10.95
CA LEU D 289 -33.29 3.44 9.81
C LEU D 289 -34.75 3.16 9.49
N ASP D 290 -35.11 1.88 9.35
CA ASP D 290 -36.48 1.56 8.97
C ASP D 290 -37.52 1.99 10.02
N LYS D 291 -37.18 1.89 11.29
CA LYS D 291 -38.04 2.42 12.35
C LYS D 291 -38.22 3.91 12.22
N THR D 292 -37.10 4.61 12.02
CA THR D 292 -37.09 6.04 11.94
C THR D 292 -37.88 6.49 10.71
N LEU D 293 -37.67 5.83 9.57
CA LEU D 293 -38.47 6.19 8.40
C LEU D 293 -39.96 6.05 8.71
N SER D 294 -40.32 4.95 9.35
CA SER D 294 -41.71 4.72 9.74
C SER D 294 -42.25 5.81 10.72
N ASN D 295 -41.47 6.21 11.71
CA ASN D 295 -41.87 7.34 12.57
C ASN D 295 -42.09 8.62 11.77
N LEU D 296 -41.27 8.85 10.75
CA LEU D 296 -41.38 10.06 9.98
C LEU D 296 -42.63 10.05 9.15
N GLN D 297 -43.01 8.89 8.62
CA GLN D 297 -44.25 8.81 7.82
C GLN D 297 -45.43 9.26 8.68
N GLU D 298 -45.42 8.91 9.96
CA GLU D 298 -46.54 9.28 10.87
C GLU D 298 -46.66 10.77 11.03
N VAL D 299 -45.52 11.43 11.16
CA VAL D 299 -45.45 12.87 11.33
C VAL D 299 -45.78 13.49 10.03
N HIS D 300 -45.31 12.90 8.96
CA HIS D 300 -45.63 13.42 7.66
C HIS D 300 -47.13 13.37 7.40
N ALA D 301 -47.74 12.22 7.66
CA ALA D 301 -49.17 12.04 7.49
C ALA D 301 -49.98 13.16 8.15
N ARG D 302 -49.49 13.71 9.24
CA ARG D 302 -50.20 14.76 9.94
C ARG D 302 -49.89 16.16 9.48
N GLY D 303 -49.15 16.31 8.40
CA GLY D 303 -48.90 17.62 7.82
C GLY D 303 -47.61 18.30 8.24
N GLY D 304 -46.79 17.62 9.04
CA GLY D 304 -45.54 18.25 9.52
C GLY D 304 -44.58 18.58 8.38
N LYS D 305 -43.87 19.70 8.47
CA LYS D 305 -42.80 20.06 7.53
C LYS D 305 -41.46 19.43 7.93
N LEU D 306 -41.08 18.34 7.30
CA LEU D 306 -39.86 17.62 7.64
C LEU D 306 -38.64 18.40 7.19
N ILE D 307 -37.67 18.54 8.06
CA ILE D 307 -36.34 19.10 7.75
C ILE D 307 -35.34 18.09 8.28
N LEU D 308 -34.67 17.41 7.37
CA LEU D 308 -33.97 16.18 7.66
C LEU D 308 -32.52 16.32 7.33
N PHE D 309 -31.66 15.94 8.28
CA PHE D 309 -30.24 15.90 8.09
C PHE D 309 -29.98 14.43 8.10
N VAL D 310 -29.48 13.95 6.97
CA VAL D 310 -29.45 12.56 6.66
C VAL D 310 -28.02 12.18 6.25
N ASP D 311 -27.54 11.03 6.72
CA ASP D 311 -26.27 10.51 6.25
C ASP D 311 -26.40 10.18 4.76
N LYS D 312 -25.36 10.47 3.99
CA LYS D 312 -25.36 10.23 2.53
C LYS D 312 -25.68 8.79 2.14
N ALA D 313 -25.14 7.85 2.92
CA ALA D 313 -25.33 6.41 2.73
C ALA D 313 -26.76 5.95 2.79
N VAL D 314 -27.65 6.85 3.19
CA VAL D 314 -29.02 6.53 3.48
C VAL D 314 -30.01 7.37 2.66
N LYS D 315 -29.52 8.42 2.00
CA LYS D 315 -30.36 9.38 1.28
C LYS D 315 -31.29 8.79 0.25
N GLU D 316 -30.92 7.62 -0.25
CA GLU D 316 -31.68 6.93 -1.29
C GLU D 316 -33.02 6.49 -0.75
N ARG D 317 -33.09 6.17 0.53
CA ARG D 317 -34.29 5.62 1.12
C ARG D 317 -35.18 6.63 1.87
N VAL D 318 -34.78 7.90 1.79
CA VAL D 318 -35.51 9.01 2.38
C VAL D 318 -36.34 9.75 1.33
N ASN D 319 -37.62 9.45 1.26
CA ASN D 319 -38.56 10.03 0.27
C ASN D 319 -39.84 10.62 0.89
N PHE D 320 -39.87 11.94 1.02
CA PHE D 320 -41.00 12.63 1.59
C PHE D 320 -41.34 13.89 0.81
N ASP D 321 -42.57 13.97 0.31
CA ASP D 321 -43.04 15.09 -0.48
C ASP D 321 -42.97 16.35 0.33
N ASN D 322 -42.56 17.43 -0.31
CA ASN D 322 -42.40 18.71 0.38
C ASN D 322 -41.52 18.74 1.64
N SER D 323 -40.55 17.83 1.75
CA SER D 323 -39.54 17.95 2.78
C SER D 323 -38.28 18.68 2.28
N ILE D 324 -37.41 19.03 3.22
CA ILE D 324 -36.15 19.65 2.95
C ILE D 324 -35.15 18.68 3.49
N VAL D 325 -34.28 18.15 2.63
CA VAL D 325 -33.23 17.21 3.02
C VAL D 325 -31.83 17.75 2.69
N LEU D 326 -30.92 17.78 3.68
CA LEU D 326 -29.50 18.05 3.49
C LEU D 326 -28.77 16.81 3.89
N GLU D 327 -27.86 16.32 3.05
CA GLU D 327 -27.17 15.09 3.35
C GLU D 327 -25.77 15.42 3.80
N LEU D 328 -25.13 14.53 4.53
CA LEU D 328 -23.74 14.73 4.91
C LEU D 328 -23.11 13.44 5.30
N ASP D 329 -21.79 13.35 5.28
CA ASP D 329 -21.18 12.08 5.63
C ASP D 329 -20.84 12.08 7.09
N ALA D 330 -21.40 11.13 7.82
CA ALA D 330 -21.40 11.22 9.27
C ALA D 330 -20.50 10.20 9.93
N GLY D 331 -20.08 9.19 9.17
CA GLY D 331 -19.29 8.12 9.74
C GLY D 331 -20.16 7.25 10.60
N HIS D 332 -19.57 6.65 11.63
CA HIS D 332 -20.28 5.63 12.45
C HIS D 332 -20.58 6.07 13.84
N ASP D 333 -20.50 5.19 14.82
CA ASP D 333 -21.21 5.46 16.09
C ASP D 333 -20.58 6.56 16.90
N PHE D 334 -19.26 6.64 16.79
CA PHE D 334 -18.56 7.65 17.52
C PHE D 334 -18.59 9.03 16.84
N SER D 335 -18.44 9.05 15.53
CA SER D 335 -18.28 10.29 14.82
C SER D 335 -19.60 10.93 14.51
N ALA D 336 -20.60 10.16 14.11
CA ALA D 336 -21.89 10.73 13.64
C ALA D 336 -22.64 11.60 14.67
N PRO D 337 -22.58 11.27 15.96
CA PRO D 337 -23.25 12.14 16.91
C PRO D 337 -22.61 13.53 16.96
N VAL D 338 -21.29 13.55 16.80
CA VAL D 338 -20.56 14.82 16.75
C VAL D 338 -20.87 15.58 15.49
N VAL D 339 -20.78 14.89 14.38
CA VAL D 339 -21.02 15.50 13.07
C VAL D 339 -22.44 15.94 12.86
N PHE D 340 -23.42 15.17 13.30
CA PHE D 340 -24.78 15.67 13.20
C PHE D 340 -25.14 16.90 14.06
N THR D 341 -24.33 17.22 15.06
CA THR D 341 -24.62 18.36 15.95
C THR D 341 -24.30 19.68 15.25
N ILE D 342 -23.38 19.66 14.29
CA ILE D 342 -22.95 20.88 13.61
C ILE D 342 -24.09 21.58 12.85
N PRO D 343 -24.83 20.85 12.01
CA PRO D 343 -25.89 21.52 11.32
C PRO D 343 -27.00 22.02 12.23
N LEU D 344 -27.19 21.38 13.39
CA LEU D 344 -28.22 21.86 14.30
C LEU D 344 -27.74 23.11 14.98
N GLN D 345 -26.43 23.22 15.26
CA GLN D 345 -25.92 24.48 15.81
C GLN D 345 -26.05 25.60 14.80
N LEU D 346 -25.81 25.29 13.52
CA LEU D 346 -25.88 26.33 12.48
C LEU D 346 -27.30 26.74 12.29
N LEU D 347 -28.20 25.78 12.38
CA LEU D 347 -29.62 26.06 12.22
C LEU D 347 -30.05 27.03 13.26
N SER D 348 -29.66 26.75 14.51
CA SER D 348 -30.08 27.63 15.51
C SER D 348 -29.46 29.04 15.37
N TYR D 349 -28.28 29.12 14.80
CA TYR D 349 -27.63 30.42 14.70
C TYR D 349 -28.36 31.26 13.71
N HIS D 350 -28.64 30.69 12.56
CA HIS D 350 -29.33 31.40 11.51
C HIS D 350 -30.78 31.76 11.86
N VAL D 351 -31.48 30.90 12.59
CA VAL D 351 -32.86 31.23 12.94
C VAL D 351 -32.87 32.40 13.93
N ALA D 352 -31.95 32.36 14.90
CA ALA D 352 -31.78 33.45 15.83
C ALA D 352 -31.51 34.80 15.14
N ILE D 353 -30.73 34.78 14.08
CA ILE D 353 -30.46 36.02 13.31
C ILE D 353 -31.71 36.50 12.57
N ILE D 354 -32.44 35.55 11.99
CA ILE D 354 -33.71 35.82 11.36
C ILE D 354 -34.65 36.42 12.38
N LYS D 355 -34.70 35.85 13.57
CA LYS D 355 -35.57 36.37 14.64
C LYS D 355 -35.07 37.64 15.35
N GLY D 356 -33.85 38.10 15.04
CA GLY D 356 -33.24 39.27 15.66
C GLY D 356 -32.78 39.04 17.09
N THR D 357 -32.54 37.81 17.50
CA THR D 357 -32.13 37.57 18.90
C THR D 357 -30.62 37.66 19.04
N ASP D 358 -30.16 37.60 20.27
CA ASP D 358 -28.74 37.76 20.55
C ASP D 358 -28.12 36.38 20.63
N VAL D 359 -27.11 36.16 19.83
CA VAL D 359 -26.40 34.90 19.83
C VAL D 359 -25.13 34.97 20.67
N ASP D 360 -24.75 36.17 21.08
CA ASP D 360 -23.51 36.44 21.79
C ASP D 360 -23.77 37.07 23.20
N GLN D 361 -22.95 36.73 24.21
CA GLN D 361 -23.02 37.34 25.59
C GLN D 361 -22.44 38.75 25.56
N ALA E 5 27.06 -35.38 -4.07
CA ALA E 5 26.08 -34.64 -4.90
C ALA E 5 25.04 -35.56 -5.61
N SER E 6 23.86 -34.98 -5.85
CA SER E 6 22.65 -35.79 -6.08
C SER E 6 21.99 -35.34 -7.36
N LYS E 7 21.35 -36.26 -8.08
CA LYS E 7 20.53 -35.89 -9.24
C LYS E 7 19.15 -35.36 -8.89
N ASP E 8 18.79 -35.47 -7.60
CA ASP E 8 17.57 -34.90 -7.04
C ASP E 8 16.34 -35.43 -7.78
N GLY E 9 16.43 -36.65 -8.30
CA GLY E 9 15.32 -37.28 -8.99
C GLY E 9 15.32 -37.15 -10.49
N TYR E 10 16.19 -36.31 -11.03
CA TYR E 10 16.34 -36.15 -12.49
C TYR E 10 17.23 -37.23 -13.14
N LYS E 11 17.07 -37.42 -14.45
CA LYS E 11 17.77 -38.46 -15.20
C LYS E 11 19.24 -38.17 -15.38
N HIS E 12 19.59 -36.89 -15.51
CA HIS E 12 20.99 -36.46 -15.59
C HIS E 12 21.23 -35.22 -14.78
N TYR E 13 22.45 -35.03 -14.35
CA TYR E 13 22.81 -33.81 -13.66
C TYR E 13 22.53 -32.57 -14.52
N LEU E 15 20.22 -32.09 -16.79
CA LEU E 15 18.81 -31.81 -16.79
C LEU E 15 18.42 -31.17 -15.49
N LYS E 16 18.98 -31.68 -14.42
CA LYS E 16 18.70 -31.16 -13.11
C LYS E 16 19.09 -29.69 -13.02
N GLU E 17 20.22 -29.38 -13.58
CA GLU E 17 20.79 -28.03 -13.50
C GLU E 17 20.03 -27.06 -14.35
N ILE E 18 19.53 -27.54 -15.48
CA ILE E 18 18.58 -26.77 -16.26
C ILE E 18 17.34 -26.43 -15.40
N TYR E 19 16.76 -27.41 -14.71
CA TYR E 19 15.56 -27.13 -13.89
C TYR E 19 15.88 -26.35 -12.63
N GLU E 20 17.16 -26.23 -12.27
CA GLU E 20 17.49 -25.40 -11.11
C GLU E 20 17.51 -23.88 -11.41
N GLN E 21 17.36 -23.52 -12.67
CA GLN E 21 17.61 -22.14 -13.03
C GLN E 21 16.62 -21.14 -12.44
N PRO E 22 15.32 -21.49 -12.35
CA PRO E 22 14.40 -20.53 -11.77
C PRO E 22 14.90 -20.06 -10.43
N GLU E 23 15.40 -21.00 -9.64
CA GLU E 23 15.89 -20.72 -8.28
C GLU E 23 17.23 -20.00 -8.35
N ALA E 24 18.12 -20.53 -9.16
CA ALA E 24 19.45 -19.97 -9.27
C ALA E 24 19.34 -18.50 -9.65
N VAL E 25 18.47 -18.21 -10.61
CA VAL E 25 18.28 -16.87 -11.04
C VAL E 25 17.73 -15.99 -9.93
N SER E 26 16.74 -16.51 -9.22
CA SER E 26 16.13 -15.77 -8.18
C SER E 26 17.08 -15.46 -7.02
N ASN E 27 17.87 -16.44 -6.62
CA ASN E 27 18.90 -16.27 -5.62
C ASN E 27 20.03 -15.27 -6.01
N THR E 28 20.36 -15.19 -7.29
CA THR E 28 21.37 -14.25 -7.72
C THR E 28 20.84 -12.83 -7.57
N ILE E 29 19.58 -12.61 -7.97
CA ILE E 29 18.96 -11.32 -7.76
C ILE E 29 18.86 -10.97 -6.29
N LEU E 30 18.26 -11.87 -5.51
CA LEU E 30 18.09 -11.69 -4.06
C LEU E 30 19.34 -11.17 -3.38
N ALA E 31 20.50 -11.67 -3.75
CA ALA E 31 21.71 -11.37 -3.00
C ALA E 31 22.19 -9.94 -3.26
N SER E 32 21.55 -9.21 -4.16
CA SER E 32 21.88 -7.79 -4.31
C SER E 32 20.79 -6.82 -3.85
N LEU E 33 19.62 -7.37 -3.54
CA LEU E 33 18.52 -6.53 -3.12
C LEU E 33 18.64 -6.12 -1.68
N ALA E 34 18.24 -4.89 -1.39
CA ALA E 34 18.02 -4.40 -0.03
C ALA E 34 16.65 -3.77 -0.06
N ASP E 35 15.65 -4.45 0.51
CA ASP E 35 14.27 -3.94 0.54
C ASP E 35 13.60 -3.99 -0.83
N GLY E 36 13.74 -5.12 -1.51
CA GLY E 36 13.23 -5.30 -2.88
C GLY E 36 13.89 -4.44 -3.96
N GLU E 37 15.03 -3.84 -3.64
CA GLU E 37 15.62 -2.79 -4.47
C GLU E 37 17.10 -3.03 -4.72
N ILE E 38 17.54 -2.85 -5.95
CA ILE E 38 18.97 -3.02 -6.25
C ILE E 38 19.74 -1.97 -5.48
N SER E 39 20.66 -2.45 -4.64
CA SER E 39 21.36 -1.60 -3.69
C SER E 39 22.85 -1.73 -3.87
N LEU E 40 23.50 -0.58 -3.85
CA LEU E 40 24.94 -0.54 -3.98
C LEU E 40 25.58 -1.01 -2.69
N ASP E 41 24.81 -0.89 -1.60
CA ASP E 41 25.31 -1.32 -0.30
C ASP E 41 25.41 -2.83 -0.15
N SER E 42 24.93 -3.61 -1.12
CA SER E 42 25.24 -5.04 -1.17
C SER E 42 26.67 -5.32 -1.67
N PHE E 43 27.32 -4.33 -2.27
CA PHE E 43 28.67 -4.51 -2.83
C PHE E 43 29.71 -4.18 -1.77
N ASP E 44 30.89 -4.75 -1.94
CA ASP E 44 32.11 -4.35 -1.22
C ASP E 44 32.23 -2.81 -1.12
N LYS E 45 32.91 -2.35 -0.06
CA LYS E 45 33.20 -0.92 0.18
C LYS E 45 33.67 -0.12 -1.07
N ARG E 46 34.64 -0.66 -1.81
CA ARG E 46 35.23 0.04 -2.96
C ARG E 46 34.29 0.21 -4.17
N ALA E 47 33.40 -0.76 -4.42
CA ALA E 47 32.55 -0.74 -5.61
C ALA E 47 32.17 0.67 -6.04
N LYS E 48 31.77 1.46 -5.06
CA LYS E 48 31.29 2.81 -5.26
C LYS E 48 32.34 3.73 -5.86
N GLU E 49 33.50 3.83 -5.22
CA GLU E 49 34.56 4.67 -5.75
C GLU E 49 34.99 4.19 -7.16
N LEU E 50 35.18 2.89 -7.34
CA LEU E 50 35.55 2.37 -8.68
C LEU E 50 34.55 2.68 -9.77
N PHE E 51 33.26 2.55 -9.49
CA PHE E 51 32.27 2.73 -10.51
C PHE E 51 32.21 4.22 -10.87
N GLU E 52 32.39 5.07 -9.88
CA GLU E 52 32.40 6.49 -10.11
C GLU E 52 33.44 6.83 -11.17
N LYS E 53 34.62 6.21 -11.06
CA LYS E 53 35.77 6.43 -11.95
C LYS E 53 35.69 5.70 -13.28
N THR E 54 34.78 4.77 -13.40
CA THR E 54 34.60 3.98 -14.61
C THR E 54 34.00 4.78 -15.74
N LYS E 55 34.74 4.86 -16.84
CA LYS E 55 34.32 5.56 -18.07
C LYS E 55 34.17 4.58 -19.23
N HIS E 56 34.65 3.36 -19.01
CA HIS E 56 34.66 2.34 -20.04
C HIS E 56 34.78 0.98 -19.37
N ILE E 57 34.03 0.02 -19.87
CA ILE E 57 34.04 -1.36 -19.36
C ILE E 57 34.61 -2.37 -20.38
N CYS E 58 35.63 -3.09 -19.92
CA CYS E 58 36.34 -4.11 -20.68
C CYS E 58 36.02 -5.53 -20.12
N ILE E 59 35.13 -6.23 -20.80
CA ILE E 59 34.76 -7.55 -20.36
C ILE E 59 35.70 -8.55 -20.98
N VAL E 60 36.27 -9.47 -20.19
CA VAL E 60 37.20 -10.50 -20.66
C VAL E 60 36.76 -11.87 -20.15
N ALA E 61 36.69 -12.86 -21.05
CA ALA E 61 36.23 -14.17 -20.65
C ALA E 61 36.41 -15.20 -21.75
N CYS E 62 36.15 -16.47 -21.49
CA CYS E 62 36.31 -17.52 -22.50
CA CYS E 62 36.27 -17.47 -22.53
C CYS E 62 34.96 -18.22 -22.66
N GLY E 63 34.74 -18.82 -23.82
CA GLY E 63 33.59 -19.71 -24.01
C GLY E 63 32.24 -19.13 -23.64
N THR E 64 31.44 -19.91 -22.93
CA THR E 64 30.12 -19.49 -22.49
C THR E 64 30.14 -18.16 -21.79
N SER E 65 31.12 -17.93 -20.93
CA SER E 65 31.17 -16.72 -20.18
C SER E 65 31.38 -15.56 -21.13
N TYR E 66 32.12 -15.81 -22.19
CA TYR E 66 32.30 -14.80 -23.22
C TYR E 66 30.99 -14.50 -23.92
N ASN E 67 30.16 -15.51 -24.17
CA ASN E 67 28.89 -15.23 -24.81
C ASN E 67 27.95 -14.39 -23.92
N ALA E 68 28.03 -14.57 -22.60
CA ALA E 68 27.26 -13.78 -21.65
C ALA E 68 27.77 -12.35 -21.73
N GLY E 69 29.08 -12.18 -21.85
CA GLY E 69 29.63 -10.82 -21.96
C GLY E 69 29.14 -10.03 -23.16
N THR E 71 26.38 -10.47 -24.71
CA THR E 71 25.01 -10.08 -24.49
C THR E 71 24.95 -8.84 -23.63
N ALA E 72 25.63 -8.89 -22.51
CA ALA E 72 25.68 -7.76 -21.58
C ALA E 72 26.06 -6.44 -22.27
N LYS E 73 26.94 -6.50 -23.25
CA LYS E 73 27.36 -5.29 -23.92
C LYS E 73 26.17 -4.49 -24.46
N TYR E 74 25.22 -5.18 -25.08
CA TYR E 74 24.08 -4.49 -25.60
C TYR E 74 23.36 -3.75 -24.48
N TRP E 75 23.24 -4.40 -23.32
CA TRP E 75 22.57 -3.80 -22.19
C TRP E 75 23.34 -2.60 -21.67
N ILE E 76 24.64 -2.79 -21.47
CA ILE E 76 25.40 -1.77 -20.77
C ILE E 76 25.44 -0.45 -21.59
N GLU E 77 25.56 -0.59 -22.90
CA GLU E 77 25.63 0.58 -23.76
C GLU E 77 24.27 1.22 -23.89
N LYS E 78 23.24 0.42 -24.01
CA LYS E 78 21.87 0.94 -24.19
C LYS E 78 21.29 1.57 -22.91
N TYR E 79 21.49 0.91 -21.78
CA TYR E 79 20.86 1.34 -20.53
C TYR E 79 21.79 2.17 -19.60
N ALA E 80 23.04 1.77 -19.42
CA ALA E 80 23.93 2.52 -18.55
C ALA E 80 24.64 3.64 -19.36
N LYS E 81 24.65 3.48 -20.68
CA LYS E 81 25.34 4.43 -21.62
C LYS E 81 26.84 4.60 -21.32
N VAL E 82 27.49 3.48 -20.98
CA VAL E 82 28.92 3.43 -20.81
C VAL E 82 29.47 2.58 -21.97
N PRO E 83 30.48 3.06 -22.68
CA PRO E 83 30.98 2.20 -23.74
C PRO E 83 31.55 0.89 -23.18
N CYS E 84 31.33 -0.19 -23.91
CA CYS E 84 31.75 -1.52 -23.45
C CYS E 84 32.48 -2.25 -24.58
N SER E 85 33.57 -2.93 -24.29
CA SER E 85 34.14 -3.88 -25.26
C SER E 85 34.26 -5.27 -24.63
N VAL E 86 34.12 -6.31 -25.46
CA VAL E 86 34.21 -7.69 -24.99
C VAL E 86 35.25 -8.38 -25.81
N GLU E 87 36.16 -9.09 -25.15
CA GLU E 87 37.22 -9.80 -25.85
C GLU E 87 37.51 -11.18 -25.22
N ILE E 88 37.85 -12.10 -26.11
CA ILE E 88 38.25 -13.46 -25.74
C ILE E 88 39.56 -13.41 -24.96
N ALA E 89 39.63 -14.11 -23.83
CA ALA E 89 40.78 -14.02 -22.92
C ALA E 89 42.05 -14.59 -23.56
N SER E 90 41.97 -15.64 -24.35
CA SER E 90 43.17 -16.18 -25.00
C SER E 90 43.80 -15.26 -26.03
N GLU E 91 43.07 -14.25 -26.46
CA GLU E 91 43.57 -13.30 -27.42
C GLU E 91 44.03 -12.05 -26.75
N ILE E 92 43.20 -11.47 -25.90
CA ILE E 92 43.60 -10.24 -25.25
C ILE E 92 44.86 -10.41 -24.38
N ARG E 93 45.01 -11.57 -23.77
CA ARG E 93 46.15 -11.79 -22.90
C ARG E 93 47.54 -11.60 -23.58
N TYR E 94 47.65 -11.91 -24.86
CA TYR E 94 48.92 -11.80 -25.55
C TYR E 94 48.99 -10.62 -26.53
N ARG E 95 47.86 -10.06 -26.87
CA ARG E 95 47.78 -8.87 -27.70
C ARG E 95 48.30 -7.59 -27.02
N ASP E 96 48.96 -6.72 -27.80
CA ASP E 96 49.45 -5.44 -27.34
C ASP E 96 48.32 -4.44 -27.50
N ASN E 97 47.50 -4.33 -26.46
CA ASN E 97 46.24 -3.65 -26.53
C ASN E 97 46.34 -2.28 -25.91
N VAL E 98 45.34 -1.45 -26.20
CA VAL E 98 45.26 -0.10 -25.65
C VAL E 98 44.20 -0.04 -24.58
N VAL E 99 44.49 0.56 -23.45
CA VAL E 99 43.53 0.71 -22.37
C VAL E 99 43.19 2.16 -22.15
N VAL E 100 41.95 2.54 -22.48
CA VAL E 100 41.50 3.96 -22.32
C VAL E 100 41.40 4.36 -20.85
N ASP E 101 41.46 5.67 -20.60
CA ASP E 101 41.34 6.19 -19.24
C ASP E 101 40.00 5.84 -18.69
N GLY E 102 39.99 5.41 -17.43
CA GLY E 102 38.76 5.15 -16.72
C GLY E 102 38.15 3.79 -17.02
N SER E 103 39.00 2.90 -17.51
CA SER E 103 38.57 1.62 -17.96
C SER E 103 38.49 0.67 -16.78
N LEU E 104 37.39 -0.07 -16.70
CA LEU E 104 37.21 -1.10 -15.70
C LEU E 104 37.38 -2.47 -16.35
N PHE E 105 38.19 -3.31 -15.73
CA PHE E 105 38.43 -4.65 -16.22
C PHE E 105 37.44 -5.60 -15.52
N VAL E 106 36.62 -6.29 -16.32
CA VAL E 106 35.56 -7.13 -15.81
C VAL E 106 35.77 -8.51 -16.32
N SER E 107 35.99 -9.46 -15.42
CA SER E 107 36.13 -10.84 -15.89
C SER E 107 34.88 -11.61 -15.51
N ILE E 108 34.58 -12.64 -16.27
CA ILE E 108 33.41 -13.45 -16.02
C ILE E 108 33.92 -14.88 -16.07
N SER E 109 33.56 -15.68 -15.08
CA SER E 109 34.14 -17.00 -14.86
C SER E 109 33.36 -17.80 -13.83
N GLN E 110 32.79 -18.92 -14.22
CA GLN E 110 32.20 -19.79 -13.22
C GLN E 110 33.21 -20.26 -12.12
N SER E 111 34.34 -20.83 -12.52
CA SER E 111 35.31 -21.43 -11.57
C SER E 111 36.21 -20.43 -10.85
N GLY E 112 36.47 -19.27 -11.45
CA GLY E 112 37.45 -18.35 -10.91
C GLY E 112 38.90 -18.78 -11.10
N GLU E 113 39.11 -19.78 -11.94
CA GLU E 113 40.45 -20.31 -12.14
C GLU E 113 40.82 -20.47 -13.61
N THR E 114 39.92 -20.13 -14.53
CA THR E 114 40.19 -20.29 -15.93
C THR E 114 41.46 -19.53 -16.28
N ALA E 115 42.46 -20.24 -16.81
CA ALA E 115 43.82 -19.72 -16.92
C ALA E 115 43.96 -18.39 -17.72
N ASP E 116 43.43 -18.32 -18.93
CA ASP E 116 43.60 -17.16 -19.77
C ASP E 116 42.94 -15.96 -19.14
N THR E 117 41.76 -16.16 -18.59
CA THR E 117 41.03 -15.08 -17.93
C THR E 117 41.79 -14.56 -16.69
N LEU E 118 42.30 -15.47 -15.86
CA LEU E 118 43.10 -15.10 -14.71
C LEU E 118 44.39 -14.38 -15.13
N GLU E 119 45.05 -14.91 -16.13
CA GLU E 119 46.25 -14.30 -16.62
C GLU E 119 45.99 -12.93 -17.30
N SER E 120 44.87 -12.73 -17.96
CA SER E 120 44.52 -11.36 -18.39
C SER E 120 44.32 -10.46 -17.22
N LEU E 121 43.69 -10.95 -16.14
CA LEU E 121 43.53 -10.10 -14.97
C LEU E 121 44.90 -9.65 -14.49
N ARG E 122 45.82 -10.60 -14.45
CA ARG E 122 47.15 -10.32 -13.95
C ARG E 122 47.86 -9.35 -14.82
N LYS E 123 47.64 -9.48 -16.11
CA LYS E 123 48.21 -8.53 -17.08
C LYS E 123 47.66 -7.14 -16.88
N SER E 124 46.37 -7.03 -16.57
CA SER E 124 45.68 -5.76 -16.45
C SER E 124 46.24 -4.94 -15.31
N LYS E 125 46.83 -5.59 -14.31
CA LYS E 125 47.38 -4.87 -13.15
C LYS E 125 48.51 -3.98 -13.61
N LYS E 126 49.17 -4.31 -14.71
CA LYS E 126 50.22 -3.43 -15.19
C LYS E 126 49.76 -2.38 -16.20
N GLN E 127 48.46 -2.26 -16.44
CA GLN E 127 47.95 -1.36 -17.45
C GLN E 127 47.08 -0.29 -16.81
N ASN E 128 46.59 0.62 -17.62
CA ASN E 128 45.94 1.85 -17.19
C ASN E 128 44.50 1.67 -16.69
N TYR E 129 44.17 0.53 -16.09
CA TYR E 129 42.80 0.28 -15.63
C TYR E 129 42.58 0.95 -14.29
N VAL E 130 41.37 1.47 -14.06
CA VAL E 130 41.01 1.99 -12.71
C VAL E 130 40.85 0.89 -11.68
N GLY E 131 40.51 -0.31 -12.10
CA GLY E 131 40.44 -1.46 -11.21
C GLY E 131 39.79 -2.64 -11.89
N SER E 132 39.37 -3.64 -11.10
CA SER E 132 38.82 -4.86 -11.65
C SER E 132 37.59 -5.38 -10.90
N CYS E 134 35.08 -9.08 -10.85
CA CYS E 134 34.83 -10.42 -11.31
CA CYS E 134 34.81 -10.41 -11.36
C CYS E 134 33.37 -10.81 -11.08
N ILE E 135 32.78 -11.47 -12.06
CA ILE E 135 31.50 -12.14 -11.95
C ILE E 135 31.85 -13.62 -11.87
N CYS E 136 31.88 -14.15 -10.64
CA CYS E 136 32.31 -15.53 -10.42
CA CYS E 136 32.35 -15.50 -10.36
C CYS E 136 31.35 -16.28 -9.48
N ASN E 137 31.46 -17.60 -9.50
CA ASN E 137 30.54 -18.44 -8.80
C ASN E 137 31.14 -19.08 -7.55
N VAL E 138 32.47 -19.16 -7.53
CA VAL E 138 33.20 -19.83 -6.49
C VAL E 138 33.93 -18.83 -5.60
N PRO E 139 33.51 -18.67 -4.35
CA PRO E 139 34.16 -17.64 -3.57
C PRO E 139 35.57 -18.02 -3.21
N ASN E 140 36.38 -17.03 -2.84
CA ASN E 140 37.76 -17.33 -2.56
C ASN E 140 38.40 -18.15 -3.69
N SER E 141 38.13 -17.81 -4.94
CA SER E 141 38.81 -18.45 -6.07
C SER E 141 39.87 -17.44 -6.49
N SER E 142 40.78 -17.80 -7.36
CA SER E 142 41.82 -16.82 -7.73
C SER E 142 41.29 -15.50 -8.30
N LEU E 143 40.29 -15.57 -9.16
CA LEU E 143 39.77 -14.34 -9.76
C LEU E 143 39.08 -13.44 -8.75
N VAL E 144 38.48 -14.04 -7.75
CA VAL E 144 37.77 -13.32 -6.72
C VAL E 144 38.84 -12.68 -5.85
N ARG E 145 39.82 -13.46 -5.47
CA ARG E 145 40.86 -12.97 -4.58
C ARG E 145 41.64 -11.85 -5.20
N GLU E 146 41.96 -12.00 -6.47
CA GLU E 146 42.77 -11.02 -7.16
C GLU E 146 41.98 -9.84 -7.78
N SER E 147 40.64 -9.84 -7.74
CA SER E 147 39.90 -8.69 -8.25
C SER E 147 39.65 -7.68 -7.17
N ASP E 148 39.39 -6.45 -7.55
CA ASP E 148 39.07 -5.43 -6.55
C ASP E 148 37.71 -5.69 -5.93
N ILE E 149 36.70 -6.01 -6.74
CA ILE E 149 35.39 -6.36 -6.23
C ILE E 149 34.84 -7.63 -6.89
N ALA E 150 33.99 -8.34 -6.18
CA ALA E 150 33.45 -9.56 -6.74
C ALA E 150 31.96 -9.55 -6.64
N PHE E 151 31.33 -9.90 -7.74
CA PHE E 151 29.89 -9.99 -7.77
C PHE E 151 29.61 -11.46 -7.93
N THR E 153 27.70 -14.89 -8.50
CA THR E 153 26.49 -15.55 -8.94
C THR E 153 26.17 -16.64 -7.88
N LYS E 154 24.93 -17.13 -7.90
CA LYS E 154 24.48 -18.16 -6.95
C LYS E 154 23.95 -19.33 -7.75
N ALA E 155 24.86 -19.95 -8.49
CA ALA E 155 24.53 -21.09 -9.33
C ALA E 155 24.87 -22.45 -8.71
N GLY E 156 25.68 -22.45 -7.64
CA GLY E 156 26.10 -23.69 -6.99
C GLY E 156 26.96 -24.55 -7.93
N VAL E 157 26.98 -25.86 -7.70
CA VAL E 157 27.86 -26.70 -8.47
C VAL E 157 27.24 -27.23 -9.76
N GLU E 158 28.06 -27.30 -10.81
CA GLU E 158 27.68 -27.90 -12.08
C GLU E 158 28.43 -29.19 -12.38
N ILE E 159 27.70 -30.16 -12.89
CA ILE E 159 28.27 -31.45 -13.25
C ILE E 159 27.98 -31.80 -14.71
N GLY E 160 26.97 -31.18 -15.30
CA GLY E 160 26.78 -31.28 -16.74
C GLY E 160 28.01 -30.85 -17.53
N VAL E 161 28.21 -31.47 -18.67
CA VAL E 161 29.33 -31.16 -19.55
C VAL E 161 29.23 -29.69 -20.00
N ALA E 162 28.03 -29.37 -20.45
CA ALA E 162 27.67 -28.07 -20.93
C ALA E 162 27.16 -27.22 -19.76
N SER E 163 27.62 -25.98 -19.68
CA SER E 163 27.18 -25.11 -18.60
C SER E 163 25.74 -24.58 -18.90
N THR E 164 24.89 -24.49 -17.87
CA THR E 164 23.53 -24.06 -18.07
C THR E 164 23.24 -22.91 -17.12
N LYS E 165 23.03 -23.25 -15.88
CA LYS E 165 22.71 -22.24 -14.92
C LYS E 165 23.85 -21.29 -14.62
N ALA E 166 25.08 -21.69 -14.88
CA ALA E 166 26.17 -20.75 -14.79
C ALA E 166 25.98 -19.64 -15.85
N PHE E 167 25.54 -19.98 -17.05
CA PHE E 167 25.35 -18.96 -18.10
C PHE E 167 24.21 -18.00 -17.73
N THR E 168 23.08 -18.53 -17.32
CA THR E 168 21.96 -17.69 -17.01
C THR E 168 22.19 -16.83 -15.77
N THR E 169 22.82 -17.36 -14.73
CA THR E 169 23.13 -16.54 -13.56
C THR E 169 24.11 -15.41 -13.87
N GLN E 170 25.03 -15.64 -14.81
CA GLN E 170 25.95 -14.62 -15.31
C GLN E 170 25.20 -13.52 -16.05
N LEU E 171 24.27 -13.91 -16.91
CA LEU E 171 23.45 -12.94 -17.57
C LEU E 171 22.74 -12.07 -16.55
N VAL E 172 22.21 -12.68 -15.49
CA VAL E 172 21.42 -11.93 -14.53
C VAL E 172 22.30 -11.00 -13.72
N ALA E 173 23.49 -11.46 -13.36
CA ALA E 173 24.40 -10.67 -12.59
C ALA E 173 24.84 -9.45 -13.43
N LEU E 174 24.94 -9.64 -14.75
CA LEU E 174 25.38 -8.59 -15.64
C LEU E 174 24.26 -7.59 -15.85
N ALA E 175 23.02 -8.05 -15.86
CA ALA E 175 21.89 -7.14 -15.87
C ALA E 175 21.82 -6.32 -14.59
N ILE E 176 22.06 -6.95 -13.45
CA ILE E 176 22.09 -6.24 -12.20
C ILE E 176 23.16 -5.18 -12.25
N PHE E 177 24.36 -5.57 -12.66
CA PHE E 177 25.45 -4.64 -12.85
C PHE E 177 25.10 -3.42 -13.74
N THR E 178 24.43 -3.67 -14.82
CA THR E 178 24.04 -2.63 -15.71
C THR E 178 23.22 -1.57 -14.96
N LEU E 179 22.24 -2.00 -14.17
CA LEU E 179 21.33 -1.08 -13.51
C LEU E 179 22.02 -0.37 -12.37
N VAL E 180 22.93 -1.03 -11.68
CA VAL E 180 23.72 -0.39 -10.62
C VAL E 180 24.54 0.74 -11.25
N ILE E 181 25.27 0.45 -12.33
CA ILE E 181 26.03 1.48 -13.00
C ILE E 181 25.08 2.56 -13.48
N ALA E 182 23.95 2.16 -14.05
CA ALA E 182 23.01 3.11 -14.65
C ALA E 182 22.48 4.14 -13.62
N LYS E 183 22.28 3.67 -12.41
CA LYS E 183 21.83 4.52 -11.33
C LYS E 183 22.91 5.38 -10.76
N LEU E 184 24.09 4.84 -10.67
CA LEU E 184 25.19 5.58 -10.12
C LEU E 184 25.64 6.68 -11.11
N LYS E 185 25.36 6.50 -12.42
CA LYS E 185 25.71 7.48 -13.48
C LYS E 185 24.51 8.33 -13.93
N ASN E 186 23.34 8.14 -13.31
CA ASN E 186 22.14 8.85 -13.72
C ASN E 186 21.77 8.68 -15.16
N SER E 187 22.03 7.51 -15.70
CA SER E 187 21.65 7.15 -17.07
C SER E 187 20.17 6.84 -17.18
N LEU E 188 19.58 6.45 -16.07
CA LEU E 188 18.16 6.06 -16.03
C LEU E 188 17.60 6.66 -14.78
N THR E 189 16.35 7.11 -14.82
CA THR E 189 15.69 7.68 -13.65
C THR E 189 15.31 6.58 -12.62
N ASP E 190 15.14 6.99 -11.36
CA ASP E 190 14.82 6.07 -10.27
C ASP E 190 13.62 5.19 -10.60
N GLN E 191 12.71 5.73 -11.38
CA GLN E 191 11.54 5.02 -11.82
C GLN E 191 11.86 3.98 -12.90
N GLN E 192 12.73 4.34 -13.84
CA GLN E 192 13.13 3.41 -14.86
C GLN E 192 13.86 2.24 -14.20
N ILE E 193 14.65 2.55 -13.17
CA ILE E 193 15.42 1.54 -12.47
C ILE E 193 14.45 0.52 -11.90
N ALA E 194 13.45 1.04 -11.18
CA ALA E 194 12.38 0.26 -10.55
C ALA E 194 11.69 -0.61 -11.59
N LYS E 195 11.36 -0.06 -12.75
CA LYS E 195 10.67 -0.87 -13.74
C LYS E 195 11.53 -2.07 -14.29
N TYR E 196 12.82 -1.85 -14.48
CA TYR E 196 13.70 -2.91 -14.95
C TYR E 196 14.06 -3.87 -13.84
N THR E 197 13.97 -3.40 -12.61
CA THR E 197 14.24 -4.29 -11.52
C THR E 197 13.08 -5.27 -11.47
N GLU E 198 11.88 -4.77 -11.73
CA GLU E 198 10.71 -5.61 -11.72
C GLU E 198 10.79 -6.59 -12.87
N GLU E 199 11.24 -6.14 -14.02
CA GLU E 199 11.47 -7.04 -15.16
C GLU E 199 12.42 -8.22 -14.81
N LEU E 200 13.44 -7.93 -14.02
CA LEU E 200 14.40 -8.93 -13.60
C LEU E 200 13.77 -9.92 -12.64
N LYS E 201 13.00 -9.41 -11.67
CA LYS E 201 12.27 -10.29 -10.74
C LYS E 201 11.30 -11.22 -11.44
N ASN E 202 10.79 -10.81 -12.61
CA ASN E 202 9.79 -11.60 -13.31
C ASN E 202 10.39 -12.75 -14.09
N ILE E 203 11.71 -12.80 -14.19
CA ILE E 203 12.36 -13.83 -14.98
C ILE E 203 12.03 -15.25 -14.50
N ARG E 204 11.91 -15.43 -13.18
CA ARG E 204 11.66 -16.77 -12.58
C ARG E 204 10.39 -17.44 -13.10
N ALA E 205 9.29 -16.72 -13.13
CA ALA E 205 8.08 -17.27 -13.71
C ALA E 205 8.27 -17.59 -15.21
N LEU E 206 8.97 -16.70 -15.92
CA LEU E 206 9.11 -16.82 -17.34
C LEU E 206 9.98 -18.00 -17.65
N VAL E 207 10.98 -18.21 -16.83
CA VAL E 207 11.84 -19.32 -17.03
C VAL E 207 11.17 -20.64 -16.74
N GLY E 209 8.01 -21.18 -17.19
CA GLY E 209 7.16 -21.43 -18.36
C GLY E 209 7.92 -22.02 -19.52
N ALA E 210 9.17 -21.55 -19.70
CA ALA E 210 10.01 -22.09 -20.74
C ALA E 210 10.28 -23.55 -20.46
N LEU E 211 10.51 -23.90 -19.19
CA LEU E 211 10.80 -25.25 -18.84
C LEU E 211 9.66 -26.20 -19.21
N LYS E 212 8.42 -25.72 -19.36
CA LYS E 212 7.31 -26.57 -19.78
C LYS E 212 7.40 -27.06 -21.22
N LEU E 213 8.28 -26.47 -22.02
CA LEU E 213 8.41 -26.87 -23.43
C LEU E 213 9.22 -28.16 -23.57
N ASP E 214 9.71 -28.68 -22.44
CA ASP E 214 10.57 -29.84 -22.37
C ASP E 214 10.05 -30.95 -23.26
N THR E 215 8.83 -31.36 -23.04
CA THR E 215 8.22 -32.45 -23.81
C THR E 215 8.12 -32.23 -25.30
N GLU E 216 7.68 -31.06 -25.71
CA GLU E 216 7.68 -30.76 -27.12
C GLU E 216 9.09 -30.70 -27.71
N ILE E 217 10.08 -30.24 -26.94
CA ILE E 217 11.45 -30.10 -27.46
C ILE E 217 12.03 -31.49 -27.65
N ASP E 218 11.71 -32.37 -26.71
CA ASP E 218 12.03 -33.78 -26.84
C ASP E 218 11.44 -34.37 -28.12
N GLN E 219 10.17 -34.13 -28.42
CA GLN E 219 9.62 -34.68 -29.66
C GLN E 219 10.36 -34.17 -30.91
N ILE E 220 10.78 -32.93 -30.90
CA ILE E 220 11.47 -32.30 -32.03
C ILE E 220 12.88 -32.83 -32.23
N SER E 221 13.53 -33.21 -31.13
CA SER E 221 14.93 -33.63 -31.17
C SER E 221 15.19 -34.86 -32.04
N GLU E 222 14.17 -35.68 -32.29
CA GLU E 222 14.29 -36.87 -33.14
C GLU E 222 14.74 -36.46 -34.53
N TYR E 223 14.34 -35.25 -34.94
CA TYR E 223 14.74 -34.68 -36.22
C TYR E 223 16.24 -34.56 -36.39
N PHE E 224 16.99 -34.48 -35.29
CA PHE E 224 18.40 -34.23 -35.36
C PHE E 224 19.19 -35.52 -35.39
N SER E 225 18.54 -36.66 -35.33
CA SER E 225 19.29 -37.91 -35.17
C SER E 225 20.35 -38.15 -36.22
N ASP E 226 20.06 -37.82 -37.47
CA ASP E 226 20.98 -38.05 -38.57
C ASP E 226 21.61 -36.77 -39.06
N LYS E 227 21.48 -35.70 -38.32
CA LYS E 227 22.03 -34.45 -38.80
C LYS E 227 23.44 -34.25 -38.28
N GLU E 228 24.29 -33.63 -39.12
CA GLU E 228 25.68 -33.35 -38.73
C GLU E 228 26.01 -31.85 -38.77
N HIS E 229 25.04 -31.06 -39.23
CA HIS E 229 25.13 -29.63 -39.26
C HIS E 229 23.90 -29.04 -38.61
N THR E 230 24.05 -27.87 -38.02
CA THR E 230 22.92 -27.08 -37.64
C THR E 230 23.35 -25.60 -37.64
N ILE E 231 22.47 -24.72 -38.14
CA ILE E 231 22.69 -23.30 -38.12
C ILE E 231 21.82 -22.58 -37.12
N PHE E 232 22.42 -21.79 -36.24
CA PHE E 232 21.63 -20.98 -35.33
C PHE E 232 21.64 -19.56 -35.86
N LEU E 233 20.52 -18.87 -35.70
CA LEU E 233 20.37 -17.52 -36.18
C LEU E 233 19.79 -16.67 -35.11
N GLY E 234 20.27 -15.44 -35.02
CA GLY E 234 19.78 -14.50 -34.05
C GLY E 234 20.34 -13.13 -34.26
N ARG E 235 19.67 -12.14 -33.69
CA ARG E 235 20.01 -10.78 -33.94
C ARG E 235 20.01 -9.93 -32.71
N GLY E 236 20.86 -8.92 -32.71
CA GLY E 236 20.99 -8.04 -31.56
C GLY E 236 21.44 -8.84 -30.35
N LEU E 237 20.82 -8.51 -29.22
CA LEU E 237 20.88 -9.28 -27.99
C LEU E 237 20.88 -10.74 -28.25
N TYR E 238 20.11 -11.19 -29.22
CA TYR E 238 19.81 -12.64 -29.41
C TYR E 238 20.85 -13.30 -30.30
N TYR E 239 21.77 -12.54 -30.88
CA TYR E 239 22.86 -13.16 -31.62
C TYR E 239 23.76 -13.99 -30.69
N PRO E 240 24.29 -13.39 -29.62
CA PRO E 240 25.10 -14.16 -28.67
C PRO E 240 24.29 -15.26 -27.94
N ILE E 241 22.96 -15.14 -27.87
CA ILE E 241 22.12 -16.24 -27.34
C ILE E 241 22.15 -17.37 -28.39
N ALA E 242 22.11 -17.03 -29.67
CA ALA E 242 22.29 -18.06 -30.72
C ALA E 242 23.67 -18.69 -30.72
N ILE E 243 24.69 -17.93 -30.41
CA ILE E 243 26.04 -18.48 -30.31
C ILE E 243 26.11 -19.50 -29.19
N GLU E 244 25.55 -19.13 -28.05
CA GLU E 244 25.49 -20.04 -26.90
C GLU E 244 24.69 -21.33 -27.16
N GLY E 245 23.58 -21.22 -27.86
CA GLY E 245 22.85 -22.39 -28.27
C GLY E 245 23.71 -23.28 -29.14
N ALA E 246 24.44 -22.69 -30.08
CA ALA E 246 25.23 -23.47 -31.02
C ALA E 246 26.30 -24.15 -30.22
N LEU E 247 26.85 -23.45 -29.24
CA LEU E 247 27.90 -23.98 -28.39
C LEU E 247 27.43 -25.20 -27.59
N LYS E 248 26.24 -25.16 -26.99
CA LYS E 248 25.74 -26.32 -26.23
C LYS E 248 25.59 -27.50 -27.16
N LEU E 249 25.04 -27.26 -28.34
CA LEU E 249 24.69 -28.37 -29.22
C LEU E 249 25.95 -29.02 -29.74
N LYS E 250 26.97 -28.21 -29.95
CA LYS E 250 28.26 -28.70 -30.36
C LYS E 250 28.92 -29.53 -29.28
N GLU E 251 28.98 -28.97 -28.08
CA GLU E 251 29.73 -29.54 -26.96
C GLU E 251 29.23 -30.91 -26.56
N ILE E 252 27.93 -31.07 -26.45
CA ILE E 252 27.37 -32.34 -25.99
C ILE E 252 26.80 -33.24 -27.10
N SER E 253 26.37 -32.71 -28.23
CA SER E 253 25.84 -33.62 -29.27
C SER E 253 26.85 -33.97 -30.35
N TYR E 254 27.90 -33.16 -30.47
CA TYR E 254 28.88 -33.24 -31.51
C TYR E 254 28.38 -32.82 -32.92
N ILE E 255 27.18 -32.28 -33.06
CA ILE E 255 26.78 -31.75 -34.34
C ILE E 255 27.64 -30.49 -34.67
N HIS E 256 28.01 -30.32 -35.91
CA HIS E 256 28.67 -29.07 -36.29
C HIS E 256 27.66 -27.94 -36.36
N ALA E 257 27.52 -27.19 -35.29
CA ALA E 257 26.48 -26.21 -35.10
C ALA E 257 27.12 -24.86 -35.13
N GLU E 258 26.54 -23.88 -35.82
CA GLU E 258 27.16 -22.59 -35.89
C GLU E 258 26.11 -21.50 -35.94
N ALA E 259 26.39 -20.42 -35.18
CA ALA E 259 25.57 -19.23 -35.15
C ALA E 259 26.04 -18.17 -36.09
N TYR E 260 25.06 -17.45 -36.65
CA TYR E 260 25.30 -16.32 -37.48
C TYR E 260 24.32 -15.25 -37.09
N PRO E 261 24.74 -13.98 -37.18
CA PRO E 261 23.80 -12.86 -37.04
C PRO E 261 22.86 -12.88 -38.23
N SER E 262 21.55 -12.79 -38.03
CA SER E 262 20.60 -13.01 -39.14
C SER E 262 20.93 -12.15 -40.35
N GLY E 263 21.39 -10.92 -40.11
CA GLY E 263 21.82 -10.03 -41.16
C GLY E 263 22.93 -10.50 -42.10
N GLU E 264 23.76 -11.44 -41.66
CA GLU E 264 24.99 -11.78 -42.38
C GLU E 264 24.88 -13.05 -43.21
N LEU E 265 23.72 -13.36 -43.74
CA LEU E 265 23.55 -14.64 -44.42
C LEU E 265 24.05 -14.61 -45.84
N LYS E 266 23.82 -13.49 -46.53
CA LYS E 266 24.07 -13.41 -47.98
C LYS E 266 25.48 -13.85 -48.30
N HIS E 267 26.41 -13.36 -47.50
CA HIS E 267 27.85 -13.47 -47.78
C HIS E 267 28.25 -14.92 -48.03
N GLY E 268 27.60 -15.85 -47.37
CA GLY E 268 27.64 -17.23 -47.84
C GLY E 268 27.38 -18.36 -46.89
N PRO E 269 26.85 -18.07 -45.68
CA PRO E 269 26.12 -19.10 -44.93
C PRO E 269 24.88 -19.61 -45.66
N LEU E 270 24.32 -18.78 -46.55
CA LEU E 270 23.21 -19.20 -47.40
C LEU E 270 23.62 -20.37 -48.31
N ALA E 271 24.86 -20.35 -48.77
CA ALA E 271 25.34 -21.44 -49.58
C ALA E 271 25.38 -22.82 -48.85
N LEU E 272 25.41 -22.81 -47.51
CA LEU E 272 25.38 -24.05 -46.72
C LEU E 272 24.00 -24.66 -46.57
N VAL E 273 22.98 -23.84 -46.74
CA VAL E 273 21.63 -24.30 -46.46
C VAL E 273 21.07 -25.14 -47.60
N ASP E 274 20.58 -26.32 -47.27
CA ASP E 274 19.84 -27.20 -48.22
C ASP E 274 18.66 -27.85 -47.49
N LYS E 275 17.90 -28.72 -48.16
CA LYS E 275 16.69 -29.27 -47.55
C LYS E 275 16.96 -30.16 -46.35
N ASN E 276 18.19 -30.66 -46.23
CA ASN E 276 18.59 -31.52 -45.09
C ASN E 276 19.33 -30.73 -43.96
N PRO E 278 18.94 -28.28 -40.59
CA PRO E 278 18.18 -27.60 -39.52
C PRO E 278 18.58 -26.13 -39.29
N ILE E 279 17.60 -25.26 -39.10
CA ILE E 279 17.87 -23.88 -38.70
C ILE E 279 17.07 -23.52 -37.45
N VAL E 280 17.77 -23.33 -36.35
CA VAL E 280 17.17 -22.96 -35.07
C VAL E 280 17.32 -21.48 -34.93
N ALA E 281 16.23 -20.78 -34.63
CA ALA E 281 16.28 -19.32 -34.52
C ALA E 281 15.39 -18.87 -33.43
N VAL E 282 15.75 -17.73 -32.87
CA VAL E 282 15.08 -17.12 -31.78
C VAL E 282 14.49 -15.86 -32.32
N VAL E 283 13.19 -15.70 -32.15
CA VAL E 283 12.46 -14.60 -32.74
C VAL E 283 11.82 -13.81 -31.65
N PRO E 284 12.51 -12.81 -31.12
CA PRO E 284 11.95 -12.02 -30.02
C PRO E 284 10.88 -11.01 -30.43
N ASN E 285 10.09 -10.58 -29.44
CA ASN E 285 9.17 -9.45 -29.61
C ASN E 285 9.93 -8.13 -29.54
N ASP E 286 10.64 -7.79 -30.62
CA ASP E 286 11.29 -6.49 -30.71
C ASP E 286 11.12 -5.84 -32.10
N GLU E 287 11.75 -4.70 -32.25
CA GLU E 287 11.65 -3.89 -33.48
C GLU E 287 12.45 -4.44 -34.68
N LEU E 288 13.28 -5.43 -34.47
CA LEU E 288 13.95 -6.07 -35.59
C LEU E 288 13.11 -7.20 -36.22
N LEU E 289 11.90 -7.38 -35.74
CA LEU E 289 11.07 -8.48 -36.19
C LEU E 289 10.93 -8.63 -37.71
N ASP E 290 10.67 -7.52 -38.40
CA ASP E 290 10.43 -7.64 -39.84
C ASP E 290 11.71 -8.02 -40.59
N LYS E 291 12.86 -7.45 -40.22
CA LYS E 291 14.09 -7.93 -40.83
C LYS E 291 14.30 -9.38 -40.52
N THR E 292 14.10 -9.79 -39.27
CA THR E 292 14.32 -11.18 -38.92
C THR E 292 13.41 -12.09 -39.74
N LEU E 293 12.18 -11.67 -39.93
CA LEU E 293 11.29 -12.48 -40.77
C LEU E 293 11.79 -12.64 -42.22
N SER E 294 12.33 -11.56 -42.79
CA SER E 294 12.77 -11.64 -44.17
C SER E 294 14.05 -12.41 -44.26
N ASN E 295 14.90 -12.38 -43.23
CA ASN E 295 16.09 -13.27 -43.17
C ASN E 295 15.67 -14.71 -43.17
N LEU E 296 14.59 -15.01 -42.45
CA LEU E 296 14.16 -16.36 -42.29
C LEU E 296 13.62 -16.85 -43.61
N GLN E 297 13.05 -15.92 -44.39
CA GLN E 297 12.51 -16.28 -45.72
C GLN E 297 13.63 -16.71 -46.67
N GLU E 298 14.79 -16.06 -46.57
CA GLU E 298 15.90 -16.36 -47.47
C GLU E 298 16.35 -17.77 -47.20
N VAL E 299 16.36 -18.15 -45.94
CA VAL E 299 16.81 -19.47 -45.55
C VAL E 299 15.75 -20.47 -45.88
N HIS E 300 14.50 -20.10 -45.70
CA HIS E 300 13.42 -20.99 -46.01
C HIS E 300 13.37 -21.27 -47.52
N ALA E 301 13.57 -20.22 -48.29
CA ALA E 301 13.62 -20.32 -49.72
C ALA E 301 14.65 -21.36 -50.18
N ARG E 302 15.76 -21.52 -49.46
CA ARG E 302 16.79 -22.50 -49.90
C ARG E 302 16.48 -23.89 -49.45
N GLY E 303 15.36 -24.09 -48.77
CA GLY E 303 14.97 -25.44 -48.34
C GLY E 303 15.31 -25.84 -46.91
N GLY E 304 15.73 -24.88 -46.10
CA GLY E 304 16.11 -25.20 -44.72
C GLY E 304 14.93 -25.50 -43.82
N LYS E 305 15.14 -26.37 -42.84
CA LYS E 305 14.09 -26.72 -41.89
C LYS E 305 14.07 -25.77 -40.71
N LEU E 306 13.06 -24.91 -40.60
CA LEU E 306 13.10 -23.84 -39.61
C LEU E 306 12.53 -24.40 -38.31
N ILE E 307 13.29 -24.27 -37.24
CA ILE E 307 12.87 -24.59 -35.89
C ILE E 307 12.92 -23.27 -35.09
N LEU E 308 11.76 -22.70 -34.78
CA LEU E 308 11.72 -21.32 -34.30
C LEU E 308 11.17 -21.26 -32.92
N PHE E 309 11.89 -20.65 -32.00
CA PHE E 309 11.34 -20.38 -30.69
C PHE E 309 10.98 -18.94 -30.71
N VAL E 310 9.70 -18.65 -30.51
CA VAL E 310 9.22 -17.29 -30.71
C VAL E 310 8.43 -16.77 -29.53
N ASP E 311 8.51 -15.47 -29.33
CA ASP E 311 7.69 -14.83 -28.31
C ASP E 311 6.22 -14.92 -28.74
N LYS E 312 5.37 -15.13 -27.77
CA LYS E 312 3.95 -15.28 -28.07
C LYS E 312 3.39 -14.05 -28.76
N ALA E 313 3.90 -12.87 -28.40
CA ALA E 313 3.39 -11.61 -28.95
C ALA E 313 3.60 -11.51 -30.45
N VAL E 314 4.55 -12.28 -31.01
CA VAL E 314 4.80 -12.20 -32.45
C VAL E 314 4.42 -13.45 -33.22
N LYS E 315 3.90 -14.47 -32.54
CA LYS E 315 3.58 -15.77 -33.16
C LYS E 315 2.65 -15.68 -34.39
N GLU E 316 1.71 -14.75 -34.33
CA GLU E 316 0.83 -14.48 -35.45
C GLU E 316 1.54 -14.10 -36.74
N ARG E 317 2.63 -13.35 -36.63
CA ARG E 317 3.36 -12.85 -37.78
C ARG E 317 4.42 -13.82 -38.31
N VAL E 318 4.50 -15.01 -37.73
CA VAL E 318 5.49 -16.00 -38.07
C VAL E 318 4.77 -17.12 -38.82
N ASN E 319 4.98 -17.23 -40.12
CA ASN E 319 4.29 -18.27 -40.92
C ASN E 319 5.15 -18.85 -42.03
N PHE E 320 5.63 -20.05 -41.80
CA PHE E 320 6.54 -20.68 -42.70
C PHE E 320 6.06 -22.09 -42.94
N ASP E 321 5.95 -22.45 -44.21
CA ASP E 321 5.44 -23.76 -44.56
C ASP E 321 6.39 -24.76 -43.96
N ASN E 322 5.80 -25.76 -43.34
CA ASN E 322 6.51 -26.94 -42.97
C ASN E 322 7.58 -26.66 -41.92
N SER E 323 7.37 -25.69 -41.06
CA SER E 323 8.32 -25.43 -39.98
C SER E 323 7.80 -25.92 -38.61
N ILE E 324 8.67 -25.82 -37.61
CA ILE E 324 8.33 -26.15 -36.22
C ILE E 324 8.43 -24.85 -35.41
N VAL E 325 7.31 -24.48 -34.78
CA VAL E 325 7.24 -23.29 -33.95
C VAL E 325 6.77 -23.61 -32.52
N LEU E 326 7.62 -23.24 -31.56
CA LEU E 326 7.31 -23.29 -30.15
C LEU E 326 7.27 -21.89 -29.60
N GLU E 327 6.24 -21.58 -28.86
CA GLU E 327 6.05 -20.21 -28.45
C GLU E 327 6.27 -20.04 -26.98
N LEU E 328 6.64 -18.86 -26.57
CA LEU E 328 6.76 -18.61 -25.15
C LEU E 328 6.69 -17.15 -24.83
N ASP E 329 6.46 -16.86 -23.57
CA ASP E 329 6.47 -15.49 -23.08
CA ASP E 329 6.46 -15.50 -23.07
C ASP E 329 7.86 -15.18 -22.59
N ALA E 330 8.61 -14.35 -23.33
CA ALA E 330 10.01 -14.10 -22.97
C ALA E 330 10.26 -12.78 -22.27
N GLY E 331 9.26 -11.92 -22.23
CA GLY E 331 9.42 -10.58 -21.67
C GLY E 331 10.20 -9.62 -22.59
N HIS E 332 10.98 -8.74 -22.00
CA HIS E 332 11.66 -7.70 -22.76
C HIS E 332 13.18 -7.83 -22.74
N ASP E 333 13.88 -6.70 -22.77
CA ASP E 333 15.30 -6.71 -23.12
C ASP E 333 16.14 -7.51 -22.11
N PHE E 334 15.86 -7.34 -20.82
CA PHE E 334 16.62 -8.07 -19.82
C PHE E 334 16.19 -9.52 -19.63
N SER E 335 14.90 -9.81 -19.60
CA SER E 335 14.46 -11.15 -19.41
C SER E 335 14.56 -12.08 -20.62
N ALA E 336 14.29 -11.58 -21.83
CA ALA E 336 14.16 -12.50 -22.98
C ALA E 336 15.40 -13.26 -23.34
N PRO E 337 16.58 -12.64 -23.16
CA PRO E 337 17.82 -13.34 -23.48
C PRO E 337 17.97 -14.56 -22.59
N VAL E 338 17.66 -14.35 -21.31
CA VAL E 338 17.67 -15.45 -20.35
C VAL E 338 16.66 -16.50 -20.70
N VAL E 339 15.44 -16.08 -20.97
CA VAL E 339 14.36 -17.06 -21.19
C VAL E 339 14.54 -17.81 -22.49
N PHE E 340 14.98 -17.13 -23.55
CA PHE E 340 15.22 -17.83 -24.80
C PHE E 340 16.40 -18.83 -24.72
N THR E 341 17.29 -18.72 -23.73
CA THR E 341 18.36 -19.68 -23.59
C THR E 341 17.87 -21.05 -23.19
N ILE E 342 16.80 -21.08 -22.43
CA ILE E 342 16.29 -22.30 -21.79
C ILE E 342 15.92 -23.38 -22.84
N PRO E 343 15.09 -23.06 -23.80
CA PRO E 343 14.76 -23.99 -24.87
C PRO E 343 15.98 -24.50 -25.60
N LEU E 344 17.01 -23.65 -25.78
CA LEU E 344 18.20 -24.04 -26.50
C LEU E 344 18.98 -25.08 -25.70
N GLN E 345 18.99 -24.91 -24.39
CA GLN E 345 19.64 -25.86 -23.51
C GLN E 345 18.91 -27.22 -23.54
N LEU E 346 17.60 -27.20 -23.49
CA LEU E 346 16.81 -28.45 -23.55
C LEU E 346 16.96 -29.15 -24.89
N LEU E 347 16.96 -28.36 -25.96
CA LEU E 347 17.23 -28.91 -27.27
C LEU E 347 18.54 -29.68 -27.31
N SER E 348 19.59 -29.09 -26.74
CA SER E 348 20.89 -29.74 -26.86
C SER E 348 20.91 -31.01 -26.01
N TYR E 349 20.18 -30.99 -24.92
CA TYR E 349 20.16 -32.08 -24.02
C TYR E 349 19.48 -33.25 -24.72
N HIS E 350 18.33 -33.02 -25.29
CA HIS E 350 17.57 -34.10 -25.83
C HIS E 350 18.19 -34.64 -27.09
N VAL E 351 18.90 -33.77 -27.84
CA VAL E 351 19.54 -34.18 -29.06
C VAL E 351 20.75 -35.05 -28.73
N ALA E 352 21.50 -34.63 -27.71
CA ALA E 352 22.53 -35.48 -27.14
C ALA E 352 22.03 -36.89 -26.72
N ILE E 353 20.88 -36.94 -26.06
CA ILE E 353 20.32 -38.20 -25.68
C ILE E 353 19.96 -39.05 -26.89
N ILE E 354 19.33 -38.46 -27.92
CA ILE E 354 19.02 -39.16 -29.17
C ILE E 354 20.28 -39.70 -29.85
N LYS E 355 21.37 -38.96 -29.73
CA LYS E 355 22.62 -39.39 -30.33
C LYS E 355 23.35 -40.45 -29.51
N GLY E 356 23.08 -40.51 -28.21
CA GLY E 356 23.73 -41.45 -27.30
C GLY E 356 24.99 -40.92 -26.72
N THR E 357 25.17 -39.59 -26.72
CA THR E 357 26.39 -39.02 -26.14
C THR E 357 26.17 -38.70 -24.67
N ASP E 358 27.26 -38.51 -23.95
CA ASP E 358 27.19 -38.24 -22.52
C ASP E 358 26.89 -36.77 -22.33
N VAL E 359 25.96 -36.50 -21.41
CA VAL E 359 25.66 -35.15 -21.06
C VAL E 359 26.30 -34.77 -19.72
N ASP E 360 26.83 -35.73 -19.00
CA ASP E 360 27.31 -35.46 -17.66
C ASP E 360 28.80 -35.70 -17.60
N GLN E 361 29.46 -34.99 -16.71
CA GLN E 361 30.89 -35.08 -16.57
C GLN E 361 31.27 -36.35 -15.79
N PRO E 362 32.49 -36.88 -16.07
CA PRO E 362 32.93 -38.08 -15.38
C PRO E 362 33.27 -37.81 -13.92
N ALA F 5 36.49 -7.05 -70.31
CA ALA F 5 36.67 -8.12 -69.28
C ALA F 5 37.44 -9.29 -69.90
N SER F 6 38.76 -9.28 -69.74
CA SER F 6 39.61 -10.34 -70.29
C SER F 6 40.04 -11.24 -69.15
N LYS F 7 40.09 -12.54 -69.42
CA LYS F 7 40.73 -13.46 -68.46
C LYS F 7 42.29 -13.40 -68.47
N ASP F 8 42.90 -12.68 -69.43
CA ASP F 8 44.37 -12.52 -69.49
C ASP F 8 45.08 -13.89 -69.52
N GLY F 9 44.39 -14.88 -70.11
CA GLY F 9 44.91 -16.25 -70.22
C GLY F 9 44.65 -17.16 -69.04
N TYR F 10 43.98 -16.70 -67.99
CA TYR F 10 43.80 -17.58 -66.85
C TYR F 10 42.56 -18.41 -67.11
N LYS F 11 42.50 -19.59 -66.49
CA LYS F 11 41.31 -20.44 -66.62
C LYS F 11 40.01 -19.78 -66.09
N HIS F 12 40.10 -18.99 -65.01
CA HIS F 12 38.93 -18.26 -64.47
C HIS F 12 39.33 -16.90 -64.01
N TYR F 13 38.31 -16.06 -63.91
CA TYR F 13 38.51 -14.72 -63.45
C TYR F 13 39.06 -14.70 -62.02
N LEU F 15 40.97 -16.98 -60.58
CA LEU F 15 42.37 -17.33 -60.62
C LEU F 15 43.18 -16.15 -61.09
N LYS F 16 42.74 -15.46 -62.11
CA LYS F 16 43.44 -14.24 -62.54
C LYS F 16 43.50 -13.23 -61.42
N GLU F 17 42.49 -13.18 -60.58
CA GLU F 17 42.37 -12.11 -59.61
C GLU F 17 43.33 -12.28 -58.47
N ILE F 18 43.46 -13.52 -58.01
CA ILE F 18 44.48 -13.92 -57.09
C ILE F 18 45.87 -13.57 -57.66
N TYR F 19 46.11 -13.91 -58.93
CA TYR F 19 47.38 -13.58 -59.56
C TYR F 19 47.64 -12.09 -59.73
N GLU F 20 46.60 -11.24 -59.75
CA GLU F 20 46.80 -9.79 -59.82
C GLU F 20 47.27 -9.16 -58.51
N GLN F 21 47.28 -9.91 -57.42
CA GLN F 21 47.44 -9.25 -56.13
C GLN F 21 48.78 -8.59 -55.88
N PRO F 22 49.88 -9.16 -56.39
CA PRO F 22 51.15 -8.48 -56.26
C PRO F 22 51.11 -7.05 -56.87
N GLU F 23 50.55 -6.93 -58.06
CA GLU F 23 50.30 -5.64 -58.73
C GLU F 23 49.32 -4.79 -57.90
N ALA F 24 48.19 -5.36 -57.53
CA ALA F 24 47.17 -4.55 -56.84
C ALA F 24 47.70 -4.02 -55.51
N VAL F 25 48.43 -4.85 -54.78
CA VAL F 25 48.95 -4.49 -53.48
C VAL F 25 49.94 -3.36 -53.69
N SER F 26 50.78 -3.57 -54.69
CA SER F 26 51.78 -2.64 -55.01
C SER F 26 51.22 -1.29 -55.38
N ASN F 27 50.25 -1.26 -56.29
CA ASN F 27 49.65 -0.01 -56.68
C ASN F 27 48.98 0.71 -55.53
N THR F 28 48.36 -0.02 -54.61
CA THR F 28 47.68 0.63 -53.50
C THR F 28 48.64 1.42 -52.63
N ILE F 29 49.80 0.83 -52.36
CA ILE F 29 50.87 1.48 -51.63
C ILE F 29 51.42 2.67 -52.40
N LEU F 30 51.58 2.50 -53.70
CA LEU F 30 52.16 3.52 -54.59
C LEU F 30 51.32 4.79 -54.55
N ALA F 31 50.01 4.61 -54.58
CA ALA F 31 49.10 5.73 -54.59
C ALA F 31 49.11 6.57 -53.31
N SER F 32 49.76 6.09 -52.25
CA SER F 32 49.84 6.91 -51.05
C SER F 32 51.26 7.30 -50.70
N LEU F 33 52.18 7.16 -51.63
CA LEU F 33 53.53 7.59 -51.35
C LEU F 33 53.85 8.89 -52.04
N ALA F 34 54.67 9.72 -51.38
CA ALA F 34 55.33 10.86 -52.02
C ALA F 34 56.82 10.71 -51.77
N ASP F 35 57.56 10.48 -52.84
CA ASP F 35 58.99 10.12 -52.75
C ASP F 35 59.23 8.84 -51.98
N GLY F 36 58.46 7.80 -52.30
CA GLY F 36 58.47 6.53 -51.53
C GLY F 36 58.35 6.65 -50.01
N GLU F 37 57.74 7.73 -49.53
CA GLU F 37 57.47 7.92 -48.10
C GLU F 37 55.99 8.08 -47.90
N ILE F 38 55.49 7.61 -46.78
CA ILE F 38 54.07 7.72 -46.49
C ILE F 38 53.69 9.18 -46.27
N SER F 39 52.79 9.66 -47.13
CA SER F 39 52.43 11.08 -47.24
C SER F 39 50.96 11.40 -46.96
N LEU F 40 50.76 12.21 -45.93
CA LEU F 40 49.44 12.73 -45.61
C LEU F 40 48.98 13.86 -46.57
N ASP F 41 49.88 14.42 -47.37
CA ASP F 41 49.46 15.38 -48.38
C ASP F 41 48.74 14.65 -49.56
N SER F 42 48.86 13.32 -49.63
CA SER F 42 48.12 12.52 -50.62
C SER F 42 46.63 12.33 -50.25
N PHE F 43 46.24 12.72 -49.04
CA PHE F 43 44.86 12.54 -48.55
C PHE F 43 43.98 13.75 -48.78
N ASP F 44 42.68 13.47 -48.87
CA ASP F 44 41.62 14.48 -48.98
C ASP F 44 41.85 15.66 -47.98
N LYS F 45 41.38 16.86 -48.33
CA LYS F 45 41.74 18.06 -47.55
C LYS F 45 41.57 17.83 -46.04
N ARG F 46 40.39 17.32 -45.72
CA ARG F 46 39.91 17.13 -44.35
C ARG F 46 40.75 16.16 -43.52
N ALA F 47 41.47 15.25 -44.18
CA ALA F 47 42.15 14.16 -43.50
C ALA F 47 42.96 14.57 -42.28
N LYS F 48 43.85 15.54 -42.44
CA LYS F 48 44.74 15.90 -41.34
C LYS F 48 43.93 16.33 -40.12
N GLU F 49 43.01 17.24 -40.36
CA GLU F 49 42.14 17.78 -39.35
C GLU F 49 41.38 16.67 -38.60
N LEU F 50 40.77 15.76 -39.34
CA LEU F 50 39.98 14.70 -38.71
C LEU F 50 40.91 13.80 -37.90
N PHE F 51 42.07 13.42 -38.44
CA PHE F 51 42.93 12.49 -37.71
C PHE F 51 43.46 13.11 -36.44
N GLU F 52 43.65 14.42 -36.44
CA GLU F 52 44.04 15.15 -35.25
C GLU F 52 42.99 14.99 -34.14
N LYS F 53 41.73 15.06 -34.53
CA LYS F 53 40.62 15.02 -33.58
C LYS F 53 40.22 13.60 -33.15
N THR F 54 40.82 12.60 -33.79
CA THR F 54 40.52 11.20 -33.59
C THR F 54 41.20 10.68 -32.35
N LYS F 55 40.38 10.14 -31.45
CA LYS F 55 40.82 9.57 -30.18
C LYS F 55 40.42 8.08 -30.07
N HIS F 56 39.55 7.66 -31.00
CA HIS F 56 39.03 6.32 -31.06
C HIS F 56 38.56 6.03 -32.48
N ILE F 57 38.81 4.80 -32.91
CA ILE F 57 38.50 4.37 -34.25
C ILE F 57 37.46 3.29 -34.19
N CYS F 58 36.43 3.48 -35.00
CA CYS F 58 35.28 2.63 -35.03
C CYS F 58 35.14 2.08 -36.43
N ILE F 59 35.52 0.83 -36.62
CA ILE F 59 35.47 0.22 -37.95
C ILE F 59 34.16 -0.52 -38.16
N VAL F 60 33.47 -0.21 -39.24
CA VAL F 60 32.21 -0.87 -39.55
C VAL F 60 32.23 -1.46 -40.96
N ALA F 61 31.90 -2.75 -41.05
CA ALA F 61 31.91 -3.48 -42.32
C ALA F 61 31.06 -4.75 -42.29
N CYS F 62 30.97 -5.41 -43.43
CA CYS F 62 30.28 -6.70 -43.54
C CYS F 62 31.25 -7.65 -44.17
N GLY F 63 31.17 -8.92 -43.82
CA GLY F 63 31.76 -9.96 -44.64
C GLY F 63 33.27 -9.91 -44.65
N THR F 64 33.84 -10.05 -45.83
CA THR F 64 35.30 -10.08 -45.95
C THR F 64 35.94 -8.75 -45.54
N SER F 65 35.22 -7.66 -45.75
CA SER F 65 35.67 -6.35 -45.31
C SER F 65 35.79 -6.27 -43.79
N TYR F 66 34.90 -6.97 -43.12
CA TYR F 66 34.88 -7.00 -41.66
C TYR F 66 36.08 -7.80 -41.12
N ASN F 67 36.42 -8.88 -41.82
CA ASN F 67 37.62 -9.63 -41.48
C ASN F 67 38.86 -8.78 -41.67
N ALA F 68 38.89 -7.95 -42.70
CA ALA F 68 39.98 -7.04 -42.80
C ALA F 68 40.04 -6.08 -41.63
N GLY F 69 38.90 -5.60 -41.17
CA GLY F 69 38.89 -4.63 -40.07
C GLY F 69 39.43 -5.30 -38.82
N THR F 71 41.63 -7.73 -38.56
CA THR F 71 43.08 -7.83 -38.61
C THR F 71 43.70 -6.50 -38.19
N ALA F 72 43.11 -5.45 -38.73
CA ALA F 72 43.67 -4.10 -38.64
C ALA F 72 43.63 -3.55 -37.23
N LYS F 73 42.66 -3.98 -36.45
CA LYS F 73 42.58 -3.56 -35.06
C LYS F 73 43.84 -3.92 -34.26
N TYR F 74 44.36 -5.13 -34.49
CA TYR F 74 45.63 -5.55 -33.92
C TYR F 74 46.71 -4.54 -34.27
N TRP F 75 46.78 -4.11 -35.52
CA TRP F 75 47.82 -3.16 -35.98
C TRP F 75 47.61 -1.75 -35.38
N ILE F 76 46.38 -1.26 -35.44
CA ILE F 76 46.05 0.08 -34.99
C ILE F 76 46.34 0.21 -33.53
N GLU F 77 45.95 -0.75 -32.70
CA GLU F 77 46.24 -0.63 -31.27
C GLU F 77 47.70 -0.84 -30.91
N LYS F 78 48.37 -1.74 -31.57
CA LYS F 78 49.77 -2.00 -31.28
C LYS F 78 50.70 -0.87 -31.79
N TYR F 79 50.50 -0.43 -33.01
CA TYR F 79 51.44 0.47 -33.63
C TYR F 79 51.02 1.91 -33.47
N ALA F 80 49.75 2.20 -33.75
CA ALA F 80 49.22 3.53 -33.63
C ALA F 80 48.82 3.82 -32.18
N LYS F 81 48.49 2.80 -31.40
CA LYS F 81 48.05 3.03 -30.01
C LYS F 81 46.85 3.97 -29.90
N VAL F 82 45.89 3.81 -30.80
CA VAL F 82 44.64 4.45 -30.68
C VAL F 82 43.70 3.28 -30.49
N PRO F 83 42.74 3.41 -29.56
CA PRO F 83 41.82 2.32 -29.31
C PRO F 83 40.92 2.11 -30.52
N CYS F 84 40.51 0.88 -30.74
CA CYS F 84 39.83 0.51 -31.98
C CYS F 84 38.78 -0.55 -31.67
N SER F 85 37.61 -0.45 -32.29
CA SER F 85 36.60 -1.48 -32.18
C SER F 85 36.10 -1.71 -33.57
N VAL F 86 35.68 -2.95 -33.84
CA VAL F 86 35.28 -3.36 -35.17
C VAL F 86 33.92 -3.98 -34.95
N GLU F 87 32.92 -3.59 -35.72
CA GLU F 87 31.59 -4.12 -35.56
C GLU F 87 30.97 -4.47 -36.90
N ILE F 88 30.18 -5.54 -36.91
CA ILE F 88 29.42 -5.94 -38.09
C ILE F 88 28.34 -4.86 -38.33
N ALA F 89 28.26 -4.39 -39.56
CA ALA F 89 27.35 -3.33 -39.94
C ALA F 89 25.89 -3.74 -39.70
N SER F 90 25.46 -4.93 -40.09
CA SER F 90 24.05 -5.24 -39.86
C SER F 90 23.70 -5.21 -38.40
N GLU F 91 24.67 -5.30 -37.53
CA GLU F 91 24.35 -5.17 -36.11
C GLU F 91 24.38 -3.74 -35.63
N ILE F 92 25.42 -2.97 -35.92
CA ILE F 92 25.58 -1.63 -35.31
C ILE F 92 24.55 -0.66 -35.81
N ARG F 93 24.07 -0.95 -36.99
CA ARG F 93 23.06 -0.17 -37.63
C ARG F 93 21.82 0.01 -36.74
N TYR F 94 21.35 -1.10 -36.21
CA TYR F 94 20.14 -1.10 -35.47
C TYR F 94 20.36 -1.15 -33.97
N ARG F 95 21.60 -1.05 -33.52
CA ARG F 95 21.83 -1.08 -32.10
C ARG F 95 21.93 0.30 -31.47
N ASP F 96 21.53 0.38 -30.21
CA ASP F 96 21.66 1.62 -29.46
C ASP F 96 23.06 1.72 -28.85
N ASN F 97 24.05 2.13 -29.65
CA ASN F 97 25.44 2.22 -29.18
C ASN F 97 25.86 3.54 -28.57
N VAL F 98 26.93 3.50 -27.80
CA VAL F 98 27.59 4.70 -27.29
C VAL F 98 28.75 5.02 -28.22
N VAL F 99 28.87 6.29 -28.63
CA VAL F 99 29.97 6.74 -29.49
C VAL F 99 30.74 7.71 -28.66
N VAL F 100 31.91 7.30 -28.20
CA VAL F 100 32.74 8.19 -27.38
C VAL F 100 33.29 9.39 -28.19
N ASP F 101 33.72 10.43 -27.47
CA ASP F 101 34.20 11.64 -28.10
C ASP F 101 35.48 11.35 -28.88
N GLY F 102 35.59 11.93 -30.05
CA GLY F 102 36.79 11.78 -30.88
C GLY F 102 36.75 10.55 -31.76
N SER F 103 35.58 9.94 -31.86
CA SER F 103 35.40 8.75 -32.66
C SER F 103 35.42 9.04 -34.14
N LEU F 104 36.29 8.32 -34.85
CA LEU F 104 36.27 8.31 -36.30
C LEU F 104 35.44 7.11 -36.79
N PHE F 105 34.47 7.38 -37.65
CA PHE F 105 33.75 6.34 -38.36
C PHE F 105 34.50 5.87 -39.62
N VAL F 106 34.97 4.64 -39.57
CA VAL F 106 35.66 4.07 -40.72
C VAL F 106 34.87 2.93 -41.30
N SER F 107 34.37 3.11 -42.51
CA SER F 107 33.76 2.01 -43.20
C SER F 107 34.70 1.37 -44.22
N ILE F 108 34.47 0.10 -44.49
CA ILE F 108 35.28 -0.61 -45.46
C ILE F 108 34.36 -1.35 -46.41
N SER F 109 34.59 -1.22 -47.70
CA SER F 109 33.72 -1.80 -48.72
C SER F 109 34.41 -1.70 -50.09
N GLN F 110 34.43 -2.82 -50.81
CA GLN F 110 34.85 -2.81 -52.21
C GLN F 110 33.93 -1.92 -53.06
N SER F 111 32.64 -2.21 -53.02
CA SER F 111 31.61 -1.57 -53.88
C SER F 111 31.27 -0.15 -53.51
N GLY F 112 31.32 0.17 -52.22
CA GLY F 112 30.89 1.48 -51.70
C GLY F 112 29.37 1.61 -51.64
N GLU F 113 28.67 0.53 -51.95
CA GLU F 113 27.21 0.56 -52.01
C GLU F 113 26.56 -0.42 -51.03
N THR F 114 27.33 -1.00 -50.11
CA THR F 114 26.81 -2.05 -49.23
C THR F 114 25.78 -1.49 -48.27
N ALA F 115 24.55 -1.99 -48.39
CA ALA F 115 23.37 -1.35 -47.74
C ALA F 115 23.61 -1.08 -46.26
N ASP F 116 23.97 -2.15 -45.56
CA ASP F 116 24.12 -2.03 -44.12
C ASP F 116 25.23 -1.08 -43.75
N THR F 117 26.36 -1.16 -44.42
CA THR F 117 27.48 -0.26 -44.13
C THR F 117 27.17 1.21 -44.43
N LEU F 118 26.48 1.45 -45.55
CA LEU F 118 26.09 2.80 -45.98
C LEU F 118 25.08 3.42 -45.01
N GLU F 119 24.15 2.59 -44.55
CA GLU F 119 23.17 3.07 -43.58
C GLU F 119 23.81 3.28 -42.22
N SER F 120 24.90 2.58 -41.90
CA SER F 120 25.58 2.84 -40.67
C SER F 120 26.28 4.15 -40.77
N LEU F 121 26.88 4.44 -41.93
CA LEU F 121 27.51 5.76 -42.16
C LEU F 121 26.50 6.87 -41.97
N ARG F 122 25.33 6.67 -42.57
CA ARG F 122 24.26 7.67 -42.49
C ARG F 122 23.78 7.85 -41.07
N LYS F 123 23.62 6.76 -40.34
CA LYS F 123 23.31 6.87 -38.90
C LYS F 123 24.40 7.60 -38.10
N SER F 124 25.65 7.38 -38.45
CA SER F 124 26.76 8.03 -37.73
C SER F 124 26.74 9.55 -37.86
N LYS F 125 26.13 10.09 -38.91
CA LYS F 125 26.15 11.54 -39.09
C LYS F 125 25.32 12.24 -38.01
N LYS F 126 24.35 11.54 -37.45
CA LYS F 126 23.63 12.06 -36.33
C LYS F 126 24.27 11.74 -35.00
N GLN F 127 25.47 11.14 -34.97
CA GLN F 127 26.03 10.76 -33.67
C GLN F 127 27.31 11.52 -33.36
N ASN F 128 27.89 11.27 -32.19
CA ASN F 128 29.07 11.98 -31.70
C ASN F 128 30.44 11.65 -32.42
N TYR F 129 30.39 11.38 -33.72
CA TYR F 129 31.61 11.10 -34.50
C TYR F 129 32.20 12.42 -34.96
N VAL F 130 33.53 12.50 -35.04
CA VAL F 130 34.20 13.68 -35.61
C VAL F 130 34.13 13.71 -37.13
N GLY F 131 33.94 12.52 -37.73
CA GLY F 131 33.74 12.39 -39.16
C GLY F 131 33.95 10.98 -39.68
N SER F 132 33.99 10.84 -40.99
CA SER F 132 33.99 9.54 -41.58
C SER F 132 35.00 9.32 -42.72
N CYS F 134 36.11 6.23 -45.68
CA CYS F 134 35.89 4.94 -46.31
CA CYS F 134 35.88 4.93 -46.28
C CYS F 134 37.19 4.39 -46.82
N ILE F 135 37.31 3.07 -46.75
CA ILE F 135 38.33 2.36 -47.47
C ILE F 135 37.47 1.70 -48.54
N CYS F 136 37.55 2.22 -49.75
CA CYS F 136 36.65 1.87 -50.82
CA CYS F 136 36.66 1.77 -50.81
C CYS F 136 37.44 1.57 -52.09
N ASN F 137 36.83 0.86 -53.03
CA ASN F 137 37.49 0.58 -54.29
C ASN F 137 36.93 1.39 -55.47
N VAL F 138 35.64 1.68 -55.42
CA VAL F 138 34.94 2.29 -56.53
C VAL F 138 34.76 3.79 -56.24
N PRO F 139 35.45 4.66 -57.01
CA PRO F 139 35.21 6.12 -56.83
C PRO F 139 33.82 6.55 -57.35
N ASN F 140 33.26 7.59 -56.73
CA ASN F 140 31.86 7.94 -57.00
C ASN F 140 30.94 6.79 -56.58
N SER F 141 31.14 6.30 -55.38
CA SER F 141 30.19 5.35 -54.82
C SER F 141 29.54 6.12 -53.70
N SER F 142 28.39 5.65 -53.25
CA SER F 142 27.70 6.31 -52.15
C SER F 142 28.67 6.50 -50.99
N LEU F 143 29.32 5.43 -50.55
CA LEU F 143 30.23 5.56 -49.40
C LEU F 143 31.29 6.63 -49.61
N VAL F 144 31.92 6.69 -50.80
CA VAL F 144 32.93 7.74 -51.08
C VAL F 144 32.32 9.12 -51.01
N ARG F 145 31.24 9.35 -51.76
CA ARG F 145 30.60 10.65 -51.81
C ARG F 145 30.11 11.09 -50.43
N GLU F 146 29.61 10.15 -49.60
CA GLU F 146 28.98 10.52 -48.34
C GLU F 146 29.98 10.60 -47.18
N SER F 147 31.17 10.06 -47.39
CA SER F 147 32.18 10.01 -46.31
C SER F 147 32.92 11.31 -46.31
N ASP F 148 33.44 11.68 -45.14
CA ASP F 148 34.26 12.88 -45.08
C ASP F 148 35.49 12.76 -45.92
N ILE F 149 36.12 11.60 -45.85
CA ILE F 149 37.27 11.32 -46.66
C ILE F 149 37.18 9.89 -47.16
N ALA F 150 37.89 9.64 -48.26
CA ALA F 150 37.84 8.36 -48.93
C ALA F 150 39.25 7.95 -49.14
N PHE F 151 39.53 6.70 -48.83
CA PHE F 151 40.81 6.14 -49.11
C PHE F 151 40.57 5.06 -50.14
N THR F 153 41.39 1.96 -52.37
CA THR F 153 42.23 0.84 -52.75
C THR F 153 42.34 0.77 -54.27
N LYS F 154 43.32 0.05 -54.79
CA LYS F 154 43.46 -0.06 -56.24
C LYS F 154 43.34 -1.51 -56.64
N ALA F 155 42.16 -2.08 -56.49
CA ALA F 155 41.96 -3.51 -56.70
C ALA F 155 41.48 -3.75 -58.10
N GLY F 156 40.82 -2.77 -58.71
CA GLY F 156 40.25 -2.96 -60.05
C GLY F 156 38.93 -3.64 -59.82
N VAL F 157 38.41 -4.32 -60.84
CA VAL F 157 37.09 -4.89 -60.76
C VAL F 157 37.22 -6.37 -60.49
N GLU F 158 36.26 -6.93 -59.75
CA GLU F 158 36.30 -8.35 -59.43
C GLU F 158 35.19 -9.03 -60.16
N ILE F 159 35.49 -10.14 -60.79
CA ILE F 159 34.48 -11.02 -61.36
C ILE F 159 34.38 -12.39 -60.67
N GLY F 160 35.41 -12.76 -59.90
CA GLY F 160 35.36 -13.97 -59.07
C GLY F 160 34.22 -13.99 -58.04
N VAL F 161 33.72 -15.19 -57.77
CA VAL F 161 32.61 -15.33 -56.83
C VAL F 161 33.02 -14.72 -55.53
N ALA F 162 34.20 -15.09 -55.07
CA ALA F 162 34.70 -14.67 -53.79
C ALA F 162 35.62 -13.51 -54.00
N SER F 163 35.72 -12.65 -53.02
CA SER F 163 36.64 -11.54 -53.15
C SER F 163 38.11 -11.96 -52.79
N THR F 164 39.05 -11.55 -53.62
CA THR F 164 40.45 -11.83 -53.36
C THR F 164 41.24 -10.56 -53.24
N LYS F 165 41.53 -9.91 -54.35
CA LYS F 165 42.33 -8.69 -54.28
C LYS F 165 41.69 -7.51 -53.55
N ALA F 166 40.38 -7.53 -53.42
CA ALA F 166 39.71 -6.55 -52.63
C ALA F 166 40.12 -6.72 -51.16
N PHE F 167 40.24 -7.97 -50.67
CA PHE F 167 40.65 -8.23 -49.30
C PHE F 167 42.08 -7.83 -49.01
N THR F 168 43.02 -8.28 -49.82
CA THR F 168 44.38 -7.92 -49.60
C THR F 168 44.68 -6.44 -49.87
N THR F 169 44.05 -5.79 -50.84
CA THR F 169 44.24 -4.34 -50.92
C THR F 169 43.65 -3.59 -49.74
N GLN F 170 42.56 -4.11 -49.16
CA GLN F 170 42.02 -3.51 -47.96
C GLN F 170 42.98 -3.62 -46.80
N LEU F 171 43.59 -4.78 -46.60
CA LEU F 171 44.59 -4.89 -45.56
C LEU F 171 45.68 -3.86 -45.71
N VAL F 172 46.28 -3.77 -46.91
CA VAL F 172 47.35 -2.86 -47.21
C VAL F 172 46.93 -1.41 -46.96
N ALA F 173 45.74 -1.03 -47.39
CA ALA F 173 45.26 0.31 -47.13
C ALA F 173 45.15 0.53 -45.62
N LEU F 174 44.75 -0.48 -44.88
CA LEU F 174 44.59 -0.33 -43.41
C LEU F 174 45.96 -0.20 -42.70
N ALA F 175 46.94 -0.90 -43.23
CA ALA F 175 48.33 -0.80 -42.80
C ALA F 175 48.91 0.60 -43.00
N ILE F 176 48.62 1.19 -44.15
CA ILE F 176 49.09 2.54 -44.45
C ILE F 176 48.44 3.53 -43.53
N PHE F 177 47.12 3.42 -43.38
CA PHE F 177 46.41 4.20 -42.44
C PHE F 177 47.00 4.15 -41.01
N THR F 178 47.33 2.96 -40.52
CA THR F 178 47.94 2.80 -39.19
C THR F 178 49.20 3.62 -39.06
N LEU F 179 50.01 3.58 -40.10
CA LEU F 179 51.27 4.30 -40.09
C LEU F 179 51.10 5.80 -40.17
N VAL F 180 50.11 6.25 -40.95
CA VAL F 180 49.73 7.63 -41.02
C VAL F 180 49.25 8.18 -39.66
N ILE F 181 48.28 7.49 -39.05
CA ILE F 181 47.84 7.85 -37.73
C ILE F 181 48.99 7.81 -36.73
N ALA F 182 49.83 6.82 -36.85
CA ALA F 182 50.91 6.62 -35.88
C ALA F 182 51.90 7.76 -35.96
N LYS F 183 52.23 8.17 -37.17
CA LYS F 183 53.08 9.35 -37.35
C LYS F 183 52.43 10.61 -36.79
N LEU F 184 51.14 10.75 -37.06
CA LEU F 184 50.43 11.93 -36.67
C LEU F 184 50.31 12.04 -35.15
N LYS F 185 50.27 10.91 -34.43
CA LYS F 185 50.14 10.91 -32.95
C LYS F 185 51.48 10.81 -32.21
N ASN F 186 52.56 10.75 -32.97
CA ASN F 186 53.89 10.40 -32.43
C ASN F 186 53.92 9.15 -31.55
N SER F 187 53.26 8.10 -32.02
CA SER F 187 53.34 6.77 -31.40
C SER F 187 54.52 6.00 -31.94
N LEU F 188 55.06 6.46 -33.08
CA LEU F 188 56.27 5.90 -33.67
C LEU F 188 57.11 7.05 -34.16
N THR F 189 58.42 6.91 -34.12
CA THR F 189 59.26 7.96 -34.65
C THR F 189 59.25 7.88 -36.19
N ASP F 190 59.86 8.87 -36.85
CA ASP F 190 59.94 8.86 -38.31
C ASP F 190 60.75 7.67 -38.81
N GLN F 191 61.82 7.36 -38.07
CA GLN F 191 62.71 6.26 -38.42
C GLN F 191 61.98 4.94 -38.29
N GLN F 192 61.26 4.77 -37.19
CA GLN F 192 60.45 3.57 -37.02
C GLN F 192 59.36 3.51 -38.09
N ILE F 193 58.75 4.65 -38.42
CA ILE F 193 57.78 4.66 -39.52
C ILE F 193 58.46 4.19 -40.81
N ALA F 194 59.69 4.62 -41.01
CA ALA F 194 60.37 4.28 -42.24
C ALA F 194 60.58 2.78 -42.34
N LYS F 195 60.92 2.13 -41.24
CA LYS F 195 61.16 0.69 -41.26
C LYS F 195 59.91 -0.13 -41.66
N TYR F 196 58.78 0.20 -41.09
CA TYR F 196 57.58 -0.54 -41.48
C TYR F 196 57.13 -0.16 -42.88
N THR F 197 57.42 1.06 -43.30
CA THR F 197 57.22 1.43 -44.68
C THR F 197 57.99 0.48 -45.63
N GLU F 198 59.23 0.09 -45.34
CA GLU F 198 59.91 -0.89 -46.20
C GLU F 198 59.30 -2.26 -46.16
N GLU F 199 58.85 -2.65 -44.97
CA GLU F 199 58.20 -3.90 -44.83
C GLU F 199 57.00 -3.88 -45.77
N LEU F 200 56.25 -2.79 -45.82
CA LEU F 200 55.04 -2.79 -46.67
C LEU F 200 55.50 -2.94 -48.15
N LYS F 201 56.58 -2.27 -48.53
CA LYS F 201 57.12 -2.40 -49.90
C LYS F 201 57.57 -3.79 -50.30
N ASN F 202 57.89 -4.63 -49.31
CA ASN F 202 58.46 -5.97 -49.60
C ASN F 202 57.38 -6.99 -49.84
N ILE F 203 56.14 -6.58 -49.61
CA ILE F 203 55.02 -7.48 -49.68
C ILE F 203 54.89 -8.13 -51.05
N ARG F 204 55.24 -7.39 -52.09
CA ARG F 204 55.08 -7.86 -53.45
C ARG F 204 55.83 -9.16 -53.75
N ALA F 205 57.14 -9.19 -53.47
CA ALA F 205 57.93 -10.39 -53.61
C ALA F 205 57.36 -11.53 -52.74
N LEU F 206 56.83 -11.19 -51.57
CA LEU F 206 56.38 -12.21 -50.64
C LEU F 206 55.12 -12.85 -51.16
N VAL F 207 54.19 -12.00 -51.62
CA VAL F 207 52.98 -12.46 -52.23
C VAL F 207 53.27 -13.35 -53.39
N GLY F 209 56.04 -15.03 -53.92
CA GLY F 209 56.48 -16.30 -53.33
C GLY F 209 55.31 -17.21 -52.99
N ALA F 210 54.25 -16.62 -52.45
CA ALA F 210 53.11 -17.39 -51.96
C ALA F 210 52.43 -18.10 -53.12
N LEU F 211 52.28 -17.38 -54.21
CA LEU F 211 51.66 -17.93 -55.42
C LEU F 211 52.37 -19.18 -55.95
N LYS F 212 53.67 -19.29 -55.66
CA LYS F 212 54.46 -20.46 -56.05
C LYS F 212 53.95 -21.75 -55.39
N LEU F 213 53.07 -21.64 -54.39
CA LEU F 213 52.39 -22.84 -53.82
C LEU F 213 51.17 -23.36 -54.60
N ASP F 214 50.76 -22.63 -55.63
CA ASP F 214 49.54 -22.91 -56.40
C ASP F 214 49.51 -24.39 -56.76
N THR F 215 50.60 -24.89 -57.36
CA THR F 215 50.71 -26.31 -57.69
C THR F 215 50.59 -27.28 -56.48
N GLU F 216 51.35 -27.07 -55.42
CA GLU F 216 51.24 -27.97 -54.27
C GLU F 216 49.83 -27.95 -53.63
N ILE F 217 49.14 -26.83 -53.70
CA ILE F 217 47.82 -26.75 -53.14
C ILE F 217 46.79 -27.53 -53.97
N ASP F 218 46.87 -27.45 -55.27
CA ASP F 218 45.98 -28.22 -56.12
C ASP F 218 46.15 -29.72 -55.87
N GLN F 219 47.38 -30.18 -55.62
CA GLN F 219 47.63 -31.61 -55.32
C GLN F 219 46.89 -32.01 -54.03
N ILE F 220 47.16 -31.28 -52.97
CA ILE F 220 46.38 -31.31 -51.73
C ILE F 220 44.86 -31.24 -51.87
N SER F 221 44.37 -30.43 -52.78
CA SER F 221 42.96 -30.13 -52.76
C SER F 221 42.07 -31.35 -53.00
N GLU F 222 42.61 -32.40 -53.57
CA GLU F 222 41.82 -33.61 -53.80
C GLU F 222 41.36 -34.25 -52.51
N TYR F 223 42.10 -34.05 -51.43
CA TYR F 223 41.72 -34.56 -50.11
C TYR F 223 40.32 -34.08 -49.67
N PHE F 224 39.93 -32.90 -50.11
CA PHE F 224 38.71 -32.28 -49.67
C PHE F 224 37.51 -32.77 -50.44
N SER F 225 37.68 -33.62 -51.44
CA SER F 225 36.52 -33.85 -52.35
C SER F 225 35.33 -34.48 -51.67
N ASP F 226 35.57 -35.30 -50.65
CA ASP F 226 34.46 -35.92 -49.92
C ASP F 226 34.25 -35.35 -48.51
N LYS F 227 34.69 -34.13 -48.28
CA LYS F 227 34.65 -33.51 -46.97
C LYS F 227 33.55 -32.51 -46.96
N GLU F 228 32.83 -32.45 -45.86
CA GLU F 228 31.76 -31.47 -45.65
C GLU F 228 32.00 -30.53 -44.48
N HIS F 229 33.15 -30.68 -43.86
CA HIS F 229 33.54 -29.80 -42.76
C HIS F 229 35.02 -29.48 -42.93
N THR F 230 35.43 -28.34 -42.40
CA THR F 230 36.81 -28.00 -42.25
C THR F 230 36.93 -27.03 -41.11
N ILE F 231 38.00 -27.15 -40.36
CA ILE F 231 38.30 -26.17 -39.36
C ILE F 231 39.49 -25.35 -39.76
N PHE F 232 39.43 -24.05 -39.54
CA PHE F 232 40.56 -23.16 -39.71
C PHE F 232 40.99 -22.66 -38.32
N LEU F 233 42.28 -22.39 -38.16
CA LEU F 233 42.81 -21.95 -36.89
C LEU F 233 43.87 -20.94 -37.07
N GLY F 234 43.89 -19.96 -36.20
CA GLY F 234 44.97 -19.01 -36.14
C GLY F 234 44.80 -18.24 -34.86
N ARG F 235 45.81 -17.47 -34.49
CA ARG F 235 45.88 -16.74 -33.22
C ARG F 235 46.33 -15.34 -33.57
N GLY F 236 45.98 -14.39 -32.72
CA GLY F 236 46.35 -12.99 -32.89
C GLY F 236 45.86 -12.45 -34.20
N LEU F 237 46.69 -11.62 -34.81
CA LEU F 237 46.50 -11.17 -36.19
C LEU F 237 46.00 -12.24 -37.15
N TYR F 238 46.40 -13.49 -36.94
CA TYR F 238 46.12 -14.59 -37.88
C TYR F 238 44.78 -15.27 -37.64
N TYR F 239 44.11 -14.89 -36.54
CA TYR F 239 42.77 -15.39 -36.34
C TYR F 239 41.79 -14.87 -37.40
N PRO F 240 41.73 -13.56 -37.62
CA PRO F 240 40.85 -13.07 -38.71
C PRO F 240 41.33 -13.52 -40.08
N ILE F 241 42.63 -13.78 -40.24
CA ILE F 241 43.06 -14.38 -41.46
C ILE F 241 42.42 -15.78 -41.63
N ALA F 242 42.38 -16.57 -40.56
CA ALA F 242 41.75 -17.88 -40.65
C ALA F 242 40.27 -17.75 -40.89
N ILE F 243 39.65 -16.70 -40.36
CA ILE F 243 38.22 -16.45 -40.60
C ILE F 243 37.92 -16.20 -42.10
N GLU F 244 38.78 -15.41 -42.74
CA GLU F 244 38.66 -15.10 -44.18
C GLU F 244 38.92 -16.33 -45.03
N GLY F 245 39.91 -17.12 -44.66
CA GLY F 245 40.10 -18.43 -45.32
C GLY F 245 38.87 -19.30 -45.24
N ALA F 246 38.29 -19.47 -44.05
CA ALA F 246 37.10 -20.25 -43.90
C ALA F 246 35.94 -19.68 -44.72
N LEU F 247 35.78 -18.36 -44.68
CA LEU F 247 34.76 -17.68 -45.50
C LEU F 247 34.93 -18.05 -46.98
N LYS F 248 36.14 -17.94 -47.49
CA LYS F 248 36.38 -18.28 -48.88
C LYS F 248 35.95 -19.73 -49.23
N LEU F 249 36.36 -20.68 -48.39
CA LEU F 249 36.07 -22.09 -48.63
C LEU F 249 34.57 -22.34 -48.60
N LYS F 250 33.83 -21.74 -47.69
CA LYS F 250 32.41 -22.06 -47.72
C LYS F 250 31.66 -21.29 -48.79
N GLU F 251 32.15 -20.12 -49.14
CA GLU F 251 31.47 -19.35 -50.14
C GLU F 251 31.50 -20.07 -51.47
N ILE F 252 32.63 -20.69 -51.81
CA ILE F 252 32.82 -21.31 -53.14
C ILE F 252 32.84 -22.85 -53.20
N SER F 253 33.19 -23.57 -52.13
CA SER F 253 33.06 -25.05 -52.12
C SER F 253 31.79 -25.51 -51.45
N TYR F 254 31.21 -24.66 -50.63
CA TYR F 254 30.06 -25.02 -49.84
C TYR F 254 30.40 -26.06 -48.80
N ILE F 255 31.68 -26.27 -48.52
CA ILE F 255 32.08 -26.96 -47.31
C ILE F 255 31.70 -26.10 -46.10
N HIS F 256 31.18 -26.73 -45.06
CA HIS F 256 30.97 -26.09 -43.78
C HIS F 256 32.29 -25.84 -43.07
N ALA F 257 32.93 -24.73 -43.37
CA ALA F 257 34.25 -24.44 -42.86
C ALA F 257 34.03 -23.48 -41.76
N GLU F 258 34.84 -23.53 -40.73
CA GLU F 258 34.73 -22.57 -39.67
C GLU F 258 36.05 -22.33 -39.00
N ALA F 259 36.28 -21.08 -38.63
CA ALA F 259 37.51 -20.69 -37.98
C ALA F 259 37.32 -20.59 -36.51
N TYR F 260 38.35 -20.97 -35.79
CA TYR F 260 38.43 -20.76 -34.38
C TYR F 260 39.76 -20.12 -34.06
N PRO F 261 39.79 -19.26 -33.06
CA PRO F 261 41.04 -18.79 -32.51
C PRO F 261 41.66 -19.99 -31.83
N SER F 262 42.90 -20.28 -32.13
CA SER F 262 43.43 -21.58 -31.80
C SER F 262 43.41 -21.89 -30.29
N GLY F 263 43.51 -20.86 -29.43
CA GLY F 263 43.43 -21.03 -27.97
C GLY F 263 42.05 -21.24 -27.36
N GLU F 264 41.02 -21.39 -28.18
CA GLU F 264 39.65 -21.59 -27.67
C GLU F 264 39.14 -22.93 -28.14
N LEU F 265 40.07 -23.78 -28.55
CA LEU F 265 39.82 -25.17 -28.88
C LEU F 265 39.14 -25.91 -27.72
N LYS F 266 39.75 -25.76 -26.55
CA LYS F 266 39.39 -26.53 -25.37
C LYS F 266 38.06 -26.10 -24.73
N HIS F 267 37.20 -25.44 -25.49
CA HIS F 267 35.91 -24.93 -25.00
C HIS F 267 34.71 -25.51 -25.76
N GLY F 268 34.86 -25.76 -27.06
CA GLY F 268 33.78 -26.32 -27.88
C GLY F 268 34.37 -27.16 -29.01
N PRO F 269 34.99 -26.47 -30.00
CA PRO F 269 35.57 -27.02 -31.20
C PRO F 269 36.21 -28.40 -31.13
N LEU F 270 36.87 -28.73 -30.03
CA LEU F 270 37.56 -30.04 -29.91
C LEU F 270 36.61 -31.22 -30.13
N ALA F 271 35.35 -31.04 -29.76
CA ALA F 271 34.37 -32.14 -29.87
C ALA F 271 34.14 -32.61 -31.31
N LEU F 272 34.33 -31.72 -32.28
CA LEU F 272 34.03 -32.01 -33.68
C LEU F 272 35.17 -32.72 -34.40
N VAL F 273 36.37 -32.62 -33.82
CA VAL F 273 37.57 -33.15 -34.47
C VAL F 273 37.59 -34.66 -34.40
N ASP F 274 37.53 -35.30 -35.57
CA ASP F 274 37.76 -36.75 -35.67
C ASP F 274 38.72 -37.01 -36.80
N LYS F 275 38.93 -38.27 -37.15
CA LYS F 275 39.92 -38.58 -38.17
C LYS F 275 39.49 -38.17 -39.59
N ASN F 276 38.21 -37.82 -39.78
CA ASN F 276 37.77 -37.29 -41.10
C ASN F 276 37.66 -35.75 -41.20
N PRO F 278 39.43 -32.09 -41.68
CA PRO F 278 40.57 -31.28 -42.08
C PRO F 278 40.77 -30.11 -41.15
N ILE F 279 41.98 -29.88 -40.69
CA ILE F 279 42.35 -28.70 -39.93
C ILE F 279 43.38 -27.92 -40.75
N VAL F 280 43.02 -26.72 -41.17
CA VAL F 280 43.90 -25.82 -41.86
C VAL F 280 44.36 -24.73 -40.92
N ALA F 281 45.65 -24.56 -40.78
CA ALA F 281 46.15 -23.63 -39.79
C ALA F 281 47.30 -22.83 -40.39
N VAL F 282 47.41 -21.59 -39.94
CA VAL F 282 48.43 -20.67 -40.36
C VAL F 282 49.36 -20.63 -39.17
N VAL F 283 50.65 -20.90 -39.40
CA VAL F 283 51.62 -20.92 -38.33
C VAL F 283 52.73 -19.90 -38.61
N PRO F 284 52.55 -18.68 -38.09
CA PRO F 284 53.46 -17.60 -38.36
C PRO F 284 54.68 -17.64 -37.48
N ASN F 285 55.66 -16.82 -37.87
CA ASN F 285 56.89 -16.62 -37.15
C ASN F 285 56.77 -15.49 -36.13
N ASP F 286 56.16 -15.78 -34.98
CA ASP F 286 55.96 -14.77 -33.90
C ASP F 286 56.13 -15.40 -32.52
N GLU F 287 55.89 -14.67 -31.44
CA GLU F 287 56.14 -15.26 -30.12
C GLU F 287 55.05 -16.22 -29.59
N LEU F 288 53.99 -16.40 -30.34
CA LEU F 288 52.94 -17.31 -29.91
C LEU F 288 53.08 -18.70 -30.48
N LEU F 289 54.22 -18.97 -31.08
CA LEU F 289 54.49 -20.26 -31.72
C LEU F 289 54.35 -21.44 -30.77
N ASP F 290 54.90 -21.33 -29.59
CA ASP F 290 54.86 -22.49 -28.70
C ASP F 290 53.43 -22.82 -28.26
N LYS F 291 52.60 -21.81 -28.02
CA LYS F 291 51.19 -22.08 -27.65
C LYS F 291 50.47 -22.70 -28.87
N THR F 292 50.70 -22.16 -30.06
CA THR F 292 50.04 -22.70 -31.24
C THR F 292 50.40 -24.16 -31.49
N LEU F 293 51.68 -24.49 -31.35
CA LEU F 293 52.11 -25.87 -31.48
C LEU F 293 51.42 -26.77 -30.50
N SER F 294 51.24 -26.28 -29.28
CA SER F 294 50.52 -27.01 -28.25
C SER F 294 49.04 -27.20 -28.59
N ASN F 295 48.34 -26.13 -29.01
CA ASN F 295 46.98 -26.25 -29.56
C ASN F 295 46.91 -27.25 -30.72
N LEU F 296 47.88 -27.17 -31.64
CA LEU F 296 47.90 -28.09 -32.77
C LEU F 296 48.02 -29.54 -32.34
N GLN F 297 48.87 -29.83 -31.34
CA GLN F 297 49.05 -31.21 -30.86
C GLN F 297 47.72 -31.77 -30.31
N GLU F 298 47.00 -30.94 -29.56
CA GLU F 298 45.70 -31.34 -29.01
C GLU F 298 44.77 -31.79 -30.13
N VAL F 299 44.80 -31.08 -31.24
CA VAL F 299 43.92 -31.39 -32.35
C VAL F 299 44.47 -32.60 -33.04
N HIS F 300 45.79 -32.68 -33.04
CA HIS F 300 46.44 -33.82 -33.66
C HIS F 300 46.17 -35.10 -32.90
N ALA F 301 46.21 -35.03 -31.58
CA ALA F 301 45.89 -36.21 -30.76
C ALA F 301 44.49 -36.74 -31.07
N ARG F 302 43.56 -35.89 -31.47
CA ARG F 302 42.22 -36.42 -31.72
C ARG F 302 42.01 -36.83 -33.14
N GLY F 303 43.07 -36.90 -33.94
CA GLY F 303 42.95 -37.47 -35.26
C GLY F 303 42.75 -36.51 -36.42
N GLY F 304 42.66 -35.21 -36.13
CA GLY F 304 42.59 -34.23 -37.21
C GLY F 304 43.71 -34.32 -38.23
N LYS F 305 43.37 -34.28 -39.51
CA LYS F 305 44.39 -34.14 -40.54
C LYS F 305 44.86 -32.69 -40.68
N LEU F 306 46.09 -32.41 -40.29
CA LEU F 306 46.61 -31.09 -40.21
C LEU F 306 47.23 -30.69 -41.55
N ILE F 307 46.81 -29.52 -42.03
CA ILE F 307 47.29 -28.85 -43.25
C ILE F 307 47.74 -27.48 -42.82
N LEU F 308 49.04 -27.28 -42.81
CA LEU F 308 49.67 -26.18 -42.13
C LEU F 308 50.45 -25.38 -43.11
N PHE F 309 50.16 -24.09 -43.16
CA PHE F 309 50.96 -23.14 -43.90
C PHE F 309 51.83 -22.47 -42.89
N VAL F 310 53.13 -22.66 -42.98
CA VAL F 310 54.03 -22.16 -41.99
C VAL F 310 55.13 -21.27 -42.57
N ASP F 311 55.59 -20.36 -41.75
CA ASP F 311 56.72 -19.57 -42.14
C ASP F 311 57.97 -20.47 -42.20
N LYS F 312 58.86 -20.17 -43.13
CA LYS F 312 60.14 -20.90 -43.33
C LYS F 312 60.99 -20.96 -42.05
N ALA F 313 61.05 -19.82 -41.37
CA ALA F 313 61.70 -19.66 -40.09
C ALA F 313 61.23 -20.62 -38.99
N VAL F 314 60.06 -21.22 -39.09
CA VAL F 314 59.56 -22.12 -38.05
C VAL F 314 59.33 -23.54 -38.53
N LYS F 315 59.53 -23.80 -39.82
CA LYS F 315 59.28 -25.12 -40.40
C LYS F 315 59.93 -26.26 -39.59
N GLU F 316 61.13 -26.01 -39.09
CA GLU F 316 61.92 -27.06 -38.45
C GLU F 316 61.35 -27.42 -37.09
N ARG F 317 60.81 -26.43 -36.39
CA ARG F 317 60.11 -26.71 -35.13
C ARG F 317 58.70 -27.26 -35.33
N VAL F 318 58.27 -27.51 -36.54
CA VAL F 318 56.91 -28.00 -36.76
C VAL F 318 56.95 -29.40 -37.34
N ASN F 319 56.68 -30.40 -36.51
CA ASN F 319 56.70 -31.77 -36.95
C ASN F 319 55.50 -32.51 -36.39
N PHE F 320 54.68 -33.06 -37.26
CA PHE F 320 53.50 -33.75 -36.82
C PHE F 320 53.30 -34.93 -37.71
N ASP F 321 53.09 -36.11 -37.14
CA ASP F 321 52.99 -37.30 -37.97
C ASP F 321 51.76 -37.16 -38.86
N ASN F 322 51.91 -37.50 -40.14
CA ASN F 322 50.82 -37.47 -41.14
C ASN F 322 50.18 -36.10 -41.47
N SER F 323 50.86 -35.01 -41.09
CA SER F 323 50.46 -33.65 -41.45
C SER F 323 50.92 -33.30 -42.83
N ILE F 324 50.32 -32.27 -43.41
CA ILE F 324 50.83 -31.62 -44.62
C ILE F 324 51.34 -30.24 -44.25
N VAL F 325 52.60 -29.98 -44.57
CA VAL F 325 53.23 -28.72 -44.22
C VAL F 325 53.79 -28.05 -45.47
N LEU F 326 53.28 -26.87 -45.79
CA LEU F 326 53.80 -26.07 -46.88
C LEU F 326 54.38 -24.80 -46.29
N GLU F 327 55.54 -24.38 -46.73
CA GLU F 327 56.19 -23.26 -46.10
C GLU F 327 56.43 -22.09 -47.00
N LEU F 328 56.56 -20.90 -46.41
CA LEU F 328 56.78 -19.66 -47.17
CA LEU F 328 56.78 -19.67 -47.18
C LEU F 328 57.44 -18.57 -46.32
N ASP F 329 58.03 -17.57 -46.95
CA ASP F 329 58.54 -16.43 -46.25
C ASP F 329 57.37 -15.46 -46.17
N ALA F 330 56.97 -15.09 -44.96
CA ALA F 330 55.82 -14.21 -44.76
C ALA F 330 56.17 -12.86 -44.19
N GLY F 331 57.43 -12.66 -43.81
CA GLY F 331 57.79 -11.39 -43.21
C GLY F 331 57.19 -11.21 -41.80
N HIS F 332 56.95 -9.96 -41.43
CA HIS F 332 56.57 -9.59 -40.07
C HIS F 332 55.09 -9.16 -39.94
N ASP F 333 54.80 -8.20 -39.07
CA ASP F 333 53.39 -8.00 -38.63
C ASP F 333 52.51 -7.51 -39.74
N PHE F 334 53.04 -6.63 -40.57
CA PHE F 334 52.23 -6.06 -41.63
C PHE F 334 52.08 -7.00 -42.80
N SER F 335 53.20 -7.57 -43.23
CA SER F 335 53.19 -8.35 -44.43
C SER F 335 52.58 -9.73 -44.26
N ALA F 336 52.85 -10.43 -43.17
CA ALA F 336 52.44 -11.84 -43.06
C ALA F 336 50.95 -12.11 -43.15
N PRO F 337 50.14 -11.30 -42.48
CA PRO F 337 48.73 -11.43 -42.65
C PRO F 337 48.32 -11.43 -44.12
N VAL F 338 48.92 -10.55 -44.93
CA VAL F 338 48.62 -10.52 -46.35
C VAL F 338 49.18 -11.79 -47.04
N VAL F 339 50.44 -12.12 -46.80
CA VAL F 339 51.07 -13.26 -47.47
C VAL F 339 50.34 -14.56 -47.17
N PHE F 340 49.98 -14.77 -45.90
CA PHE F 340 49.30 -15.98 -45.54
C PHE F 340 47.84 -16.09 -46.06
N THR F 341 47.24 -14.99 -46.49
CA THR F 341 45.94 -15.09 -47.13
C THR F 341 45.95 -15.83 -48.47
N ILE F 342 47.04 -15.68 -49.25
CA ILE F 342 47.10 -16.17 -50.63
C ILE F 342 46.92 -17.69 -50.74
N PRO F 343 47.65 -18.46 -49.94
CA PRO F 343 47.43 -19.88 -49.88
C PRO F 343 46.00 -20.27 -49.54
N LEU F 344 45.31 -19.51 -48.70
CA LEU F 344 43.94 -19.89 -48.39
C LEU F 344 43.01 -19.58 -49.57
N GLN F 345 43.34 -18.54 -50.34
CA GLN F 345 42.54 -18.24 -51.47
C GLN F 345 42.74 -19.33 -52.52
N LEU F 346 43.99 -19.73 -52.75
CA LEU F 346 44.26 -20.78 -53.70
C LEU F 346 43.59 -22.10 -53.29
N LEU F 347 43.59 -22.37 -51.98
CA LEU F 347 42.98 -23.61 -51.51
C LEU F 347 41.46 -23.59 -51.81
N SER F 348 40.81 -22.48 -51.56
CA SER F 348 39.38 -22.44 -51.86
C SER F 348 39.07 -22.55 -53.36
N TYR F 349 39.92 -21.93 -54.17
CA TYR F 349 39.76 -22.03 -55.61
C TYR F 349 39.82 -23.47 -56.11
N HIS F 350 40.87 -24.18 -55.74
CA HIS F 350 41.05 -25.53 -56.20
C HIS F 350 40.03 -26.45 -55.60
N VAL F 351 39.69 -26.24 -54.34
CA VAL F 351 38.72 -27.14 -53.75
C VAL F 351 37.37 -26.93 -54.45
N ALA F 352 37.02 -25.67 -54.73
CA ALA F 352 35.83 -25.38 -55.50
C ALA F 352 35.84 -26.19 -56.82
N ILE F 353 37.01 -26.30 -57.45
CA ILE F 353 37.12 -26.98 -58.75
C ILE F 353 36.91 -28.49 -58.58
N ILE F 354 37.55 -29.06 -57.57
CA ILE F 354 37.22 -30.43 -57.13
C ILE F 354 35.74 -30.65 -56.93
N LYS F 355 35.09 -29.80 -56.16
CA LYS F 355 33.66 -29.93 -55.87
C LYS F 355 32.74 -29.70 -57.07
N GLY F 356 33.27 -29.16 -58.16
CA GLY F 356 32.49 -28.98 -59.38
C GLY F 356 31.63 -27.73 -59.36
N THR F 357 31.87 -26.84 -58.42
CA THR F 357 31.07 -25.63 -58.28
C THR F 357 31.75 -24.42 -58.91
N ASP F 358 31.08 -23.29 -58.85
CA ASP F 358 31.43 -22.17 -59.67
C ASP F 358 32.29 -21.22 -58.92
N VAL F 359 33.31 -20.73 -59.62
CA VAL F 359 34.23 -19.74 -59.06
C VAL F 359 34.01 -18.38 -59.70
N ASP F 360 33.41 -18.34 -60.88
CA ASP F 360 33.15 -17.09 -61.52
C ASP F 360 31.65 -16.74 -61.40
N GLN F 361 31.38 -15.45 -61.19
CA GLN F 361 30.05 -14.86 -61.33
C GLN F 361 29.59 -14.91 -62.79
N PRO F 362 28.28 -15.07 -63.03
CA PRO F 362 27.81 -15.11 -64.42
C PRO F 362 27.33 -13.73 -64.92
N SER G 6 -42.87 -55.17 16.54
CA SER G 6 -43.93 -54.16 16.90
C SER G 6 -43.32 -52.78 16.98
N LYS G 7 -44.01 -51.81 16.37
CA LYS G 7 -43.71 -50.39 16.57
C LYS G 7 -44.26 -49.80 17.90
N ASP G 8 -44.96 -50.61 18.72
CA ASP G 8 -45.44 -50.17 20.05
C ASP G 8 -46.24 -48.84 20.00
N GLY G 9 -46.89 -48.57 18.86
CA GLY G 9 -47.75 -47.39 18.71
C GLY G 9 -47.07 -46.19 18.08
N TYR G 10 -45.76 -46.31 17.83
CA TYR G 10 -45.00 -45.19 17.28
C TYR G 10 -45.09 -45.23 15.78
N LYS G 11 -44.97 -44.08 15.16
CA LYS G 11 -45.11 -43.98 13.71
C LYS G 11 -44.02 -44.79 12.99
N HIS G 12 -42.80 -44.76 13.50
CA HIS G 12 -41.64 -45.41 12.85
C HIS G 12 -40.85 -46.13 13.86
N TYR G 13 -40.23 -47.22 13.47
CA TYR G 13 -39.31 -47.90 14.40
C TYR G 13 -38.25 -46.98 14.98
N LEU G 15 -38.33 -43.79 15.70
CA LEU G 15 -38.85 -42.95 16.77
C LEU G 15 -39.10 -43.80 17.98
N LYS G 16 -39.58 -45.01 17.80
CA LYS G 16 -39.74 -45.95 18.93
C LYS G 16 -38.40 -46.17 19.68
N GLU G 17 -37.32 -46.26 18.92
CA GLU G 17 -36.03 -46.62 19.47
C GLU G 17 -35.47 -45.42 20.17
N ILE G 18 -35.72 -44.23 19.64
CA ILE G 18 -35.32 -43.06 20.37
C ILE G 18 -36.04 -43.07 21.73
N TYR G 19 -37.34 -43.29 21.73
CA TYR G 19 -38.11 -43.28 22.98
C TYR G 19 -37.84 -44.45 23.88
N GLU G 20 -37.28 -45.55 23.38
CA GLU G 20 -36.79 -46.61 24.24
C GLU G 20 -35.54 -46.25 25.06
N GLN G 21 -34.90 -45.14 24.77
CA GLN G 21 -33.56 -44.92 25.36
C GLN G 21 -33.48 -44.86 26.93
N PRO G 22 -34.47 -44.22 27.59
CA PRO G 22 -34.47 -44.25 29.05
C PRO G 22 -34.49 -45.64 29.64
N GLU G 23 -35.32 -46.51 29.10
CA GLU G 23 -35.29 -47.93 29.49
C GLU G 23 -33.97 -48.62 29.18
N ALA G 24 -33.39 -48.36 28.01
CA ALA G 24 -32.21 -49.10 27.58
C ALA G 24 -31.00 -48.66 28.36
N VAL G 25 -30.87 -47.36 28.51
CA VAL G 25 -29.83 -46.82 29.36
C VAL G 25 -29.94 -47.53 30.73
N SER G 26 -31.10 -47.37 31.35
CA SER G 26 -31.34 -48.00 32.66
C SER G 26 -31.08 -49.52 32.72
N ASN G 27 -31.49 -50.28 31.71
CA ASN G 27 -31.14 -51.70 31.67
C ASN G 27 -29.66 -52.04 31.51
N THR G 28 -28.89 -51.17 30.85
CA THR G 28 -27.48 -51.41 30.70
C THR G 28 -26.73 -51.13 32.01
N ILE G 29 -27.18 -50.13 32.77
CA ILE G 29 -26.57 -49.83 34.04
C ILE G 29 -26.90 -50.93 35.05
N LEU G 30 -28.14 -51.38 35.03
CA LEU G 30 -28.61 -52.39 35.98
C LEU G 30 -27.82 -53.69 35.84
N ALA G 31 -27.48 -54.09 34.62
CA ALA G 31 -26.77 -55.37 34.45
C ALA G 31 -25.35 -55.36 34.98
N SER G 32 -24.79 -54.21 35.36
CA SER G 32 -23.47 -54.20 35.97
C SER G 32 -23.45 -53.84 37.46
N LEU G 33 -24.62 -53.68 38.08
CA LEU G 33 -24.71 -53.32 39.49
C LEU G 33 -24.84 -54.52 40.36
N ALA G 34 -24.46 -54.36 41.62
CA ALA G 34 -24.75 -55.30 42.70
C ALA G 34 -24.99 -54.50 43.96
N ASP G 35 -26.25 -54.43 44.38
CA ASP G 35 -26.71 -53.49 45.42
C ASP G 35 -26.62 -52.02 45.05
N GLY G 36 -26.84 -51.69 43.78
CA GLY G 36 -26.69 -50.31 43.31
C GLY G 36 -25.27 -49.77 43.30
N GLU G 37 -24.27 -50.63 43.37
CA GLU G 37 -22.89 -50.25 43.18
C GLU G 37 -22.35 -50.92 41.94
N ILE G 38 -21.51 -50.22 41.17
CA ILE G 38 -20.85 -50.87 40.05
C ILE G 38 -19.91 -51.90 40.60
N SER G 39 -19.92 -53.10 40.02
CA SER G 39 -19.28 -54.26 40.64
C SER G 39 -18.51 -55.06 39.63
N LEU G 40 -17.26 -55.36 39.97
CA LEU G 40 -16.39 -56.11 39.08
C LEU G 40 -16.83 -57.59 38.94
N ASP G 41 -17.63 -58.08 39.88
CA ASP G 41 -18.08 -59.47 39.84
C ASP G 41 -19.19 -59.71 38.83
N SER G 42 -19.76 -58.65 38.28
CA SER G 42 -20.70 -58.80 37.20
C SER G 42 -19.97 -59.12 35.89
N PHE G 43 -18.67 -58.83 35.84
CA PHE G 43 -17.88 -59.14 34.66
C PHE G 43 -17.47 -60.60 34.70
N ASP G 44 -16.79 -61.04 33.63
CA ASP G 44 -16.24 -62.39 33.60
CA ASP G 44 -16.24 -62.38 33.59
C ASP G 44 -15.18 -62.54 34.71
N LYS G 45 -14.79 -63.78 34.98
CA LYS G 45 -13.87 -64.05 36.07
C LYS G 45 -12.43 -63.60 35.77
N ARG G 46 -12.08 -63.60 34.49
CA ARG G 46 -10.72 -63.25 34.04
C ARG G 46 -10.56 -61.75 33.72
N ALA G 47 -11.65 -60.99 33.79
CA ALA G 47 -11.61 -59.54 33.61
C ALA G 47 -10.64 -58.82 34.54
N LYS G 48 -10.58 -59.25 35.79
CA LYS G 48 -9.69 -58.62 36.77
C LYS G 48 -8.21 -58.79 36.38
N GLU G 49 -7.85 -59.99 35.94
CA GLU G 49 -6.53 -60.23 35.41
CA GLU G 49 -6.52 -60.20 35.42
C GLU G 49 -6.28 -59.17 34.32
N LEU G 50 -7.12 -59.20 33.29
CA LEU G 50 -7.00 -58.28 32.17
C LEU G 50 -6.81 -56.81 32.55
N PHE G 51 -7.61 -56.33 33.50
CA PHE G 51 -7.60 -54.89 33.81
C PHE G 51 -6.42 -54.48 34.68
N GLU G 52 -6.00 -55.37 35.59
CA GLU G 52 -4.78 -55.14 36.38
C GLU G 52 -3.54 -54.91 35.49
N LYS G 53 -3.41 -55.70 34.43
CA LYS G 53 -2.34 -55.58 33.45
C LYS G 53 -2.50 -54.42 32.46
N THR G 54 -3.65 -53.73 32.44
CA THR G 54 -3.92 -52.75 31.39
C THR G 54 -3.23 -51.45 31.72
N LYS G 55 -2.46 -50.95 30.76
CA LYS G 55 -1.68 -49.75 30.91
C LYS G 55 -2.03 -48.76 29.85
N HIS G 56 -2.79 -49.21 28.87
CA HIS G 56 -3.19 -48.37 27.75
C HIS G 56 -4.36 -49.08 27.13
N ILE G 57 -5.30 -48.27 26.64
CA ILE G 57 -6.51 -48.77 26.00
C ILE G 57 -6.58 -48.27 24.57
N CYS G 58 -6.87 -49.20 23.68
CA CYS G 58 -6.88 -48.97 22.25
C CYS G 58 -8.25 -49.30 21.75
N ILE G 59 -9.07 -48.29 21.47
CA ILE G 59 -10.43 -48.51 21.06
C ILE G 59 -10.46 -48.48 19.56
N VAL G 60 -11.10 -49.48 18.95
CA VAL G 60 -11.23 -49.60 17.51
C VAL G 60 -12.69 -49.78 17.16
N ALA G 61 -13.19 -48.99 16.23
CA ALA G 61 -14.56 -49.12 15.82
C ALA G 61 -14.82 -48.34 14.56
N CYS G 62 -16.02 -48.50 14.00
CA CYS G 62 -16.44 -47.57 12.96
C CYS G 62 -17.81 -46.92 13.20
N GLY G 63 -17.99 -45.81 12.48
CA GLY G 63 -19.24 -45.12 12.39
C GLY G 63 -19.64 -44.56 13.73
N THR G 64 -20.90 -44.77 14.06
CA THR G 64 -21.46 -44.34 15.33
C THR G 64 -20.72 -44.89 16.54
N SER G 65 -20.33 -46.17 16.50
CA SER G 65 -19.50 -46.80 17.55
C SER G 65 -18.13 -46.10 17.76
N TYR G 66 -17.53 -45.60 16.70
CA TYR G 66 -16.27 -44.88 16.81
C TYR G 66 -16.48 -43.53 17.47
N ASN G 67 -17.57 -42.83 17.15
CA ASN G 67 -17.93 -41.63 17.91
C ASN G 67 -18.13 -41.89 19.39
N ALA G 68 -18.78 -42.98 19.73
CA ALA G 68 -18.88 -43.41 21.13
C ALA G 68 -17.51 -43.50 21.75
N GLY G 69 -16.65 -44.19 21.05
CA GLY G 69 -15.26 -44.36 21.47
C GLY G 69 -14.56 -43.05 21.73
N THR G 71 -15.87 -40.15 22.45
CA THR G 71 -16.39 -39.55 23.66
C THR G 71 -15.73 -40.25 24.88
N ALA G 72 -15.71 -41.58 24.86
CA ALA G 72 -15.17 -42.32 26.01
C ALA G 72 -13.76 -41.90 26.31
N LYS G 73 -13.02 -41.55 25.27
CA LYS G 73 -11.63 -41.24 25.51
C LYS G 73 -11.44 -40.12 26.53
N TYR G 74 -12.21 -39.05 26.41
CA TYR G 74 -12.17 -38.04 27.42
C TYR G 74 -12.40 -38.62 28.81
N TRP G 75 -13.42 -39.46 28.97
CA TRP G 75 -13.73 -39.98 30.31
C TRP G 75 -12.59 -40.80 30.85
N ILE G 76 -12.00 -41.64 29.99
CA ILE G 76 -11.03 -42.59 30.47
C ILE G 76 -9.77 -41.90 30.91
N GLU G 77 -9.37 -40.88 30.20
CA GLU G 77 -8.15 -40.19 30.55
C GLU G 77 -8.40 -39.27 31.74
N LYS G 78 -9.56 -38.68 31.80
CA LYS G 78 -9.85 -37.80 32.91
C LYS G 78 -10.12 -38.53 34.24
N TYR G 79 -10.87 -39.62 34.22
CA TYR G 79 -11.33 -40.21 35.47
C TYR G 79 -10.46 -41.38 35.90
N ALA G 80 -10.27 -42.35 34.99
CA ALA G 80 -9.45 -43.52 35.22
C ALA G 80 -7.95 -43.26 35.13
N LYS G 81 -7.58 -42.21 34.41
CA LYS G 81 -6.19 -41.85 34.12
C LYS G 81 -5.35 -42.93 33.44
N VAL G 82 -5.99 -43.79 32.64
CA VAL G 82 -5.30 -44.67 31.73
C VAL G 82 -5.28 -44.00 30.35
N PRO G 83 -4.14 -44.05 29.66
CA PRO G 83 -4.08 -43.45 28.31
C PRO G 83 -4.89 -44.25 27.33
N CYS G 84 -5.41 -43.56 26.34
CA CYS G 84 -6.39 -44.14 25.47
C CYS G 84 -6.19 -43.58 24.08
N SER G 85 -6.23 -44.46 23.08
CA SER G 85 -6.23 -44.04 21.69
C SER G 85 -7.46 -44.62 21.02
N VAL G 86 -8.09 -43.85 20.14
CA VAL G 86 -9.25 -44.34 19.45
C VAL G 86 -8.96 -44.31 17.97
N GLU G 87 -9.26 -45.39 17.27
CA GLU G 87 -8.92 -45.48 15.85
C GLU G 87 -10.00 -46.14 15.02
N ILE G 88 -10.22 -45.57 13.85
CA ILE G 88 -11.13 -46.12 12.87
C ILE G 88 -10.65 -47.50 12.44
N ALA G 89 -11.59 -48.43 12.44
CA ALA G 89 -11.33 -49.83 12.13
C ALA G 89 -10.73 -50.00 10.76
N SER G 90 -11.24 -49.33 9.73
CA SER G 90 -10.74 -49.64 8.37
C SER G 90 -9.34 -49.10 8.16
N GLU G 91 -8.92 -48.12 8.94
CA GLU G 91 -7.52 -47.66 8.92
C GLU G 91 -6.60 -48.54 9.71
N ILE G 92 -6.86 -48.76 10.99
CA ILE G 92 -5.95 -49.57 11.78
C ILE G 92 -5.77 -50.97 11.20
N ARG G 93 -6.80 -51.51 10.57
CA ARG G 93 -6.77 -52.88 10.09
C ARG G 93 -5.56 -53.22 9.22
N TYR G 94 -5.27 -52.30 8.29
CA TYR G 94 -4.26 -52.45 7.27
C TYR G 94 -3.02 -51.63 7.53
N ARG G 95 -2.95 -50.99 8.70
CA ARG G 95 -1.87 -50.03 8.95
C ARG G 95 -0.79 -50.72 9.76
N ASP G 96 0.42 -50.24 9.62
CA ASP G 96 1.58 -50.84 10.30
C ASP G 96 1.84 -50.19 11.63
N ASN G 97 1.11 -50.65 12.65
CA ASN G 97 1.02 -49.91 13.89
C ASN G 97 1.85 -50.49 15.00
N VAL G 98 2.14 -49.67 16.00
CA VAL G 98 2.92 -50.09 17.15
C VAL G 98 2.01 -50.27 18.37
N VAL G 99 2.09 -51.44 18.99
CA VAL G 99 1.29 -51.75 20.16
C VAL G 99 2.08 -51.57 21.46
N VAL G 100 1.88 -50.43 22.11
CA VAL G 100 2.43 -50.17 23.45
C VAL G 100 2.24 -51.40 24.38
N ASP G 101 3.28 -51.77 25.14
CA ASP G 101 3.16 -52.78 26.24
C ASP G 101 2.02 -52.42 27.20
N GLY G 102 1.18 -53.41 27.46
CA GLY G 102 0.09 -53.29 28.40
C GLY G 102 -1.25 -52.83 27.81
N SER G 103 -1.46 -53.06 26.52
CA SER G 103 -2.54 -52.46 25.81
C SER G 103 -3.70 -53.42 25.75
N LEU G 104 -4.88 -52.93 26.16
CA LEU G 104 -6.10 -53.66 26.02
C LEU G 104 -6.75 -53.24 24.71
N PHE G 105 -7.19 -54.24 23.93
CA PHE G 105 -7.86 -54.03 22.67
C PHE G 105 -9.30 -53.93 22.97
N VAL G 106 -9.91 -52.77 22.78
CA VAL G 106 -11.35 -52.67 22.97
C VAL G 106 -12.07 -52.44 21.66
N SER G 107 -12.96 -53.35 21.24
CA SER G 107 -13.81 -53.10 20.07
C SER G 107 -15.20 -52.70 20.50
N ILE G 108 -15.88 -51.90 19.69
CA ILE G 108 -17.19 -51.48 19.97
C ILE G 108 -18.01 -51.79 18.75
N SER G 109 -19.09 -52.53 18.94
CA SER G 109 -19.92 -52.96 17.83
C SER G 109 -21.29 -53.42 18.33
N GLN G 110 -22.32 -52.89 17.69
CA GLN G 110 -23.69 -53.27 17.99
C GLN G 110 -23.94 -54.71 17.51
N SER G 111 -23.65 -54.98 16.25
CA SER G 111 -23.95 -56.26 15.61
C SER G 111 -22.96 -57.38 15.96
N GLY G 112 -21.72 -56.98 16.32
CA GLY G 112 -20.63 -57.91 16.68
C GLY G 112 -20.00 -58.59 15.50
N GLU G 113 -20.47 -58.18 14.32
CA GLU G 113 -20.11 -58.79 13.06
C GLU G 113 -19.43 -57.80 12.08
N THR G 114 -19.25 -56.55 12.51
CA THR G 114 -18.69 -55.52 11.67
C THR G 114 -17.28 -55.93 11.21
N ALA G 115 -17.11 -56.00 9.89
CA ALA G 115 -15.99 -56.71 9.25
C ALA G 115 -14.64 -56.13 9.68
N ASP G 116 -14.49 -54.83 9.48
CA ASP G 116 -13.22 -54.17 9.78
C ASP G 116 -12.93 -54.21 11.27
N THR G 117 -13.95 -53.96 12.06
CA THR G 117 -13.74 -54.08 13.48
C THR G 117 -13.28 -55.50 13.85
N LEU G 118 -14.02 -56.48 13.35
CA LEU G 118 -13.72 -57.89 13.64
C LEU G 118 -12.32 -58.26 13.11
N GLU G 119 -12.03 -57.88 11.87
CA GLU G 119 -10.72 -58.24 11.31
C GLU G 119 -9.57 -57.52 12.05
N SER G 120 -9.84 -56.35 12.66
CA SER G 120 -8.87 -55.68 13.56
C SER G 120 -8.67 -56.44 14.85
N LEU G 121 -9.74 -57.04 15.38
CA LEU G 121 -9.57 -57.91 16.54
C LEU G 121 -8.68 -59.11 16.22
N ARG G 122 -8.95 -59.79 15.11
CA ARG G 122 -8.12 -60.94 14.65
C ARG G 122 -6.65 -60.62 14.49
N LYS G 123 -6.37 -59.49 13.89
CA LYS G 123 -5.00 -59.04 13.71
C LYS G 123 -4.36 -58.76 15.08
N SER G 124 -5.13 -58.17 16.00
CA SER G 124 -4.62 -57.89 17.33
C SER G 124 -4.04 -59.15 18.02
N LYS G 125 -4.53 -60.33 17.63
CA LYS G 125 -4.19 -61.54 18.35
C LYS G 125 -2.75 -61.97 18.15
N LYS G 126 -2.13 -61.53 17.04
CA LYS G 126 -0.68 -61.71 16.86
C LYS G 126 0.14 -60.49 17.30
N GLN G 127 -0.46 -59.53 17.98
CA GLN G 127 0.29 -58.35 18.44
C GLN G 127 0.41 -58.32 19.95
N ASN G 128 1.15 -57.34 20.43
CA ASN G 128 1.51 -57.24 21.83
C ASN G 128 0.39 -56.81 22.83
N TYR G 129 -0.87 -57.17 22.55
CA TYR G 129 -1.97 -56.81 23.43
C TYR G 129 -2.07 -57.79 24.64
N VAL G 130 -2.38 -57.27 25.83
CA VAL G 130 -2.67 -58.13 27.01
C VAL G 130 -3.94 -58.93 26.80
N GLY G 131 -4.93 -58.31 26.17
CA GLY G 131 -6.24 -58.95 25.87
C GLY G 131 -7.18 -58.05 25.10
N SER G 132 -8.44 -58.47 24.99
CA SER G 132 -9.43 -57.77 24.24
C SER G 132 -10.82 -57.81 24.89
N CYS G 134 -14.97 -56.60 23.98
CA CYS G 134 -15.96 -56.04 23.07
CA CYS G 134 -15.89 -55.98 23.07
C CYS G 134 -17.07 -55.40 23.86
N ILE G 135 -17.46 -54.19 23.47
CA ILE G 135 -18.69 -53.57 23.95
C ILE G 135 -19.65 -53.89 22.80
N CYS G 136 -20.45 -54.93 23.01
CA CYS G 136 -21.25 -55.59 22.00
CA CYS G 136 -21.31 -55.47 21.97
C CYS G 136 -22.73 -55.65 22.46
N ASN G 137 -23.64 -55.81 21.50
CA ASN G 137 -25.06 -55.91 21.81
C ASN G 137 -25.75 -57.21 21.42
N VAL G 138 -25.08 -58.05 20.64
CA VAL G 138 -25.66 -59.27 20.13
C VAL G 138 -24.85 -60.45 20.61
N PRO G 139 -25.25 -61.09 21.73
CA PRO G 139 -24.39 -62.18 22.21
C PRO G 139 -24.38 -63.35 21.22
N ASN G 140 -23.33 -64.16 21.32
CA ASN G 140 -22.94 -65.13 20.28
C ASN G 140 -22.58 -64.52 18.92
N SER G 141 -22.18 -63.25 18.91
CA SER G 141 -21.71 -62.62 17.69
C SER G 141 -20.22 -62.92 17.53
N SER G 142 -19.70 -62.72 16.34
CA SER G 142 -18.30 -63.01 16.08
C SER G 142 -17.41 -62.28 17.08
N LEU G 143 -17.67 -60.99 17.29
CA LEU G 143 -16.80 -60.21 18.16
C LEU G 143 -16.83 -60.64 19.59
N VAL G 144 -17.97 -61.15 20.04
CA VAL G 144 -18.14 -61.61 21.43
C VAL G 144 -17.45 -62.99 21.65
N ARG G 145 -17.67 -63.89 20.71
CA ARG G 145 -16.91 -65.13 20.69
C ARG G 145 -15.37 -64.98 20.64
N GLU G 146 -14.85 -64.11 19.77
CA GLU G 146 -13.40 -64.05 19.68
C GLU G 146 -12.72 -63.08 20.62
N SER G 147 -13.47 -62.39 21.47
CA SER G 147 -12.86 -61.48 22.43
C SER G 147 -12.67 -62.24 23.71
N ASP G 148 -11.83 -61.75 24.61
CA ASP G 148 -11.64 -62.42 25.88
C ASP G 148 -12.85 -62.16 26.71
N ILE G 149 -13.26 -60.89 26.75
CA ILE G 149 -14.46 -60.53 27.45
C ILE G 149 -15.37 -59.64 26.60
N ALA G 150 -16.65 -59.78 26.90
CA ALA G 150 -17.72 -59.11 26.23
C ALA G 150 -18.45 -58.32 27.30
N PHE G 151 -18.72 -57.06 27.02
CA PHE G 151 -19.52 -56.23 27.88
C PHE G 151 -20.77 -55.92 27.07
N THR G 153 -24.28 -54.36 25.91
CA THR G 153 -25.27 -53.33 26.02
C THR G 153 -26.65 -54.03 26.08
N LYS G 154 -27.67 -53.30 26.53
CA LYS G 154 -29.02 -53.83 26.57
C LYS G 154 -29.87 -52.92 25.74
N ALA G 155 -29.54 -52.88 24.45
CA ALA G 155 -30.15 -51.99 23.52
C ALA G 155 -31.23 -52.69 22.71
N GLY G 156 -31.35 -54.01 22.87
CA GLY G 156 -32.28 -54.78 22.06
C GLY G 156 -32.02 -54.57 20.58
N VAL G 157 -32.87 -55.15 19.77
CA VAL G 157 -32.74 -55.08 18.33
C VAL G 157 -32.96 -53.66 17.87
N GLU G 158 -32.34 -53.30 16.76
CA GLU G 158 -32.54 -52.00 16.14
C GLU G 158 -32.99 -52.17 14.70
N ILE G 159 -34.05 -51.44 14.32
CA ILE G 159 -34.56 -51.44 12.93
C ILE G 159 -34.46 -50.10 12.22
N GLY G 160 -34.30 -48.99 12.96
CA GLY G 160 -34.10 -47.67 12.37
C GLY G 160 -32.88 -47.69 11.46
N VAL G 161 -32.86 -46.83 10.43
CA VAL G 161 -31.72 -46.78 9.50
C VAL G 161 -30.45 -46.48 10.27
N ALA G 162 -30.55 -45.49 11.15
CA ALA G 162 -29.45 -44.97 11.94
C ALA G 162 -29.57 -45.46 13.35
N SER G 163 -28.43 -45.53 14.00
CA SER G 163 -28.37 -46.10 15.30
C SER G 163 -28.69 -45.01 16.34
N THR G 164 -29.52 -45.38 17.32
CA THR G 164 -29.95 -44.45 18.37
C THR G 164 -29.62 -45.00 19.74
N LYS G 165 -30.46 -45.91 20.22
CA LYS G 165 -30.19 -46.60 21.46
C LYS G 165 -28.87 -47.40 21.49
N ALA G 166 -28.38 -47.87 20.34
CA ALA G 166 -27.06 -48.53 20.32
C ALA G 166 -25.95 -47.56 20.76
N PHE G 167 -26.03 -46.33 20.32
CA PHE G 167 -25.01 -45.33 20.63
C PHE G 167 -25.08 -44.92 22.08
N THR G 168 -26.28 -44.57 22.57
CA THR G 168 -26.36 -44.11 23.94
C THR G 168 -25.99 -45.23 24.93
N THR G 169 -26.41 -46.49 24.69
CA THR G 169 -26.02 -47.58 25.61
C THR G 169 -24.55 -47.89 25.54
N GLN G 170 -23.91 -47.68 24.39
CA GLN G 170 -22.44 -47.83 24.27
C GLN G 170 -21.72 -46.76 25.13
N LEU G 171 -22.17 -45.51 25.07
CA LEU G 171 -21.70 -44.46 25.98
C LEU G 171 -21.82 -44.84 27.42
N VAL G 172 -22.96 -45.39 27.79
CA VAL G 172 -23.20 -45.71 29.17
C VAL G 172 -22.32 -46.86 29.63
N ALA G 173 -22.21 -47.90 28.80
CA ALA G 173 -21.28 -48.97 29.03
C ALA G 173 -19.83 -48.48 29.16
N LEU G 174 -19.40 -47.57 28.30
CA LEU G 174 -18.04 -47.01 28.41
C LEU G 174 -17.85 -46.20 29.69
N ALA G 175 -18.91 -45.53 30.14
CA ALA G 175 -18.85 -44.82 31.39
C ALA G 175 -18.60 -45.75 32.57
N ILE G 176 -19.27 -46.91 32.55
CA ILE G 176 -19.18 -47.91 33.63
C ILE G 176 -17.81 -48.55 33.65
N PHE G 177 -17.38 -48.94 32.47
CA PHE G 177 -15.97 -49.34 32.26
C PHE G 177 -15.00 -48.31 32.83
N THR G 178 -15.18 -47.02 32.55
CA THR G 178 -14.33 -46.01 33.16
C THR G 178 -14.31 -46.15 34.63
N LEU G 179 -15.45 -46.26 35.25
CA LEU G 179 -15.51 -46.32 36.72
C LEU G 179 -14.91 -47.61 37.26
N VAL G 180 -15.10 -48.72 36.56
CA VAL G 180 -14.56 -49.99 37.03
C VAL G 180 -13.07 -49.88 37.05
N ILE G 181 -12.50 -49.42 35.93
CA ILE G 181 -11.06 -49.23 35.76
C ILE G 181 -10.53 -48.24 36.78
N ALA G 182 -11.24 -47.14 36.97
CA ALA G 182 -10.78 -46.13 37.88
C ALA G 182 -10.73 -46.71 39.29
N LYS G 183 -11.68 -47.57 39.62
CA LYS G 183 -11.67 -48.22 40.94
C LYS G 183 -10.49 -49.16 41.11
N LEU G 184 -10.35 -50.06 40.15
CA LEU G 184 -9.31 -51.08 40.20
C LEU G 184 -7.91 -50.47 40.18
N LYS G 185 -7.76 -49.28 39.58
CA LYS G 185 -6.48 -48.61 39.54
C LYS G 185 -6.39 -47.56 40.62
N ASN G 186 -7.42 -47.42 41.44
CA ASN G 186 -7.37 -46.41 42.50
C ASN G 186 -7.19 -44.96 42.03
N SER G 187 -7.92 -44.58 40.99
CA SER G 187 -7.74 -43.26 40.40
C SER G 187 -8.69 -42.26 41.00
N LEU G 188 -9.75 -42.76 41.63
CA LEU G 188 -10.74 -41.93 42.29
C LEU G 188 -11.02 -42.45 43.68
N THR G 189 -11.53 -41.61 44.58
CA THR G 189 -11.87 -42.07 45.94
C THR G 189 -13.16 -42.88 45.86
N ASP G 190 -13.38 -43.82 46.78
CA ASP G 190 -14.64 -44.58 46.76
C ASP G 190 -15.84 -43.66 46.82
N GLN G 191 -15.68 -42.48 47.39
CA GLN G 191 -16.75 -41.50 47.42
C GLN G 191 -16.99 -40.85 46.04
N GLN G 192 -15.93 -40.65 45.30
CA GLN G 192 -16.07 -40.22 43.94
C GLN G 192 -16.76 -41.27 43.08
N ILE G 193 -16.35 -42.53 43.20
CA ILE G 193 -16.99 -43.65 42.48
C ILE G 193 -18.52 -43.65 42.72
N ALA G 194 -18.95 -43.53 43.98
CA ALA G 194 -20.39 -43.44 44.34
C ALA G 194 -21.08 -42.24 43.72
N LYS G 195 -20.44 -41.07 43.76
CA LYS G 195 -21.05 -39.86 43.23
C LYS G 195 -21.28 -40.01 41.71
N TYR G 196 -20.28 -40.51 40.99
CA TYR G 196 -20.45 -40.63 39.54
C TYR G 196 -21.38 -41.77 39.17
N THR G 197 -21.44 -42.80 40.01
CA THR G 197 -22.41 -43.88 39.81
C THR G 197 -23.83 -43.27 39.89
N GLU G 198 -24.03 -42.38 40.84
CA GLU G 198 -25.35 -41.73 40.94
C GLU G 198 -25.60 -40.82 39.75
N GLU G 199 -24.57 -40.13 39.29
CA GLU G 199 -24.78 -39.33 38.09
C GLU G 199 -25.27 -40.26 36.96
N LEU G 200 -24.72 -41.48 36.90
CA LEU G 200 -25.10 -42.46 35.87
C LEU G 200 -26.55 -42.92 35.97
N LYS G 201 -27.00 -43.29 37.17
CA LYS G 201 -28.42 -43.61 37.39
C LYS G 201 -29.43 -42.47 37.13
N ASN G 202 -28.97 -41.22 37.22
CA ASN G 202 -29.82 -40.06 36.97
C ASN G 202 -30.08 -39.77 35.49
N ILE G 203 -29.35 -40.45 34.59
CA ILE G 203 -29.47 -40.19 33.15
C ILE G 203 -30.85 -40.47 32.64
N ARG G 204 -31.48 -41.49 33.19
CA ARG G 204 -32.84 -41.87 32.81
C ARG G 204 -33.82 -40.69 32.82
N ALA G 205 -34.05 -40.12 34.00
CA ALA G 205 -34.83 -38.90 34.11
C ALA G 205 -34.40 -37.84 33.12
N LEU G 206 -33.08 -37.62 32.93
CA LEU G 206 -32.63 -36.48 32.10
C LEU G 206 -32.90 -36.74 30.64
N VAL G 207 -32.83 -38.00 30.23
CA VAL G 207 -33.15 -38.40 28.85
C VAL G 207 -34.61 -38.23 28.59
N GLY G 209 -36.53 -36.05 30.15
CA GLY G 209 -36.53 -34.58 29.98
C GLY G 209 -36.17 -34.11 28.58
N ALA G 210 -35.18 -34.73 27.96
CA ALA G 210 -34.78 -34.30 26.62
C ALA G 210 -35.84 -34.68 25.58
N LEU G 211 -36.46 -35.86 25.76
CA LEU G 211 -37.53 -36.33 24.84
C LEU G 211 -38.67 -35.32 24.73
N LYS G 212 -38.83 -34.49 25.74
CA LYS G 212 -39.85 -33.46 25.72
C LYS G 212 -39.64 -32.35 24.69
N LEU G 213 -38.46 -32.27 24.11
CA LEU G 213 -38.23 -31.25 23.09
C LEU G 213 -38.73 -31.69 21.69
N ASP G 214 -39.25 -32.91 21.63
CA ASP G 214 -39.71 -33.55 20.41
C ASP G 214 -40.57 -32.56 19.58
N THR G 215 -41.57 -31.95 20.23
CA THR G 215 -42.52 -31.06 19.56
C THR G 215 -41.82 -29.80 19.03
N GLU G 216 -41.08 -29.08 19.88
CA GLU G 216 -40.27 -27.93 19.47
C GLU G 216 -39.31 -28.26 18.30
N ILE G 217 -38.70 -29.42 18.33
CA ILE G 217 -37.77 -29.81 17.30
C ILE G 217 -38.53 -30.11 16.00
N ASP G 218 -39.68 -30.75 16.13
CA ASP G 218 -40.54 -30.97 14.99
C ASP G 218 -40.88 -29.64 14.28
N GLN G 219 -41.27 -28.62 15.05
CA GLN G 219 -41.54 -27.30 14.51
C GLN G 219 -40.29 -26.70 13.83
N ILE G 220 -39.14 -26.89 14.44
CA ILE G 220 -37.86 -26.33 14.00
C ILE G 220 -37.39 -26.93 12.66
N SER G 221 -37.55 -28.23 12.54
CA SER G 221 -37.10 -28.98 11.40
C SER G 221 -37.67 -28.51 10.05
N GLU G 222 -38.75 -27.74 10.03
CA GLU G 222 -39.29 -27.18 8.78
C GLU G 222 -38.22 -26.34 8.06
N TYR G 223 -37.52 -25.52 8.84
CA TYR G 223 -36.44 -24.67 8.36
C TYR G 223 -35.35 -25.39 7.55
N PHE G 224 -35.32 -26.73 7.58
CA PHE G 224 -34.28 -27.49 6.92
C PHE G 224 -34.69 -28.07 5.56
N SER G 225 -35.90 -27.78 5.08
CA SER G 225 -36.41 -28.53 3.92
C SER G 225 -35.78 -28.14 2.58
N ASP G 226 -35.26 -26.92 2.48
CA ASP G 226 -34.51 -26.52 1.28
C ASP G 226 -33.00 -26.50 1.47
N LYS G 227 -32.50 -27.01 2.61
CA LYS G 227 -31.08 -26.92 2.95
C LYS G 227 -30.35 -28.16 2.49
N GLU G 228 -29.13 -27.98 1.98
CA GLU G 228 -28.27 -29.08 1.52
C GLU G 228 -26.98 -29.18 2.34
N HIS G 229 -26.78 -28.24 3.28
CA HIS G 229 -25.63 -28.21 4.17
C HIS G 229 -26.07 -27.98 5.61
N THR G 230 -25.33 -28.54 6.56
CA THR G 230 -25.43 -28.12 7.95
C THR G 230 -24.10 -28.22 8.64
N ILE G 231 -23.84 -27.30 9.57
CA ILE G 231 -22.66 -27.43 10.40
C ILE G 231 -23.09 -27.71 11.82
N PHE G 232 -22.31 -28.57 12.48
CA PHE G 232 -22.53 -29.00 13.85
C PHE G 232 -21.27 -28.61 14.64
N LEU G 233 -21.42 -28.11 15.86
CA LEU G 233 -20.24 -27.69 16.60
C LEU G 233 -20.24 -28.22 18.02
N GLY G 234 -19.06 -28.43 18.56
CA GLY G 234 -18.91 -28.88 19.93
C GLY G 234 -17.45 -28.85 20.33
N ARG G 235 -17.20 -28.82 21.64
CA ARG G 235 -15.87 -28.78 22.20
C ARG G 235 -15.73 -29.87 23.24
N GLY G 236 -14.55 -30.44 23.35
CA GLY G 236 -14.25 -31.39 24.40
C GLY G 236 -15.07 -32.61 24.13
N LEU G 237 -15.61 -33.18 25.21
CA LEU G 237 -16.53 -34.30 25.16
C LEU G 237 -17.62 -34.17 24.13
N TYR G 238 -18.05 -32.96 23.86
CA TYR G 238 -19.22 -32.71 23.02
C TYR G 238 -18.88 -32.60 21.56
N TYR G 239 -17.59 -32.56 21.25
CA TYR G 239 -17.21 -32.56 19.85
C TYR G 239 -17.63 -33.89 19.25
N PRO G 240 -17.32 -35.02 19.88
CA PRO G 240 -17.82 -36.27 19.25
C PRO G 240 -19.33 -36.43 19.26
N ILE G 241 -19.99 -35.84 20.25
CA ILE G 241 -21.46 -35.77 20.22
C ILE G 241 -21.92 -34.98 18.97
N ALA G 242 -21.28 -33.85 18.68
CA ALA G 242 -21.58 -33.08 17.45
C ALA G 242 -21.34 -33.88 16.17
N ILE G 243 -20.26 -34.67 16.12
CA ILE G 243 -20.02 -35.60 15.02
C ILE G 243 -21.13 -36.63 14.89
N GLU G 244 -21.58 -37.19 16.02
CA GLU G 244 -22.67 -38.18 15.96
C GLU G 244 -23.92 -37.54 15.42
N GLY G 245 -24.20 -36.32 15.87
CA GLY G 245 -25.34 -35.55 15.38
C GLY G 245 -25.28 -35.36 13.87
N ALA G 246 -24.12 -34.96 13.35
CA ALA G 246 -23.97 -34.73 11.94
C ALA G 246 -24.14 -36.04 11.23
N LEU G 247 -23.54 -37.09 11.78
CA LEU G 247 -23.64 -38.38 11.16
C LEU G 247 -25.08 -38.76 11.01
N LYS G 248 -25.91 -38.50 12.03
CA LYS G 248 -27.35 -38.86 11.93
C LYS G 248 -28.09 -38.05 10.85
N LEU G 249 -27.82 -36.75 10.79
CA LEU G 249 -28.50 -35.89 9.86
C LEU G 249 -28.22 -36.27 8.40
N LYS G 250 -26.93 -36.46 8.10
CA LYS G 250 -26.48 -36.87 6.80
C LYS G 250 -26.88 -38.30 6.40
N GLU G 251 -26.88 -39.22 7.34
CA GLU G 251 -27.07 -40.65 7.04
C GLU G 251 -28.52 -40.94 6.62
N ILE G 252 -29.49 -40.21 7.19
CA ILE G 252 -30.91 -40.44 6.89
C ILE G 252 -31.61 -39.32 6.10
N SER G 253 -31.14 -38.09 6.22
CA SER G 253 -31.75 -36.96 5.50
C SER G 253 -30.90 -36.50 4.26
N TYR G 254 -29.72 -37.08 4.09
CA TYR G 254 -28.82 -36.77 2.99
C TYR G 254 -28.36 -35.29 2.86
N ILE G 255 -28.67 -34.46 3.85
CA ILE G 255 -28.06 -33.15 3.97
C ILE G 255 -26.57 -33.31 4.15
N HIS G 256 -25.78 -32.40 3.58
CA HIS G 256 -24.35 -32.49 3.77
C HIS G 256 -24.03 -31.82 5.08
N ALA G 257 -24.01 -32.64 6.13
CA ALA G 257 -23.83 -32.23 7.51
C ALA G 257 -22.43 -32.61 7.97
N GLU G 258 -21.81 -31.71 8.73
CA GLU G 258 -20.44 -31.93 9.11
C GLU G 258 -20.14 -31.28 10.43
N ALA G 259 -19.50 -32.03 11.32
CA ALA G 259 -19.12 -31.45 12.58
C ALA G 259 -17.70 -30.89 12.58
N TYR G 260 -17.48 -29.93 13.45
CA TYR G 260 -16.20 -29.30 13.62
C TYR G 260 -16.01 -29.01 15.09
N PRO G 261 -14.78 -29.20 15.62
CA PRO G 261 -14.53 -28.78 16.99
C PRO G 261 -14.57 -27.27 16.99
N SER G 262 -15.30 -26.67 17.91
CA SER G 262 -15.54 -25.24 17.83
C SER G 262 -14.29 -24.40 17.75
N GLY G 263 -13.17 -24.89 18.28
CA GLY G 263 -11.90 -24.16 18.22
C GLY G 263 -11.10 -24.22 16.92
N GLU G 264 -11.60 -24.94 15.90
CA GLU G 264 -10.96 -25.04 14.57
C GLU G 264 -11.76 -24.28 13.48
N LEU G 265 -12.59 -23.33 13.88
CA LEU G 265 -13.41 -22.60 12.91
C LEU G 265 -12.57 -21.64 12.07
N LYS G 266 -11.50 -21.14 12.70
CA LYS G 266 -10.68 -20.10 12.09
C LYS G 266 -9.69 -20.68 11.06
N HIS G 267 -9.93 -21.92 10.61
CA HIS G 267 -9.17 -22.53 9.53
C HIS G 267 -10.15 -22.81 8.39
N GLY G 268 -10.74 -24.00 8.37
CA GLY G 268 -11.67 -24.34 7.29
C GLY G 268 -12.94 -23.50 7.33
N PRO G 269 -13.84 -23.87 8.23
CA PRO G 269 -15.31 -23.69 8.22
C PRO G 269 -15.93 -22.29 8.23
N LEU G 270 -15.22 -21.28 8.71
CA LEU G 270 -15.78 -19.91 8.64
C LEU G 270 -16.10 -19.54 7.19
N ALA G 271 -15.27 -19.98 6.25
CA ALA G 271 -15.50 -19.76 4.82
C ALA G 271 -16.88 -20.20 4.32
N LEU G 272 -17.33 -21.35 4.82
CA LEU G 272 -18.51 -22.03 4.28
C LEU G 272 -19.82 -21.43 4.79
N VAL G 273 -19.71 -20.55 5.79
CA VAL G 273 -20.85 -19.99 6.48
C VAL G 273 -21.41 -18.75 5.78
N ASP G 274 -22.61 -18.89 5.21
CA ASP G 274 -23.39 -17.76 4.68
C ASP G 274 -24.66 -17.63 5.50
N LYS G 275 -25.69 -16.98 4.96
CA LYS G 275 -26.94 -16.82 5.66
C LYS G 275 -27.93 -17.96 5.43
N ASN G 276 -27.71 -18.77 4.39
CA ASN G 276 -28.52 -20.00 4.16
C ASN G 276 -28.00 -21.22 5.00
N PRO G 278 -27.38 -23.50 8.31
CA PRO G 278 -27.79 -23.92 9.64
C PRO G 278 -26.61 -24.37 10.46
N ILE G 279 -26.45 -23.77 11.63
CA ILE G 279 -25.39 -24.15 12.57
C ILE G 279 -26.08 -24.72 13.80
N VAL G 280 -25.86 -26.01 14.05
CA VAL G 280 -26.38 -26.70 15.21
C VAL G 280 -25.27 -26.93 16.22
N ALA G 281 -25.48 -26.50 17.44
CA ALA G 281 -24.43 -26.55 18.43
C ALA G 281 -25.01 -26.96 19.78
N VAL G 282 -24.14 -27.61 20.53
CA VAL G 282 -24.42 -28.11 21.83
C VAL G 282 -23.65 -27.18 22.77
N VAL G 283 -24.32 -26.56 23.75
CA VAL G 283 -23.67 -25.58 24.63
C VAL G 283 -23.79 -25.99 26.07
N PRO G 284 -22.84 -26.79 26.56
CA PRO G 284 -23.01 -27.46 27.82
C PRO G 284 -22.59 -26.53 28.98
N ASN G 285 -22.90 -26.94 30.20
CA ASN G 285 -22.51 -26.18 31.39
C ASN G 285 -21.16 -26.67 31.89
N ASP G 286 -20.10 -26.19 31.25
CA ASP G 286 -18.73 -26.58 31.62
C ASP G 286 -17.82 -25.37 31.57
N GLU G 287 -16.54 -25.60 31.85
CA GLU G 287 -15.56 -24.51 31.97
C GLU G 287 -15.19 -23.78 30.64
N LEU G 288 -15.66 -24.29 29.51
CA LEU G 288 -15.32 -23.75 28.18
C LEU G 288 -16.37 -22.81 27.57
N LEU G 289 -17.32 -22.40 28.40
CA LEU G 289 -18.49 -21.68 27.91
C LEU G 289 -18.11 -20.37 27.20
N ASP G 290 -17.21 -19.61 27.80
CA ASP G 290 -16.85 -18.34 27.24
C ASP G 290 -16.24 -18.54 25.85
N LYS G 291 -15.31 -19.51 25.74
CA LYS G 291 -14.70 -19.84 24.46
C LYS G 291 -15.80 -20.21 23.45
N THR G 292 -16.68 -21.14 23.81
CA THR G 292 -17.71 -21.60 22.89
C THR G 292 -18.60 -20.44 22.45
N LEU G 293 -18.86 -19.53 23.37
CA LEU G 293 -19.72 -18.40 23.04
C LEU G 293 -19.11 -17.44 22.01
N SER G 294 -17.81 -17.18 22.12
CA SER G 294 -17.15 -16.34 21.13
C SER G 294 -17.07 -17.07 19.78
N ASN G 295 -16.82 -18.37 19.79
CA ASN G 295 -16.80 -19.13 18.54
C ASN G 295 -18.19 -18.98 17.84
N LEU G 296 -19.25 -18.97 18.64
CA LEU G 296 -20.59 -18.88 18.10
C LEU G 296 -20.84 -17.51 17.53
N GLN G 297 -20.37 -16.51 18.27
CA GLN G 297 -20.47 -15.11 17.86
C GLN G 297 -19.79 -14.93 16.50
N GLU G 298 -18.63 -15.55 16.35
CA GLU G 298 -17.96 -15.51 15.07
C GLU G 298 -18.89 -16.08 14.00
N VAL G 299 -19.46 -17.27 14.24
CA VAL G 299 -20.32 -17.86 13.21
C VAL G 299 -21.54 -16.98 12.95
N HIS G 300 -22.06 -16.39 14.02
CA HIS G 300 -23.24 -15.53 13.90
C HIS G 300 -22.97 -14.33 13.03
N ALA G 301 -21.79 -13.73 13.21
CA ALA G 301 -21.40 -12.54 12.45
C ALA G 301 -21.41 -12.78 10.94
N ARG G 302 -21.29 -14.05 10.51
CA ARG G 302 -21.28 -14.37 9.07
C ARG G 302 -22.65 -14.77 8.54
N GLY G 303 -23.67 -14.68 9.39
CA GLY G 303 -25.06 -14.82 8.96
C GLY G 303 -25.65 -16.20 9.15
N GLY G 304 -24.85 -17.10 9.75
CA GLY G 304 -25.35 -18.39 10.20
C GLY G 304 -26.59 -18.30 11.06
N LYS G 305 -27.57 -19.10 10.69
CA LYS G 305 -28.75 -19.39 11.51
C LYS G 305 -28.43 -20.40 12.66
N LEU G 306 -28.19 -19.87 13.85
CA LEU G 306 -27.80 -20.65 15.03
C LEU G 306 -28.99 -21.43 15.60
N ILE G 307 -28.77 -22.71 15.85
CA ILE G 307 -29.77 -23.59 16.49
C ILE G 307 -29.07 -24.26 17.68
N LEU G 308 -29.32 -23.73 18.88
CA LEU G 308 -28.53 -24.11 20.08
C LEU G 308 -29.31 -24.97 21.05
N PHE G 309 -28.73 -26.11 21.39
CA PHE G 309 -29.19 -26.91 22.50
C PHE G 309 -28.25 -26.64 23.65
N VAL G 310 -28.84 -26.08 24.67
CA VAL G 310 -28.10 -25.39 25.66
C VAL G 310 -28.57 -25.90 27.02
N ASP G 311 -27.62 -26.13 27.92
CA ASP G 311 -27.96 -26.51 29.28
C ASP G 311 -28.62 -25.35 30.01
N LYS G 312 -29.62 -25.71 30.80
CA LYS G 312 -30.37 -24.77 31.63
C LYS G 312 -29.50 -23.78 32.40
N ALA G 313 -28.56 -24.29 33.17
CA ALA G 313 -27.63 -23.41 33.90
C ALA G 313 -26.96 -22.29 33.08
N VAL G 314 -27.02 -22.34 31.75
CA VAL G 314 -26.26 -21.36 30.92
C VAL G 314 -27.13 -20.49 30.01
N LYS G 315 -28.42 -20.80 29.90
CA LYS G 315 -29.26 -20.21 28.84
C LYS G 315 -29.49 -18.69 28.94
N GLU G 316 -29.30 -18.13 30.13
CA GLU G 316 -29.42 -16.68 30.33
C GLU G 316 -28.14 -15.96 29.91
N ARG G 317 -27.13 -16.75 29.52
CA ARG G 317 -25.86 -16.22 28.99
C ARG G 317 -25.74 -16.33 27.46
N VAL G 318 -26.80 -16.80 26.83
CA VAL G 318 -26.79 -17.11 25.42
C VAL G 318 -27.68 -16.09 24.75
N ASN G 319 -27.10 -15.11 24.09
CA ASN G 319 -27.90 -14.08 23.46
C ASN G 319 -27.51 -13.80 22.01
N PHE G 320 -28.23 -14.42 21.08
CA PHE G 320 -27.94 -14.25 19.67
C PHE G 320 -29.20 -13.88 18.92
N ASP G 321 -29.20 -12.70 18.31
CA ASP G 321 -30.31 -12.30 17.44
C ASP G 321 -30.49 -13.35 16.33
N ASN G 322 -31.75 -13.56 15.93
CA ASN G 322 -32.09 -14.53 14.86
C ASN G 322 -31.76 -16.01 15.14
N SER G 323 -31.36 -16.36 16.37
CA SER G 323 -31.11 -17.77 16.72
C SER G 323 -32.30 -18.45 17.39
N ILE G 324 -32.33 -19.78 17.31
CA ILE G 324 -33.27 -20.62 18.08
C ILE G 324 -32.56 -21.31 19.24
N VAL G 325 -33.16 -21.28 20.41
CA VAL G 325 -32.52 -21.82 21.61
C VAL G 325 -33.42 -22.75 22.40
N LEU G 326 -33.16 -24.06 22.31
CA LEU G 326 -33.85 -25.08 23.11
C LEU G 326 -33.02 -25.44 24.31
N GLU G 327 -33.64 -25.43 25.48
CA GLU G 327 -32.91 -25.52 26.74
C GLU G 327 -33.24 -26.83 27.41
N LEU G 328 -32.27 -27.41 28.13
CA LEU G 328 -32.47 -28.71 28.80
C LEU G 328 -31.50 -28.94 29.96
N ASP G 329 -31.86 -29.80 30.88
CA ASP G 329 -30.96 -30.20 31.95
C ASP G 329 -30.15 -31.36 31.42
N ALA G 330 -28.85 -31.20 31.41
CA ALA G 330 -27.95 -32.21 30.84
C ALA G 330 -27.17 -32.96 31.94
N GLY G 331 -26.95 -32.33 33.09
CA GLY G 331 -26.22 -32.95 34.17
C GLY G 331 -24.78 -32.62 33.94
N HIS G 332 -23.88 -33.52 34.32
CA HIS G 332 -22.45 -33.24 34.25
C HIS G 332 -21.69 -34.07 33.18
N ASP G 333 -20.44 -34.46 33.46
CA ASP G 333 -19.54 -35.05 32.44
C ASP G 333 -19.97 -36.39 31.89
N PHE G 334 -20.55 -37.23 32.74
CA PHE G 334 -21.02 -38.53 32.27
C PHE G 334 -22.39 -38.47 31.61
N SER G 335 -23.33 -37.72 32.18
CA SER G 335 -24.69 -37.70 31.66
C SER G 335 -24.87 -36.79 30.48
N ALA G 336 -24.23 -35.64 30.47
CA ALA G 336 -24.52 -34.64 29.43
C ALA G 336 -24.26 -35.08 27.99
N PRO G 337 -23.22 -35.86 27.78
CA PRO G 337 -23.01 -36.37 26.42
C PRO G 337 -24.17 -37.23 25.92
N VAL G 338 -24.72 -38.09 26.79
CA VAL G 338 -25.87 -38.92 26.44
C VAL G 338 -27.15 -38.09 26.27
N VAL G 339 -27.33 -37.13 27.14
CA VAL G 339 -28.53 -36.33 27.10
C VAL G 339 -28.54 -35.43 25.90
N PHE G 340 -27.39 -34.85 25.58
CA PHE G 340 -27.38 -33.94 24.45
C PHE G 340 -27.54 -34.66 23.15
N THR G 341 -27.30 -35.96 23.11
CA THR G 341 -27.46 -36.72 21.89
C THR G 341 -28.90 -36.79 21.43
N ILE G 342 -29.82 -36.78 22.38
CA ILE G 342 -31.23 -37.09 22.10
C ILE G 342 -31.86 -36.05 21.17
N PRO G 343 -31.72 -34.75 21.47
CA PRO G 343 -32.31 -33.79 20.57
C PRO G 343 -31.77 -33.97 19.16
N LEU G 344 -30.48 -34.30 19.06
CA LEU G 344 -29.84 -34.47 17.78
C LEU G 344 -30.39 -35.72 17.09
N GLN G 345 -30.82 -36.71 17.85
CA GLN G 345 -31.46 -37.81 17.19
C GLN G 345 -32.81 -37.34 16.68
N LEU G 346 -33.51 -36.53 17.46
CA LEU G 346 -34.87 -36.14 17.09
C LEU G 346 -34.80 -35.18 15.91
N LEU G 347 -33.89 -34.23 15.97
CA LEU G 347 -33.70 -33.30 14.88
C LEU G 347 -33.48 -34.06 13.61
N SER G 348 -32.69 -35.10 13.68
CA SER G 348 -32.45 -35.82 12.49
C SER G 348 -33.68 -36.60 12.09
N TYR G 349 -34.47 -37.09 13.05
CA TYR G 349 -35.68 -37.84 12.71
C TYR G 349 -36.67 -36.96 11.89
N HIS G 350 -37.00 -35.79 12.45
CA HIS G 350 -37.97 -34.90 11.86
C HIS G 350 -37.53 -34.35 10.48
N VAL G 351 -36.23 -34.11 10.29
CA VAL G 351 -35.74 -33.56 9.05
C VAL G 351 -35.84 -34.61 7.95
N ALA G 352 -35.59 -35.87 8.30
CA ALA G 352 -35.78 -36.97 7.36
C ALA G 352 -37.21 -37.08 6.88
N ILE G 353 -38.15 -36.92 7.80
CA ILE G 353 -39.56 -36.88 7.46
C ILE G 353 -39.86 -35.74 6.48
N ILE G 354 -39.38 -34.53 6.78
CA ILE G 354 -39.51 -33.40 5.87
C ILE G 354 -38.97 -33.73 4.46
N LYS G 355 -37.76 -34.28 4.38
CA LYS G 355 -37.14 -34.57 3.09
C LYS G 355 -37.72 -35.82 2.42
N GLY G 356 -38.54 -36.58 3.15
CA GLY G 356 -39.25 -37.74 2.59
C GLY G 356 -38.43 -39.01 2.47
N THR G 357 -37.40 -39.14 3.32
CA THR G 357 -36.48 -40.30 3.28
C THR G 357 -36.93 -41.53 4.08
N ASP G 358 -36.14 -42.59 3.97
CA ASP G 358 -36.32 -43.83 4.74
C ASP G 358 -35.81 -43.53 6.14
N VAL G 359 -36.64 -43.62 7.17
CA VAL G 359 -36.09 -43.59 8.53
C VAL G 359 -35.85 -45.00 9.04
N ASP G 360 -36.52 -45.97 8.43
CA ASP G 360 -36.48 -47.34 8.91
C ASP G 360 -35.84 -48.17 7.85
N GLN G 361 -35.17 -49.25 8.26
CA GLN G 361 -34.61 -50.19 7.28
C GLN G 361 -35.73 -51.10 6.77
N PRO G 362 -35.56 -51.62 5.55
CA PRO G 362 -36.46 -52.61 4.95
C PRO G 362 -36.67 -53.89 5.81
N SER H 4 10.20 -5.41 0.36
CA SER H 4 8.80 -5.79 0.00
C SER H 4 8.82 -7.06 -0.85
N ALA H 5 7.72 -7.84 -0.81
CA ALA H 5 7.67 -9.16 -1.46
C ALA H 5 7.22 -9.11 -2.93
N SER H 6 7.72 -10.07 -3.73
CA SER H 6 7.46 -10.07 -5.17
C SER H 6 6.71 -11.31 -5.57
N LYS H 7 5.82 -11.16 -6.55
CA LYS H 7 5.19 -12.32 -7.21
C LYS H 7 6.19 -13.15 -8.06
N ASP H 8 7.34 -12.56 -8.41
CA ASP H 8 8.40 -13.27 -9.15
C ASP H 8 7.89 -13.68 -10.53
N GLY H 9 6.94 -12.89 -11.06
CA GLY H 9 6.38 -13.09 -12.38
C GLY H 9 5.08 -13.86 -12.42
N TYR H 10 4.75 -14.57 -11.33
CA TYR H 10 3.51 -15.36 -11.30
C TYR H 10 2.28 -14.47 -11.09
N LYS H 11 1.13 -14.93 -11.58
CA LYS H 11 -0.14 -14.16 -11.47
C LYS H 11 -0.55 -13.80 -10.02
N HIS H 12 -0.36 -14.73 -9.09
CA HIS H 12 -0.70 -14.56 -7.69
C HIS H 12 0.37 -15.08 -6.82
N TYR H 13 0.43 -14.60 -5.58
CA TYR H 13 1.41 -15.07 -4.65
C TYR H 13 1.22 -16.56 -4.41
N LEU H 15 0.13 -18.96 -6.34
CA LEU H 15 0.62 -19.74 -7.45
C LEU H 15 2.11 -19.75 -7.39
N LYS H 16 2.68 -18.62 -7.03
CA LYS H 16 4.13 -18.54 -6.85
C LYS H 16 4.57 -19.58 -5.84
N GLU H 17 3.86 -19.59 -4.73
CA GLU H 17 4.26 -20.41 -3.59
C GLU H 17 4.19 -21.89 -3.90
N ILE H 18 3.18 -22.29 -4.65
CA ILE H 18 3.13 -23.63 -5.15
C ILE H 18 4.38 -23.94 -5.94
N TYR H 19 4.74 -23.05 -6.86
CA TYR H 19 5.90 -23.29 -7.71
C TYR H 19 7.23 -23.18 -6.95
N GLU H 20 7.24 -22.66 -5.74
CA GLU H 20 8.47 -22.69 -4.95
C GLU H 20 8.78 -23.99 -4.24
N GLN H 21 7.89 -24.96 -4.34
CA GLN H 21 7.97 -26.14 -3.49
C GLN H 21 9.16 -27.03 -3.81
N PRO H 22 9.56 -27.11 -5.09
CA PRO H 22 10.75 -27.90 -5.34
C PRO H 22 11.95 -27.31 -4.61
N GLU H 23 12.07 -26.02 -4.63
CA GLU H 23 13.12 -25.32 -3.92
C GLU H 23 12.95 -25.51 -2.41
N ALA H 24 11.75 -25.32 -1.91
CA ALA H 24 11.57 -25.31 -0.45
C ALA H 24 11.83 -26.70 0.17
N VAL H 25 11.37 -27.75 -0.49
CA VAL H 25 11.60 -29.10 -0.03
C VAL H 25 13.07 -29.38 0.01
N SER H 26 13.72 -29.09 -1.10
CA SER H 26 15.16 -29.35 -1.22
C SER H 26 15.99 -28.54 -0.17
N ASN H 27 15.64 -27.28 0.06
CA ASN H 27 16.32 -26.51 1.10
C ASN H 27 16.07 -27.10 2.54
N THR H 28 14.90 -27.67 2.76
CA THR H 28 14.55 -28.20 4.07
C THR H 28 15.35 -29.47 4.34
N ILE H 29 15.49 -30.31 3.33
CA ILE H 29 16.35 -31.49 3.40
C ILE H 29 17.81 -31.13 3.56
N LEU H 30 18.30 -30.18 2.79
CA LEU H 30 19.70 -29.82 2.85
C LEU H 30 20.10 -29.27 4.23
N ALA H 31 19.25 -28.45 4.81
CA ALA H 31 19.45 -27.97 6.15
C ALA H 31 19.69 -29.07 7.21
N SER H 32 19.63 -30.37 6.85
CA SER H 32 19.98 -31.44 7.82
C SER H 32 20.83 -32.60 7.29
N LEU H 33 21.45 -32.44 6.13
CA LEU H 33 22.42 -33.40 5.69
C LEU H 33 23.80 -32.92 6.04
N ALA H 34 24.69 -33.87 6.24
CA ALA H 34 26.09 -33.57 6.35
C ALA H 34 26.76 -34.53 5.40
N ASP H 35 27.04 -34.02 4.21
CA ASP H 35 27.62 -34.80 3.12
C ASP H 35 26.56 -35.63 2.41
N GLY H 36 25.45 -34.97 2.10
CA GLY H 36 24.27 -35.66 1.54
C GLY H 36 23.70 -36.81 2.38
N GLU H 37 24.08 -36.92 3.66
CA GLU H 37 23.60 -37.99 4.53
C GLU H 37 22.89 -37.41 5.75
N ILE H 38 21.88 -38.12 6.24
CA ILE H 38 21.24 -37.71 7.48
C ILE H 38 22.15 -37.97 8.68
N SER H 39 22.67 -36.89 9.27
CA SER H 39 23.54 -36.99 10.45
C SER H 39 22.76 -36.53 11.68
N LEU H 40 23.15 -37.05 12.85
CA LEU H 40 22.40 -36.78 14.09
C LEU H 40 22.68 -35.32 14.57
N ASP H 41 23.79 -34.76 14.10
CA ASP H 41 24.20 -33.40 14.40
C ASP H 41 23.89 -32.48 13.22
N ASP H 44 23.49 -32.43 17.48
CA ASP H 44 22.83 -31.45 18.34
C ASP H 44 22.91 -31.79 19.86
N LYS H 45 23.16 -33.07 20.18
CA LYS H 45 23.54 -33.57 21.53
C LYS H 45 22.40 -33.58 22.54
N ARG H 46 21.75 -32.44 22.70
CA ARG H 46 20.60 -32.39 23.56
C ARG H 46 19.50 -33.27 22.96
N ALA H 47 19.38 -33.23 21.64
CA ALA H 47 18.44 -34.03 20.92
C ALA H 47 18.71 -35.52 21.03
N LYS H 48 19.96 -35.91 20.94
CA LYS H 48 20.25 -37.34 20.98
C LYS H 48 19.78 -37.93 22.33
N GLU H 49 19.96 -37.17 23.40
CA GLU H 49 19.59 -37.63 24.73
C GLU H 49 18.08 -37.74 24.86
N LEU H 50 17.37 -36.72 24.38
CA LEU H 50 15.92 -36.75 24.28
C LEU H 50 15.37 -37.93 23.49
N PHE H 51 15.89 -38.12 22.30
CA PHE H 51 15.41 -39.18 21.44
C PHE H 51 15.69 -40.55 22.03
N GLU H 52 16.75 -40.67 22.80
CA GLU H 52 17.03 -41.94 23.50
C GLU H 52 15.95 -42.23 24.56
N LYS H 53 15.55 -41.17 25.28
CA LYS H 53 14.49 -41.21 26.28
C LYS H 53 13.07 -41.32 25.70
N THR H 54 12.90 -41.00 24.42
CA THR H 54 11.60 -40.99 23.79
C THR H 54 11.09 -42.40 23.55
N LYS H 55 9.94 -42.68 24.15
CA LYS H 55 9.18 -43.94 23.98
C LYS H 55 7.84 -43.74 23.33
N HIS H 56 7.42 -42.51 23.17
CA HIS H 56 6.16 -42.22 22.50
C HIS H 56 6.19 -40.79 22.08
N ILE H 57 5.54 -40.50 20.97
CA ILE H 57 5.59 -39.18 20.37
C ILE H 57 4.19 -38.64 20.34
N CYS H 58 4.02 -37.44 20.89
CA CYS H 58 2.72 -36.78 20.96
C CYS H 58 2.78 -35.57 20.07
N ILE H 59 2.08 -35.59 18.94
CA ILE H 59 2.12 -34.48 18.04
C ILE H 59 0.93 -33.64 18.29
N VAL H 60 1.14 -32.35 18.51
CA VAL H 60 0.08 -31.37 18.65
C VAL H 60 0.14 -30.26 17.61
N ALA H 61 -1.00 -29.93 17.01
CA ALA H 61 -1.03 -28.81 16.07
C ALA H 61 -2.48 -28.51 15.66
N CYS H 62 -2.67 -27.47 14.85
CA CYS H 62 -3.96 -27.23 14.20
C CYS H 62 -3.87 -27.04 12.70
N GLY H 63 -5.03 -27.13 12.07
CA GLY H 63 -5.16 -26.88 10.64
C GLY H 63 -4.23 -27.72 9.78
N THR H 64 -3.64 -27.09 8.79
CA THR H 64 -2.63 -27.68 7.92
C THR H 64 -1.61 -28.51 8.67
N SER H 65 -1.05 -27.97 9.74
CA SER H 65 0.03 -28.62 10.46
C SER H 65 -0.46 -29.89 11.13
N TYR H 66 -1.72 -29.89 11.55
CA TYR H 66 -2.36 -31.08 12.09
C TYR H 66 -2.52 -32.21 11.03
N ASN H 67 -2.83 -31.82 9.79
CA ASN H 67 -2.86 -32.76 8.68
C ASN H 67 -1.43 -33.31 8.42
N ALA H 68 -0.42 -32.48 8.57
CA ALA H 68 0.95 -32.96 8.40
C ALA H 68 1.32 -33.98 9.48
N GLY H 69 0.88 -33.67 10.68
CA GLY H 69 1.06 -34.57 11.82
C GLY H 69 0.42 -35.90 11.56
N THR H 71 -0.21 -37.41 8.81
CA THR H 71 0.48 -38.18 7.80
C THR H 71 1.73 -38.79 8.41
N ALA H 72 2.46 -37.97 9.16
CA ALA H 72 3.73 -38.39 9.76
C ALA H 72 3.56 -39.59 10.71
N LYS H 73 2.41 -39.68 11.34
CA LYS H 73 2.15 -40.79 12.25
C LYS H 73 2.23 -42.15 11.53
N TYR H 74 1.79 -42.25 10.30
CA TYR H 74 1.97 -43.49 9.56
C TYR H 74 3.45 -43.76 9.42
N TRP H 75 4.26 -42.74 9.13
CA TRP H 75 5.71 -42.95 8.88
C TRP H 75 6.37 -43.41 10.13
N ILE H 76 6.13 -42.68 11.22
CA ILE H 76 6.79 -42.88 12.51
C ILE H 76 6.52 -44.28 13.06
N GLU H 77 5.27 -44.69 13.06
CA GLU H 77 4.99 -46.02 13.56
C GLU H 77 5.54 -47.11 12.63
N LYS H 78 5.46 -46.93 11.34
CA LYS H 78 5.95 -47.96 10.43
C LYS H 78 7.48 -48.08 10.36
N TYR H 79 8.16 -46.94 10.26
CA TYR H 79 9.59 -46.92 10.01
C TYR H 79 10.37 -46.81 11.33
N ALA H 80 10.01 -45.89 12.21
CA ALA H 80 10.75 -45.75 13.45
C ALA H 80 10.23 -46.72 14.55
N LYS H 81 9.10 -47.36 14.29
CA LYS H 81 8.38 -48.19 15.27
C LYS H 81 8.30 -47.60 16.69
N VAL H 82 7.97 -46.32 16.75
CA VAL H 82 7.66 -45.63 18.00
C VAL H 82 6.18 -45.27 17.91
N PRO H 83 5.45 -45.44 19.01
CA PRO H 83 4.03 -45.18 18.96
C PRO H 83 3.81 -43.70 18.94
N CYS H 84 2.75 -43.28 18.28
CA CYS H 84 2.57 -41.89 17.98
C CYS H 84 1.10 -41.48 18.01
N SER H 85 0.81 -40.34 18.62
CA SER H 85 -0.56 -39.85 18.59
C SER H 85 -0.57 -38.42 18.17
N VAL H 86 -1.67 -37.98 17.57
CA VAL H 86 -1.73 -36.67 17.08
C VAL H 86 -2.97 -36.00 17.52
N GLU H 87 -2.90 -34.76 17.97
CA GLU H 87 -4.09 -34.15 18.57
C GLU H 87 -4.29 -32.70 18.17
N ILE H 88 -5.54 -32.32 17.99
CA ILE H 88 -5.86 -30.94 17.69
C ILE H 88 -5.52 -30.10 18.91
N ALA H 89 -4.83 -29.00 18.69
CA ALA H 89 -4.27 -28.18 19.76
C ALA H 89 -5.36 -27.54 20.61
N SER H 90 -6.42 -27.07 19.97
CA SER H 90 -7.52 -26.46 20.71
C SER H 90 -8.26 -27.46 21.63
N GLU H 91 -8.18 -28.76 21.35
CA GLU H 91 -8.75 -29.79 22.21
C GLU H 91 -7.76 -30.19 23.29
N ILE H 92 -6.54 -30.57 22.93
CA ILE H 92 -5.65 -31.11 23.96
C ILE H 92 -5.38 -30.06 25.01
N ARG H 93 -5.38 -28.81 24.59
CA ARG H 93 -5.03 -27.72 25.48
C ARG H 93 -5.90 -27.71 26.74
N TYR H 94 -7.19 -28.01 26.57
CA TYR H 94 -8.16 -27.89 27.66
C TYR H 94 -8.66 -29.24 28.08
N ARG H 95 -8.06 -30.31 27.57
CA ARG H 95 -8.48 -31.62 28.01
C ARG H 95 -7.67 -32.05 29.19
N ASP H 96 -8.25 -32.88 30.03
CA ASP H 96 -7.56 -33.38 31.16
C ASP H 96 -6.92 -34.68 30.72
N ASN H 97 -5.74 -34.56 30.09
CA ASN H 97 -5.09 -35.68 29.39
C ASN H 97 -4.06 -36.47 30.23
N VAL H 98 -3.76 -37.69 29.80
CA VAL H 98 -2.69 -38.48 30.44
C VAL H 98 -1.49 -38.53 29.50
N VAL H 99 -0.29 -38.42 30.08
CA VAL H 99 0.94 -38.39 29.33
C VAL H 99 1.66 -39.67 29.63
N VAL H 100 1.78 -40.52 28.62
CA VAL H 100 2.48 -41.81 28.74
C VAL H 100 3.92 -41.56 29.20
N ASP H 101 4.53 -42.52 29.92
CA ASP H 101 6.00 -42.47 30.24
C ASP H 101 6.81 -42.21 28.96
N GLY H 102 7.82 -41.35 29.04
CA GLY H 102 8.79 -41.20 27.95
C GLY H 102 8.17 -40.60 26.70
N SER H 103 7.22 -39.68 26.87
CA SER H 103 6.59 -39.02 25.74
C SER H 103 7.31 -37.77 25.37
N LEU H 104 7.54 -37.62 24.08
CA LEU H 104 8.06 -36.40 23.51
C LEU H 104 6.88 -35.61 23.00
N PHE H 105 6.81 -34.34 23.40
CA PHE H 105 5.84 -33.39 22.87
C PHE H 105 6.41 -32.76 21.62
N VAL H 106 5.60 -32.74 20.56
CA VAL H 106 5.99 -32.21 19.27
C VAL H 106 4.93 -31.30 18.74
N SER H 107 5.31 -30.03 18.56
CA SER H 107 4.43 -29.06 17.97
C SER H 107 4.83 -28.77 16.53
N ILE H 108 3.85 -28.44 15.72
CA ILE H 108 4.07 -28.08 14.36
C ILE H 108 3.37 -26.77 14.19
N SER H 109 4.13 -25.81 13.68
CA SER H 109 3.61 -24.50 13.43
C SER H 109 4.49 -23.74 12.45
N GLN H 110 3.86 -23.16 11.42
CA GLN H 110 4.54 -22.25 10.49
C GLN H 110 5.07 -20.98 11.19
N SER H 111 4.15 -20.18 11.77
CA SER H 111 4.48 -18.89 12.42
C SER H 111 5.28 -19.08 13.71
N GLY H 112 4.99 -20.14 14.42
CA GLY H 112 5.56 -20.42 15.73
C GLY H 112 4.90 -19.63 16.80
N GLU H 113 3.75 -19.04 16.48
CA GLU H 113 3.00 -18.21 17.44
C GLU H 113 1.55 -18.68 17.68
N THR H 114 1.06 -19.60 16.87
CA THR H 114 -0.30 -20.09 16.94
C THR H 114 -0.71 -20.31 18.40
N ALA H 115 -1.71 -19.55 18.85
CA ALA H 115 -2.09 -19.50 20.26
C ALA H 115 -2.29 -20.89 20.86
N ASP H 116 -3.17 -21.70 20.25
CA ASP H 116 -3.48 -23.01 20.88
C ASP H 116 -2.26 -23.92 20.96
N THR H 117 -1.45 -23.95 19.91
CA THR H 117 -0.30 -24.81 19.91
C THR H 117 0.73 -24.35 20.97
N LEU H 118 1.00 -23.06 21.00
CA LEU H 118 1.92 -22.47 21.97
C LEU H 118 1.46 -22.74 23.37
N GLU H 119 0.17 -22.49 23.64
CA GLU H 119 -0.37 -22.80 24.95
C GLU H 119 -0.34 -24.27 25.32
N SER H 120 -0.55 -25.15 24.37
CA SER H 120 -0.35 -26.58 24.66
C SER H 120 1.09 -26.87 25.03
N LEU H 121 2.04 -26.23 24.36
CA LEU H 121 3.44 -26.45 24.73
C LEU H 121 3.68 -26.00 26.16
N ARG H 122 3.16 -24.82 26.53
CA ARG H 122 3.35 -24.31 27.90
C ARG H 122 2.72 -25.22 28.91
N LYS H 123 1.48 -25.61 28.66
CA LYS H 123 0.87 -26.65 29.48
C LYS H 123 1.70 -27.93 29.60
N SER H 124 2.30 -28.40 28.52
CA SER H 124 3.01 -29.69 28.54
C SER H 124 4.20 -29.66 29.51
N LYS H 125 4.73 -28.46 29.75
CA LYS H 125 5.86 -28.27 30.66
C LYS H 125 5.51 -28.67 32.09
N LYS H 126 4.24 -28.51 32.47
CA LYS H 126 3.77 -28.99 33.78
C LYS H 126 3.45 -30.48 33.82
N GLN H 127 3.90 -31.26 32.83
CA GLN H 127 3.41 -32.63 32.66
C GLN H 127 4.54 -33.59 32.44
N ASN H 128 4.21 -34.88 32.38
CA ASN H 128 5.19 -35.96 32.36
CA ASN H 128 5.22 -35.94 32.37
C ASN H 128 5.96 -36.13 31.02
N TYR H 129 6.12 -35.06 30.24
CA TYR H 129 6.86 -35.19 28.95
C TYR H 129 8.37 -35.20 29.21
N VAL H 130 9.15 -35.96 28.44
CA VAL H 130 10.62 -35.87 28.55
C VAL H 130 11.18 -34.60 27.89
N GLY H 131 10.38 -33.91 27.08
CA GLY H 131 10.91 -32.79 26.30
C GLY H 131 10.04 -32.34 25.15
N SER H 132 10.37 -31.18 24.60
CA SER H 132 9.61 -30.67 23.48
C SER H 132 10.46 -30.51 22.24
N CYS H 134 9.82 -28.61 18.36
CA CYS H 134 8.98 -27.90 17.43
CA CYS H 134 8.94 -27.96 17.42
C CYS H 134 9.48 -28.11 16.01
N ILE H 135 8.56 -28.31 15.07
CA ILE H 135 8.81 -28.23 13.63
C ILE H 135 8.31 -26.83 13.24
N CYS H 136 9.20 -25.84 13.11
CA CYS H 136 8.78 -24.43 12.88
CA CYS H 136 8.82 -24.43 12.89
C CYS H 136 9.52 -23.79 11.70
N ASN H 137 8.90 -22.76 11.14
CA ASN H 137 9.42 -22.01 9.98
C ASN H 137 10.07 -20.64 10.31
N VAL H 138 9.63 -20.01 11.39
CA VAL H 138 10.10 -18.71 11.83
C VAL H 138 10.94 -18.87 13.10
N PRO H 139 12.29 -18.80 12.96
CA PRO H 139 13.11 -18.97 14.15
C PRO H 139 13.02 -17.73 15.09
N ASN H 140 13.48 -17.87 16.32
CA ASN H 140 13.18 -16.85 17.33
C ASN H 140 11.68 -16.49 17.40
N SER H 141 10.81 -17.48 17.18
CA SER H 141 9.41 -17.37 17.46
C SER H 141 9.26 -18.06 18.80
N SER H 142 8.11 -17.84 19.41
CA SER H 142 7.83 -18.35 20.76
C SER H 142 7.98 -19.87 20.85
N LEU H 143 7.52 -20.63 19.86
CA LEU H 143 7.64 -22.11 19.99
C LEU H 143 9.07 -22.57 19.91
N VAL H 144 9.85 -22.00 18.99
CA VAL H 144 11.30 -22.30 18.90
C VAL H 144 12.01 -21.92 20.19
N ARG H 145 11.76 -20.70 20.67
CA ARG H 145 12.41 -20.25 21.89
C ARG H 145 12.12 -21.24 22.99
N GLU H 146 10.83 -21.56 23.18
CA GLU H 146 10.37 -22.35 24.32
C GLU H 146 10.43 -23.87 24.14
N SER H 147 10.77 -24.38 22.97
CA SER H 147 10.91 -25.85 22.84
C SER H 147 12.32 -26.25 23.21
N ASP H 148 12.58 -27.54 23.46
CA ASP H 148 13.94 -28.01 23.70
C ASP H 148 14.77 -28.20 22.44
N ILE H 149 14.14 -28.60 21.36
CA ILE H 149 14.82 -28.72 20.11
C ILE H 149 13.92 -28.17 19.02
N ALA H 150 14.51 -27.69 17.96
CA ALA H 150 13.73 -26.99 16.95
C ALA H 150 14.18 -27.49 15.63
N PHE H 151 13.24 -28.00 14.88
CA PHE H 151 13.50 -28.53 13.55
C PHE H 151 12.96 -27.48 12.61
N THR H 153 11.79 -25.86 9.19
CA THR H 153 11.47 -25.93 7.79
C THR H 153 12.12 -24.69 7.14
N LYS H 154 12.33 -24.74 5.83
CA LYS H 154 12.87 -23.61 5.09
C LYS H 154 11.86 -23.20 4.05
N ALA H 155 10.70 -22.80 4.52
CA ALA H 155 9.58 -22.52 3.63
C ALA H 155 9.54 -21.05 3.16
N GLY H 156 10.20 -20.14 3.88
CA GLY H 156 10.14 -18.71 3.57
C GLY H 156 8.85 -18.12 4.12
N VAL H 157 8.47 -16.96 3.62
CA VAL H 157 7.19 -16.35 4.00
C VAL H 157 6.10 -16.74 3.02
N GLU H 158 4.89 -16.89 3.51
CA GLU H 158 3.72 -17.16 2.67
C GLU H 158 2.76 -16.01 2.76
N ILE H 159 2.09 -15.77 1.65
CA ILE H 159 1.15 -14.67 1.48
C ILE H 159 -0.14 -15.20 0.81
N GLY H 160 -0.11 -16.43 0.30
CA GLY H 160 -1.32 -17.11 -0.14
C GLY H 160 -2.30 -17.28 1.03
N VAL H 161 -3.59 -17.27 0.70
CA VAL H 161 -4.63 -17.50 1.70
C VAL H 161 -4.42 -18.88 2.33
N ALA H 162 -4.32 -19.91 1.47
CA ALA H 162 -4.03 -21.27 1.89
C ALA H 162 -2.51 -21.45 1.93
N SER H 163 -2.06 -22.09 2.99
CA SER H 163 -0.68 -22.45 3.12
C SER H 163 -0.37 -23.62 2.15
N THR H 164 0.80 -23.60 1.52
CA THR H 164 1.14 -24.61 0.51
C THR H 164 2.51 -25.20 0.75
N LYS H 165 3.53 -24.36 0.70
CA LYS H 165 4.87 -24.81 0.99
C LYS H 165 5.14 -25.09 2.47
N ALA H 166 4.48 -24.34 3.35
CA ALA H 166 4.51 -24.68 4.76
C ALA H 166 4.08 -26.14 5.00
N PHE H 167 3.04 -26.60 4.31
CA PHE H 167 2.58 -27.99 4.49
C PHE H 167 3.54 -29.02 3.93
N THR H 168 3.96 -28.87 2.69
CA THR H 168 4.91 -29.83 2.13
C THR H 168 6.27 -29.85 2.85
N THR H 169 6.78 -28.70 3.33
CA THR H 169 8.07 -28.67 4.03
C THR H 169 7.97 -29.26 5.43
N GLN H 170 6.83 -29.09 6.09
CA GLN H 170 6.52 -29.81 7.32
C GLN H 170 6.51 -31.32 7.11
N LEU H 171 5.87 -31.80 6.06
CA LEU H 171 5.96 -33.20 5.72
C LEU H 171 7.42 -33.68 5.61
N VAL H 172 8.26 -32.91 4.94
CA VAL H 172 9.64 -33.29 4.68
C VAL H 172 10.45 -33.25 5.95
N ALA H 173 10.23 -32.23 6.77
CA ALA H 173 10.88 -32.19 8.06
C ALA H 173 10.45 -33.42 8.91
N LEU H 174 9.19 -33.79 8.85
CA LEU H 174 8.69 -34.94 9.64
C LEU H 174 9.29 -36.26 9.19
N ALA H 175 9.50 -36.41 7.89
CA ALA H 175 10.14 -37.58 7.31
C ALA H 175 11.60 -37.72 7.77
N ILE H 176 12.30 -36.60 7.78
CA ILE H 176 13.69 -36.58 8.22
C ILE H 176 13.77 -36.92 9.69
N PHE H 177 12.89 -36.32 10.47
CA PHE H 177 12.76 -36.67 11.90
C PHE H 177 12.50 -38.17 12.07
N THR H 178 11.60 -38.73 11.27
CA THR H 178 11.36 -40.15 11.33
C THR H 178 12.62 -40.99 11.12
N LEU H 179 13.45 -40.61 10.15
CA LEU H 179 14.65 -41.40 9.88
C LEU H 179 15.71 -41.19 10.99
N VAL H 180 15.84 -39.98 11.51
CA VAL H 180 16.73 -39.73 12.62
C VAL H 180 16.38 -40.57 13.79
N ILE H 181 15.11 -40.60 14.14
CA ILE H 181 14.66 -41.42 15.24
C ILE H 181 14.84 -42.89 15.02
N ALA H 182 14.56 -43.35 13.81
CA ALA H 182 14.62 -44.76 13.46
C ALA H 182 16.07 -45.26 13.53
N LYS H 183 16.99 -44.40 13.11
CA LYS H 183 18.42 -44.63 13.21
C LYS H 183 18.90 -44.70 14.65
N LEU H 184 18.54 -43.72 15.44
CA LEU H 184 18.93 -43.70 16.80
C LEU H 184 18.35 -44.90 17.59
N LYS H 185 17.21 -45.42 17.18
CA LYS H 185 16.64 -46.58 17.83
C LYS H 185 16.88 -47.90 17.13
N ASN H 186 17.74 -47.93 16.11
CA ASN H 186 18.02 -49.18 15.43
C ASN H 186 16.83 -49.85 14.73
N SER H 187 15.83 -49.08 14.34
CA SER H 187 14.68 -49.63 13.64
C SER H 187 14.92 -49.85 12.15
N LEU H 188 15.91 -49.15 11.62
CA LEU H 188 16.34 -49.31 10.26
C LEU H 188 17.88 -49.47 10.20
N THR H 189 18.34 -50.27 9.24
CA THR H 189 19.77 -50.42 9.02
C THR H 189 20.27 -49.16 8.35
N ASP H 190 21.59 -49.00 8.27
CA ASP H 190 22.14 -47.82 7.68
C ASP H 190 21.84 -47.86 6.20
N GLN H 191 21.79 -49.05 5.62
CA GLN H 191 21.41 -49.22 4.22
CA GLN H 191 21.44 -49.16 4.21
C GLN H 191 20.00 -48.68 3.98
N GLN H 192 19.08 -49.03 4.86
CA GLN H 192 17.71 -48.59 4.68
C GLN H 192 17.59 -47.10 4.84
N ILE H 193 18.37 -46.55 5.77
CA ILE H 193 18.36 -45.11 5.97
C ILE H 193 18.77 -44.38 4.72
N ALA H 194 19.82 -44.88 4.07
CA ALA H 194 20.36 -44.27 2.87
C ALA H 194 19.30 -44.33 1.77
N LYS H 195 18.63 -45.47 1.70
CA LYS H 195 17.67 -45.67 0.64
C LYS H 195 16.51 -44.69 0.76
N TYR H 196 16.05 -44.45 1.98
CA TYR H 196 14.92 -43.53 2.17
C TYR H 196 15.41 -42.11 2.07
N THR H 197 16.67 -41.88 2.42
CA THR H 197 17.22 -40.55 2.26
C THR H 197 17.25 -40.20 0.79
N GLU H 198 17.60 -41.16 -0.05
CA GLU H 198 17.61 -40.88 -1.49
C GLU H 198 16.17 -40.60 -1.93
N GLU H 199 15.22 -41.31 -1.36
CA GLU H 199 13.85 -41.06 -1.70
C GLU H 199 13.44 -39.62 -1.35
N LEU H 200 13.88 -39.08 -0.22
CA LEU H 200 13.55 -37.69 0.09
C LEU H 200 14.21 -36.75 -0.96
N LYS H 201 15.50 -36.95 -1.26
CA LYS H 201 16.17 -36.12 -2.27
C LYS H 201 15.53 -36.18 -3.66
N ASN H 202 14.91 -37.31 -3.99
CA ASN H 202 14.28 -37.51 -5.29
C ASN H 202 12.98 -36.80 -5.39
N ILE H 203 12.49 -36.27 -4.27
CA ILE H 203 11.23 -35.55 -4.27
C ILE H 203 11.15 -34.34 -5.23
N ARG H 204 12.24 -33.62 -5.35
CA ARG H 204 12.24 -32.38 -6.11
C ARG H 204 11.82 -32.58 -7.55
N ALA H 205 12.43 -33.55 -8.22
CA ALA H 205 12.07 -33.85 -9.60
C ALA H 205 10.65 -34.34 -9.71
N LEU H 206 10.18 -35.09 -8.70
CA LEU H 206 8.82 -35.62 -8.77
C LEU H 206 7.77 -34.52 -8.60
N VAL H 207 8.06 -33.58 -7.70
CA VAL H 207 7.24 -32.40 -7.52
C VAL H 207 7.24 -31.48 -8.71
N GLY H 209 7.61 -32.66 -11.76
CA GLY H 209 6.75 -33.42 -12.67
C GLY H 209 5.28 -33.17 -12.46
N ALA H 210 4.86 -32.98 -11.19
CA ALA H 210 3.46 -32.68 -10.87
C ALA H 210 3.07 -31.25 -11.24
N LEU H 211 3.95 -30.29 -11.01
CA LEU H 211 3.67 -28.94 -11.48
C LEU H 211 3.32 -28.92 -12.97
N LYS H 212 3.81 -29.89 -13.73
CA LYS H 212 3.48 -29.90 -15.17
C LYS H 212 2.03 -30.23 -15.50
N LEU H 213 1.28 -30.66 -14.51
CA LEU H 213 -0.12 -30.87 -14.73
C LEU H 213 -0.88 -29.57 -14.57
N ASP H 214 -0.22 -28.47 -14.21
CA ASP H 214 -0.93 -27.19 -14.01
C ASP H 214 -2.01 -27.03 -15.07
N THR H 215 -1.64 -27.21 -16.33
CA THR H 215 -2.51 -26.91 -17.45
C THR H 215 -3.73 -27.80 -17.56
N GLU H 216 -3.57 -29.12 -17.45
CA GLU H 216 -4.71 -30.03 -17.49
C GLU H 216 -5.68 -29.83 -16.34
N ILE H 217 -5.14 -29.38 -15.20
CA ILE H 217 -5.93 -29.21 -13.99
C ILE H 217 -6.74 -27.94 -14.09
N ASP H 218 -6.22 -26.96 -14.81
CA ASP H 218 -6.99 -25.75 -15.08
C ASP H 218 -8.20 -26.11 -15.94
N GLN H 219 -7.99 -26.86 -17.03
CA GLN H 219 -9.12 -27.50 -17.76
C GLN H 219 -10.13 -28.25 -16.87
N ILE H 220 -9.64 -29.13 -16.04
CA ILE H 220 -10.50 -29.87 -15.11
C ILE H 220 -11.32 -28.94 -14.22
N SER H 221 -10.69 -27.89 -13.70
CA SER H 221 -11.32 -27.09 -12.66
C SER H 221 -12.64 -26.43 -13.10
N GLU H 222 -12.92 -26.47 -14.40
CA GLU H 222 -14.15 -25.88 -14.98
C GLU H 222 -15.42 -26.62 -14.55
N TYR H 223 -15.26 -27.93 -14.33
CA TYR H 223 -16.30 -28.78 -13.79
C TYR H 223 -16.86 -28.27 -12.44
N PHE H 224 -16.03 -27.56 -11.67
CA PHE H 224 -16.36 -27.15 -10.30
C PHE H 224 -17.15 -25.81 -10.21
N SER H 225 -17.28 -25.10 -11.31
CA SER H 225 -17.81 -23.72 -11.26
C SER H 225 -19.22 -23.58 -10.68
N ASP H 226 -20.09 -24.54 -11.00
CA ASP H 226 -21.45 -24.58 -10.45
C ASP H 226 -21.63 -25.58 -9.28
N LYS H 227 -20.55 -25.93 -8.57
CA LYS H 227 -20.62 -26.98 -7.53
C LYS H 227 -20.41 -26.42 -6.13
N GLU H 228 -21.20 -26.92 -5.17
CA GLU H 228 -21.14 -26.50 -3.76
C GLU H 228 -20.62 -27.61 -2.81
N HIS H 229 -20.49 -28.83 -3.37
CA HIS H 229 -19.97 -29.99 -2.64
C HIS H 229 -18.81 -30.62 -3.39
N THR H 230 -17.92 -31.25 -2.63
CA THR H 230 -16.95 -32.14 -3.23
C THR H 230 -16.58 -33.14 -2.17
N ILE H 231 -16.42 -34.39 -2.57
CA ILE H 231 -15.86 -35.42 -1.69
C ILE H 231 -14.45 -35.82 -2.08
N PHE H 232 -13.54 -35.79 -1.10
CA PHE H 232 -12.16 -36.23 -1.29
C PHE H 232 -11.97 -37.57 -0.63
N LEU H 233 -11.26 -38.47 -1.28
CA LEU H 233 -11.02 -39.81 -0.71
C LEU H 233 -9.55 -40.09 -0.64
N GLY H 234 -9.18 -40.98 0.26
CA GLY H 234 -7.79 -41.26 0.48
C GLY H 234 -7.78 -42.32 1.53
N ARG H 235 -6.77 -43.17 1.48
CA ARG H 235 -6.59 -44.24 2.42
C ARG H 235 -5.15 -44.29 2.92
N GLY H 236 -4.96 -44.83 4.11
CA GLY H 236 -3.69 -44.76 4.81
C GLY H 236 -3.12 -43.35 4.93
N LEU H 237 -1.83 -43.28 4.63
CA LEU H 237 -1.08 -42.06 4.43
C LEU H 237 -1.85 -41.00 3.67
N TYR H 238 -2.69 -41.45 2.72
CA TYR H 238 -3.28 -40.55 1.75
C TYR H 238 -4.61 -40.01 2.22
N TYR H 239 -5.10 -40.55 3.32
CA TYR H 239 -6.27 -39.96 3.92
C TYR H 239 -6.03 -38.56 4.48
N PRO H 240 -5.00 -38.36 5.31
CA PRO H 240 -4.69 -36.99 5.68
C PRO H 240 -4.32 -36.11 4.49
N ILE H 241 -3.77 -36.68 3.41
CA ILE H 241 -3.50 -35.87 2.21
C ILE H 241 -4.85 -35.44 1.58
N ALA H 242 -5.85 -36.34 1.52
CA ALA H 242 -7.22 -35.97 1.09
C ALA H 242 -7.81 -34.91 2.00
N ILE H 243 -7.60 -35.04 3.30
CA ILE H 243 -8.09 -34.04 4.20
C ILE H 243 -7.47 -32.69 3.87
N GLU H 244 -6.16 -32.67 3.61
CA GLU H 244 -5.48 -31.40 3.34
C GLU H 244 -5.96 -30.78 2.03
N GLY H 245 -6.22 -31.63 1.05
CA GLY H 245 -6.84 -31.20 -0.20
C GLY H 245 -8.22 -30.60 -0.06
N ALA H 246 -9.05 -31.23 0.74
CA ALA H 246 -10.34 -30.69 1.05
C ALA H 246 -10.21 -29.40 1.78
N LEU H 247 -9.21 -29.27 2.64
CA LEU H 247 -9.04 -28.04 3.44
C LEU H 247 -8.72 -26.90 2.50
N LYS H 248 -7.90 -27.17 1.48
CA LYS H 248 -7.51 -26.14 0.51
C LYS H 248 -8.71 -25.64 -0.30
N LEU H 249 -9.51 -26.57 -0.81
CA LEU H 249 -10.55 -26.27 -1.75
C LEU H 249 -11.57 -25.41 -1.07
N LYS H 250 -12.03 -25.87 0.09
CA LYS H 250 -12.99 -25.16 0.89
C LYS H 250 -12.43 -23.85 1.47
N GLU H 251 -11.13 -23.76 1.66
CA GLU H 251 -10.56 -22.56 2.29
C GLU H 251 -10.54 -21.40 1.29
N ILE H 252 -10.21 -21.67 0.04
CA ILE H 252 -10.14 -20.54 -0.93
C ILE H 252 -11.31 -20.42 -1.89
N SER H 253 -11.99 -21.53 -2.18
CA SER H 253 -13.08 -21.52 -3.12
C SER H 253 -14.43 -21.57 -2.41
N TYR H 254 -14.43 -21.97 -1.16
CA TYR H 254 -15.67 -22.14 -0.42
C TYR H 254 -16.64 -23.18 -0.99
N ILE H 255 -16.20 -24.14 -1.80
CA ILE H 255 -17.04 -25.33 -2.00
C ILE H 255 -17.04 -26.14 -0.70
N HIS H 256 -18.15 -26.74 -0.34
CA HIS H 256 -18.18 -27.62 0.83
C HIS H 256 -17.51 -28.97 0.53
N ALA H 257 -16.21 -28.99 0.77
CA ALA H 257 -15.35 -30.10 0.42
C ALA H 257 -15.09 -30.85 1.68
N GLU H 258 -15.11 -32.18 1.62
CA GLU H 258 -14.90 -32.98 2.80
C GLU H 258 -14.20 -34.26 2.44
N ALA H 259 -13.23 -34.64 3.25
CA ALA H 259 -12.47 -35.86 2.98
C ALA H 259 -12.99 -37.02 3.81
N TYR H 260 -13.02 -38.20 3.23
CA TYR H 260 -13.28 -39.36 4.01
C TYR H 260 -12.20 -40.36 3.74
N PRO H 261 -11.86 -41.18 4.75
CA PRO H 261 -11.10 -42.40 4.54
C PRO H 261 -11.92 -43.37 3.70
N SER H 262 -11.32 -43.98 2.68
CA SER H 262 -12.10 -44.74 1.68
C SER H 262 -12.81 -45.99 2.20
N GLY H 263 -12.29 -46.63 3.24
CA GLY H 263 -12.99 -47.78 3.82
C GLY H 263 -14.28 -47.40 4.54
N GLU H 264 -14.36 -46.13 4.92
CA GLU H 264 -15.49 -45.61 5.64
CA GLU H 264 -15.50 -45.61 5.66
C GLU H 264 -16.45 -44.86 4.70
N LEU H 265 -16.89 -45.53 3.63
CA LEU H 265 -17.88 -44.92 2.72
C LEU H 265 -19.29 -45.29 3.15
N LYS H 266 -19.47 -46.60 3.35
CA LYS H 266 -20.76 -47.22 3.58
C LYS H 266 -21.42 -46.66 4.85
N HIS H 267 -20.59 -46.13 5.75
CA HIS H 267 -21.06 -45.55 7.01
C HIS H 267 -21.68 -44.13 6.84
N GLY H 268 -21.05 -43.27 6.01
CA GLY H 268 -21.56 -41.89 5.80
C GLY H 268 -21.84 -41.50 4.34
N PRO H 269 -20.81 -41.00 3.63
CA PRO H 269 -20.82 -40.45 2.28
C PRO H 269 -21.71 -41.10 1.24
N LEU H 270 -21.68 -42.42 1.12
CA LEU H 270 -22.40 -43.08 0.03
C LEU H 270 -23.80 -42.50 -0.19
N ALA H 271 -24.36 -41.91 0.86
CA ALA H 271 -25.65 -41.22 0.80
C ALA H 271 -25.62 -39.94 -0.03
N LEU H 272 -24.60 -39.11 0.20
CA LEU H 272 -24.48 -37.79 -0.44
C LEU H 272 -24.16 -37.78 -1.94
N VAL H 273 -23.68 -38.91 -2.43
CA VAL H 273 -23.16 -39.04 -3.78
C VAL H 273 -24.24 -39.15 -4.86
N ASP H 274 -24.35 -38.13 -5.70
CA ASP H 274 -25.22 -38.15 -6.88
C ASP H 274 -24.45 -37.83 -8.18
N LYS H 275 -25.17 -37.58 -9.26
CA LYS H 275 -24.54 -37.15 -10.50
C LYS H 275 -23.91 -35.75 -10.46
N ASN H 276 -24.18 -34.97 -9.40
CA ASN H 276 -23.56 -33.64 -9.22
C ASN H 276 -22.56 -33.65 -8.04
N PRO H 278 -18.48 -34.30 -7.54
CA PRO H 278 -17.07 -34.45 -7.76
C PRO H 278 -16.47 -35.32 -6.66
N ILE H 279 -15.80 -36.37 -7.07
CA ILE H 279 -15.06 -37.15 -6.12
C ILE H 279 -13.65 -37.11 -6.56
N VAL H 280 -12.80 -36.50 -5.72
CA VAL H 280 -11.38 -36.33 -6.02
C VAL H 280 -10.70 -37.39 -5.19
N ALA H 281 -9.96 -38.28 -5.81
CA ALA H 281 -9.28 -39.33 -5.07
C ALA H 281 -7.82 -39.37 -5.50
N VAL H 282 -6.98 -39.72 -4.54
CA VAL H 282 -5.57 -40.00 -4.80
C VAL H 282 -5.44 -41.49 -4.86
N VAL H 283 -4.80 -42.02 -5.88
CA VAL H 283 -4.65 -43.46 -6.00
C VAL H 283 -3.16 -43.84 -6.13
N PRO H 284 -2.52 -44.15 -4.99
CA PRO H 284 -1.08 -44.43 -4.99
C PRO H 284 -0.76 -45.83 -5.41
N ASN H 285 0.51 -46.07 -5.57
CA ASN H 285 1.00 -47.37 -5.88
C ASN H 285 1.35 -48.06 -4.57
N ASP H 286 0.36 -48.68 -3.94
CA ASP H 286 0.61 -49.37 -2.68
C ASP H 286 -0.24 -50.63 -2.51
N GLU H 287 0.01 -51.33 -1.42
CA GLU H 287 -0.61 -52.61 -1.18
C GLU H 287 -2.14 -52.53 -1.13
N LEU H 288 -2.69 -51.32 -1.07
CA LEU H 288 -4.12 -51.09 -0.80
C LEU H 288 -4.91 -50.82 -2.06
N LEU H 289 -4.32 -51.09 -3.21
CA LEU H 289 -4.87 -50.60 -4.46
C LEU H 289 -6.19 -51.25 -4.69
N ASP H 290 -6.26 -52.56 -4.49
CA ASP H 290 -7.47 -53.32 -4.77
C ASP H 290 -8.67 -52.92 -3.89
N LYS H 291 -8.44 -52.64 -2.60
CA LYS H 291 -9.50 -52.15 -1.72
C LYS H 291 -10.00 -50.78 -2.20
N THR H 292 -9.06 -49.86 -2.48
CA THR H 292 -9.38 -48.51 -2.96
C THR H 292 -10.14 -48.58 -4.24
N LEU H 293 -9.71 -49.50 -5.11
CA LEU H 293 -10.36 -49.67 -6.41
C LEU H 293 -11.80 -50.06 -6.19
N SER H 294 -12.00 -51.00 -5.27
CA SER H 294 -13.34 -51.45 -4.97
C SER H 294 -14.19 -50.35 -4.30
N ASN H 295 -13.59 -49.48 -3.49
CA ASN H 295 -14.37 -48.39 -2.94
C ASN H 295 -14.81 -47.41 -4.01
N LEU H 296 -13.97 -47.14 -5.00
CA LEU H 296 -14.29 -46.15 -6.05
C LEU H 296 -15.40 -46.67 -6.98
N GLN H 297 -15.39 -47.97 -7.29
CA GLN H 297 -16.49 -48.65 -7.98
C GLN H 297 -17.83 -48.43 -7.28
N GLU H 298 -17.86 -48.71 -5.98
CA GLU H 298 -19.09 -48.48 -5.18
C GLU H 298 -19.58 -47.05 -5.24
N VAL H 299 -18.68 -46.08 -5.28
CA VAL H 299 -19.03 -44.66 -5.40
C VAL H 299 -19.37 -44.39 -6.84
N HIS H 300 -18.74 -45.16 -7.72
CA HIS H 300 -18.94 -45.00 -9.15
C HIS H 300 -20.31 -45.50 -9.54
N ALA H 301 -20.66 -46.68 -9.03
CA ALA H 301 -21.96 -47.25 -9.25
C ALA H 301 -23.10 -46.26 -8.92
N ARG H 302 -22.85 -45.29 -8.04
CA ARG H 302 -23.92 -44.36 -7.61
C ARG H 302 -23.93 -43.00 -8.30
N GLY H 303 -23.29 -42.91 -9.47
CA GLY H 303 -23.34 -41.68 -10.27
C GLY H 303 -22.17 -40.71 -10.10
N GLY H 304 -21.26 -41.02 -9.16
CA GLY H 304 -20.16 -40.14 -8.81
C GLY H 304 -19.27 -39.79 -10.00
N LYS H 305 -18.97 -38.51 -10.14
CA LYS H 305 -17.94 -38.07 -11.10
C LYS H 305 -16.52 -38.25 -10.50
N LEU H 306 -15.85 -39.32 -10.90
CA LEU H 306 -14.50 -39.60 -10.43
C LEU H 306 -13.46 -38.68 -11.07
N ILE H 307 -12.64 -38.07 -10.22
CA ILE H 307 -11.51 -37.20 -10.61
C ILE H 307 -10.25 -37.75 -9.95
N LEU H 308 -9.49 -38.59 -10.64
CA LEU H 308 -8.45 -39.37 -9.99
C LEU H 308 -7.06 -38.88 -10.34
N PHE H 309 -6.27 -38.63 -9.30
CA PHE H 309 -4.86 -38.47 -9.46
C PHE H 309 -4.22 -39.81 -9.15
N VAL H 310 -3.48 -40.35 -10.11
CA VAL H 310 -2.97 -41.71 -9.94
C VAL H 310 -1.50 -41.87 -10.33
N ASP H 311 -0.83 -42.77 -9.63
CA ASP H 311 0.51 -43.14 -9.96
C ASP H 311 0.50 -43.90 -11.27
N LYS H 312 1.37 -43.48 -12.17
CA LYS H 312 1.57 -44.16 -13.46
C LYS H 312 1.66 -45.68 -13.35
N ALA H 313 2.35 -46.16 -12.32
CA ALA H 313 2.54 -47.60 -12.13
C ALA H 313 1.24 -48.35 -11.93
N VAL H 314 0.16 -47.64 -11.65
CA VAL H 314 -1.15 -48.27 -11.48
C VAL H 314 -2.13 -47.82 -12.53
N LYS H 315 -1.76 -46.86 -13.38
CA LYS H 315 -2.72 -46.30 -14.35
C LYS H 315 -3.48 -47.32 -15.16
N GLU H 316 -2.82 -48.40 -15.54
CA GLU H 316 -3.49 -49.42 -16.37
C GLU H 316 -4.64 -50.13 -15.65
N ARG H 317 -4.48 -50.39 -14.35
CA ARG H 317 -5.53 -51.03 -13.54
C ARG H 317 -6.70 -50.11 -13.16
N VAL H 318 -6.61 -48.83 -13.49
CA VAL H 318 -7.64 -47.85 -13.18
C VAL H 318 -8.45 -47.48 -14.42
N ASN H 319 -9.62 -48.05 -14.61
CA ASN H 319 -10.53 -47.52 -15.65
C ASN H 319 -12.00 -47.48 -15.24
N PHE H 320 -12.59 -46.31 -15.48
CA PHE H 320 -13.93 -45.98 -15.05
C PHE H 320 -14.54 -45.11 -16.12
N ASP H 321 -15.54 -45.63 -16.83
CA ASP H 321 -16.32 -44.87 -17.82
C ASP H 321 -16.61 -43.48 -17.29
N ASN H 322 -16.48 -42.48 -18.16
CA ASN H 322 -16.78 -41.08 -17.79
C ASN H 322 -16.03 -40.48 -16.61
N SER H 323 -14.77 -40.86 -16.44
CA SER H 323 -13.93 -40.35 -15.37
C SER H 323 -12.73 -39.61 -15.94
N ILE H 324 -12.09 -38.85 -15.08
CA ILE H 324 -10.99 -37.97 -15.43
C ILE H 324 -9.77 -38.44 -14.67
N VAL H 325 -8.75 -38.86 -15.40
CA VAL H 325 -7.54 -39.44 -14.81
C VAL H 325 -6.28 -38.69 -15.20
N LEU H 326 -5.67 -38.00 -14.24
CA LEU H 326 -4.32 -37.43 -14.38
C LEU H 326 -3.33 -38.41 -13.78
N GLU H 327 -2.27 -38.72 -14.51
CA GLU H 327 -1.24 -39.66 -14.02
C GLU H 327 0.11 -38.95 -13.77
N LEU H 328 0.81 -39.38 -12.71
CA LEU H 328 2.12 -38.84 -12.36
C LEU H 328 2.92 -39.86 -11.57
N ASP H 329 4.26 -39.77 -11.63
CA ASP H 329 5.13 -40.63 -10.79
CA ASP H 329 5.11 -40.62 -10.81
C ASP H 329 5.27 -39.96 -9.45
N ALA H 330 4.90 -40.71 -8.42
CA ALA H 330 4.86 -40.17 -7.10
C ALA H 330 5.92 -40.75 -6.23
N GLY H 331 6.56 -41.84 -6.60
CA GLY H 331 7.53 -42.48 -5.73
C GLY H 331 6.80 -43.28 -4.66
N HIS H 332 7.39 -43.41 -3.48
CA HIS H 332 6.93 -44.36 -2.50
C HIS H 332 6.34 -43.67 -1.25
N ASP H 333 6.52 -44.29 -0.07
CA ASP H 333 5.82 -43.84 1.15
C ASP H 333 6.17 -42.43 1.53
N PHE H 334 7.42 -42.05 1.42
CA PHE H 334 7.84 -40.71 1.82
C PHE H 334 7.55 -39.69 0.75
N SER H 335 7.71 -40.06 -0.51
CA SER H 335 7.60 -39.02 -1.53
C SER H 335 6.18 -38.77 -1.93
N ALA H 336 5.43 -39.85 -2.18
CA ALA H 336 4.05 -39.73 -2.72
C ALA H 336 3.09 -38.81 -1.95
N PRO H 337 3.13 -38.81 -0.61
CA PRO H 337 2.24 -37.87 0.10
C PRO H 337 2.59 -36.41 -0.24
N VAL H 338 3.86 -36.11 -0.34
CA VAL H 338 4.24 -34.77 -0.79
C VAL H 338 3.88 -34.51 -2.26
N VAL H 339 4.15 -35.45 -3.13
CA VAL H 339 3.95 -35.24 -4.58
C VAL H 339 2.46 -35.13 -4.92
N PHE H 340 1.62 -36.02 -4.40
CA PHE H 340 0.17 -35.94 -4.64
C PHE H 340 -0.53 -34.73 -3.99
N THR H 341 0.09 -34.06 -3.03
CA THR H 341 -0.48 -32.80 -2.53
C THR H 341 -0.53 -31.71 -3.63
N ILE H 342 0.46 -31.73 -4.52
CA ILE H 342 0.65 -30.63 -5.49
C ILE H 342 -0.58 -30.44 -6.42
N PRO H 343 -1.07 -31.51 -7.03
CA PRO H 343 -2.24 -31.42 -7.87
C PRO H 343 -3.46 -30.90 -7.16
N LEU H 344 -3.57 -31.20 -5.87
CA LEU H 344 -4.70 -30.75 -5.08
C LEU H 344 -4.55 -29.27 -4.74
N GLN H 345 -3.33 -28.80 -4.50
CA GLN H 345 -3.20 -27.35 -4.33
C GLN H 345 -3.49 -26.66 -5.66
N LEU H 346 -3.08 -27.28 -6.76
CA LEU H 346 -3.33 -26.64 -8.07
C LEU H 346 -4.81 -26.61 -8.38
N LEU H 347 -5.48 -27.74 -8.15
CA LEU H 347 -6.93 -27.83 -8.27
C LEU H 347 -7.63 -26.74 -7.48
N SER H 348 -7.25 -26.56 -6.24
CA SER H 348 -7.94 -25.60 -5.46
C SER H 348 -7.72 -24.22 -6.03
N TYR H 349 -6.46 -23.86 -6.36
CA TYR H 349 -6.14 -22.53 -6.96
C TYR H 349 -7.06 -22.19 -8.12
N HIS H 350 -7.11 -23.08 -9.09
CA HIS H 350 -7.78 -22.81 -10.34
C HIS H 350 -9.27 -22.76 -10.05
N VAL H 351 -9.76 -23.63 -9.17
CA VAL H 351 -11.18 -23.60 -8.83
C VAL H 351 -11.55 -22.23 -8.19
N ALA H 352 -10.65 -21.66 -7.38
CA ALA H 352 -10.85 -20.36 -6.73
C ALA H 352 -10.91 -19.24 -7.74
N ILE H 353 -10.06 -19.32 -8.75
CA ILE H 353 -10.09 -18.33 -9.81
C ILE H 353 -11.44 -18.38 -10.52
N ILE H 354 -11.82 -19.59 -10.93
CA ILE H 354 -13.07 -19.82 -11.64
C ILE H 354 -14.31 -19.37 -10.86
N LYS H 355 -14.21 -19.26 -9.53
CA LYS H 355 -15.32 -18.78 -8.69
C LYS H 355 -15.24 -17.30 -8.35
N GLY H 356 -14.20 -16.61 -8.82
CA GLY H 356 -13.94 -15.23 -8.40
C GLY H 356 -13.52 -15.03 -6.94
N THR H 357 -13.06 -16.07 -6.25
CA THR H 357 -12.63 -15.93 -4.86
C THR H 357 -11.19 -15.46 -4.76
N ASP H 358 -10.83 -14.93 -3.59
CA ASP H 358 -9.45 -14.42 -3.35
C ASP H 358 -8.54 -15.58 -3.11
N VAL H 359 -7.47 -15.69 -3.92
CA VAL H 359 -6.47 -16.70 -3.67
C VAL H 359 -5.34 -16.15 -2.82
N ASP H 360 -5.29 -14.83 -2.68
CA ASP H 360 -4.22 -14.15 -1.96
C ASP H 360 -4.79 -13.34 -0.78
N GLN H 361 -4.05 -13.35 0.33
CA GLN H 361 -4.26 -12.43 1.45
C GLN H 361 -3.88 -11.04 0.95
N PRO H 362 -4.53 -10.00 1.49
CA PRO H 362 -3.91 -8.67 1.61
C PRO H 362 -3.65 -8.36 3.09
#